data_8H5A
#
_entry.id   8H5A
#
_cell.length_a   215.745
_cell.length_b   215.745
_cell.length_c   264.158
_cell.angle_alpha   90.000
_cell.angle_beta   90.000
_cell.angle_gamma   120.000
#
_symmetry.space_group_name_H-M   'H 3'
#
loop_
_entity.id
_entity.type
_entity.pdbx_description
1 polymer 'HTH-type transcriptional regulator YhaJ'
2 non-polymer 2-methylbenzene-1,4-diol
3 non-polymer 'SODIUM ION'
4 water water
#
_entity_poly.entity_id   1
_entity_poly.type   'polypeptide(L)'
_entity_poly.pdbx_seq_one_letter_code
;GSHMETHLTIVTEALVPTPAFFPLIDKLAAKANTQLAIITEVLAGAWERLEQGRADIVIAPDMHFRSSSEINSRKLYTLM
NVYVAAPDHPIHQEPEPLSEVTRVKYRGIAVADTARERPVLTVQLLDKQPRLTVSTIEDKRQALLAGLGVATMPYPMVEK
DIAEGRLRVVSPESTSEIDIIMAWRRDSMGEAKSWCLREIPKLFNGK
;
_entity_poly.pdbx_strand_id   A,B,C,D,E,F,G,H,I,J,K,L,M,N,O,P
#
# COMPACT_ATOMS: atom_id res chain seq x y z
N THR A 6 71.29 -2.69 -16.52
CA THR A 6 72.12 -3.55 -17.46
C THR A 6 71.52 -3.52 -18.87
N HIS A 7 70.19 -3.35 -18.92
CA HIS A 7 69.42 -3.47 -20.15
C HIS A 7 68.53 -2.26 -20.32
N LEU A 8 68.70 -1.56 -21.46
CA LEU A 8 67.76 -0.51 -21.88
C LEU A 8 67.07 -0.98 -23.17
N THR A 9 65.77 -0.72 -23.26
CA THR A 9 65.01 -0.96 -24.47
C THR A 9 64.49 0.36 -25.02
N ILE A 10 64.82 0.66 -26.28
CA ILE A 10 64.22 1.78 -26.99
C ILE A 10 63.34 1.22 -28.09
N VAL A 11 62.13 1.76 -28.20
CA VAL A 11 61.18 1.34 -29.20
C VAL A 11 61.09 2.41 -30.26
N THR A 12 61.42 2.02 -31.49
CA THR A 12 61.28 2.90 -32.65
C THR A 12 60.17 2.34 -33.52
N GLU A 13 59.04 3.05 -33.58
CA GLU A 13 57.91 2.63 -34.40
C GLU A 13 58.38 2.45 -35.85
N ALA A 14 57.60 1.68 -36.61
CA ALA A 14 57.99 1.26 -37.95
C ALA A 14 58.35 2.45 -38.83
N LEU A 15 57.59 3.55 -38.71
CA LEU A 15 57.81 4.76 -39.50
C LEU A 15 59.17 5.40 -39.17
N VAL A 16 59.79 5.04 -38.04
CA VAL A 16 60.98 5.70 -37.58
C VAL A 16 62.19 4.85 -37.95
N PRO A 17 63.21 5.41 -38.65
CA PRO A 17 64.37 4.63 -39.05
C PRO A 17 65.19 4.26 -37.81
N THR A 18 65.31 2.95 -37.58
CA THR A 18 66.08 2.44 -36.45
C THR A 18 67.54 2.87 -36.55
N PRO A 19 68.23 2.78 -37.72
CA PRO A 19 69.65 3.12 -37.77
C PRO A 19 69.99 4.57 -37.39
N ALA A 20 69.01 5.46 -37.30
CA ALA A 20 69.23 6.82 -36.83
C ALA A 20 69.75 6.84 -35.40
N PHE A 21 69.49 5.77 -34.62
CA PHE A 21 69.86 5.71 -33.22
C PHE A 21 71.18 4.97 -33.00
N PHE A 22 71.93 4.73 -34.08
CA PHE A 22 73.12 3.89 -33.98
C PHE A 22 74.24 4.62 -33.26
N PRO A 23 74.43 5.95 -33.50
CA PRO A 23 75.51 6.67 -32.82
C PRO A 23 75.56 6.47 -31.31
N LEU A 24 74.40 6.20 -30.70
CA LEU A 24 74.31 6.04 -29.25
C LEU A 24 75.10 4.83 -28.76
N ILE A 25 75.21 3.76 -29.56
CA ILE A 25 75.59 2.45 -29.07
C ILE A 25 76.96 2.46 -28.39
N ASP A 26 77.99 2.94 -29.07
CA ASP A 26 79.33 2.98 -28.46
C ASP A 26 79.36 3.95 -27.28
N LYS A 27 78.68 5.10 -27.40
CA LYS A 27 78.60 6.06 -26.30
C LYS A 27 77.92 5.41 -25.10
N LEU A 28 76.84 4.65 -25.33
CA LEU A 28 76.06 4.04 -24.26
C LEU A 28 76.87 2.94 -23.58
N ALA A 29 77.76 2.28 -24.31
CA ALA A 29 78.54 1.19 -23.75
C ALA A 29 79.63 1.74 -22.82
N ALA A 30 80.17 2.92 -23.15
CA ALA A 30 81.17 3.56 -22.30
C ALA A 30 80.49 4.30 -21.13
N LYS A 31 79.26 4.75 -21.33
CA LYS A 31 78.52 5.49 -20.32
C LYS A 31 78.03 4.57 -19.20
N ALA A 32 77.54 3.38 -19.58
CA ALA A 32 77.07 2.35 -18.65
C ALA A 32 77.31 0.99 -19.28
N ASN A 33 77.23 -0.08 -18.48
CA ASN A 33 77.39 -1.43 -18.99
C ASN A 33 76.06 -1.93 -19.58
N THR A 34 75.34 -1.02 -20.18
CA THR A 34 74.01 -1.29 -20.71
C THR A 34 74.13 -2.08 -22.02
N GLN A 35 73.39 -3.21 -22.08
CA GLN A 35 73.06 -3.85 -23.35
C GLN A 35 71.80 -3.23 -23.94
N LEU A 36 71.93 -2.68 -25.15
CA LEU A 36 70.84 -1.95 -25.77
C LEU A 36 69.98 -2.92 -26.59
N ALA A 37 68.69 -2.60 -26.66
CA ALA A 37 67.75 -3.16 -27.61
C ALA A 37 67.01 -1.99 -28.26
N ILE A 38 67.13 -1.91 -29.60
CA ILE A 38 66.30 -1.00 -30.38
C ILE A 38 65.25 -1.85 -31.10
N ILE A 39 64.02 -1.79 -30.58
CA ILE A 39 62.95 -2.69 -30.96
C ILE A 39 61.98 -1.92 -31.85
N THR A 40 61.49 -2.61 -32.89
CA THR A 40 60.53 -2.03 -33.80
C THR A 40 59.14 -2.54 -33.44
N GLU A 41 58.18 -1.61 -33.37
CA GLU A 41 56.78 -1.94 -33.18
C GLU A 41 55.98 -1.14 -34.20
N VAL A 42 54.69 -1.46 -34.33
CA VAL A 42 53.82 -0.80 -35.29
C VAL A 42 52.68 -0.13 -34.54
N LEU A 43 52.46 1.17 -34.81
CA LEU A 43 51.33 1.93 -34.32
C LEU A 43 51.12 1.72 -32.82
N ALA A 44 49.98 1.15 -32.42
CA ALA A 44 49.60 0.95 -31.03
C ALA A 44 50.60 0.06 -30.28
N GLY A 45 51.27 -0.84 -31.00
CA GLY A 45 52.21 -1.76 -30.36
C GLY A 45 53.28 -1.02 -29.56
N ALA A 46 53.73 0.12 -30.08
CA ALA A 46 54.79 0.89 -29.43
C ALA A 46 54.33 1.37 -28.05
N TRP A 47 53.09 1.89 -27.99
CA TRP A 47 52.57 2.43 -26.73
C TRP A 47 52.16 1.31 -25.78
N GLU A 48 51.69 0.19 -26.31
CA GLU A 48 51.40 -0.98 -25.49
C GLU A 48 52.64 -1.40 -24.74
N ARG A 49 53.81 -1.34 -25.41
CA ARG A 49 55.05 -1.73 -24.79
C ARG A 49 55.38 -0.80 -23.63
N LEU A 50 55.10 0.50 -23.78
CA LEU A 50 55.40 1.46 -22.72
C LEU A 50 54.46 1.24 -21.53
N GLU A 51 53.18 0.99 -21.79
CA GLU A 51 52.18 0.73 -20.73
C GLU A 51 52.60 -0.50 -19.91
N GLN A 52 53.00 -1.58 -20.59
CA GLN A 52 53.31 -2.84 -19.95
C GLN A 52 54.72 -2.84 -19.35
N GLY A 53 55.38 -1.68 -19.30
CA GLY A 53 56.67 -1.56 -18.66
C GLY A 53 57.76 -2.38 -19.32
N ARG A 54 57.63 -2.64 -20.63
CA ARG A 54 58.61 -3.44 -21.36
C ARG A 54 59.47 -2.58 -22.29
N ALA A 55 59.35 -1.25 -22.16
CA ALA A 55 60.07 -0.33 -23.05
C ALA A 55 60.35 0.96 -22.29
N ASP A 56 61.62 1.34 -22.22
CA ASP A 56 62.04 2.49 -21.42
C ASP A 56 61.74 3.80 -22.14
N ILE A 57 61.97 3.85 -23.46
CA ILE A 57 61.69 5.05 -24.25
C ILE A 57 61.04 4.64 -25.56
N VAL A 58 60.05 5.44 -25.99
CA VAL A 58 59.31 5.19 -27.22
C VAL A 58 59.49 6.35 -28.20
N ILE A 59 59.84 6.02 -29.44
CA ILE A 59 59.89 6.99 -30.54
C ILE A 59 58.83 6.59 -31.56
N ALA A 60 57.74 7.38 -31.62
CA ALA A 60 56.55 6.94 -32.33
C ALA A 60 55.75 8.16 -32.75
N PRO A 61 54.83 8.03 -33.72
CA PRO A 61 53.94 9.14 -34.06
C PRO A 61 52.96 9.44 -32.92
N ASP A 62 52.34 10.60 -32.92
CA ASP A 62 51.25 10.90 -31.98
C ASP A 62 50.02 10.05 -32.30
N MET A 63 49.64 9.16 -31.36
CA MET A 63 48.64 8.12 -31.67
C MET A 63 47.55 8.03 -30.59
N HIS A 64 47.14 9.18 -30.02
CA HIS A 64 45.87 9.33 -29.33
C HIS A 64 45.80 8.77 -27.92
N PHE A 65 46.60 7.76 -27.52
CA PHE A 65 46.39 7.11 -26.23
C PHE A 65 47.69 6.76 -25.53
N ARG A 66 47.73 5.61 -24.84
CA ARG A 66 48.84 5.16 -24.03
C ARG A 66 48.79 5.83 -22.66
N SER A 67 47.74 6.61 -22.40
CA SER A 67 47.61 7.38 -21.15
C SER A 67 47.77 6.50 -19.90
N SER A 68 48.77 6.86 -19.08
CA SER A 68 49.14 6.07 -17.92
C SER A 68 49.46 7.01 -16.75
N SER A 69 50.23 6.48 -15.76
CA SER A 69 50.64 7.28 -14.60
C SER A 69 52.02 7.86 -14.86
N GLU A 70 52.14 9.21 -14.82
CA GLU A 70 53.41 9.90 -14.98
C GLU A 70 54.16 9.61 -16.29
N ILE A 71 53.60 10.05 -17.39
CA ILE A 71 54.12 9.83 -18.75
C ILE A 71 54.49 11.18 -19.33
N ASN A 72 55.75 11.36 -19.76
CA ASN A 72 56.22 12.60 -20.32
C ASN A 72 56.53 12.39 -21.79
N SER A 73 56.58 13.46 -22.59
CA SER A 73 56.88 13.45 -24.00
C SER A 73 57.74 14.60 -24.45
N ARG A 74 58.03 14.63 -25.75
CA ARG A 74 58.80 15.73 -26.35
C ARG A 74 58.85 15.53 -27.85
N LYS A 75 58.63 16.59 -28.64
CA LYS A 75 58.55 16.44 -30.08
C LYS A 75 59.95 16.44 -30.69
N LEU A 76 60.19 15.51 -31.62
CA LEU A 76 61.50 15.36 -32.24
C LEU A 76 61.56 15.99 -33.64
N TYR A 77 60.63 15.65 -34.51
CA TYR A 77 60.63 16.17 -35.87
C TYR A 77 59.29 15.90 -36.54
N THR A 78 59.09 16.51 -37.72
CA THR A 78 57.91 16.28 -38.52
C THR A 78 58.27 15.35 -39.68
N LEU A 79 57.41 14.35 -39.91
CA LEU A 79 57.59 13.38 -40.97
C LEU A 79 56.49 13.58 -42.00
N MET A 80 56.85 13.45 -43.28
CA MET A 80 55.91 13.62 -44.37
C MET A 80 55.59 12.24 -44.94
N ASN A 81 54.28 11.95 -45.03
CA ASN A 81 53.79 10.70 -45.58
C ASN A 81 53.16 10.97 -46.94
N VAL A 82 53.51 10.16 -47.94
CA VAL A 82 53.09 10.37 -49.31
C VAL A 82 52.41 9.11 -49.84
N TYR A 83 51.26 9.28 -50.50
CA TYR A 83 50.56 8.20 -51.16
C TYR A 83 51.28 7.88 -52.47
N VAL A 84 51.81 6.66 -52.60
CA VAL A 84 52.66 6.29 -53.71
C VAL A 84 52.19 4.99 -54.34
N ALA A 85 52.73 4.71 -55.53
CA ALA A 85 52.46 3.52 -56.32
C ALA A 85 53.48 3.46 -57.46
N ALA A 86 53.63 2.29 -58.08
CA ALA A 86 54.58 2.11 -59.16
C ALA A 86 54.18 3.02 -60.32
N PRO A 87 55.15 3.52 -61.11
CA PRO A 87 54.86 4.49 -62.18
C PRO A 87 53.80 4.03 -63.18
N ASP A 88 53.75 2.72 -63.46
CA ASP A 88 52.84 2.14 -64.44
C ASP A 88 51.65 1.46 -63.76
N HIS A 89 51.37 1.83 -62.50
CA HIS A 89 50.12 1.42 -61.86
C HIS A 89 48.97 2.20 -62.49
N PRO A 90 47.82 1.53 -62.77
CA PRO A 90 46.71 2.20 -63.45
C PRO A 90 46.16 3.45 -62.76
N ILE A 91 46.40 3.61 -61.44
CA ILE A 91 45.82 4.74 -60.71
C ILE A 91 46.32 6.07 -61.26
N HIS A 92 47.55 6.08 -61.82
CA HIS A 92 48.16 7.30 -62.31
C HIS A 92 47.46 7.86 -63.55
N GLN A 93 46.88 6.97 -64.39
CA GLN A 93 46.16 7.40 -65.58
C GLN A 93 44.73 7.81 -65.25
N GLU A 94 44.28 7.58 -64.01
CA GLU A 94 42.91 7.88 -63.60
C GLU A 94 42.74 9.40 -63.41
N PRO A 95 41.62 9.98 -63.90
CA PRO A 95 41.33 11.40 -63.65
C PRO A 95 41.07 11.73 -62.18
N GLU A 96 40.27 10.92 -61.44
CA GLU A 96 39.93 11.19 -60.07
C GLU A 96 40.36 10.02 -59.19
N PRO A 97 41.69 9.91 -58.90
CA PRO A 97 42.17 8.76 -58.11
C PRO A 97 41.53 8.65 -56.73
N LEU A 98 41.20 9.78 -56.10
CA LEU A 98 40.69 9.80 -54.74
C LEU A 98 39.20 9.52 -54.66
N SER A 99 38.52 9.50 -55.79
CA SER A 99 37.08 9.19 -55.81
C SER A 99 36.87 7.78 -55.24
N GLU A 100 35.90 7.64 -54.33
CA GLU A 100 35.57 6.42 -53.63
C GLU A 100 35.34 5.29 -54.64
N VAL A 101 34.71 5.62 -55.78
CA VAL A 101 34.42 4.65 -56.81
C VAL A 101 35.73 4.09 -57.37
N THR A 102 36.76 4.95 -57.50
CA THR A 102 38.04 4.51 -58.05
C THR A 102 38.87 3.73 -57.02
N ARG A 103 38.95 4.22 -55.78
CA ARG A 103 39.86 3.66 -54.80
C ARG A 103 39.57 2.17 -54.50
N VAL A 104 38.27 1.83 -54.52
CA VAL A 104 37.84 0.45 -54.26
C VAL A 104 38.40 -0.49 -55.32
N LYS A 105 38.63 0.01 -56.54
CA LYS A 105 39.12 -0.83 -57.63
C LYS A 105 40.51 -1.41 -57.31
N TYR A 106 41.34 -0.62 -56.61
CA TYR A 106 42.76 -0.93 -56.48
C TYR A 106 43.11 -1.31 -55.04
N ARG A 107 44.20 -2.07 -54.90
CA ARG A 107 44.46 -2.81 -53.66
C ARG A 107 45.21 -1.89 -52.70
N GLY A 108 44.71 -1.74 -51.48
CA GLY A 108 45.49 -1.11 -50.41
C GLY A 108 46.59 -2.01 -49.84
N ILE A 109 47.63 -1.43 -49.27
CA ILE A 109 48.68 -2.14 -48.57
C ILE A 109 48.80 -1.55 -47.17
N ALA A 110 48.68 -2.41 -46.15
CA ALA A 110 48.63 -2.00 -44.76
C ALA A 110 49.67 -2.78 -43.96
N VAL A 111 50.09 -2.19 -42.83
CA VAL A 111 50.99 -2.86 -41.91
C VAL A 111 50.21 -3.23 -40.66
N ALA A 112 50.29 -4.50 -40.25
CA ALA A 112 49.65 -4.99 -39.03
C ALA A 112 50.16 -4.28 -37.80
N ASP A 113 49.38 -4.35 -36.69
CA ASP A 113 49.70 -3.78 -35.38
C ASP A 113 49.08 -4.57 -34.21
N THR A 114 49.24 -4.11 -32.94
CA THR A 114 48.57 -4.72 -31.81
C THR A 114 47.05 -4.53 -31.79
N ALA A 115 46.34 -5.15 -30.83
CA ALA A 115 44.89 -5.09 -30.82
C ALA A 115 44.40 -3.70 -30.36
N ARG A 116 44.71 -2.72 -31.22
CA ARG A 116 44.13 -1.36 -31.17
C ARG A 116 44.52 -0.70 -29.85
N GLU A 117 43.53 -0.44 -28.97
CA GLU A 117 43.76 0.23 -27.70
C GLU A 117 44.30 1.66 -27.89
N ARG A 118 44.51 2.08 -29.15
CA ARG A 118 45.12 3.34 -29.47
C ARG A 118 44.52 3.82 -30.79
N PRO A 119 43.35 4.50 -30.76
CA PRO A 119 42.55 4.71 -31.98
C PRO A 119 43.09 5.44 -33.20
N VAL A 120 43.84 4.73 -34.06
CA VAL A 120 44.33 5.35 -35.29
C VAL A 120 44.31 4.34 -36.43
N LEU A 121 44.11 4.84 -37.66
CA LEU A 121 44.27 4.06 -38.88
C LEU A 121 45.17 4.81 -39.85
N THR A 122 45.76 4.11 -40.83
CA THR A 122 46.49 4.75 -41.92
C THR A 122 45.60 5.75 -42.66
N VAL A 123 44.26 5.57 -42.60
CA VAL A 123 43.31 6.42 -43.31
C VAL A 123 43.68 6.46 -44.80
N GLN A 124 44.09 5.27 -45.29
CA GLN A 124 44.56 5.09 -46.65
C GLN A 124 43.73 4.06 -47.42
N LEU A 125 42.82 3.35 -46.75
CA LEU A 125 42.05 2.29 -47.37
C LEU A 125 40.67 2.21 -46.75
N LEU A 126 39.62 2.21 -47.58
CA LEU A 126 38.24 2.02 -47.14
C LEU A 126 37.91 0.53 -47.04
N ASP A 127 36.61 0.20 -46.90
CA ASP A 127 36.13 -1.17 -46.86
C ASP A 127 35.66 -1.65 -48.24
N LYS A 128 35.35 -2.96 -48.29
CA LYS A 128 35.04 -3.73 -49.49
C LYS A 128 36.11 -3.58 -50.57
N GLN A 129 37.38 -3.39 -50.20
CA GLN A 129 38.42 -3.02 -51.14
C GLN A 129 39.59 -3.97 -50.95
N PRO A 130 40.21 -4.45 -52.04
CA PRO A 130 41.32 -5.40 -51.93
C PRO A 130 42.42 -4.84 -51.00
N ARG A 131 42.99 -5.73 -50.18
CA ARG A 131 43.99 -5.33 -49.22
C ARG A 131 45.05 -6.41 -49.13
N LEU A 132 46.31 -5.98 -48.98
CA LEU A 132 47.41 -6.84 -48.58
C LEU A 132 47.95 -6.32 -47.25
N THR A 133 48.17 -7.24 -46.30
CA THR A 133 48.73 -6.90 -45.01
C THR A 133 50.13 -7.49 -44.88
N VAL A 134 51.07 -6.65 -44.41
CA VAL A 134 52.43 -7.09 -44.15
C VAL A 134 52.84 -6.60 -42.76
N SER A 135 53.90 -7.20 -42.22
CA SER A 135 54.31 -6.90 -40.86
C SER A 135 55.35 -5.77 -40.81
N THR A 136 56.11 -5.60 -41.89
CA THR A 136 57.27 -4.70 -41.87
C THR A 136 57.18 -3.70 -43.02
N ILE A 137 57.85 -2.56 -42.86
CA ILE A 137 57.85 -1.52 -43.87
C ILE A 137 58.63 -1.95 -45.10
N GLU A 138 59.62 -2.82 -44.92
CA GLU A 138 60.40 -3.45 -45.99
C GLU A 138 59.46 -4.22 -46.92
N ASP A 139 58.58 -5.10 -46.36
CA ASP A 139 57.66 -5.84 -47.21
C ASP A 139 56.73 -4.86 -47.95
N LYS A 140 56.31 -3.82 -47.25
CA LYS A 140 55.39 -2.85 -47.81
C LYS A 140 56.02 -2.13 -49.00
N ARG A 141 57.31 -1.76 -48.86
CA ARG A 141 57.99 -1.01 -49.93
C ARG A 141 58.11 -1.91 -51.16
N GLN A 142 58.54 -3.17 -50.95
CA GLN A 142 58.70 -4.10 -52.06
C GLN A 142 57.38 -4.37 -52.77
N ALA A 143 56.31 -4.57 -52.00
CA ALA A 143 54.97 -4.73 -52.57
C ALA A 143 54.60 -3.53 -53.44
N LEU A 144 54.94 -2.32 -52.99
CA LEU A 144 54.66 -1.11 -53.77
C LEU A 144 55.54 -1.07 -55.01
N LEU A 145 56.82 -1.45 -54.86
CA LEU A 145 57.77 -1.45 -55.97
C LEU A 145 57.30 -2.43 -57.06
N ALA A 146 56.74 -3.57 -56.65
CA ALA A 146 56.23 -4.59 -57.56
C ALA A 146 54.87 -4.21 -58.14
N GLY A 147 54.39 -3.00 -57.86
CA GLY A 147 53.14 -2.49 -58.41
C GLY A 147 51.91 -3.30 -57.95
N LEU A 148 51.94 -3.77 -56.69
CA LEU A 148 50.90 -4.67 -56.19
C LEU A 148 49.77 -3.92 -55.49
N GLY A 149 49.89 -2.62 -55.32
CA GLY A 149 48.85 -1.82 -54.68
C GLY A 149 49.29 -0.38 -54.44
N VAL A 150 48.52 0.33 -53.60
CA VAL A 150 48.70 1.76 -53.36
C VAL A 150 48.64 2.00 -51.86
N ALA A 151 49.57 2.82 -51.34
CA ALA A 151 49.66 3.00 -49.90
C ALA A 151 50.51 4.22 -49.57
N THR A 152 50.41 4.69 -48.32
CA THR A 152 51.24 5.75 -47.80
C THR A 152 52.64 5.21 -47.48
N MET A 153 53.62 6.13 -47.55
CA MET A 153 54.98 5.81 -47.16
C MET A 153 55.62 7.07 -46.60
N PRO A 154 56.50 6.94 -45.58
CA PRO A 154 57.31 8.08 -45.13
C PRO A 154 58.24 8.52 -46.24
N TYR A 155 58.21 9.82 -46.55
CA TYR A 155 58.87 10.36 -47.74
C TYR A 155 60.37 10.01 -47.76
N PRO A 156 61.13 10.18 -46.65
CA PRO A 156 62.56 9.90 -46.68
C PRO A 156 62.93 8.53 -47.22
N MET A 157 62.13 7.51 -46.91
CA MET A 157 62.46 6.14 -47.30
C MET A 157 62.22 5.92 -48.80
N VAL A 158 61.37 6.75 -49.43
CA VAL A 158 61.05 6.55 -50.83
C VAL A 158 61.50 7.73 -51.70
N GLU A 159 62.17 8.72 -51.11
CA GLU A 159 62.65 9.90 -51.85
C GLU A 159 63.52 9.46 -53.02
N LYS A 160 64.44 8.54 -52.78
CA LYS A 160 65.33 8.03 -53.83
C LYS A 160 64.51 7.29 -54.88
N ASP A 161 63.50 6.54 -54.45
CA ASP A 161 62.69 5.75 -55.36
C ASP A 161 61.91 6.67 -56.30
N ILE A 162 61.42 7.81 -55.80
CA ILE A 162 60.68 8.74 -56.64
C ILE A 162 61.65 9.41 -57.63
N ALA A 163 62.85 9.74 -57.13
CA ALA A 163 63.86 10.43 -57.93
C ALA A 163 64.19 9.59 -59.17
N GLU A 164 64.42 8.27 -58.97
CA GLU A 164 64.84 7.40 -60.06
C GLU A 164 63.66 6.63 -60.63
N GLY A 165 62.44 7.15 -60.45
CA GLY A 165 61.24 6.65 -61.09
C GLY A 165 60.98 5.17 -60.82
N ARG A 166 61.19 4.72 -59.59
CA ARG A 166 60.70 3.40 -59.18
C ARG A 166 59.32 3.54 -58.56
N LEU A 167 59.00 4.70 -57.96
CA LEU A 167 57.66 5.00 -57.44
C LEU A 167 57.26 6.41 -57.87
N ARG A 168 55.95 6.70 -57.82
CA ARG A 168 55.39 7.96 -58.25
C ARG A 168 54.27 8.32 -57.28
N VAL A 169 54.28 9.60 -56.84
CA VAL A 169 53.29 10.09 -55.90
C VAL A 169 51.95 10.19 -56.61
N VAL A 170 50.93 9.54 -56.06
CA VAL A 170 49.66 9.40 -56.76
C VAL A 170 48.93 10.75 -56.75
N SER A 171 48.92 11.40 -55.58
CA SER A 171 48.30 12.73 -55.51
C SER A 171 48.86 13.54 -54.34
N PRO A 172 49.51 14.70 -54.61
CA PRO A 172 50.21 15.41 -53.53
C PRO A 172 49.27 16.00 -52.49
N GLU A 173 48.01 16.28 -52.88
CA GLU A 173 47.07 16.92 -51.97
C GLU A 173 46.87 16.05 -50.72
N SER A 174 46.86 14.69 -50.93
CA SER A 174 46.62 13.74 -49.87
C SER A 174 47.79 13.67 -48.87
N THR A 175 48.99 14.06 -49.30
CA THR A 175 50.17 14.00 -48.44
C THR A 175 49.93 14.74 -47.13
N SER A 176 50.31 14.11 -46.02
CA SER A 176 50.06 14.64 -44.68
C SER A 176 51.32 14.60 -43.82
N GLU A 177 51.38 15.48 -42.81
CA GLU A 177 52.52 15.59 -41.93
C GLU A 177 52.17 14.98 -40.58
N ILE A 178 53.15 14.28 -39.98
CA ILE A 178 52.98 13.60 -38.71
C ILE A 178 54.13 13.99 -37.80
N ASP A 179 53.82 14.27 -36.53
CA ASP A 179 54.82 14.55 -35.52
C ASP A 179 55.36 13.26 -34.95
N ILE A 180 56.69 13.11 -35.00
CA ILE A 180 57.35 12.01 -34.33
C ILE A 180 57.79 12.51 -32.96
N ILE A 181 57.31 11.82 -31.91
CA ILE A 181 57.52 12.25 -30.53
C ILE A 181 58.31 11.21 -29.76
N MET A 182 59.01 11.66 -28.74
CA MET A 182 59.68 10.79 -27.79
C MET A 182 58.91 10.81 -26.49
N ALA A 183 58.49 9.63 -26.02
CA ALA A 183 57.71 9.51 -24.78
C ALA A 183 58.37 8.52 -23.84
N TRP A 184 58.09 8.67 -22.55
CA TRP A 184 58.65 7.87 -21.47
C TRP A 184 57.80 8.07 -20.22
N ARG A 185 58.10 7.24 -19.21
CA ARG A 185 57.35 7.26 -17.95
C ARG A 185 58.24 7.80 -16.83
N ARG A 186 57.66 8.59 -15.93
CA ARG A 186 58.46 9.42 -15.03
C ARG A 186 58.88 8.62 -13.78
N ASP A 187 58.07 7.57 -13.42
CA ASP A 187 58.21 6.89 -12.15
C ASP A 187 59.53 6.15 -11.99
N SER A 188 60.28 5.96 -13.09
CA SER A 188 61.61 5.36 -13.01
C SER A 188 62.52 6.12 -13.96
N MET A 189 63.71 6.51 -13.47
CA MET A 189 64.48 7.47 -14.24
C MET A 189 65.95 7.19 -13.98
N GLY A 190 66.52 6.16 -14.64
CA GLY A 190 67.86 5.72 -14.31
C GLY A 190 68.92 6.43 -15.14
N GLU A 191 70.19 6.13 -14.86
CA GLU A 191 71.33 6.78 -15.49
C GLU A 191 71.22 6.70 -17.01
N ALA A 192 71.14 5.47 -17.53
CA ALA A 192 71.15 5.22 -18.97
C ALA A 192 69.91 5.84 -19.61
N LYS A 193 68.74 5.59 -19.00
CA LYS A 193 67.50 6.10 -19.55
C LYS A 193 67.54 7.63 -19.63
N SER A 194 67.95 8.31 -18.55
CA SER A 194 68.01 9.77 -18.52
C SER A 194 69.00 10.28 -19.56
N TRP A 195 70.15 9.62 -19.66
CA TRP A 195 71.19 10.03 -20.61
C TRP A 195 70.62 10.01 -22.03
N CYS A 196 69.93 8.92 -22.40
CA CYS A 196 69.33 8.82 -23.72
C CYS A 196 68.28 9.91 -23.93
N LEU A 197 67.49 10.21 -22.90
CA LEU A 197 66.43 11.18 -23.05
C LEU A 197 66.98 12.55 -23.46
N ARG A 198 68.24 12.83 -23.13
CA ARG A 198 68.82 14.12 -23.47
C ARG A 198 69.60 14.01 -24.79
N GLU A 199 70.01 12.79 -25.14
CA GLU A 199 70.87 12.57 -26.29
C GLU A 199 70.07 12.40 -27.58
N ILE A 200 68.90 11.76 -27.48
CA ILE A 200 68.10 11.44 -28.65
C ILE A 200 67.67 12.71 -29.39
N PRO A 201 67.18 13.78 -28.73
CA PRO A 201 66.85 15.02 -29.45
C PRO A 201 68.01 15.61 -30.23
N LYS A 202 69.25 15.42 -29.76
CA LYS A 202 70.42 15.93 -30.48
C LYS A 202 70.55 15.26 -31.84
N LEU A 203 70.05 14.02 -31.97
CA LEU A 203 70.13 13.29 -33.24
C LEU A 203 69.29 13.97 -34.31
N PHE A 204 68.25 14.73 -33.92
CA PHE A 204 67.32 15.31 -34.87
C PHE A 204 67.24 16.82 -34.67
N ASN A 205 68.36 17.48 -34.41
CA ASN A 205 68.40 18.94 -34.45
C ASN A 205 68.41 19.36 -35.91
N GLY A 206 67.36 20.08 -36.37
CA GLY A 206 67.22 20.47 -37.77
C GLY A 206 66.33 19.52 -38.59
N LYS A 207 65.90 18.39 -38.02
CA LYS A 207 64.88 17.53 -38.57
C LYS A 207 63.51 17.98 -38.02
N MET B 4 31.41 -11.52 -52.18
CA MET B 4 31.85 -11.89 -50.81
C MET B 4 33.33 -12.33 -50.84
N GLU B 5 34.13 -11.80 -49.89
CA GLU B 5 35.56 -11.98 -49.89
C GLU B 5 35.99 -13.04 -48.85
N THR B 6 37.30 -13.32 -48.81
CA THR B 6 37.91 -14.42 -48.08
C THR B 6 39.32 -14.03 -47.68
N HIS B 7 39.77 -14.50 -46.50
CA HIS B 7 41.02 -13.99 -45.91
C HIS B 7 41.91 -15.14 -45.51
N LEU B 8 43.09 -15.21 -46.13
CA LEU B 8 44.11 -16.18 -45.78
C LEU B 8 45.33 -15.45 -45.25
N THR B 9 45.90 -16.00 -44.16
CA THR B 9 47.04 -15.40 -43.51
C THR B 9 48.24 -16.34 -43.58
N ILE B 10 49.34 -15.85 -44.18
CA ILE B 10 50.56 -16.61 -44.36
C ILE B 10 51.63 -15.95 -43.50
N VAL B 11 52.38 -16.77 -42.76
CA VAL B 11 53.47 -16.30 -41.93
C VAL B 11 54.78 -16.68 -42.61
N THR B 12 55.59 -15.67 -42.92
CA THR B 12 56.94 -15.88 -43.40
C THR B 12 57.90 -15.43 -42.32
N GLU B 13 58.61 -16.40 -41.72
CA GLU B 13 59.62 -16.09 -40.71
C GLU B 13 60.64 -15.10 -41.27
N ALA B 14 61.32 -14.40 -40.38
CA ALA B 14 62.20 -13.29 -40.73
C ALA B 14 63.24 -13.72 -41.77
N LEU B 15 63.77 -14.94 -41.65
CA LEU B 15 64.77 -15.47 -42.57
C LEU B 15 64.22 -15.65 -43.98
N VAL B 16 62.89 -15.64 -44.13
CA VAL B 16 62.27 -15.92 -45.42
C VAL B 16 61.87 -14.61 -46.07
N PRO B 17 62.29 -14.34 -47.32
CA PRO B 17 61.90 -13.11 -48.00
C PRO B 17 60.41 -13.11 -48.30
N THR B 18 59.69 -12.14 -47.73
CA THR B 18 58.27 -11.99 -48.00
C THR B 18 57.98 -11.76 -49.48
N PRO B 19 58.71 -10.89 -50.21
CA PRO B 19 58.39 -10.65 -51.62
C PRO B 19 58.45 -11.85 -52.54
N ALA B 20 59.03 -12.97 -52.09
CA ALA B 20 59.02 -14.22 -52.86
C ALA B 20 57.59 -14.73 -53.09
N PHE B 21 56.64 -14.31 -52.24
CA PHE B 21 55.26 -14.79 -52.29
C PHE B 21 54.35 -13.81 -53.04
N PHE B 22 54.94 -12.86 -53.75
CA PHE B 22 54.15 -11.80 -54.40
C PHE B 22 53.38 -12.36 -55.59
N PRO B 23 53.98 -13.26 -56.39
CA PRO B 23 53.28 -13.84 -57.53
C PRO B 23 51.88 -14.35 -57.24
N LEU B 24 51.61 -14.77 -55.99
CA LEU B 24 50.30 -15.29 -55.61
C LEU B 24 49.18 -14.25 -55.77
N ILE B 25 49.50 -12.97 -55.50
CA ILE B 25 48.48 -11.98 -55.17
C ILE B 25 47.49 -11.79 -56.33
N ASP B 26 47.99 -11.52 -57.54
CA ASP B 26 47.12 -11.32 -58.68
C ASP B 26 46.39 -12.62 -59.02
N LYS B 27 47.08 -13.77 -58.95
CA LYS B 27 46.46 -15.05 -59.21
C LYS B 27 45.32 -15.29 -58.21
N LEU B 28 45.57 -14.97 -56.93
CA LEU B 28 44.59 -15.24 -55.89
C LEU B 28 43.37 -14.34 -56.07
N ALA B 29 43.56 -13.14 -56.60
CA ALA B 29 42.45 -12.19 -56.75
C ALA B 29 41.53 -12.62 -57.88
N ALA B 30 42.11 -13.21 -58.94
CA ALA B 30 41.31 -13.71 -60.06
C ALA B 30 40.70 -15.08 -59.73
N LYS B 31 41.37 -15.85 -58.88
CA LYS B 31 40.91 -17.18 -58.51
C LYS B 31 39.71 -17.11 -57.56
N ALA B 32 39.76 -16.19 -56.59
CA ALA B 32 38.72 -16.00 -55.60
C ALA B 32 38.78 -14.53 -55.13
N ASN B 33 37.85 -14.11 -54.26
CA ASN B 33 37.90 -12.79 -53.66
C ASN B 33 38.82 -12.80 -52.43
N THR B 34 39.87 -13.62 -52.49
CA THR B 34 40.67 -13.88 -51.29
C THR B 34 41.66 -12.73 -51.09
N GLN B 35 41.65 -12.15 -49.89
CA GLN B 35 42.62 -11.12 -49.48
C GLN B 35 43.76 -11.85 -48.80
N LEU B 36 44.97 -11.74 -49.32
CA LEU B 36 46.13 -12.38 -48.71
C LEU B 36 46.77 -11.46 -47.67
N ALA B 37 47.33 -12.05 -46.62
CA ALA B 37 48.05 -11.30 -45.59
C ALA B 37 49.34 -12.03 -45.23
N ILE B 38 50.48 -11.43 -45.58
CA ILE B 38 51.76 -12.09 -45.42
C ILE B 38 52.52 -11.44 -44.28
N ILE B 39 52.54 -12.11 -43.13
CA ILE B 39 52.98 -11.58 -41.85
C ILE B 39 54.36 -12.13 -41.54
N THR B 40 55.20 -11.29 -40.95
CA THR B 40 56.54 -11.68 -40.55
C THR B 40 56.55 -11.98 -39.05
N GLU B 41 57.18 -13.09 -38.68
CA GLU B 41 57.44 -13.44 -37.29
C GLU B 41 58.90 -13.86 -37.18
N VAL B 42 59.39 -14.00 -35.94
CA VAL B 42 60.78 -14.34 -35.70
C VAL B 42 60.84 -15.63 -34.90
N LEU B 43 61.61 -16.61 -35.42
CA LEU B 43 61.90 -17.86 -34.73
C LEU B 43 60.64 -18.53 -34.20
N ALA B 44 60.53 -18.67 -32.87
CA ALA B 44 59.42 -19.39 -32.25
C ALA B 44 58.08 -18.69 -32.51
N GLY B 45 58.10 -17.38 -32.77
CA GLY B 45 56.86 -16.64 -32.97
C GLY B 45 56.04 -17.22 -34.12
N ALA B 46 56.73 -17.69 -35.18
CA ALA B 46 56.05 -18.24 -36.34
C ALA B 46 55.27 -19.49 -35.97
N TRP B 47 55.88 -20.37 -35.15
CA TRP B 47 55.23 -21.61 -34.75
C TRP B 47 54.13 -21.39 -33.72
N GLU B 48 54.34 -20.40 -32.85
CA GLU B 48 53.30 -20.05 -31.89
C GLU B 48 52.04 -19.63 -32.64
N ARG B 49 52.20 -18.91 -33.74
CA ARG B 49 51.04 -18.47 -34.52
C ARG B 49 50.28 -19.66 -35.09
N LEU B 50 51.02 -20.70 -35.52
CA LEU B 50 50.38 -21.88 -36.11
C LEU B 50 49.63 -22.65 -35.01
N GLU B 51 50.25 -22.81 -33.84
CA GLU B 51 49.64 -23.53 -32.72
C GLU B 51 48.34 -22.85 -32.30
N GLN B 52 48.37 -21.52 -32.18
CA GLN B 52 47.26 -20.74 -31.66
C GLN B 52 46.19 -20.51 -32.73
N GLY B 53 46.32 -21.17 -33.90
CA GLY B 53 45.29 -21.10 -34.92
C GLY B 53 45.12 -19.69 -35.49
N ARG B 54 46.20 -18.89 -35.48
CA ARG B 54 46.12 -17.53 -36.00
C ARG B 54 46.85 -17.41 -37.35
N ALA B 55 47.26 -18.55 -37.92
CA ALA B 55 48.03 -18.54 -39.15
C ALA B 55 47.70 -19.80 -39.96
N ASP B 56 47.25 -19.59 -41.20
CA ASP B 56 46.81 -20.68 -42.06
C ASP B 56 47.99 -21.45 -42.64
N ILE B 57 49.07 -20.75 -43.02
CA ILE B 57 50.27 -21.38 -43.53
C ILE B 57 51.49 -20.72 -42.88
N VAL B 58 52.52 -21.51 -42.54
CA VAL B 58 53.77 -21.02 -41.98
C VAL B 58 54.93 -21.41 -42.89
N ILE B 59 55.78 -20.42 -43.21
CA ILE B 59 57.03 -20.64 -43.92
C ILE B 59 58.15 -20.24 -42.97
N ALA B 60 58.88 -21.24 -42.45
CA ALA B 60 59.82 -21.02 -41.37
C ALA B 60 60.91 -22.08 -41.42
N PRO B 61 62.06 -21.84 -40.77
CA PRO B 61 63.09 -22.87 -40.66
C PRO B 61 62.62 -24.08 -39.86
N ASP B 62 63.29 -25.22 -40.07
CA ASP B 62 63.07 -26.40 -39.24
C ASP B 62 63.56 -26.11 -37.81
N MET B 63 62.62 -26.12 -36.85
CA MET B 63 62.92 -25.73 -35.49
C MET B 63 63.16 -26.94 -34.59
N HIS B 64 63.34 -28.13 -35.20
CA HIS B 64 63.60 -29.37 -34.47
C HIS B 64 62.72 -29.51 -33.21
N PHE B 65 61.43 -29.29 -33.41
CA PHE B 65 60.41 -29.42 -32.37
C PHE B 65 59.47 -30.57 -32.73
N ARG B 66 58.94 -31.27 -31.68
CA ARG B 66 58.15 -32.47 -31.91
C ARG B 66 57.07 -32.18 -32.95
N SER B 67 57.24 -32.70 -34.18
CA SER B 67 56.32 -32.38 -35.27
C SER B 67 54.98 -33.04 -34.94
N SER B 68 54.02 -32.20 -34.54
CA SER B 68 52.70 -32.64 -34.19
C SER B 68 52.03 -33.33 -35.39
N SER B 69 51.14 -34.29 -35.09
CA SER B 69 50.25 -34.87 -36.11
C SER B 69 49.40 -33.78 -36.75
N GLU B 70 49.00 -32.78 -35.94
CA GLU B 70 48.11 -31.71 -36.39
C GLU B 70 48.82 -30.76 -37.33
N ILE B 71 50.18 -30.76 -37.34
CA ILE B 71 50.98 -30.01 -38.29
C ILE B 71 51.53 -30.98 -39.33
N ASN B 72 51.18 -30.72 -40.60
CA ASN B 72 51.87 -31.33 -41.73
C ASN B 72 52.88 -30.32 -42.30
N SER B 73 54.04 -30.83 -42.72
CA SER B 73 55.12 -29.99 -43.20
C SER B 73 55.70 -30.56 -44.50
N ARG B 74 56.24 -29.68 -45.35
CA ARG B 74 56.82 -30.04 -46.63
C ARG B 74 58.01 -29.13 -46.89
N LYS B 75 59.13 -29.68 -47.37
CA LYS B 75 60.35 -28.90 -47.46
C LYS B 75 60.33 -28.10 -48.78
N LEU B 76 60.71 -26.81 -48.70
CA LEU B 76 60.74 -25.94 -49.86
C LEU B 76 62.16 -25.79 -50.45
N TYR B 77 63.12 -25.42 -49.62
CA TYR B 77 64.48 -25.19 -50.12
C TYR B 77 65.47 -25.17 -48.97
N THR B 78 66.76 -25.17 -49.32
CA THR B 78 67.82 -25.06 -48.34
C THR B 78 68.37 -23.64 -48.35
N LEU B 79 68.54 -23.07 -47.16
CA LEU B 79 69.05 -21.71 -47.01
C LEU B 79 70.40 -21.77 -46.31
N MET B 80 71.31 -20.90 -46.78
CA MET B 80 72.68 -20.91 -46.28
C MET B 80 72.87 -19.67 -45.41
N ASN B 81 73.34 -19.90 -44.17
CA ASN B 81 73.60 -18.85 -43.20
C ASN B 81 75.09 -18.69 -43.04
N VAL B 82 75.57 -17.44 -43.03
CA VAL B 82 77.00 -17.14 -43.00
C VAL B 82 77.27 -16.19 -41.84
N TYR B 83 78.32 -16.50 -41.07
CA TYR B 83 78.78 -15.63 -39.99
C TYR B 83 79.58 -14.50 -40.62
N VAL B 84 79.09 -13.26 -40.42
CA VAL B 84 79.61 -12.12 -41.16
C VAL B 84 79.93 -10.98 -40.20
N ALA B 85 80.68 -10.01 -40.74
CA ALA B 85 81.01 -8.77 -40.08
C ALA B 85 81.59 -7.83 -41.13
N ALA B 86 81.67 -6.53 -40.79
CA ALA B 86 82.23 -5.56 -41.69
C ALA B 86 83.70 -5.90 -41.93
N PRO B 87 84.24 -5.60 -43.13
CA PRO B 87 85.59 -5.98 -43.51
C PRO B 87 86.68 -5.55 -42.52
N ASP B 88 86.50 -4.39 -41.88
CA ASP B 88 87.50 -3.83 -40.96
C ASP B 88 87.12 -4.10 -39.49
N HIS B 89 86.24 -5.06 -39.25
CA HIS B 89 85.95 -5.48 -37.88
C HIS B 89 87.14 -6.29 -37.35
N PRO B 90 87.55 -6.08 -36.08
CA PRO B 90 88.68 -6.82 -35.51
C PRO B 90 88.58 -8.35 -35.54
N ILE B 91 87.37 -8.90 -35.69
CA ILE B 91 87.18 -10.36 -35.68
C ILE B 91 87.96 -11.02 -36.81
N HIS B 92 88.17 -10.31 -37.92
CA HIS B 92 88.83 -10.86 -39.10
C HIS B 92 90.32 -11.12 -38.86
N GLN B 93 90.95 -10.33 -38.00
CA GLN B 93 92.36 -10.50 -37.67
C GLN B 93 92.55 -11.58 -36.59
N GLU B 94 91.46 -12.05 -35.99
CA GLU B 94 91.51 -12.99 -34.88
C GLU B 94 91.78 -14.41 -35.38
N PRO B 95 92.68 -15.17 -34.73
CA PRO B 95 93.01 -16.53 -35.16
C PRO B 95 91.87 -17.53 -35.04
N GLU B 96 91.16 -17.58 -33.92
CA GLU B 96 90.10 -18.57 -33.68
C GLU B 96 88.78 -17.84 -33.39
N PRO B 97 88.14 -17.22 -34.41
CA PRO B 97 86.99 -16.35 -34.16
C PRO B 97 85.84 -17.04 -33.42
N LEU B 98 85.64 -18.34 -33.68
CA LEU B 98 84.47 -19.03 -33.15
C LEU B 98 84.70 -19.53 -31.72
N SER B 99 85.94 -19.45 -31.22
CA SER B 99 86.20 -19.86 -29.85
C SER B 99 85.36 -19.00 -28.88
N GLU B 100 84.70 -19.66 -27.93
CA GLU B 100 83.79 -19.01 -27.00
C GLU B 100 84.48 -17.89 -26.24
N VAL B 101 85.77 -18.09 -25.95
CA VAL B 101 86.60 -17.10 -25.27
C VAL B 101 86.68 -15.82 -26.12
N THR B 102 86.77 -15.99 -27.43
CA THR B 102 86.88 -14.86 -28.35
C THR B 102 85.54 -14.16 -28.59
N ARG B 103 84.48 -14.94 -28.80
CA ARG B 103 83.17 -14.40 -29.17
C ARG B 103 82.64 -13.43 -28.11
N VAL B 104 82.90 -13.70 -26.84
CA VAL B 104 82.49 -12.85 -25.73
C VAL B 104 83.09 -11.44 -25.86
N LYS B 105 84.28 -11.34 -26.46
CA LYS B 105 84.94 -10.05 -26.61
C LYS B 105 84.11 -9.09 -27.48
N TYR B 106 83.43 -9.62 -28.50
CA TYR B 106 82.80 -8.81 -29.53
C TYR B 106 81.27 -8.85 -29.42
N ARG B 107 80.63 -7.82 -29.98
CA ARG B 107 79.22 -7.59 -29.76
C ARG B 107 78.39 -8.44 -30.73
N GLY B 108 77.46 -9.23 -30.17
CA GLY B 108 76.50 -9.94 -31.00
C GLY B 108 75.38 -9.00 -31.50
N ILE B 109 74.75 -9.38 -32.62
CA ILE B 109 73.57 -8.68 -33.10
C ILE B 109 72.48 -9.73 -33.30
N ALA B 110 71.34 -9.50 -32.65
CA ALA B 110 70.31 -10.52 -32.52
C ALA B 110 68.96 -9.90 -32.90
N VAL B 111 68.05 -10.76 -33.36
CA VAL B 111 66.69 -10.34 -33.68
C VAL B 111 65.76 -10.92 -32.62
N ALA B 112 64.96 -10.04 -31.99
CA ALA B 112 64.07 -10.42 -30.91
C ALA B 112 63.09 -11.50 -31.37
N ASP B 113 63.03 -12.61 -30.61
CA ASP B 113 62.07 -13.68 -30.88
C ASP B 113 60.68 -13.13 -30.59
N THR B 114 59.76 -13.28 -31.54
CA THR B 114 58.44 -12.65 -31.44
C THR B 114 57.49 -13.54 -30.64
N ALA B 115 57.99 -14.54 -29.91
CA ALA B 115 57.13 -15.53 -29.25
C ALA B 115 56.46 -14.93 -28.02
N ARG B 116 55.12 -15.01 -27.95
CA ARG B 116 54.38 -14.68 -26.74
C ARG B 116 54.71 -15.62 -25.57
N GLU B 117 55.25 -16.82 -25.81
CA GLU B 117 55.49 -17.81 -24.76
C GLU B 117 56.93 -17.71 -24.19
N ARG B 118 57.93 -17.96 -25.04
CA ARG B 118 59.33 -17.89 -24.64
C ARG B 118 60.19 -17.63 -25.86
N PRO B 119 61.33 -16.92 -25.76
CA PRO B 119 62.31 -16.88 -26.84
C PRO B 119 63.17 -18.15 -26.90
N VAL B 120 64.10 -18.14 -27.86
CA VAL B 120 64.99 -19.27 -28.10
C VAL B 120 66.47 -18.84 -27.97
N LEU B 121 67.35 -19.81 -27.78
CA LEU B 121 68.77 -19.64 -27.59
C LEU B 121 69.52 -19.66 -28.93
N THR B 122 68.88 -19.23 -30.01
CA THR B 122 69.37 -19.44 -31.37
C THR B 122 70.76 -18.83 -31.57
N VAL B 123 70.96 -17.64 -30.99
CA VAL B 123 72.21 -16.90 -31.20
C VAL B 123 73.23 -17.30 -30.15
N GLN B 124 73.05 -18.52 -29.58
CA GLN B 124 73.93 -19.06 -28.54
C GLN B 124 73.72 -18.36 -27.20
N LEU B 125 73.14 -17.15 -27.18
CA LEU B 125 72.87 -16.35 -26.01
C LEU B 125 74.10 -16.24 -25.09
N LEU B 126 75.28 -16.08 -25.71
CA LEU B 126 76.55 -16.07 -24.99
C LEU B 126 76.42 -15.08 -23.84
N ASP B 127 76.59 -15.53 -22.56
CA ASP B 127 76.42 -14.64 -21.43
C ASP B 127 77.64 -13.75 -21.21
N LYS B 128 77.39 -12.63 -20.51
CA LYS B 128 78.33 -11.52 -20.31
C LYS B 128 78.93 -11.02 -21.64
N GLN B 129 78.13 -11.06 -22.72
CA GLN B 129 78.67 -10.66 -24.02
C GLN B 129 77.87 -9.49 -24.59
N PRO B 130 78.56 -8.43 -25.09
CA PRO B 130 77.84 -7.28 -25.61
C PRO B 130 76.83 -7.69 -26.67
N ARG B 131 75.65 -7.07 -26.66
CA ARG B 131 74.57 -7.44 -27.57
C ARG B 131 73.85 -6.19 -28.04
N LEU B 132 73.44 -6.19 -29.31
CA LEU B 132 72.41 -5.28 -29.79
C LEU B 132 71.24 -6.11 -30.28
N THR B 133 70.03 -5.76 -29.86
CA THR B 133 68.83 -6.48 -30.25
C THR B 133 67.95 -5.56 -31.09
N VAL B 134 67.46 -6.09 -32.22
CA VAL B 134 66.58 -5.37 -33.13
C VAL B 134 65.42 -6.30 -33.49
N SER B 135 64.36 -5.73 -34.07
CA SER B 135 63.14 -6.45 -34.34
C SER B 135 63.14 -7.03 -35.75
N THR B 136 63.90 -6.45 -36.70
CA THR B 136 63.81 -6.84 -38.09
C THR B 136 65.19 -7.17 -38.63
N ILE B 137 65.22 -8.03 -39.66
CA ILE B 137 66.47 -8.54 -40.20
C ILE B 137 67.19 -7.41 -40.96
N GLU B 138 66.43 -6.44 -41.49
CA GLU B 138 67.01 -5.28 -42.15
C GLU B 138 67.85 -4.47 -41.17
N ASP B 139 67.29 -4.18 -39.97
CA ASP B 139 68.03 -3.45 -38.95
C ASP B 139 69.28 -4.21 -38.56
N LYS B 140 69.19 -5.53 -38.50
CA LYS B 140 70.34 -6.37 -38.18
C LYS B 140 71.39 -6.21 -39.29
N ARG B 141 70.96 -6.18 -40.55
CA ARG B 141 71.86 -6.02 -41.69
C ARG B 141 72.61 -4.68 -41.60
N GLN B 142 71.86 -3.61 -41.37
CA GLN B 142 72.45 -2.27 -41.29
C GLN B 142 73.43 -2.19 -40.12
N ALA B 143 73.07 -2.74 -38.96
CA ALA B 143 73.98 -2.81 -37.81
C ALA B 143 75.27 -3.50 -38.19
N LEU B 144 75.19 -4.60 -38.97
CA LEU B 144 76.37 -5.31 -39.41
C LEU B 144 77.16 -4.46 -40.41
N LEU B 145 76.43 -3.78 -41.33
CA LEU B 145 77.08 -2.93 -42.33
C LEU B 145 77.85 -1.80 -41.66
N ALA B 146 77.29 -1.25 -40.57
CA ALA B 146 77.91 -0.17 -39.82
C ALA B 146 79.03 -0.68 -38.91
N GLY B 147 79.38 -1.97 -39.01
CA GLY B 147 80.50 -2.53 -38.26
C GLY B 147 80.25 -2.54 -36.75
N LEU B 148 78.99 -2.75 -36.34
CA LEU B 148 78.64 -2.62 -34.93
C LEU B 148 78.75 -3.94 -34.17
N GLY B 149 78.94 -5.06 -34.88
CA GLY B 149 79.06 -6.36 -34.24
C GLY B 149 79.17 -7.50 -35.25
N VAL B 150 78.90 -8.72 -34.78
CA VAL B 150 79.11 -9.94 -35.53
C VAL B 150 77.87 -10.82 -35.36
N ALA B 151 77.40 -11.42 -36.46
CA ALA B 151 76.17 -12.18 -36.43
C ALA B 151 76.05 -13.04 -37.68
N THR B 152 75.17 -14.04 -37.61
CA THR B 152 74.84 -14.88 -38.78
C THR B 152 73.85 -14.12 -39.64
N MET B 153 73.85 -14.43 -40.95
CA MET B 153 72.92 -13.82 -41.88
C MET B 153 72.62 -14.80 -43.00
N PRO B 154 71.37 -14.83 -43.50
CA PRO B 154 71.05 -15.64 -44.67
C PRO B 154 71.81 -15.08 -45.88
N TYR B 155 72.51 -15.97 -46.60
CA TYR B 155 73.38 -15.58 -47.69
C TYR B 155 72.66 -14.75 -48.74
N PRO B 156 71.46 -15.13 -49.22
CA PRO B 156 70.77 -14.36 -50.26
C PRO B 156 70.65 -12.87 -49.98
N MET B 157 70.41 -12.51 -48.71
CA MET B 157 70.19 -11.12 -48.37
C MET B 157 71.49 -10.31 -48.38
N VAL B 158 72.63 -10.99 -48.26
CA VAL B 158 73.94 -10.33 -48.12
C VAL B 158 74.86 -10.67 -49.30
N GLU B 159 74.37 -11.45 -50.29
CA GLU B 159 75.22 -11.92 -51.39
C GLU B 159 75.90 -10.74 -52.08
N LYS B 160 75.13 -9.68 -52.37
CA LYS B 160 75.69 -8.53 -53.06
C LYS B 160 76.70 -7.84 -52.15
N ASP B 161 76.42 -7.80 -50.85
CA ASP B 161 77.27 -7.11 -49.90
C ASP B 161 78.62 -7.81 -49.80
N ILE B 162 78.62 -9.16 -49.86
CA ILE B 162 79.89 -9.88 -49.79
C ILE B 162 80.66 -9.68 -51.09
N ALA B 163 79.94 -9.67 -52.22
CA ALA B 163 80.55 -9.52 -53.54
C ALA B 163 81.33 -8.21 -53.61
N GLU B 164 80.71 -7.11 -53.14
CA GLU B 164 81.33 -5.79 -53.25
C GLU B 164 82.01 -5.40 -51.94
N GLY B 165 82.35 -6.39 -51.10
CA GLY B 165 83.16 -6.19 -49.90
C GLY B 165 82.58 -5.13 -48.94
N ARG B 166 81.25 -5.14 -48.75
CA ARG B 166 80.65 -4.41 -47.65
C ARG B 166 80.57 -5.30 -46.40
N LEU B 167 80.45 -6.62 -46.60
CA LEU B 167 80.55 -7.57 -45.50
C LEU B 167 81.47 -8.72 -45.89
N ARG B 168 82.04 -9.38 -44.88
CA ARG B 168 83.07 -10.38 -45.10
C ARG B 168 82.80 -11.56 -44.16
N VAL B 169 82.88 -12.76 -44.75
CA VAL B 169 82.61 -13.98 -44.00
C VAL B 169 83.75 -14.20 -43.03
N VAL B 170 83.41 -14.34 -41.74
CA VAL B 170 84.46 -14.38 -40.72
C VAL B 170 85.19 -15.70 -40.79
N SER B 171 84.44 -16.78 -40.91
CA SER B 171 84.99 -18.14 -40.94
C SER B 171 84.01 -19.07 -41.64
N PRO B 172 84.44 -19.79 -42.70
CA PRO B 172 83.54 -20.68 -43.43
C PRO B 172 83.05 -21.86 -42.60
N GLU B 173 83.81 -22.27 -41.58
CA GLU B 173 83.45 -23.42 -40.76
C GLU B 173 82.08 -23.19 -40.10
N SER B 174 81.80 -21.95 -39.70
CA SER B 174 80.55 -21.59 -39.04
C SER B 174 79.34 -21.63 -39.97
N THR B 175 79.56 -21.56 -41.29
CA THR B 175 78.45 -21.65 -42.25
C THR B 175 77.58 -22.87 -41.98
N SER B 176 76.26 -22.68 -41.96
CA SER B 176 75.31 -23.75 -41.70
C SER B 176 74.17 -23.69 -42.71
N GLU B 177 73.60 -24.85 -43.00
CA GLU B 177 72.48 -24.96 -43.93
C GLU B 177 71.22 -25.24 -43.13
N ILE B 178 70.12 -24.57 -43.54
CA ILE B 178 68.85 -24.66 -42.82
C ILE B 178 67.78 -24.98 -43.84
N ASP B 179 66.89 -25.92 -43.50
CA ASP B 179 65.75 -26.24 -44.32
C ASP B 179 64.61 -25.24 -44.05
N ILE B 180 64.13 -24.62 -45.13
CA ILE B 180 62.94 -23.80 -45.04
C ILE B 180 61.75 -24.67 -45.42
N ILE B 181 60.79 -24.77 -44.47
CA ILE B 181 59.70 -25.73 -44.59
C ILE B 181 58.38 -24.97 -44.58
N MET B 182 57.38 -25.57 -45.25
CA MET B 182 56.01 -25.07 -45.21
C MET B 182 55.19 -25.99 -44.32
N ALA B 183 54.52 -25.42 -43.31
CA ALA B 183 53.70 -26.17 -42.38
C ALA B 183 52.29 -25.60 -42.32
N TRP B 184 51.33 -26.45 -41.94
CA TRP B 184 49.92 -26.11 -41.88
C TRP B 184 49.16 -27.13 -41.05
N ARG B 185 47.89 -26.82 -40.76
CA ARG B 185 47.06 -27.61 -39.88
C ARG B 185 45.99 -28.34 -40.70
N ARG B 186 45.66 -29.54 -40.19
CA ARG B 186 44.75 -30.42 -40.92
C ARG B 186 43.28 -30.08 -40.63
N ASP B 187 42.99 -29.45 -39.48
CA ASP B 187 41.61 -29.32 -39.00
C ASP B 187 40.77 -28.39 -39.89
N SER B 188 41.42 -27.62 -40.77
CA SER B 188 40.70 -26.61 -41.53
C SER B 188 41.24 -26.60 -42.95
N MET B 189 40.30 -26.59 -43.90
CA MET B 189 40.67 -26.56 -45.30
C MET B 189 39.61 -25.72 -46.02
N GLY B 190 40.02 -25.12 -47.13
CA GLY B 190 39.12 -24.46 -48.05
C GLY B 190 39.84 -24.18 -49.36
N GLU B 191 39.09 -23.56 -50.29
CA GLU B 191 39.52 -23.30 -51.64
C GLU B 191 40.87 -22.59 -51.66
N ALA B 192 40.93 -21.42 -50.99
CA ALA B 192 42.10 -20.55 -51.05
C ALA B 192 43.27 -21.25 -50.36
N LYS B 193 43.00 -21.82 -49.16
CA LYS B 193 44.07 -22.48 -48.42
C LYS B 193 44.70 -23.60 -49.25
N SER B 194 43.84 -24.48 -49.82
CA SER B 194 44.32 -25.61 -50.59
C SER B 194 45.11 -25.14 -51.80
N TRP B 195 44.58 -24.13 -52.49
CA TRP B 195 45.21 -23.61 -53.71
C TRP B 195 46.63 -23.14 -53.40
N CYS B 196 46.80 -22.37 -52.31
CA CYS B 196 48.10 -21.88 -51.93
C CYS B 196 49.05 -23.04 -51.62
N LEU B 197 48.52 -24.06 -50.89
CA LEU B 197 49.37 -25.14 -50.46
C LEU B 197 50.01 -25.85 -51.65
N ARG B 198 49.38 -25.79 -52.83
CA ARG B 198 49.92 -26.47 -53.99
C ARG B 198 50.77 -25.50 -54.82
N GLU B 199 50.49 -24.19 -54.69
CA GLU B 199 51.12 -23.20 -55.55
C GLU B 199 52.45 -22.73 -54.99
N ILE B 200 52.54 -22.62 -53.66
CA ILE B 200 53.74 -22.07 -53.03
C ILE B 200 54.97 -22.92 -53.34
N PRO B 201 54.95 -24.27 -53.26
CA PRO B 201 56.09 -25.08 -53.63
C PRO B 201 56.60 -24.85 -55.05
N LYS B 202 55.71 -24.51 -55.98
CA LYS B 202 56.10 -24.23 -57.36
C LYS B 202 57.02 -23.01 -57.42
N LEU B 203 56.88 -22.08 -56.46
CA LEU B 203 57.70 -20.86 -56.42
C LEU B 203 59.16 -21.21 -56.16
N PHE B 204 59.44 -22.36 -55.52
CA PHE B 204 60.80 -22.72 -55.15
C PHE B 204 61.18 -24.08 -55.71
N ASN B 205 60.65 -24.42 -56.90
CA ASN B 205 61.06 -25.66 -57.55
C ASN B 205 62.51 -25.53 -58.06
N THR C 6 20.32 17.89 -39.56
CA THR C 6 19.33 17.65 -38.43
C THR C 6 19.77 16.50 -37.52
N HIS C 7 21.05 16.14 -37.56
CA HIS C 7 21.53 14.91 -36.95
C HIS C 7 22.73 15.18 -36.04
N LEU C 8 22.59 14.80 -34.76
CA LEU C 8 23.72 14.76 -33.84
C LEU C 8 24.00 13.31 -33.46
N THR C 9 25.29 12.96 -33.40
CA THR C 9 25.72 11.65 -32.93
C THR C 9 26.56 11.83 -31.67
N ILE C 10 26.16 11.18 -30.57
CA ILE C 10 26.99 11.09 -29.37
C ILE C 10 27.45 9.64 -29.24
N VAL C 11 28.74 9.47 -28.94
CA VAL C 11 29.32 8.16 -28.74
C VAL C 11 29.57 8.00 -27.24
N THR C 12 28.93 6.96 -26.67
CA THR C 12 29.20 6.56 -25.31
C THR C 12 29.93 5.22 -25.36
N GLU C 13 31.21 5.23 -24.98
CA GLU C 13 32.00 4.01 -24.94
C GLU C 13 31.31 3.00 -24.02
N ALA C 14 31.64 1.71 -24.23
CA ALA C 14 30.94 0.62 -23.59
C ALA C 14 30.88 0.78 -22.07
N LEU C 15 31.97 1.28 -21.46
CA LEU C 15 32.06 1.47 -20.02
C LEU C 15 31.05 2.52 -19.52
N VAL C 16 30.53 3.35 -20.44
CA VAL C 16 29.69 4.47 -20.04
C VAL C 16 28.22 4.10 -20.25
N PRO C 17 27.36 4.22 -19.22
CA PRO C 17 25.95 3.90 -19.36
C PRO C 17 25.26 4.87 -20.30
N THR C 18 24.74 4.34 -21.40
CA THR C 18 24.03 5.13 -22.39
C THR C 18 22.81 5.81 -21.78
N PRO C 19 21.95 5.13 -20.98
CA PRO C 19 20.74 5.77 -20.46
C PRO C 19 20.96 7.00 -19.59
N ALA C 20 22.21 7.25 -19.15
CA ALA C 20 22.52 8.45 -18.41
C ALA C 20 22.28 9.71 -19.23
N PHE C 21 22.28 9.58 -20.57
CA PHE C 21 22.15 10.70 -21.48
C PHE C 21 20.72 10.89 -21.97
N PHE C 22 19.76 10.22 -21.32
CA PHE C 22 18.40 10.21 -21.84
C PHE C 22 17.73 11.56 -21.60
N PRO C 23 17.95 12.22 -20.44
CA PRO C 23 17.34 13.52 -20.20
C PRO C 23 17.47 14.53 -21.32
N LEU C 24 18.55 14.42 -22.12
CA LEU C 24 18.80 15.37 -23.21
C LEU C 24 17.71 15.31 -24.29
N ILE C 25 17.13 14.11 -24.53
CA ILE C 25 16.43 13.84 -25.78
C ILE C 25 15.25 14.81 -25.99
N ASP C 26 14.33 14.91 -25.01
CA ASP C 26 13.21 15.82 -25.16
C ASP C 26 13.65 17.26 -25.20
N LYS C 27 14.64 17.63 -24.38
CA LYS C 27 15.19 18.99 -24.41
C LYS C 27 15.77 19.30 -25.78
N LEU C 28 16.51 18.34 -26.35
CA LEU C 28 17.18 18.55 -27.63
C LEU C 28 16.16 18.68 -28.75
N ALA C 29 15.02 18.00 -28.64
CA ALA C 29 14.01 18.03 -29.70
C ALA C 29 13.30 19.38 -29.72
N ALA C 30 13.10 19.99 -28.54
CA ALA C 30 12.48 21.30 -28.44
C ALA C 30 13.49 22.41 -28.74
N LYS C 31 14.76 22.14 -28.48
CA LYS C 31 15.84 23.12 -28.70
C LYS C 31 16.14 23.27 -30.20
N ALA C 32 16.18 22.15 -30.92
CA ALA C 32 16.49 22.10 -32.33
C ALA C 32 15.79 20.88 -32.92
N ASN C 33 15.66 20.85 -34.26
CA ASN C 33 15.05 19.73 -34.98
C ASN C 33 16.04 18.56 -35.10
N THR C 34 17.01 18.49 -34.17
CA THR C 34 18.09 17.53 -34.28
C THR C 34 17.62 16.16 -33.83
N GLN C 35 17.79 15.16 -34.69
CA GLN C 35 17.51 13.77 -34.37
C GLN C 35 18.79 13.14 -33.82
N LEU C 36 18.67 12.62 -32.58
CA LEU C 36 19.81 12.17 -31.83
C LEU C 36 20.12 10.70 -32.16
N ALA C 37 21.41 10.36 -32.08
CA ALA C 37 21.91 9.01 -32.04
C ALA C 37 22.91 8.91 -30.88
N ILE C 38 22.63 8.04 -29.92
CA ILE C 38 23.60 7.69 -28.89
C ILE C 38 24.16 6.31 -29.19
N ILE C 39 25.40 6.29 -29.69
CA ILE C 39 26.02 5.12 -30.27
C ILE C 39 27.04 4.58 -29.28
N THR C 40 27.10 3.24 -29.18
CA THR C 40 28.05 2.59 -28.30
C THR C 40 29.21 2.09 -29.15
N GLU C 41 30.44 2.37 -28.69
CA GLU C 41 31.65 1.85 -29.31
C GLU C 41 32.53 1.32 -28.16
N VAL C 42 33.58 0.59 -28.53
CA VAL C 42 34.45 -0.04 -27.55
C VAL C 42 35.87 0.48 -27.75
N LEU C 43 36.47 0.98 -26.65
CA LEU C 43 37.87 1.38 -26.59
C LEU C 43 38.22 2.31 -27.76
N ALA C 44 39.13 1.87 -28.64
CA ALA C 44 39.62 2.66 -29.75
C ALA C 44 38.51 3.08 -30.72
N GLY C 45 37.48 2.26 -30.81
CA GLY C 45 36.41 2.48 -31.78
C GLY C 45 35.76 3.85 -31.58
N ALA C 46 35.64 4.28 -30.31
CA ALA C 46 35.02 5.56 -29.98
C ALA C 46 35.81 6.70 -30.59
N TRP C 47 37.16 6.63 -30.46
CA TRP C 47 38.02 7.71 -30.94
C TRP C 47 38.16 7.67 -32.46
N GLU C 48 38.15 6.46 -33.03
CA GLU C 48 38.16 6.29 -34.49
C GLU C 48 36.97 7.04 -35.07
N ARG C 49 35.81 6.95 -34.41
CA ARG C 49 34.60 7.60 -34.90
C ARG C 49 34.78 9.10 -34.93
N LEU C 50 35.45 9.65 -33.89
CA LEU C 50 35.64 11.09 -33.81
C LEU C 50 36.60 11.55 -34.91
N GLU C 51 37.69 10.80 -35.13
CA GLU C 51 38.67 11.13 -36.16
C GLU C 51 38.02 11.17 -37.53
N GLN C 52 37.22 10.12 -37.84
CA GLN C 52 36.63 9.97 -39.16
C GLN C 52 35.38 10.81 -39.33
N GLY C 53 35.14 11.74 -38.41
CA GLY C 53 34.07 12.73 -38.56
C GLY C 53 32.69 12.10 -38.57
N ARG C 54 32.52 10.97 -37.88
CA ARG C 54 31.21 10.30 -37.83
C ARG C 54 30.59 10.43 -36.44
N ALA C 55 31.17 11.27 -35.58
CA ALA C 55 30.72 11.40 -34.20
C ALA C 55 31.02 12.81 -33.71
N ASP C 56 29.99 13.52 -33.25
CA ASP C 56 30.11 14.90 -32.83
C ASP C 56 30.75 15.00 -31.45
N ILE C 57 30.36 14.12 -30.53
CA ILE C 57 30.88 14.15 -29.15
C ILE C 57 31.16 12.73 -28.70
N VAL C 58 32.26 12.54 -27.95
CA VAL C 58 32.66 11.24 -27.45
C VAL C 58 32.73 11.25 -25.92
N ILE C 59 32.08 10.27 -25.28
CA ILE C 59 32.17 10.05 -23.85
C ILE C 59 32.84 8.70 -23.62
N ALA C 60 34.10 8.74 -23.16
CA ALA C 60 34.96 7.56 -23.19
C ALA C 60 36.04 7.70 -22.14
N PRO C 61 36.73 6.61 -21.76
CA PRO C 61 37.82 6.66 -20.80
C PRO C 61 39.26 6.88 -21.22
N ASP C 62 39.49 7.45 -22.42
CA ASP C 62 40.86 7.65 -22.92
C ASP C 62 41.17 9.15 -23.01
N MET C 63 42.17 9.61 -22.26
CA MET C 63 42.48 11.03 -22.16
C MET C 63 42.85 11.71 -23.48
N HIS C 64 43.47 10.94 -24.38
CA HIS C 64 43.80 11.41 -25.73
C HIS C 64 45.17 12.06 -25.72
N PHE C 65 45.86 12.00 -26.86
CA PHE C 65 47.23 12.45 -27.01
C PHE C 65 47.38 13.25 -28.31
N ARG C 66 46.28 13.89 -28.76
CA ARG C 66 46.32 14.98 -29.74
C ARG C 66 47.01 14.53 -31.03
N SER C 67 46.50 13.45 -31.60
CA SER C 67 46.94 12.92 -32.89
C SER C 67 46.48 13.83 -34.03
N SER C 68 45.24 13.65 -34.50
CA SER C 68 44.70 14.52 -35.52
C SER C 68 44.61 15.96 -35.02
N SER C 69 45.00 16.26 -33.77
CA SER C 69 44.95 17.62 -33.24
C SER C 69 43.47 18.08 -33.18
N GLU C 70 43.27 19.28 -32.63
CA GLU C 70 42.01 19.99 -32.67
C GLU C 70 40.95 19.32 -31.79
N ILE C 71 41.41 18.55 -30.79
CA ILE C 71 40.54 17.83 -29.87
C ILE C 71 40.58 18.52 -28.53
N ASN C 72 39.40 18.97 -28.06
CA ASN C 72 39.26 19.43 -26.69
C ASN C 72 38.59 18.35 -25.85
N SER C 73 39.02 18.25 -24.59
CA SER C 73 38.48 17.27 -23.65
C SER C 73 38.20 17.93 -22.31
N ARG C 74 37.21 17.38 -21.60
CA ARG C 74 36.84 17.84 -20.27
C ARG C 74 36.43 16.65 -19.42
N LYS C 75 36.91 16.58 -18.17
CA LYS C 75 36.68 15.43 -17.33
C LYS C 75 35.28 15.48 -16.72
N LEU C 76 34.57 14.32 -16.76
CA LEU C 76 33.22 14.23 -16.25
C LEU C 76 33.15 13.58 -14.86
N TYR C 77 33.77 12.40 -14.70
CA TYR C 77 33.73 11.71 -13.42
C TYR C 77 34.78 10.61 -13.37
N THR C 78 34.99 10.03 -12.18
CA THR C 78 35.89 8.91 -12.02
C THR C 78 35.09 7.62 -11.90
N LEU C 79 35.52 6.60 -12.64
CA LEU C 79 34.87 5.30 -12.67
C LEU C 79 35.80 4.27 -12.04
N MET C 80 35.21 3.38 -11.23
CA MET C 80 35.97 2.36 -10.53
C MET C 80 35.73 1.02 -11.23
N ASN C 81 36.83 0.35 -11.59
CA ASN C 81 36.79 -0.94 -12.26
C ASN C 81 37.25 -2.01 -11.27
N VAL C 82 36.48 -3.11 -11.19
CA VAL C 82 36.73 -4.15 -10.20
C VAL C 82 36.85 -5.49 -10.91
N TYR C 83 37.87 -6.26 -10.54
CA TYR C 83 38.04 -7.62 -11.00
C TYR C 83 37.06 -8.51 -10.24
N VAL C 84 36.16 -9.16 -10.97
CA VAL C 84 35.04 -9.87 -10.38
C VAL C 84 34.92 -11.27 -10.96
N ALA C 85 34.12 -12.10 -10.31
CA ALA C 85 33.83 -13.47 -10.72
C ALA C 85 32.69 -14.00 -9.84
N ALA C 86 32.06 -15.09 -10.29
CA ALA C 86 30.97 -15.68 -9.54
C ALA C 86 31.50 -16.16 -8.19
N PRO C 87 30.64 -16.14 -7.14
CA PRO C 87 31.10 -16.45 -5.78
C PRO C 87 31.79 -17.81 -5.63
N ASP C 88 31.39 -18.82 -6.43
CA ASP C 88 31.94 -20.17 -6.33
C ASP C 88 32.98 -20.43 -7.43
N HIS C 89 33.51 -19.37 -8.04
CA HIS C 89 34.60 -19.54 -8.99
C HIS C 89 35.88 -19.88 -8.23
N PRO C 90 36.70 -20.82 -8.74
CA PRO C 90 37.94 -21.20 -8.03
C PRO C 90 38.94 -20.08 -7.74
N ILE C 91 38.84 -18.96 -8.47
CA ILE C 91 39.79 -17.85 -8.28
C ILE C 91 39.75 -17.31 -6.85
N HIS C 92 38.58 -17.40 -6.20
CA HIS C 92 38.38 -16.86 -4.86
C HIS C 92 39.17 -17.62 -3.81
N GLN C 93 39.38 -18.93 -4.01
CA GLN C 93 40.15 -19.73 -3.06
C GLN C 93 41.66 -19.60 -3.30
N GLU C 94 42.05 -18.93 -4.39
CA GLU C 94 43.45 -18.78 -4.75
C GLU C 94 44.14 -17.75 -3.88
N PRO C 95 45.36 -18.04 -3.37
CA PRO C 95 46.07 -17.08 -2.52
C PRO C 95 46.53 -15.83 -3.27
N GLU C 96 47.13 -15.98 -4.45
CA GLU C 96 47.64 -14.91 -5.28
C GLU C 96 46.94 -14.95 -6.64
N PRO C 97 45.68 -14.44 -6.70
CA PRO C 97 44.92 -14.48 -7.96
C PRO C 97 45.62 -13.80 -9.12
N LEU C 98 46.38 -12.73 -8.85
CA LEU C 98 47.00 -11.94 -9.92
C LEU C 98 48.30 -12.54 -10.43
N SER C 99 48.83 -13.55 -9.73
CA SER C 99 50.05 -14.22 -10.17
C SER C 99 49.83 -14.84 -11.54
N GLU C 100 50.77 -14.61 -12.46
CA GLU C 100 50.71 -15.05 -13.83
C GLU C 100 50.47 -16.56 -13.90
N VAL C 101 51.05 -17.30 -12.95
CA VAL C 101 50.89 -18.74 -12.88
C VAL C 101 49.41 -19.09 -12.65
N THR C 102 48.73 -18.28 -11.82
CA THR C 102 47.33 -18.55 -11.51
C THR C 102 46.39 -18.11 -12.65
N ARG C 103 46.63 -16.89 -13.21
CA ARG C 103 45.68 -16.31 -14.13
C ARG C 103 45.52 -17.16 -15.39
N VAL C 104 46.61 -17.82 -15.83
CA VAL C 104 46.55 -18.66 -17.03
C VAL C 104 45.57 -19.82 -16.83
N LYS C 105 45.38 -20.26 -15.58
CA LYS C 105 44.51 -21.39 -15.31
C LYS C 105 43.05 -21.08 -15.70
N TYR C 106 42.64 -19.81 -15.51
CA TYR C 106 41.24 -19.43 -15.58
C TYR C 106 40.96 -18.57 -16.80
N ARG C 107 39.69 -18.57 -17.22
CA ARG C 107 39.32 -18.01 -18.50
C ARG C 107 39.09 -16.51 -18.36
N GLY C 108 39.79 -15.71 -19.20
CA GLY C 108 39.51 -14.29 -19.26
C GLY C 108 38.25 -14.01 -20.09
N ILE C 109 37.59 -12.87 -19.82
CA ILE C 109 36.48 -12.42 -20.63
C ILE C 109 36.78 -11.00 -21.09
N ALA C 110 36.72 -10.78 -22.40
CA ALA C 110 37.13 -9.53 -23.01
C ALA C 110 36.03 -9.02 -23.93
N VAL C 111 36.04 -7.68 -24.14
CA VAL C 111 35.08 -7.07 -25.04
C VAL C 111 35.82 -6.61 -26.28
N ALA C 112 35.37 -7.06 -27.45
CA ALA C 112 36.01 -6.78 -28.72
C ALA C 112 36.02 -5.27 -28.94
N ASP C 113 37.20 -4.73 -29.29
CA ASP C 113 37.32 -3.37 -29.80
C ASP C 113 36.54 -3.21 -31.09
N THR C 114 35.60 -2.24 -31.17
CA THR C 114 34.75 -2.04 -32.32
C THR C 114 33.80 -3.24 -32.63
N ALA C 115 33.75 -4.19 -31.67
CA ALA C 115 32.89 -5.35 -31.77
C ALA C 115 33.21 -6.31 -32.92
N ARG C 116 34.39 -6.92 -32.84
CA ARG C 116 34.86 -7.97 -33.75
C ARG C 116 35.95 -8.75 -33.00
N GLU C 117 36.16 -10.04 -33.32
CA GLU C 117 37.20 -10.82 -32.65
C GLU C 117 38.61 -10.32 -32.94
N ARG C 118 38.77 -9.22 -33.73
CA ARG C 118 40.09 -8.73 -34.07
C ARG C 118 40.94 -8.42 -32.81
N PRO C 119 40.53 -7.45 -31.95
CA PRO C 119 41.30 -7.13 -30.76
C PRO C 119 40.77 -7.86 -29.52
N VAL C 120 41.63 -8.66 -28.87
CA VAL C 120 41.26 -9.31 -27.62
C VAL C 120 42.24 -8.99 -26.48
N LEU C 121 42.05 -7.79 -25.92
CA LEU C 121 42.93 -7.23 -24.90
C LEU C 121 42.13 -6.26 -24.04
N THR C 122 41.29 -6.81 -23.14
CA THR C 122 40.55 -5.99 -22.19
C THR C 122 41.52 -5.31 -21.23
N VAL C 123 42.47 -6.12 -20.73
CA VAL C 123 43.48 -5.72 -19.75
C VAL C 123 44.82 -6.27 -20.25
N GLN C 124 45.89 -6.02 -19.50
CA GLN C 124 47.18 -6.69 -19.64
C GLN C 124 47.05 -8.21 -19.47
N LEU C 125 46.53 -8.82 -20.55
CA LEU C 125 46.10 -10.23 -20.54
C LEU C 125 47.10 -11.05 -21.35
N LEU C 126 47.89 -11.92 -20.67
CA LEU C 126 48.88 -12.78 -21.29
C LEU C 126 48.25 -13.89 -22.14
N ASP C 127 49.12 -14.67 -22.80
CA ASP C 127 48.73 -15.65 -23.80
C ASP C 127 48.71 -17.06 -23.20
N LYS C 128 48.38 -18.04 -24.06
CA LYS C 128 48.07 -19.43 -23.74
C LYS C 128 47.00 -19.53 -22.66
N GLN C 129 46.05 -18.59 -22.61
CA GLN C 129 45.08 -18.57 -21.52
C GLN C 129 43.67 -18.59 -22.10
N PRO C 130 42.75 -19.40 -21.53
CA PRO C 130 41.40 -19.47 -22.07
C PRO C 130 40.77 -18.07 -22.13
N ARG C 131 40.04 -17.80 -23.21
CA ARG C 131 39.44 -16.49 -23.42
C ARG C 131 38.06 -16.64 -24.02
N LEU C 132 37.12 -15.79 -23.58
CA LEU C 132 35.87 -15.58 -24.29
C LEU C 132 35.83 -14.10 -24.67
N THR C 133 35.47 -13.84 -25.93
CA THR C 133 35.32 -12.49 -26.43
C THR C 133 33.84 -12.25 -26.76
N VAL C 134 33.33 -11.11 -26.30
CA VAL C 134 31.95 -10.70 -26.58
C VAL C 134 31.98 -9.24 -27.03
N SER C 135 30.89 -8.77 -27.64
CA SER C 135 30.85 -7.43 -28.21
C SER C 135 30.32 -6.40 -27.23
N THR C 136 29.51 -6.83 -26.24
CA THR C 136 28.81 -5.90 -25.37
C THR C 136 29.12 -6.21 -23.91
N ILE C 137 29.02 -5.18 -23.07
CA ILE C 137 29.33 -5.32 -21.65
C ILE C 137 28.25 -6.15 -20.96
N GLU C 138 27.02 -6.13 -21.48
CA GLU C 138 25.96 -6.97 -20.96
C GLU C 138 26.29 -8.45 -21.11
N ASP C 139 26.73 -8.83 -22.31
CA ASP C 139 27.11 -10.23 -22.57
C ASP C 139 28.26 -10.63 -21.64
N LYS C 140 29.18 -9.69 -21.40
CA LYS C 140 30.28 -9.95 -20.49
C LYS C 140 29.75 -10.15 -19.08
N ARG C 141 28.75 -9.37 -18.67
CA ARG C 141 28.16 -9.47 -17.34
C ARG C 141 27.54 -10.85 -17.17
N GLN C 142 26.71 -11.27 -18.14
CA GLN C 142 26.02 -12.55 -18.07
C GLN C 142 27.03 -13.70 -18.02
N ALA C 143 28.09 -13.64 -18.86
CA ALA C 143 29.15 -14.64 -18.82
C ALA C 143 29.77 -14.72 -17.42
N LEU C 144 29.98 -13.57 -16.78
CA LEU C 144 30.53 -13.55 -15.43
C LEU C 144 29.52 -14.13 -14.44
N LEU C 145 28.23 -13.78 -14.60
CA LEU C 145 27.18 -14.27 -13.71
C LEU C 145 27.09 -15.79 -13.81
N ALA C 146 27.26 -16.34 -15.01
CA ALA C 146 27.20 -17.78 -15.24
C ALA C 146 28.50 -18.47 -14.81
N GLY C 147 29.42 -17.74 -14.18
CA GLY C 147 30.64 -18.32 -13.65
C GLY C 147 31.57 -18.86 -14.75
N LEU C 148 31.59 -18.20 -15.91
CA LEU C 148 32.31 -18.71 -17.07
C LEU C 148 33.73 -18.17 -17.17
N GLY C 149 34.12 -17.23 -16.30
CA GLY C 149 35.47 -16.69 -16.33
C GLY C 149 35.61 -15.51 -15.37
N VAL C 150 36.70 -14.74 -15.52
CA VAL C 150 37.09 -13.68 -14.61
C VAL C 150 37.46 -12.45 -15.44
N ALA C 151 37.00 -11.27 -15.03
CA ALA C 151 37.20 -10.07 -15.82
C ALA C 151 36.91 -8.82 -14.99
N THR C 152 37.38 -7.68 -15.48
CA THR C 152 37.10 -6.38 -14.91
C THR C 152 35.67 -5.96 -15.28
N MET C 153 35.07 -5.12 -14.42
CA MET C 153 33.77 -4.56 -14.66
C MET C 153 33.69 -3.19 -14.00
N PRO C 154 32.99 -2.21 -14.62
CA PRO C 154 32.70 -0.96 -13.94
C PRO C 154 31.81 -1.20 -12.73
N TYR C 155 32.23 -0.68 -11.57
CA TYR C 155 31.61 -1.00 -10.30
C TYR C 155 30.11 -0.69 -10.31
N PRO C 156 29.64 0.48 -10.81
CA PRO C 156 28.21 0.77 -10.75
C PRO C 156 27.30 -0.30 -11.34
N MET C 157 27.76 -0.94 -12.42
CA MET C 157 26.93 -1.93 -13.10
C MET C 157 26.83 -3.23 -12.30
N VAL C 158 27.80 -3.50 -11.41
CA VAL C 158 27.83 -4.76 -10.67
C VAL C 158 27.69 -4.55 -9.17
N GLU C 159 27.49 -3.30 -8.73
CA GLU C 159 27.33 -2.98 -7.31
C GLU C 159 26.20 -3.81 -6.72
N LYS C 160 25.06 -3.84 -7.41
CA LYS C 160 23.89 -4.62 -6.97
C LYS C 160 24.24 -6.10 -6.94
N ASP C 161 25.00 -6.57 -7.92
CA ASP C 161 25.34 -7.98 -8.03
C ASP C 161 26.21 -8.41 -6.85
N ILE C 162 27.13 -7.53 -6.42
CA ILE C 162 27.99 -7.86 -5.29
C ILE C 162 27.17 -7.84 -4.00
N ALA C 163 26.23 -6.88 -3.90
CA ALA C 163 25.38 -6.71 -2.73
C ALA C 163 24.59 -7.99 -2.47
N GLU C 164 23.99 -8.56 -3.53
CA GLU C 164 23.14 -9.74 -3.39
C GLU C 164 23.91 -11.03 -3.69
N GLY C 165 25.26 -10.96 -3.63
CA GLY C 165 26.12 -12.12 -3.72
C GLY C 165 25.94 -12.92 -5.01
N ARG C 166 25.68 -12.24 -6.16
CA ARG C 166 25.75 -12.94 -7.42
C ARG C 166 27.14 -12.84 -8.02
N LEU C 167 27.92 -11.79 -7.66
CA LEU C 167 29.32 -11.69 -8.01
C LEU C 167 30.13 -11.29 -6.78
N ARG C 168 31.45 -11.52 -6.83
CA ARG C 168 32.34 -11.30 -5.73
C ARG C 168 33.65 -10.73 -6.26
N VAL C 169 34.17 -9.69 -5.60
CA VAL C 169 35.41 -9.04 -6.03
C VAL C 169 36.55 -9.99 -5.71
N VAL C 170 37.36 -10.31 -6.72
CA VAL C 170 38.37 -11.34 -6.59
C VAL C 170 39.51 -10.82 -5.73
N SER C 171 39.96 -9.59 -6.02
CA SER C 171 41.05 -9.00 -5.25
C SER C 171 40.97 -7.48 -5.32
N PRO C 172 40.85 -6.78 -4.18
CA PRO C 172 40.75 -5.32 -4.19
C PRO C 172 42.00 -4.61 -4.68
N GLU C 173 43.17 -5.26 -4.55
CA GLU C 173 44.42 -4.61 -4.95
C GLU C 173 44.39 -4.22 -6.43
N SER C 174 43.78 -5.09 -7.25
CA SER C 174 43.67 -4.91 -8.68
C SER C 174 42.73 -3.76 -9.09
N THR C 175 41.80 -3.37 -8.19
CA THR C 175 40.86 -2.31 -8.49
C THR C 175 41.59 -1.05 -8.96
N SER C 176 41.10 -0.45 -10.05
CA SER C 176 41.73 0.73 -10.64
C SER C 176 40.67 1.78 -10.98
N GLU C 177 41.08 3.06 -10.94
CA GLU C 177 40.20 4.18 -11.22
C GLU C 177 40.51 4.74 -12.59
N ILE C 178 39.45 5.11 -13.33
CA ILE C 178 39.58 5.59 -14.70
C ILE C 178 38.77 6.89 -14.79
N ASP C 179 39.33 7.88 -15.48
CA ASP C 179 38.65 9.13 -15.75
C ASP C 179 37.79 8.97 -16.99
N ILE C 180 36.50 9.29 -16.86
CA ILE C 180 35.60 9.35 -18.00
C ILE C 180 35.58 10.80 -18.47
N ILE C 181 35.94 11.00 -19.75
CA ILE C 181 36.12 12.34 -20.30
C ILE C 181 35.16 12.55 -21.46
N MET C 182 34.83 13.82 -21.69
CA MET C 182 34.08 14.23 -22.87
C MET C 182 35.05 14.92 -23.83
N ALA C 183 35.11 14.44 -25.08
CA ALA C 183 35.99 15.01 -26.08
C ALA C 183 35.20 15.35 -27.34
N TRP C 184 35.73 16.30 -28.11
CA TRP C 184 35.10 16.81 -29.33
C TRP C 184 36.13 17.55 -30.17
N ARG C 185 35.74 17.92 -31.40
CA ARG C 185 36.64 18.58 -32.34
C ARG C 185 36.21 20.03 -32.51
N ARG C 186 37.19 20.92 -32.69
CA ARG C 186 36.91 22.35 -32.68
C ARG C 186 36.47 22.86 -34.05
N ASP C 187 36.79 22.13 -35.14
CA ASP C 187 36.56 22.55 -36.49
C ASP C 187 35.10 22.80 -36.85
N SER C 188 34.16 22.30 -36.03
CA SER C 188 32.73 22.53 -36.24
C SER C 188 32.12 22.75 -34.86
N MET C 189 31.25 23.76 -34.77
CA MET C 189 30.57 24.03 -33.52
C MET C 189 29.16 24.48 -33.83
N GLY C 190 28.22 23.53 -33.99
CA GLY C 190 26.85 23.90 -34.30
C GLY C 190 26.03 24.12 -33.03
N GLU C 191 24.81 24.61 -33.22
CA GLU C 191 23.90 24.90 -32.12
C GLU C 191 23.73 23.69 -31.20
N ALA C 192 23.31 22.57 -31.78
CA ALA C 192 22.99 21.35 -31.05
C ALA C 192 24.26 20.81 -30.38
N LYS C 193 25.34 20.74 -31.14
CA LYS C 193 26.59 20.20 -30.61
C LYS C 193 27.06 21.03 -29.41
N SER C 194 27.09 22.37 -29.56
CA SER C 194 27.53 23.25 -28.48
C SER C 194 26.62 23.12 -27.26
N TRP C 195 25.32 23.06 -27.49
CA TRP C 195 24.34 22.96 -26.42
C TRP C 195 24.62 21.71 -25.58
N CYS C 196 24.83 20.57 -26.24
CA CYS C 196 25.12 19.32 -25.55
C CYS C 196 26.43 19.45 -24.76
N LEU C 197 27.44 20.09 -25.35
CA LEU C 197 28.74 20.18 -24.71
C LEU C 197 28.63 20.88 -23.36
N ARG C 198 27.62 21.73 -23.17
CA ARG C 198 27.46 22.43 -21.90
C ARG C 198 26.50 21.69 -20.99
N GLU C 199 25.63 20.86 -21.58
CA GLU C 199 24.57 20.17 -20.84
C GLU C 199 25.06 18.86 -20.25
N ILE C 200 25.93 18.16 -20.96
CA ILE C 200 26.39 16.85 -20.53
C ILE C 200 27.11 16.92 -19.18
N PRO C 201 28.02 17.86 -18.92
CA PRO C 201 28.62 17.99 -17.59
C PRO C 201 27.63 18.16 -16.45
N LYS C 202 26.49 18.81 -16.71
CA LYS C 202 25.47 18.98 -15.68
C LYS C 202 24.92 17.63 -15.23
N LEU C 203 24.95 16.63 -16.12
CA LEU C 203 24.45 15.30 -15.78
C LEU C 203 25.30 14.65 -14.70
N PHE C 204 26.58 15.03 -14.59
CA PHE C 204 27.51 14.36 -13.69
C PHE C 204 28.16 15.37 -12.75
N ASN C 205 27.38 16.34 -12.25
CA ASN C 205 27.99 17.36 -11.37
C ASN C 205 28.26 16.75 -9.99
N GLY C 206 29.55 16.69 -9.58
CA GLY C 206 29.98 16.08 -8.34
C GLY C 206 30.23 14.56 -8.36
N LYS C 207 30.23 13.97 -9.57
CA LYS C 207 30.42 12.53 -9.70
C LYS C 207 31.90 12.18 -9.89
N MET D 4 48.26 -25.58 -28.65
CA MET D 4 47.66 -26.11 -29.94
C MET D 4 46.15 -25.78 -30.04
N GLU D 5 45.82 -24.48 -30.14
CA GLU D 5 44.44 -24.02 -30.02
C GLU D 5 43.84 -23.65 -31.38
N THR D 6 42.56 -23.27 -31.38
CA THR D 6 41.75 -22.95 -32.53
C THR D 6 40.77 -21.85 -32.19
N HIS D 7 40.36 -21.06 -33.20
CA HIS D 7 39.49 -19.92 -32.97
C HIS D 7 38.28 -19.97 -33.88
N LEU D 8 37.10 -20.05 -33.27
CA LEU D 8 35.84 -19.99 -33.99
C LEU D 8 35.10 -18.72 -33.60
N THR D 9 34.54 -18.04 -34.61
CA THR D 9 33.81 -16.80 -34.38
C THR D 9 32.36 -16.98 -34.82
N ILE D 10 31.44 -16.77 -33.88
CA ILE D 10 30.01 -16.91 -34.13
C ILE D 10 29.38 -15.55 -33.97
N VAL D 11 28.53 -15.17 -34.94
CA VAL D 11 27.83 -13.91 -34.93
C VAL D 11 26.39 -14.18 -34.56
N THR D 12 25.95 -13.55 -33.45
CA THR D 12 24.55 -13.55 -33.07
C THR D 12 24.00 -12.15 -33.27
N GLU D 13 23.11 -11.99 -34.25
CA GLU D 13 22.45 -10.73 -34.51
C GLU D 13 21.77 -10.23 -33.24
N ALA D 14 21.54 -8.92 -33.18
CA ALA D 14 21.07 -8.24 -31.98
C ALA D 14 19.80 -8.88 -31.44
N LEU D 15 18.90 -9.29 -32.33
CA LEU D 15 17.63 -9.92 -31.97
C LEU D 15 17.84 -11.27 -31.28
N VAL D 16 19.03 -11.85 -31.41
CA VAL D 16 19.28 -13.19 -30.90
C VAL D 16 20.01 -13.09 -29.57
N PRO D 17 19.51 -13.71 -28.49
CA PRO D 17 20.17 -13.62 -27.19
C PRO D 17 21.49 -14.37 -27.23
N THR D 18 22.59 -13.65 -27.00
CA THR D 18 23.91 -14.23 -26.96
C THR D 18 24.01 -15.31 -25.88
N PRO D 19 23.53 -15.11 -24.63
CA PRO D 19 23.69 -16.12 -23.59
C PRO D 19 23.06 -17.49 -23.88
N ALA D 20 22.20 -17.58 -24.88
CA ALA D 20 21.63 -18.86 -25.31
C ALA D 20 22.72 -19.81 -25.80
N PHE D 21 23.87 -19.29 -26.21
CA PHE D 21 24.96 -20.08 -26.77
C PHE D 21 26.02 -20.43 -25.72
N PHE D 22 25.70 -20.22 -24.44
CA PHE D 22 26.70 -20.38 -23.39
C PHE D 22 26.99 -21.85 -23.16
N PRO D 23 25.98 -22.74 -23.18
CA PRO D 23 26.23 -24.17 -22.98
C PRO D 23 27.36 -24.75 -23.81
N LEU D 24 27.62 -24.17 -25.00
CA LEU D 24 28.65 -24.68 -25.89
C LEU D 24 30.04 -24.56 -25.30
N ILE D 25 30.29 -23.50 -24.50
CA ILE D 25 31.65 -23.05 -24.21
C ILE D 25 32.48 -24.13 -23.52
N ASP D 26 31.98 -24.69 -22.44
CA ASP D 26 32.67 -25.73 -21.68
C ASP D 26 32.80 -27.00 -22.56
N LYS D 27 31.74 -27.36 -23.29
CA LYS D 27 31.76 -28.51 -24.18
C LYS D 27 32.84 -28.31 -25.25
N LEU D 28 32.90 -27.09 -25.81
CA LEU D 28 33.82 -26.82 -26.90
C LEU D 28 35.26 -26.87 -26.41
N ALA D 29 35.49 -26.50 -25.14
CA ALA D 29 36.85 -26.44 -24.63
C ALA D 29 37.38 -27.84 -24.36
N ALA D 30 36.49 -28.78 -23.97
CA ALA D 30 36.89 -30.17 -23.76
C ALA D 30 36.96 -30.92 -25.09
N LYS D 31 36.15 -30.50 -26.06
CA LYS D 31 36.08 -31.20 -27.33
C LYS D 31 37.29 -30.88 -28.21
N ALA D 32 37.73 -29.60 -28.19
CA ALA D 32 38.90 -29.13 -28.92
C ALA D 32 39.49 -27.96 -28.15
N ASN D 33 40.69 -27.50 -28.53
CA ASN D 33 41.30 -26.34 -27.88
C ASN D 33 40.72 -25.04 -28.44
N THR D 34 39.45 -25.09 -28.88
CA THR D 34 38.86 -23.98 -29.62
C THR D 34 38.46 -22.87 -28.64
N GLN D 35 38.95 -21.66 -28.94
CA GLN D 35 38.55 -20.46 -28.22
C GLN D 35 37.37 -19.84 -28.96
N LEU D 36 36.25 -19.69 -28.28
CA LEU D 36 35.04 -19.19 -28.91
C LEU D 36 34.96 -17.68 -28.83
N ALA D 37 34.35 -17.06 -29.84
CA ALA D 37 34.07 -15.64 -29.84
C ALA D 37 32.64 -15.41 -30.35
N ILE D 38 31.77 -14.89 -29.47
CA ILE D 38 30.38 -14.68 -29.83
C ILE D 38 30.15 -13.18 -29.99
N ILE D 39 30.05 -12.75 -31.25
CA ILE D 39 30.02 -11.34 -31.62
C ILE D 39 28.60 -10.94 -31.97
N THR D 40 28.23 -9.73 -31.58
CA THR D 40 26.90 -9.19 -31.91
C THR D 40 27.03 -8.26 -33.11
N GLU D 41 26.12 -8.41 -34.07
CA GLU D 41 25.94 -7.49 -35.17
C GLU D 41 24.48 -7.15 -35.33
N VAL D 42 24.18 -6.14 -36.16
CA VAL D 42 22.82 -5.67 -36.32
C VAL D 42 22.42 -5.80 -37.78
N LEU D 43 21.27 -6.44 -38.03
CA LEU D 43 20.64 -6.58 -39.34
C LEU D 43 21.65 -7.03 -40.39
N ALA D 44 21.90 -6.19 -41.40
CA ALA D 44 22.76 -6.53 -42.52
C ALA D 44 24.21 -6.78 -42.08
N GLY D 45 24.63 -6.18 -40.95
CA GLY D 45 25.99 -6.32 -40.50
C GLY D 45 26.38 -7.78 -40.29
N ALA D 46 25.43 -8.59 -39.82
CA ALA D 46 25.70 -10.01 -39.56
C ALA D 46 26.06 -10.72 -40.86
N TRP D 47 25.29 -10.44 -41.94
CA TRP D 47 25.53 -11.12 -43.21
C TRP D 47 26.77 -10.57 -43.92
N GLU D 48 27.03 -9.27 -43.76
CA GLU D 48 28.25 -8.68 -44.28
C GLU D 48 29.46 -9.42 -43.70
N ARG D 49 29.41 -9.77 -42.43
CA ARG D 49 30.53 -10.43 -41.77
C ARG D 49 30.76 -11.80 -42.41
N LEU D 50 29.66 -12.51 -42.77
CA LEU D 50 29.79 -13.83 -43.35
C LEU D 50 30.38 -13.72 -44.77
N GLU D 51 29.91 -12.73 -45.55
CA GLU D 51 30.40 -12.53 -46.91
C GLU D 51 31.89 -12.24 -46.90
N GLN D 52 32.32 -11.34 -46.00
CA GLN D 52 33.70 -10.86 -45.95
C GLN D 52 34.60 -11.86 -45.23
N GLY D 53 34.11 -13.06 -44.96
CA GLY D 53 34.94 -14.14 -44.42
C GLY D 53 35.47 -13.85 -43.03
N ARG D 54 34.75 -13.01 -42.25
CA ARG D 54 35.21 -12.66 -40.92
C ARG D 54 34.35 -13.32 -39.83
N ALA D 55 33.49 -14.27 -40.23
CA ALA D 55 32.58 -14.92 -39.30
C ALA D 55 32.30 -16.32 -39.80
N ASP D 56 32.53 -17.34 -38.95
CA ASP D 56 32.38 -18.73 -39.34
C ASP D 56 30.91 -19.13 -39.38
N ILE D 57 30.12 -18.68 -38.40
CA ILE D 57 28.70 -19.02 -38.30
C ILE D 57 27.91 -17.77 -37.97
N VAL D 58 26.74 -17.62 -38.63
CA VAL D 58 25.86 -16.50 -38.41
C VAL D 58 24.51 -16.97 -37.90
N ILE D 59 24.04 -16.37 -36.80
CA ILE D 59 22.67 -16.58 -36.31
C ILE D 59 21.94 -15.25 -36.42
N ALA D 60 21.01 -15.16 -37.37
CA ALA D 60 20.42 -13.90 -37.75
C ALA D 60 19.05 -14.12 -38.36
N PRO D 61 18.18 -13.09 -38.44
CA PRO D 61 16.90 -13.24 -39.15
C PRO D 61 17.11 -13.44 -40.66
N ASP D 62 16.09 -13.89 -41.37
CA ASP D 62 16.12 -13.95 -42.83
C ASP D 62 16.15 -12.54 -43.42
N MET D 63 17.24 -12.16 -44.09
CA MET D 63 17.35 -10.85 -44.71
C MET D 63 17.22 -10.90 -46.26
N HIS D 64 16.71 -12.06 -46.71
CA HIS D 64 16.42 -12.34 -48.11
C HIS D 64 17.59 -12.08 -49.07
N PHE D 65 18.81 -12.38 -48.63
CA PHE D 65 19.97 -12.47 -49.53
C PHE D 65 19.71 -13.44 -50.69
N ARG D 66 19.01 -14.53 -50.37
CA ARG D 66 18.33 -15.39 -51.36
C ARG D 66 19.22 -15.86 -52.52
N SER D 67 20.19 -16.70 -52.18
CA SER D 67 21.14 -17.28 -53.13
C SER D 67 22.07 -18.24 -52.39
N SER D 68 22.34 -19.41 -52.97
CA SER D 68 23.27 -20.33 -52.33
C SER D 68 24.57 -19.57 -52.05
N SER D 69 25.20 -19.06 -53.09
CA SER D 69 26.35 -18.16 -53.02
C SER D 69 27.41 -18.63 -51.97
N GLU D 70 27.60 -19.96 -52.02
CA GLU D 70 28.40 -20.70 -51.04
C GLU D 70 27.84 -20.60 -49.61
N ILE D 71 26.68 -19.94 -49.47
CA ILE D 71 26.05 -19.69 -48.19
C ILE D 71 24.86 -20.63 -48.05
N ASN D 72 24.99 -21.58 -47.09
CA ASN D 72 23.93 -22.50 -46.77
C ASN D 72 23.28 -22.07 -45.46
N SER D 73 21.95 -22.25 -45.35
CA SER D 73 21.18 -21.80 -44.22
C SER D 73 20.24 -22.90 -43.72
N ARG D 74 19.92 -22.87 -42.41
CA ARG D 74 19.05 -23.84 -41.77
C ARG D 74 18.25 -23.12 -40.68
N LYS D 75 16.95 -23.42 -40.57
CA LYS D 75 16.09 -22.64 -39.71
C LYS D 75 16.17 -23.18 -38.28
N LEU D 76 16.30 -22.27 -37.29
CA LEU D 76 16.47 -22.63 -35.90
C LEU D 76 15.18 -22.51 -35.10
N TYR D 77 14.50 -21.36 -35.19
CA TYR D 77 13.27 -21.15 -34.46
C TYR D 77 12.52 -19.95 -35.03
N THR D 78 11.28 -19.77 -34.58
CA THR D 78 10.50 -18.59 -34.94
C THR D 78 10.48 -17.64 -33.74
N LEU D 79 10.72 -16.35 -34.02
CA LEU D 79 10.78 -15.33 -32.99
C LEU D 79 9.63 -14.37 -33.21
N MET D 80 9.01 -13.95 -32.10
CA MET D 80 7.88 -13.04 -32.13
C MET D 80 8.36 -11.65 -31.73
N ASN D 81 8.03 -10.68 -32.60
CA ASN D 81 8.37 -9.29 -32.39
C ASN D 81 7.09 -8.54 -32.08
N VAL D 82 7.13 -7.71 -31.01
CA VAL D 82 5.95 -7.03 -30.51
C VAL D 82 6.24 -5.53 -30.47
N TYR D 83 5.28 -4.76 -30.96
CA TYR D 83 5.32 -3.30 -30.89
C TYR D 83 4.93 -2.90 -29.47
N VAL D 84 5.86 -2.23 -28.78
CA VAL D 84 5.71 -1.97 -27.36
C VAL D 84 6.00 -0.51 -27.06
N ALA D 85 5.60 -0.09 -25.86
CA ALA D 85 5.80 1.25 -25.34
C ALA D 85 5.47 1.23 -23.85
N ALA D 86 5.93 2.26 -23.12
CA ALA D 86 5.67 2.34 -21.70
C ALA D 86 4.16 2.47 -21.51
N PRO D 87 3.61 1.95 -20.38
CA PRO D 87 2.17 1.92 -20.16
C PRO D 87 1.49 3.28 -20.27
N ASP D 88 2.18 4.37 -19.89
CA ASP D 88 1.61 5.71 -19.88
C ASP D 88 2.07 6.52 -21.10
N HIS D 89 2.57 5.84 -22.15
CA HIS D 89 2.85 6.52 -23.40
C HIS D 89 1.54 6.87 -24.10
N PRO D 90 1.43 8.10 -24.68
CA PRO D 90 0.19 8.52 -25.36
C PRO D 90 -0.33 7.58 -26.44
N ILE D 91 0.55 6.75 -27.04
CA ILE D 91 0.17 5.91 -28.16
C ILE D 91 -0.95 4.94 -27.77
N HIS D 92 -1.00 4.54 -26.48
CA HIS D 92 -1.96 3.57 -26.02
C HIS D 92 -3.40 4.11 -26.06
N GLN D 93 -3.59 5.42 -25.87
CA GLN D 93 -4.91 6.01 -25.92
C GLN D 93 -5.35 6.30 -27.36
N GLU D 94 -4.41 6.19 -28.32
CA GLU D 94 -4.62 6.71 -29.66
C GLU D 94 -5.46 5.75 -30.48
N PRO D 95 -6.45 6.25 -31.26
CA PRO D 95 -7.12 5.40 -32.27
C PRO D 95 -6.16 4.97 -33.40
N GLU D 96 -6.28 3.75 -33.91
CA GLU D 96 -5.38 3.17 -34.91
C GLU D 96 -3.98 3.69 -34.65
N PRO D 97 -3.24 3.10 -33.67
CA PRO D 97 -1.83 3.47 -33.47
C PRO D 97 -0.97 3.26 -34.71
N LEU D 98 -1.30 2.26 -35.55
CA LEU D 98 -0.50 1.90 -36.69
C LEU D 98 -0.76 2.80 -37.90
N SER D 99 -1.77 3.67 -37.85
CA SER D 99 -1.98 4.66 -38.90
C SER D 99 -0.73 5.54 -39.06
N GLU D 100 -0.29 5.69 -40.31
CA GLU D 100 0.95 6.39 -40.64
C GLU D 100 0.87 7.82 -40.13
N VAL D 101 -0.34 8.41 -40.15
CA VAL D 101 -0.52 9.78 -39.68
C VAL D 101 -0.22 9.85 -38.18
N THR D 102 -0.56 8.79 -37.43
CA THR D 102 -0.28 8.76 -36.01
C THR D 102 1.20 8.47 -35.70
N ARG D 103 1.77 7.47 -36.38
CA ARG D 103 3.12 7.02 -36.07
C ARG D 103 4.17 8.14 -36.18
N VAL D 104 4.00 9.03 -37.16
CA VAL D 104 4.93 10.13 -37.37
C VAL D 104 4.95 11.06 -36.17
N LYS D 105 3.83 11.14 -35.43
CA LYS D 105 3.75 12.03 -34.28
C LYS D 105 4.77 11.63 -33.19
N TYR D 106 4.99 10.33 -33.04
CA TYR D 106 5.73 9.78 -31.90
C TYR D 106 7.09 9.24 -32.32
N ARG D 107 8.00 9.17 -31.36
CA ARG D 107 9.41 8.96 -31.67
C ARG D 107 9.68 7.47 -31.79
N GLY D 108 10.27 7.05 -32.90
CA GLY D 108 10.76 5.69 -33.06
C GLY D 108 12.08 5.50 -32.31
N ILE D 109 12.36 4.24 -31.97
CA ILE D 109 13.63 3.85 -31.39
C ILE D 109 14.19 2.73 -32.27
N ALA D 110 15.42 2.95 -32.75
CA ALA D 110 16.03 2.09 -33.75
C ALA D 110 17.41 1.68 -33.26
N VAL D 111 17.85 0.53 -33.75
CA VAL D 111 19.21 0.06 -33.51
C VAL D 111 20.00 0.19 -34.81
N ALA D 112 21.14 0.88 -34.74
CA ALA D 112 21.95 1.19 -35.91
C ALA D 112 22.37 -0.07 -36.64
N ASP D 113 22.09 -0.17 -37.96
CA ASP D 113 22.55 -1.30 -38.76
C ASP D 113 24.08 -1.25 -38.82
N THR D 114 24.75 -2.35 -38.46
CA THR D 114 26.20 -2.34 -38.28
C THR D 114 26.88 -2.58 -39.61
N ALA D 115 26.18 -2.46 -40.75
CA ALA D 115 26.77 -2.78 -42.04
C ALA D 115 27.67 -1.62 -42.48
N ARG D 116 28.98 -1.88 -42.69
CA ARG D 116 29.91 -0.87 -43.16
C ARG D 116 29.51 -0.36 -44.55
N GLU D 117 28.93 -1.23 -45.40
CA GLU D 117 28.35 -0.86 -46.67
C GLU D 117 27.24 0.19 -46.50
N ARG D 118 26.89 0.82 -47.60
CA ARG D 118 25.80 1.79 -47.70
C ARG D 118 24.44 1.35 -47.16
N PRO D 119 23.92 0.12 -47.41
CA PRO D 119 22.59 -0.25 -46.97
C PRO D 119 22.42 -0.48 -45.46
N VAL D 120 21.71 0.46 -44.83
CA VAL D 120 21.50 0.51 -43.39
C VAL D 120 20.02 0.69 -43.14
N LEU D 121 19.39 1.68 -43.78
CA LEU D 121 17.98 2.00 -43.67
C LEU D 121 17.15 1.07 -44.58
N THR D 122 17.43 -0.22 -44.47
CA THR D 122 16.91 -1.23 -45.40
C THR D 122 15.38 -1.27 -45.33
N VAL D 123 14.87 -1.29 -44.10
CA VAL D 123 13.43 -1.36 -43.83
C VAL D 123 12.79 0.03 -43.94
N GLN D 124 13.61 1.07 -43.89
CA GLN D 124 13.23 2.46 -44.02
C GLN D 124 12.60 2.97 -42.74
N LEU D 125 12.03 2.12 -41.87
CA LEU D 125 11.72 2.50 -40.49
C LEU D 125 10.93 3.81 -40.33
N LEU D 126 10.03 4.01 -41.30
CA LEU D 126 9.26 5.22 -41.52
C LEU D 126 10.13 6.40 -42.00
N ASP D 127 9.45 7.38 -42.61
CA ASP D 127 10.10 8.63 -43.01
C ASP D 127 9.69 9.75 -42.06
N LYS D 128 10.51 10.82 -42.04
CA LYS D 128 10.15 12.15 -41.54
C LYS D 128 9.66 12.12 -40.09
N GLN D 129 10.15 11.19 -39.27
CA GLN D 129 9.56 10.90 -37.97
C GLN D 129 10.65 10.94 -36.91
N PRO D 130 10.39 11.53 -35.73
CA PRO D 130 11.38 11.59 -34.66
C PRO D 130 11.98 10.22 -34.36
N ARG D 131 13.31 10.18 -34.16
CA ARG D 131 14.01 8.92 -33.99
C ARG D 131 15.09 9.07 -32.92
N LEU D 132 15.27 8.02 -32.12
CA LEU D 132 16.45 7.85 -31.30
C LEU D 132 17.14 6.57 -31.74
N THR D 133 18.45 6.65 -31.98
CA THR D 133 19.22 5.53 -32.48
C THR D 133 20.22 5.10 -31.41
N VAL D 134 20.32 3.80 -31.18
CA VAL D 134 21.24 3.21 -30.22
C VAL D 134 21.91 2.01 -30.90
N SER D 135 23.01 1.53 -30.29
CA SER D 135 23.79 0.46 -30.86
C SER D 135 23.35 -0.91 -30.36
N THR D 136 22.71 -0.99 -29.19
CA THR D 136 22.45 -2.28 -28.56
C THR D 136 20.96 -2.40 -28.21
N ILE D 137 20.48 -3.65 -28.11
CA ILE D 137 19.08 -3.89 -27.84
C ILE D 137 18.75 -3.54 -26.40
N GLU D 138 19.74 -3.65 -25.50
CA GLU D 138 19.56 -3.25 -24.10
C GLU D 138 19.26 -1.75 -24.01
N ASP D 139 20.05 -0.92 -24.72
CA ASP D 139 19.82 0.52 -24.72
C ASP D 139 18.44 0.84 -25.30
N LYS D 140 18.03 0.07 -26.31
CA LYS D 140 16.70 0.25 -26.89
C LYS D 140 15.64 -0.09 -25.84
N ARG D 141 15.87 -1.15 -25.06
CA ARG D 141 14.93 -1.57 -24.02
C ARG D 141 14.77 -0.47 -22.98
N GLN D 142 15.89 0.05 -22.49
CA GLN D 142 15.87 1.09 -21.45
C GLN D 142 15.19 2.35 -21.97
N ALA D 143 15.49 2.76 -23.22
CA ALA D 143 14.81 3.89 -23.84
C ALA D 143 13.30 3.69 -23.85
N LEU D 144 12.86 2.45 -24.15
CA LEU D 144 11.44 2.14 -24.16
C LEU D 144 10.88 2.17 -22.74
N LEU D 145 11.64 1.62 -21.78
CA LEU D 145 11.22 1.58 -20.38
C LEU D 145 11.03 3.00 -19.85
N ALA D 146 11.93 3.93 -20.27
CA ALA D 146 11.87 5.32 -19.84
C ALA D 146 10.81 6.10 -20.62
N GLY D 147 9.98 5.42 -21.42
CA GLY D 147 8.86 6.05 -22.10
C GLY D 147 9.30 7.07 -23.14
N LEU D 148 10.44 6.82 -23.82
CA LEU D 148 11.01 7.81 -24.72
C LEU D 148 10.53 7.67 -26.17
N GLY D 149 9.76 6.61 -26.46
CA GLY D 149 9.36 6.32 -27.81
C GLY D 149 8.71 4.94 -27.94
N VAL D 150 8.55 4.49 -29.19
CA VAL D 150 7.78 3.30 -29.53
C VAL D 150 8.58 2.48 -30.53
N ALA D 151 8.64 1.17 -30.33
CA ALA D 151 9.49 0.33 -31.18
C ALA D 151 9.13 -1.13 -31.04
N THR D 152 9.59 -1.94 -31.99
CA THR D 152 9.43 -3.39 -31.95
C THR D 152 10.48 -3.96 -31.01
N MET D 153 10.16 -5.12 -30.41
CA MET D 153 11.08 -5.82 -29.53
C MET D 153 10.81 -7.31 -29.60
N PRO D 154 11.87 -8.16 -29.52
CA PRO D 154 11.67 -9.59 -29.44
C PRO D 154 10.95 -9.94 -28.13
N TYR D 155 9.86 -10.71 -28.25
CA TYR D 155 8.95 -10.95 -27.14
C TYR D 155 9.69 -11.54 -25.92
N PRO D 156 10.56 -12.56 -26.07
CA PRO D 156 11.22 -13.16 -24.92
C PRO D 156 11.91 -12.16 -23.99
N MET D 157 12.53 -11.12 -24.56
CA MET D 157 13.29 -10.18 -23.75
C MET D 157 12.36 -9.24 -22.96
N VAL D 158 11.10 -9.10 -23.38
CA VAL D 158 10.19 -8.13 -22.78
C VAL D 158 8.97 -8.84 -22.16
N GLU D 159 8.93 -10.20 -22.21
CA GLU D 159 7.80 -10.95 -21.68
C GLU D 159 7.60 -10.59 -20.20
N LYS D 160 8.70 -10.57 -19.43
CA LYS D 160 8.63 -10.24 -18.01
C LYS D 160 8.16 -8.79 -17.83
N ASP D 161 8.63 -7.91 -18.72
CA ASP D 161 8.31 -6.50 -18.59
C ASP D 161 6.82 -6.27 -18.83
N ILE D 162 6.20 -7.03 -19.75
CA ILE D 162 4.78 -6.87 -20.01
C ILE D 162 4.00 -7.44 -18.83
N ALA D 163 4.48 -8.57 -18.28
CA ALA D 163 3.83 -9.25 -17.17
C ALA D 163 3.70 -8.30 -15.98
N GLU D 164 4.80 -7.60 -15.64
CA GLU D 164 4.83 -6.74 -14.47
C GLU D 164 4.57 -5.28 -14.85
N GLY D 165 3.94 -5.06 -16.02
CA GLY D 165 3.46 -3.75 -16.43
C GLY D 165 4.54 -2.67 -16.46
N ARG D 166 5.74 -3.02 -16.93
CA ARG D 166 6.73 -1.99 -17.25
C ARG D 166 6.62 -1.58 -18.71
N LEU D 167 6.17 -2.51 -19.57
CA LEU D 167 5.85 -2.17 -20.97
C LEU D 167 4.49 -2.77 -21.34
N ARG D 168 3.89 -2.25 -22.41
CA ARG D 168 2.55 -2.63 -22.82
C ARG D 168 2.56 -2.74 -24.35
N VAL D 169 1.96 -3.81 -24.85
CA VAL D 169 1.87 -4.06 -26.27
C VAL D 169 0.89 -3.06 -26.86
N VAL D 170 1.33 -2.30 -27.86
CA VAL D 170 0.55 -1.18 -28.37
C VAL D 170 -0.64 -1.71 -29.14
N SER D 171 -0.42 -2.71 -29.99
CA SER D 171 -1.47 -3.30 -30.81
C SER D 171 -1.02 -4.69 -31.28
N PRO D 172 -1.79 -5.75 -31.02
CA PRO D 172 -1.39 -7.10 -31.43
C PRO D 172 -1.31 -7.30 -32.93
N GLU D 173 -2.07 -6.50 -33.72
CA GLU D 173 -2.04 -6.66 -35.17
C GLU D 173 -0.63 -6.47 -35.72
N SER D 174 0.14 -5.56 -35.14
CA SER D 174 1.51 -5.28 -35.56
C SER D 174 2.48 -6.42 -35.26
N THR D 175 2.15 -7.30 -34.30
CA THR D 175 2.99 -8.45 -33.99
C THR D 175 3.32 -9.24 -35.26
N SER D 176 4.60 -9.58 -35.44
CA SER D 176 5.08 -10.30 -36.60
C SER D 176 6.01 -11.43 -36.15
N GLU D 177 6.10 -12.47 -36.98
CA GLU D 177 7.00 -13.58 -36.74
C GLU D 177 8.20 -13.47 -37.67
N ILE D 178 9.38 -13.79 -37.11
CA ILE D 178 10.63 -13.75 -37.86
C ILE D 178 11.29 -15.11 -37.67
N ASP D 179 11.82 -15.65 -38.78
CA ASP D 179 12.57 -16.90 -38.72
C ASP D 179 14.02 -16.57 -38.40
N ILE D 180 14.55 -17.19 -37.32
CA ILE D 180 15.94 -17.06 -36.99
C ILE D 180 16.67 -18.24 -37.60
N ILE D 181 17.67 -17.94 -38.43
CA ILE D 181 18.32 -18.96 -39.27
C ILE D 181 19.80 -18.98 -38.93
N MET D 182 20.39 -20.16 -39.16
CA MET D 182 21.83 -20.34 -39.06
C MET D 182 22.38 -20.43 -40.47
N ALA D 183 23.38 -19.60 -40.78
CA ALA D 183 24.03 -19.61 -42.09
C ALA D 183 25.54 -19.78 -41.92
N TRP D 184 26.17 -20.26 -43.00
CA TRP D 184 27.58 -20.59 -43.03
C TRP D 184 28.04 -20.66 -44.49
N ARG D 185 29.36 -20.77 -44.67
CA ARG D 185 30.02 -20.87 -45.95
C ARG D 185 30.65 -22.27 -46.09
N ARG D 186 30.68 -22.81 -47.32
CA ARG D 186 30.73 -24.26 -47.47
C ARG D 186 32.16 -24.80 -47.48
N ASP D 187 33.11 -23.96 -47.92
CA ASP D 187 34.56 -24.25 -47.83
C ASP D 187 35.37 -23.07 -47.29
N SER D 188 35.04 -23.05 -46.03
CA SER D 188 35.95 -23.33 -44.94
C SER D 188 35.28 -24.36 -44.01
N MET D 189 36.06 -25.36 -43.61
CA MET D 189 35.50 -26.40 -42.78
C MET D 189 36.46 -26.82 -41.69
N GLY D 190 35.90 -27.18 -40.53
CA GLY D 190 36.73 -27.64 -39.44
C GLY D 190 35.91 -28.49 -38.49
N GLU D 191 36.65 -29.18 -37.60
CA GLU D 191 36.11 -29.92 -36.47
C GLU D 191 35.15 -29.03 -35.68
N ALA D 192 35.65 -27.87 -35.19
CA ALA D 192 34.90 -27.00 -34.31
C ALA D 192 33.68 -26.44 -35.03
N LYS D 193 33.89 -25.95 -36.26
CA LYS D 193 32.80 -25.36 -37.02
C LYS D 193 31.68 -26.39 -37.23
N SER D 194 32.05 -27.61 -37.69
CA SER D 194 31.07 -28.66 -37.95
C SER D 194 30.32 -29.01 -36.67
N TRP D 195 31.07 -29.15 -35.57
CA TRP D 195 30.49 -29.57 -34.29
C TRP D 195 29.42 -28.56 -33.88
N CYS D 196 29.73 -27.25 -33.97
CA CYS D 196 28.77 -26.22 -33.60
C CYS D 196 27.53 -26.31 -34.50
N LEU D 197 27.75 -26.54 -35.81
CA LEU D 197 26.62 -26.54 -36.71
C LEU D 197 25.56 -27.58 -36.33
N ARG D 198 26.00 -28.65 -35.65
CA ARG D 198 25.05 -29.69 -35.27
C ARG D 198 24.55 -29.47 -33.85
N GLU D 199 25.30 -28.71 -33.05
CA GLU D 199 24.96 -28.49 -31.65
C GLU D 199 24.00 -27.33 -31.46
N ILE D 200 24.12 -26.29 -32.30
CA ILE D 200 23.30 -25.10 -32.17
C ILE D 200 21.80 -25.40 -32.27
N PRO D 201 21.30 -26.22 -33.23
CA PRO D 201 19.87 -26.52 -33.26
C PRO D 201 19.36 -27.19 -31.97
N LYS D 202 20.21 -27.96 -31.30
CA LYS D 202 19.83 -28.61 -30.06
C LYS D 202 19.50 -27.57 -28.98
N LEU D 203 20.11 -26.39 -29.07
CA LEU D 203 19.88 -25.32 -28.09
C LEU D 203 18.43 -24.84 -28.16
N PHE D 204 17.78 -25.00 -29.31
CA PHE D 204 16.43 -24.45 -29.50
C PHE D 204 15.45 -25.55 -29.90
N ASN D 205 15.57 -26.72 -29.29
CA ASN D 205 14.54 -27.75 -29.27
C ASN D 205 14.41 -28.31 -27.84
N GLY D 206 15.48 -28.16 -27.02
CA GLY D 206 15.54 -28.77 -25.70
C GLY D 206 16.03 -27.79 -24.64
N THR E 6 45.77 -1.88 5.85
CA THR E 6 44.74 -2.92 6.31
C THR E 6 43.68 -2.26 7.20
N HIS E 7 44.10 -1.20 7.91
CA HIS E 7 43.22 -0.48 8.82
C HIS E 7 43.30 1.01 8.51
N LEU E 8 42.14 1.59 8.18
CA LEU E 8 42.02 3.05 8.01
C LEU E 8 41.08 3.59 9.06
N THR E 9 41.44 4.73 9.65
CA THR E 9 40.62 5.37 10.67
C THR E 9 40.20 6.75 10.17
N ILE E 10 38.89 7.01 10.14
CA ILE E 10 38.36 8.34 9.89
C ILE E 10 37.74 8.84 11.18
N VAL E 11 38.06 10.10 11.52
CA VAL E 11 37.51 10.72 12.71
C VAL E 11 36.47 11.74 12.27
N THR E 12 35.23 11.53 12.74
CA THR E 12 34.18 12.49 12.54
C THR E 12 33.86 13.12 13.89
N GLU E 13 34.20 14.41 14.06
CA GLU E 13 33.88 15.14 15.26
C GLU E 13 32.36 15.06 15.53
N ALA E 14 32.00 15.27 16.80
CA ALA E 14 30.64 15.04 17.26
C ALA E 14 29.62 15.80 16.41
N LEU E 15 29.95 17.02 15.99
CA LEU E 15 29.06 17.86 15.18
C LEU E 15 28.77 17.23 13.81
N VAL E 16 29.61 16.27 13.38
CA VAL E 16 29.51 15.72 12.05
C VAL E 16 28.78 14.38 12.11
N PRO E 17 27.70 14.18 11.33
CA PRO E 17 26.99 12.91 11.32
C PRO E 17 27.86 11.81 10.72
N THR E 18 28.16 10.80 11.54
CA THR E 18 28.94 9.64 11.12
C THR E 18 28.29 8.92 9.94
N PRO E 19 26.95 8.64 9.94
CA PRO E 19 26.37 7.85 8.86
C PRO E 19 26.48 8.48 7.47
N ALA E 20 26.84 9.77 7.37
CA ALA E 20 27.09 10.41 6.10
C ALA E 20 28.22 9.74 5.33
N PHE E 21 29.12 9.03 6.04
CA PHE E 21 30.30 8.43 5.45
C PHE E 21 30.08 6.94 5.14
N PHE E 22 28.82 6.49 5.18
CA PHE E 22 28.55 5.05 5.05
C PHE E 22 28.78 4.60 3.61
N PRO E 23 28.38 5.40 2.58
CA PRO E 23 28.61 5.01 1.20
C PRO E 23 30.01 4.50 0.88
N LEU E 24 31.01 4.98 1.62
CA LEU E 24 32.41 4.58 1.38
C LEU E 24 32.64 3.09 1.61
N ILE E 25 31.92 2.48 2.58
CA ILE E 25 32.33 1.23 3.17
C ILE E 25 32.44 0.10 2.15
N ASP E 26 31.38 -0.13 1.36
CA ASP E 26 31.42 -1.21 0.36
C ASP E 26 32.44 -0.88 -0.72
N LYS E 27 32.50 0.40 -1.15
CA LYS E 27 33.46 0.82 -2.15
C LYS E 27 34.88 0.61 -1.64
N LEU E 28 35.13 0.93 -0.37
CA LEU E 28 36.46 0.81 0.21
C LEU E 28 36.87 -0.64 0.35
N ALA E 29 35.91 -1.54 0.55
CA ALA E 29 36.23 -2.96 0.72
C ALA E 29 36.64 -3.58 -0.62
N ALA E 30 36.03 -3.11 -1.72
CA ALA E 30 36.40 -3.59 -3.05
C ALA E 30 37.67 -2.90 -3.55
N LYS E 31 37.90 -1.67 -3.10
CA LYS E 31 39.05 -0.89 -3.52
C LYS E 31 40.35 -1.41 -2.88
N ALA E 32 40.28 -1.75 -1.59
CA ALA E 32 41.40 -2.29 -0.84
C ALA E 32 40.85 -3.20 0.26
N ASN E 33 41.73 -4.02 0.86
CA ASN E 33 41.31 -4.92 1.94
C ASN E 33 41.24 -4.16 3.27
N THR E 34 41.08 -2.85 3.20
CA THR E 34 41.19 -2.02 4.40
C THR E 34 39.91 -2.08 5.20
N GLN E 35 40.03 -2.43 6.50
CA GLN E 35 38.92 -2.41 7.42
C GLN E 35 38.80 -1.04 8.07
N LEU E 36 37.62 -0.46 7.92
CA LEU E 36 37.36 0.92 8.25
C LEU E 36 36.97 1.05 9.73
N ALA E 37 37.34 2.20 10.31
CA ALA E 37 36.86 2.68 11.59
C ALA E 37 36.44 4.14 11.41
N ILE E 38 35.16 4.43 11.67
CA ILE E 38 34.69 5.80 11.74
C ILE E 38 34.45 6.17 13.20
N ILE E 39 35.38 6.95 13.75
CA ILE E 39 35.48 7.19 15.18
C ILE E 39 34.97 8.61 15.45
N THR E 40 34.25 8.76 16.55
CA THR E 40 33.73 10.04 16.98
C THR E 40 34.63 10.59 18.08
N GLU E 41 34.98 11.87 17.96
CA GLU E 41 35.71 12.60 18.99
C GLU E 41 35.01 13.93 19.17
N VAL E 42 35.37 14.65 20.23
CA VAL E 42 34.78 15.93 20.54
C VAL E 42 35.87 17.01 20.55
N LEU E 43 35.61 18.09 19.79
CA LEU E 43 36.45 19.28 19.79
C LEU E 43 37.93 18.94 19.60
N ALA E 44 38.77 19.25 20.60
CA ALA E 44 40.21 19.08 20.49
C ALA E 44 40.60 17.61 20.32
N GLY E 45 39.75 16.69 20.80
CA GLY E 45 40.07 15.27 20.72
C GLY E 45 40.32 14.82 19.29
N ALA E 46 39.57 15.38 18.34
CA ALA E 46 39.71 15.03 16.94
C ALA E 46 41.10 15.38 16.43
N TRP E 47 41.59 16.57 16.79
CA TRP E 47 42.89 17.03 16.32
C TRP E 47 44.03 16.34 17.05
N GLU E 48 43.82 16.03 18.34
CA GLU E 48 44.80 15.26 19.11
C GLU E 48 45.03 13.93 18.42
N ARG E 49 43.96 13.30 17.90
CA ARG E 49 44.10 12.01 17.25
C ARG E 49 44.97 12.14 16.01
N LEU E 50 44.81 13.25 15.26
CA LEU E 50 45.57 13.44 14.02
C LEU E 50 47.05 13.65 14.37
N GLU E 51 47.34 14.47 15.40
CA GLU E 51 48.71 14.75 15.80
C GLU E 51 49.41 13.45 16.21
N GLN E 52 48.73 12.64 17.02
CA GLN E 52 49.32 11.43 17.60
C GLN E 52 49.29 10.26 16.61
N GLY E 53 49.00 10.54 15.33
CA GLY E 53 49.12 9.56 14.27
C GLY E 53 48.15 8.39 14.44
N ARG E 54 47.01 8.62 15.12
CA ARG E 54 46.05 7.54 15.35
C ARG E 54 44.79 7.73 14.50
N ALA E 55 44.83 8.66 13.56
CA ALA E 55 43.68 8.98 12.72
C ALA E 55 44.20 9.47 11.37
N ASP E 56 43.78 8.80 10.29
CA ASP E 56 44.27 9.07 8.95
C ASP E 56 43.62 10.34 8.38
N ILE E 57 42.31 10.51 8.61
CA ILE E 57 41.59 11.68 8.12
C ILE E 57 40.65 12.19 9.20
N VAL E 58 40.57 13.53 9.31
CA VAL E 58 39.73 14.17 10.32
C VAL E 58 38.67 15.04 9.65
N ILE E 59 37.40 14.84 10.06
CA ILE E 59 36.30 15.69 9.64
C ILE E 59 35.77 16.41 10.87
N ALA E 60 36.05 17.72 10.95
CA ALA E 60 35.87 18.46 12.18
C ALA E 60 35.66 19.92 11.85
N PRO E 61 35.14 20.72 12.79
CA PRO E 61 35.05 22.18 12.57
C PRO E 61 36.42 22.85 12.44
N ASP E 62 36.40 24.01 11.78
CA ASP E 62 37.56 24.73 11.35
C ASP E 62 38.52 25.08 12.47
N MET E 63 39.80 25.06 12.10
CA MET E 63 40.91 25.24 13.05
C MET E 63 42.04 26.02 12.34
N HIS E 64 42.90 26.69 13.14
CA HIS E 64 44.17 27.20 12.69
C HIS E 64 45.28 26.31 13.21
N PHE E 65 46.14 25.73 12.35
CA PHE E 65 47.13 24.76 12.80
C PHE E 65 48.58 25.23 12.58
N ARG E 66 49.55 24.73 13.35
CA ARG E 66 50.91 24.46 12.85
C ARG E 66 51.73 23.57 13.76
N SER E 67 51.13 23.02 14.82
CA SER E 67 51.84 22.17 15.77
C SER E 67 52.34 20.87 15.15
N SER E 68 51.49 20.23 14.34
CA SER E 68 51.89 19.05 13.59
C SER E 68 52.46 19.40 12.22
N SER E 69 53.11 20.57 12.12
CA SER E 69 53.64 21.10 10.87
C SER E 69 52.51 21.32 9.87
N GLU E 70 52.58 20.71 8.69
CA GLU E 70 51.61 20.93 7.63
C GLU E 70 50.41 20.05 7.97
N ILE E 71 49.26 20.72 8.22
CA ILE E 71 47.95 20.04 8.21
C ILE E 71 47.25 20.43 6.90
N ASN E 72 47.11 19.52 5.98
CA ASN E 72 46.45 19.99 4.72
C ASN E 72 44.95 19.90 5.01
N SER E 73 44.20 20.93 4.58
CA SER E 73 42.77 20.96 4.89
C SER E 73 41.99 21.40 3.66
N ARG E 74 40.73 20.96 3.56
CA ARG E 74 39.83 21.31 2.47
C ARG E 74 38.43 21.46 3.04
N LYS E 75 37.72 22.51 2.60
CA LYS E 75 36.43 22.82 3.22
C LYS E 75 35.34 21.97 2.57
N LEU E 76 34.45 21.38 3.40
CA LEU E 76 33.42 20.48 2.91
C LEU E 76 32.05 21.17 2.83
N TYR E 77 31.61 21.81 3.92
CA TYR E 77 30.33 22.48 3.95
C TYR E 77 30.24 23.43 5.12
N THR E 78 29.18 24.25 5.14
CA THR E 78 28.93 25.16 6.25
C THR E 78 27.81 24.58 7.10
N LEU E 79 28.02 24.60 8.43
CA LEU E 79 27.04 24.09 9.39
C LEU E 79 26.52 25.26 10.21
N MET E 80 25.21 25.23 10.50
CA MET E 80 24.56 26.29 11.24
C MET E 80 24.28 25.78 12.66
N ASN E 81 24.75 26.53 13.66
CA ASN E 81 24.58 26.19 15.06
C ASN E 81 23.58 27.14 15.69
N VAL E 82 22.60 26.58 16.42
CA VAL E 82 21.49 27.35 16.93
C VAL E 82 21.38 27.12 18.44
N TYR E 83 21.21 28.21 19.19
CA TYR E 83 20.94 28.14 20.61
C TYR E 83 19.48 27.76 20.81
N VAL E 84 19.25 26.62 21.47
CA VAL E 84 17.92 26.03 21.55
C VAL E 84 17.60 25.67 23.00
N ALA E 85 16.32 25.38 23.24
CA ALA E 85 15.79 25.01 24.54
C ALA E 85 14.35 24.53 24.34
N ALA E 86 13.84 23.79 25.34
CA ALA E 86 12.49 23.28 25.26
C ALA E 86 11.52 24.45 25.22
N PRO E 87 10.36 24.30 24.52
CA PRO E 87 9.42 25.40 24.33
C PRO E 87 8.98 26.09 25.62
N ASP E 88 8.87 25.33 26.73
CA ASP E 88 8.38 25.88 27.99
C ASP E 88 9.54 26.17 28.96
N HIS E 89 10.76 26.29 28.44
CA HIS E 89 11.87 26.76 29.26
C HIS E 89 11.72 28.25 29.54
N PRO E 90 11.97 28.71 30.79
CA PRO E 90 11.81 30.13 31.10
C PRO E 90 12.60 31.13 30.25
N ILE E 91 13.67 30.65 29.60
CA ILE E 91 14.54 31.53 28.82
C ILE E 91 13.76 32.19 27.68
N HIS E 92 12.71 31.55 27.17
CA HIS E 92 11.94 32.06 26.05
C HIS E 92 11.15 33.32 26.40
N GLN E 93 10.71 33.44 27.66
CA GLN E 93 9.98 34.62 28.09
C GLN E 93 10.93 35.77 28.45
N GLU E 94 12.23 35.48 28.53
CA GLU E 94 13.20 36.39 29.14
C GLU E 94 13.57 37.46 28.14
N PRO E 95 13.67 38.76 28.58
CA PRO E 95 14.23 39.80 27.69
C PRO E 95 15.73 39.54 27.53
N GLU E 96 16.30 39.88 26.38
CA GLU E 96 17.71 39.66 26.07
C GLU E 96 18.17 38.38 26.74
N PRO E 97 17.86 37.20 26.17
CA PRO E 97 18.37 35.93 26.72
C PRO E 97 19.89 35.87 26.81
N LEU E 98 20.60 36.54 25.90
CA LEU E 98 22.05 36.48 25.82
C LEU E 98 22.75 37.39 26.85
N SER E 99 21.99 38.25 27.54
CA SER E 99 22.56 39.08 28.58
C SER E 99 23.21 38.21 29.67
N GLU E 100 24.46 38.54 30.02
CA GLU E 100 25.30 37.77 30.93
C GLU E 100 24.57 37.55 32.25
N VAL E 101 23.82 38.57 32.69
CA VAL E 101 23.07 38.49 33.93
C VAL E 101 22.00 37.39 33.83
N THR E 102 21.40 37.23 32.64
CA THR E 102 20.35 36.25 32.46
C THR E 102 20.93 34.83 32.30
N ARG E 103 21.99 34.68 31.47
CA ARG E 103 22.46 33.35 31.12
C ARG E 103 22.92 32.56 32.36
N VAL E 104 23.51 33.27 33.36
CA VAL E 104 24.00 32.61 34.56
C VAL E 104 22.84 31.96 35.32
N LYS E 105 21.62 32.49 35.18
CA LYS E 105 20.47 31.97 35.91
C LYS E 105 20.17 30.53 35.49
N TYR E 106 20.38 30.22 34.20
CA TYR E 106 19.91 28.98 33.61
C TYR E 106 21.06 28.05 33.27
N ARG E 107 20.76 26.75 33.17
CA ARG E 107 21.79 25.73 33.16
C ARG E 107 22.29 25.52 31.74
N GLY E 108 23.60 25.62 31.53
CA GLY E 108 24.23 25.25 30.28
C GLY E 108 24.34 23.72 30.16
N ILE E 109 24.42 23.25 28.92
CA ILE E 109 24.69 21.85 28.62
C ILE E 109 25.90 21.80 27.69
N ALA E 110 26.89 21.02 28.10
CA ALA E 110 28.15 20.96 27.40
C ALA E 110 28.48 19.49 27.08
N VAL E 111 29.30 19.32 26.03
CA VAL E 111 29.79 18.00 25.67
C VAL E 111 31.27 17.95 26.01
N ALA E 112 31.66 16.94 26.81
CA ALA E 112 33.02 16.79 27.30
C ALA E 112 33.98 16.65 26.10
N ASP E 113 35.04 17.45 26.12
CA ASP E 113 36.12 17.36 25.15
C ASP E 113 36.82 16.02 25.28
N THR E 114 36.95 15.28 24.18
CA THR E 114 37.45 13.91 24.20
C THR E 114 38.98 13.90 24.19
N ALA E 115 39.64 15.02 24.57
CA ALA E 115 41.06 15.05 24.85
C ALA E 115 41.49 14.10 26.00
N ARG E 116 40.65 13.08 26.22
CA ARG E 116 40.70 12.15 27.33
C ARG E 116 40.37 12.80 28.66
N GLU E 117 39.96 14.07 28.70
CA GLU E 117 39.61 14.83 29.88
C GLU E 117 38.09 15.04 29.79
N ARG E 118 37.31 14.30 30.60
CA ARG E 118 35.85 14.30 30.44
C ARG E 118 35.09 15.39 31.17
N PRO E 119 35.09 15.46 32.51
CA PRO E 119 34.44 16.56 33.23
C PRO E 119 35.30 17.84 33.19
N VAL E 120 35.14 18.52 32.06
CA VAL E 120 36.06 19.56 31.61
C VAL E 120 35.32 20.87 31.28
N LEU E 121 34.71 21.01 30.06
CA LEU E 121 34.57 22.33 29.44
C LEU E 121 33.13 22.82 29.50
N THR E 122 32.89 23.96 28.88
CA THR E 122 31.61 24.67 28.90
C THR E 122 31.25 25.18 27.51
N VAL E 123 31.64 24.46 26.46
CA VAL E 123 31.44 24.86 25.08
C VAL E 123 31.78 26.33 24.77
N GLN E 124 30.77 27.20 24.96
CA GLN E 124 30.93 28.62 24.74
C GLN E 124 31.67 29.30 25.88
N LEU E 125 32.15 28.53 26.88
CA LEU E 125 32.87 29.04 28.04
C LEU E 125 32.01 30.07 28.79
N LEU E 126 31.03 29.56 29.53
CA LEU E 126 30.03 30.38 30.21
C LEU E 126 30.54 30.71 31.61
N ASP E 127 31.77 30.23 31.96
CA ASP E 127 32.30 30.61 33.28
C ASP E 127 31.34 30.06 34.36
N LYS E 128 31.09 30.88 35.38
CA LYS E 128 30.21 30.65 36.51
C LYS E 128 28.77 30.41 36.07
N GLN E 129 28.19 29.23 36.25
CA GLN E 129 26.81 29.02 35.86
C GLN E 129 26.49 27.54 35.92
N PRO E 130 25.26 27.16 36.32
CA PRO E 130 24.87 25.75 36.34
C PRO E 130 25.18 25.04 35.02
N ARG E 131 25.70 23.82 35.11
CA ARG E 131 26.15 23.08 33.96
C ARG E 131 25.79 21.60 34.09
N LEU E 132 25.39 20.97 32.98
CA LEU E 132 25.36 19.53 32.85
C LEU E 132 26.33 19.14 31.73
N THR E 133 27.14 18.12 31.98
CA THR E 133 28.12 17.66 31.02
C THR E 133 27.76 16.24 30.58
N VAL E 134 27.77 16.02 29.25
CA VAL E 134 27.51 14.72 28.67
C VAL E 134 28.59 14.42 27.64
N SER E 135 28.70 13.14 27.23
CA SER E 135 29.79 12.73 26.36
C SER E 135 29.41 12.79 24.88
N THR E 136 28.11 12.69 24.58
CA THR E 136 27.65 12.55 23.20
C THR E 136 26.62 13.61 22.87
N ILE E 137 26.48 13.93 21.57
CA ILE E 137 25.55 14.96 21.14
C ILE E 137 24.11 14.46 21.29
N GLU E 138 23.90 13.15 21.21
CA GLU E 138 22.58 12.56 21.43
C GLU E 138 22.11 12.82 22.86
N ASP E 139 22.99 12.58 23.84
CA ASP E 139 22.66 12.82 25.24
C ASP E 139 22.36 14.30 25.44
N LYS E 140 23.09 15.18 24.76
CA LYS E 140 22.84 16.60 24.83
C LYS E 140 21.46 16.91 24.26
N ARG E 141 21.08 16.25 23.16
CA ARG E 141 19.77 16.45 22.55
C ARG E 141 18.66 16.06 23.53
N GLN E 142 18.78 14.88 24.12
CA GLN E 142 17.77 14.38 25.07
C GLN E 142 17.66 15.31 26.29
N ALA E 143 18.80 15.76 26.82
CA ALA E 143 18.81 16.74 27.91
C ALA E 143 18.04 17.99 27.52
N LEU E 144 18.21 18.45 26.28
CA LEU E 144 17.51 19.64 25.79
C LEU E 144 16.03 19.33 25.64
N LEU E 145 15.69 18.12 25.12
CA LEU E 145 14.31 17.72 24.94
C LEU E 145 13.59 17.67 26.29
N ALA E 146 14.30 17.20 27.33
CA ALA E 146 13.74 17.11 28.68
C ALA E 146 13.72 18.47 29.38
N GLY E 147 14.05 19.55 28.67
CA GLY E 147 13.97 20.89 29.23
C GLY E 147 14.94 21.14 30.37
N LEU E 148 16.13 20.52 30.30
CA LEU E 148 17.05 20.55 31.44
C LEU E 148 18.05 21.70 31.38
N GLY E 149 18.07 22.44 30.28
CA GLY E 149 19.01 23.55 30.13
C GLY E 149 18.96 24.15 28.73
N VAL E 150 20.00 24.92 28.39
CA VAL E 150 20.09 25.67 27.15
C VAL E 150 21.48 25.45 26.56
N ALA E 151 21.53 25.21 25.25
CA ALA E 151 22.81 24.94 24.60
C ALA E 151 22.69 25.09 23.09
N THR E 152 23.85 25.17 22.42
CA THR E 152 23.94 25.17 20.98
C THR E 152 23.73 23.76 20.45
N MET E 153 23.21 23.70 19.20
CA MET E 153 23.04 22.45 18.50
C MET E 153 23.21 22.70 17.01
N PRO E 154 23.78 21.73 16.26
CA PRO E 154 23.80 21.81 14.80
C PRO E 154 22.36 21.75 14.28
N TYR E 155 22.00 22.71 13.43
CA TYR E 155 20.63 22.90 13.00
C TYR E 155 20.03 21.65 12.36
N PRO E 156 20.73 20.95 11.44
CA PRO E 156 20.16 19.75 10.81
C PRO E 156 19.62 18.71 11.78
N MET E 157 20.27 18.52 12.92
CA MET E 157 19.87 17.50 13.86
C MET E 157 18.61 17.89 14.62
N VAL E 158 18.32 19.20 14.70
CA VAL E 158 17.17 19.68 15.48
C VAL E 158 16.12 20.36 14.59
N GLU E 159 16.33 20.40 13.27
CA GLU E 159 15.40 21.04 12.36
C GLU E 159 14.01 20.44 12.52
N LYS E 160 13.93 19.10 12.55
CA LYS E 160 12.67 18.40 12.73
C LYS E 160 12.09 18.72 14.11
N ASP E 161 12.94 18.82 15.12
CA ASP E 161 12.47 19.07 16.48
C ASP E 161 11.85 20.46 16.58
N ILE E 162 12.40 21.44 15.87
CA ILE E 162 11.83 22.79 15.90
C ILE E 162 10.51 22.78 15.14
N ALA E 163 10.45 22.04 14.03
CA ALA E 163 9.27 21.95 13.18
C ALA E 163 8.08 21.44 14.00
N GLU E 164 8.30 20.37 14.78
CA GLU E 164 7.24 19.73 15.55
C GLU E 164 7.23 20.22 17.00
N GLY E 165 7.82 21.40 17.25
CA GLY E 165 7.75 22.09 18.53
C GLY E 165 8.23 21.26 19.71
N ARG E 166 9.30 20.48 19.53
CA ARG E 166 9.98 19.84 20.65
C ARG E 166 11.08 20.75 21.18
N LEU E 167 11.68 21.59 20.29
CA LEU E 167 12.63 22.61 20.69
C LEU E 167 12.26 23.94 20.04
N ARG E 168 12.80 25.02 20.59
CA ARG E 168 12.55 26.37 20.11
C ARG E 168 13.84 27.16 20.19
N VAL E 169 14.15 27.90 19.11
CA VAL E 169 15.37 28.69 19.04
C VAL E 169 15.24 29.87 19.99
N VAL E 170 16.19 30.00 20.91
CA VAL E 170 16.09 30.96 22.00
C VAL E 170 16.29 32.37 21.44
N SER E 171 17.32 32.54 20.59
CA SER E 171 17.54 33.83 19.98
C SER E 171 18.31 33.68 18.66
N PRO E 172 17.74 34.13 17.52
CA PRO E 172 18.40 33.94 16.24
C PRO E 172 19.70 34.72 16.10
N GLU E 173 19.84 35.84 16.84
CA GLU E 173 21.03 36.68 16.70
C GLU E 173 22.29 35.87 17.03
N SER E 174 22.18 34.97 18.02
CA SER E 174 23.30 34.17 18.46
C SER E 174 23.72 33.10 17.45
N THR E 175 22.83 32.72 16.52
CA THR E 175 23.12 31.70 15.53
C THR E 175 24.42 32.02 14.81
N SER E 176 25.28 31.00 14.66
CA SER E 176 26.58 31.17 14.02
C SER E 176 26.82 30.06 12.99
N GLU E 177 27.60 30.36 11.96
CA GLU E 177 27.95 29.42 10.93
C GLU E 177 29.39 28.94 11.14
N ILE E 178 29.60 27.65 10.90
CA ILE E 178 30.88 27.00 11.18
C ILE E 178 31.24 26.18 9.96
N ASP E 179 32.51 26.26 9.54
CA ASP E 179 33.01 25.48 8.44
C ASP E 179 33.41 24.10 8.91
N ILE E 180 32.87 23.06 8.27
CA ILE E 180 33.29 21.70 8.49
C ILE E 180 34.35 21.37 7.45
N ILE E 181 35.56 21.00 7.93
CA ILE E 181 36.73 20.86 7.08
C ILE E 181 37.24 19.42 7.17
N MET E 182 37.90 18.99 6.10
CA MET E 182 38.60 17.72 6.07
C MET E 182 40.11 18.00 6.13
N ALA E 183 40.78 17.40 7.11
CA ALA E 183 42.21 17.62 7.31
C ALA E 183 42.93 16.28 7.38
N TRP E 184 44.24 16.31 7.06
CA TRP E 184 45.08 15.13 7.00
C TRP E 184 46.55 15.55 7.00
N ARG E 185 47.45 14.56 7.13
CA ARG E 185 48.88 14.80 7.21
C ARG E 185 49.55 14.27 5.94
N ARG E 186 50.61 14.95 5.49
CA ARG E 186 51.19 14.63 4.20
C ARG E 186 52.22 13.51 4.26
N ASP E 187 52.80 13.27 5.45
CA ASP E 187 53.91 12.32 5.61
C ASP E 187 53.54 10.88 5.27
N SER E 188 52.25 10.56 5.15
CA SER E 188 51.83 9.24 4.68
C SER E 188 50.69 9.44 3.68
N MET E 189 50.78 8.75 2.54
CA MET E 189 49.72 8.83 1.56
C MET E 189 49.49 7.47 0.94
N GLY E 190 48.66 6.64 1.57
CA GLY E 190 48.43 5.29 1.09
C GLY E 190 47.25 5.25 0.12
N GLU E 191 47.06 4.08 -0.47
CA GLU E 191 46.01 3.81 -1.44
C GLU E 191 44.64 4.24 -0.89
N ALA E 192 44.27 3.65 0.26
CA ALA E 192 42.96 3.85 0.85
C ALA E 192 42.80 5.30 1.28
N LYS E 193 43.82 5.82 1.96
CA LYS E 193 43.76 7.18 2.46
C LYS E 193 43.57 8.18 1.31
N SER E 194 44.36 8.04 0.24
CA SER E 194 44.27 8.93 -0.92
C SER E 194 42.89 8.82 -1.55
N TRP E 195 42.40 7.57 -1.69
CA TRP E 195 41.11 7.35 -2.31
C TRP E 195 40.01 8.09 -1.56
N CYS E 196 40.00 7.98 -0.23
CA CYS E 196 39.02 8.65 0.60
C CYS E 196 39.14 10.18 0.45
N LEU E 197 40.38 10.69 0.38
CA LEU E 197 40.57 12.12 0.33
C LEU E 197 39.88 12.72 -0.90
N ARG E 198 39.70 11.92 -1.96
CA ARG E 198 39.05 12.43 -3.16
C ARG E 198 37.56 12.11 -3.14
N GLU E 199 37.16 11.10 -2.36
CA GLU E 199 35.79 10.62 -2.36
C GLU E 199 34.92 11.40 -1.38
N ILE E 200 35.49 11.77 -0.23
CA ILE E 200 34.73 12.41 0.83
C ILE E 200 34.12 13.73 0.39
N PRO E 201 34.83 14.64 -0.32
CA PRO E 201 34.18 15.86 -0.81
C PRO E 201 32.96 15.61 -1.69
N LYS E 202 32.96 14.51 -2.45
CA LYS E 202 31.82 14.17 -3.30
C LYS E 202 30.57 13.94 -2.46
N LEU E 203 30.73 13.49 -1.21
CA LEU E 203 29.60 13.24 -0.31
C LEU E 203 28.86 14.53 0.01
N PHE E 204 29.53 15.68 -0.06
CA PHE E 204 28.92 16.95 0.33
C PHE E 204 29.00 17.97 -0.81
N ASN E 205 28.72 17.52 -2.03
CA ASN E 205 28.48 18.45 -3.14
C ASN E 205 27.24 19.33 -2.92
N GLY E 206 26.32 18.90 -2.03
CA GLY E 206 25.11 19.66 -1.75
C GLY E 206 25.18 20.46 -0.45
N LYS E 207 26.28 20.30 0.31
CA LYS E 207 26.36 20.74 1.71
C LYS E 207 25.57 19.86 2.68
N MET F 4 27.46 25.42 49.18
CA MET F 4 27.35 25.93 47.76
C MET F 4 27.71 24.78 46.79
N GLU F 5 28.73 24.98 45.95
CA GLU F 5 28.88 24.27 44.68
C GLU F 5 29.55 22.90 44.88
N THR F 6 29.14 21.90 44.10
CA THR F 6 29.70 20.55 44.16
C THR F 6 29.66 19.93 42.75
N HIS F 7 30.70 19.14 42.42
CA HIS F 7 30.78 18.50 41.13
C HIS F 7 30.98 17.00 41.28
N LEU F 8 30.02 16.22 40.78
CA LEU F 8 30.09 14.77 40.80
C LEU F 8 30.08 14.23 39.38
N THR F 9 30.87 13.19 39.11
CA THR F 9 30.95 12.58 37.79
C THR F 9 30.43 11.14 37.81
N ILE F 10 29.41 10.88 36.98
CA ILE F 10 28.84 9.55 36.84
C ILE F 10 29.19 9.03 35.44
N VAL F 11 29.63 7.78 35.37
CA VAL F 11 29.94 7.13 34.12
C VAL F 11 28.84 6.13 33.81
N THR F 12 28.18 6.33 32.67
CA THR F 12 27.21 5.37 32.16
C THR F 12 27.81 4.73 30.91
N GLU F 13 28.13 3.44 31.01
CA GLU F 13 28.65 2.70 29.87
C GLU F 13 27.68 2.81 28.69
N ALA F 14 28.19 2.58 27.49
CA ALA F 14 27.44 2.81 26.26
C ALA F 14 26.11 2.07 26.27
N LEU F 15 26.09 0.83 26.82
CA LEU F 15 24.88 0.02 26.88
C LEU F 15 23.81 0.67 27.76
N VAL F 16 24.19 1.61 28.62
CA VAL F 16 23.28 2.17 29.61
C VAL F 16 22.76 3.51 29.10
N PRO F 17 21.42 3.71 29.03
CA PRO F 17 20.86 4.97 28.56
C PRO F 17 21.16 6.09 29.55
N THR F 18 21.91 7.10 29.08
CA THR F 18 22.27 8.24 29.89
C THR F 18 21.02 8.98 30.38
N PRO F 19 19.99 9.27 29.54
CA PRO F 19 18.85 10.06 30.00
C PRO F 19 18.05 9.45 31.15
N ALA F 20 18.27 8.16 31.47
CA ALA F 20 17.64 7.53 32.62
C ALA F 20 18.03 8.21 33.92
N PHE F 21 19.18 8.92 33.94
CA PHE F 21 19.71 9.54 35.14
C PHE F 21 19.33 11.02 35.26
N PHE F 22 18.39 11.48 34.41
CA PHE F 22 18.09 12.89 34.32
C PHE F 22 17.34 13.36 35.56
N PRO F 23 16.39 12.57 36.10
CA PRO F 23 15.66 12.98 37.30
C PRO F 23 16.51 13.52 38.43
N LEU F 24 17.79 13.07 38.51
CA LEU F 24 18.68 13.48 39.60
C LEU F 24 18.97 15.00 39.55
N ILE F 25 19.04 15.57 38.34
CA ILE F 25 19.76 16.82 38.13
C ILE F 25 19.18 17.97 38.96
N ASP F 26 17.86 18.21 38.82
CA ASP F 26 17.22 19.29 39.54
C ASP F 26 17.20 18.97 41.03
N LYS F 27 16.99 17.70 41.42
CA LYS F 27 17.01 17.30 42.82
C LYS F 27 18.41 17.59 43.40
N LEU F 28 19.46 17.26 42.64
CA LEU F 28 20.82 17.40 43.14
C LEU F 28 21.19 18.88 43.31
N ALA F 29 20.62 19.75 42.46
CA ALA F 29 20.95 21.16 42.49
C ALA F 29 20.31 21.83 43.71
N ALA F 30 19.12 21.37 44.10
CA ALA F 30 18.45 21.92 45.28
C ALA F 30 18.99 21.27 46.55
N LYS F 31 19.47 20.03 46.46
CA LYS F 31 19.92 19.28 47.62
C LYS F 31 21.29 19.78 48.08
N ALA F 32 22.18 20.05 47.12
CA ALA F 32 23.58 20.28 47.50
C ALA F 32 24.27 21.17 46.48
N ASN F 33 23.53 21.79 45.56
CA ASN F 33 24.10 22.59 44.49
C ASN F 33 25.17 21.78 43.77
N THR F 34 24.96 20.45 43.69
CA THR F 34 25.86 19.59 42.95
C THR F 34 25.55 19.69 41.47
N GLN F 35 26.59 19.99 40.67
CA GLN F 35 26.51 19.92 39.22
C GLN F 35 26.91 18.52 38.79
N LEU F 36 26.02 17.83 38.11
CA LEU F 36 26.27 16.46 37.71
C LEU F 36 26.91 16.42 36.33
N ALA F 37 27.75 15.40 36.11
CA ALA F 37 28.36 15.18 34.79
C ALA F 37 28.26 13.71 34.43
N ILE F 38 27.44 13.41 33.41
CA ILE F 38 27.12 12.02 33.10
C ILE F 38 27.84 11.64 31.80
N ILE F 39 28.92 10.88 31.95
CA ILE F 39 29.90 10.66 30.90
C ILE F 39 29.72 9.23 30.39
N THR F 40 29.87 9.07 29.09
CA THR F 40 29.75 7.78 28.44
C THR F 40 31.13 7.21 28.19
N GLU F 41 31.30 5.92 28.53
CA GLU F 41 32.49 5.16 28.20
C GLU F 41 32.04 3.84 27.58
N VAL F 42 32.99 3.11 27.00
CA VAL F 42 32.72 1.86 26.34
C VAL F 42 33.53 0.75 27.01
N LEU F 43 32.82 -0.32 27.42
CA LEU F 43 33.44 -1.54 27.93
C LEU F 43 34.46 -1.24 29.03
N ALA F 44 35.73 -1.57 28.79
CA ALA F 44 36.79 -1.43 29.79
C ALA F 44 37.00 0.03 30.18
N GLY F 45 36.67 0.97 29.29
CA GLY F 45 36.91 2.38 29.56
C GLY F 45 36.21 2.82 30.84
N ALA F 46 35.00 2.28 31.09
CA ALA F 46 34.23 2.66 32.28
C ALA F 46 34.99 2.25 33.55
N TRP F 47 35.56 1.05 33.55
CA TRP F 47 36.27 0.54 34.72
C TRP F 47 37.62 1.20 34.90
N GLU F 48 38.28 1.53 33.78
CA GLU F 48 39.54 2.27 33.83
C GLU F 48 39.31 3.58 34.56
N ARG F 49 38.18 4.24 34.29
CA ARG F 49 37.87 5.53 34.91
C ARG F 49 37.74 5.35 36.43
N LEU F 50 37.14 4.24 36.87
CA LEU F 50 36.94 4.00 38.29
C LEU F 50 38.29 3.73 38.97
N GLU F 51 39.14 2.94 38.34
CA GLU F 51 40.47 2.60 38.86
C GLU F 51 41.30 3.88 39.03
N GLN F 52 41.29 4.75 38.02
CA GLN F 52 42.11 5.95 38.01
C GLN F 52 41.51 7.07 38.86
N GLY F 53 40.43 6.79 39.61
CA GLY F 53 39.82 7.76 40.49
C GLY F 53 39.25 8.97 39.75
N ARG F 54 38.87 8.79 38.47
CA ARG F 54 38.36 9.90 37.68
C ARG F 54 36.85 9.78 37.44
N ALA F 55 36.19 8.91 38.19
CA ALA F 55 34.75 8.72 38.11
C ALA F 55 34.26 8.32 39.50
N ASP F 56 33.26 9.05 40.01
CA ASP F 56 32.74 8.81 41.35
C ASP F 56 31.82 7.59 41.38
N ILE F 57 30.99 7.43 40.35
CA ILE F 57 30.09 6.28 40.26
C ILE F 57 30.13 5.73 38.83
N VAL F 58 30.13 4.40 38.70
CA VAL F 58 30.13 3.74 37.41
C VAL F 58 28.87 2.88 37.27
N ILE F 59 28.18 3.05 36.14
CA ILE F 59 27.05 2.20 35.76
C ILE F 59 27.43 1.46 34.49
N ALA F 60 27.69 0.15 34.63
CA ALA F 60 28.33 -0.61 33.56
C ALA F 60 27.96 -2.07 33.70
N PRO F 61 28.11 -2.88 32.64
CA PRO F 61 27.91 -4.31 32.74
C PRO F 61 28.95 -5.00 33.62
N ASP F 62 28.67 -6.24 34.03
CA ASP F 62 29.57 -7.12 34.71
C ASP F 62 30.57 -7.68 33.71
N MET F 63 31.86 -7.62 34.06
CA MET F 63 32.96 -8.29 33.38
C MET F 63 33.78 -9.11 34.39
N HIS F 64 34.97 -9.60 33.99
CA HIS F 64 35.92 -10.20 34.91
C HIS F 64 36.32 -9.28 36.07
N PHE F 65 36.43 -7.96 35.83
CA PHE F 65 36.81 -7.00 36.83
C PHE F 65 38.20 -7.30 37.40
N ARG F 66 38.48 -6.87 38.63
CA ARG F 66 39.29 -7.64 39.60
C ARG F 66 38.97 -7.15 41.03
N SER F 67 38.53 -8.08 41.92
CA SER F 67 37.74 -7.71 43.10
C SER F 67 38.59 -7.00 44.17
N SER F 68 38.23 -5.70 44.33
CA SER F 68 38.86 -4.85 45.32
C SER F 68 37.88 -4.63 46.46
N SER F 69 38.33 -4.76 47.74
CA SER F 69 37.68 -4.12 48.88
C SER F 69 37.43 -2.62 48.65
N GLU F 70 38.22 -2.03 47.76
CA GLU F 70 38.00 -0.68 47.24
C GLU F 70 36.81 -0.67 46.30
N ILE F 71 36.41 -1.85 45.73
CA ILE F 71 35.33 -1.85 44.75
C ILE F 71 34.05 -2.40 45.39
N ASN F 72 33.06 -1.51 45.58
CA ASN F 72 31.77 -2.00 46.10
C ASN F 72 30.80 -1.92 44.92
N SER F 73 29.94 -2.95 44.75
CA SER F 73 29.05 -3.00 43.60
C SER F 73 27.66 -3.44 44.06
N ARG F 74 26.63 -2.99 43.34
CA ARG F 74 25.24 -3.30 43.63
C ARG F 74 24.51 -3.47 42.31
N LYS F 75 23.68 -4.53 42.20
CA LYS F 75 23.08 -4.85 40.91
C LYS F 75 21.82 -4.01 40.73
N LEU F 76 21.65 -3.42 39.52
CA LEU F 76 20.54 -2.52 39.25
C LEU F 76 19.43 -3.19 38.45
N TYR F 77 19.77 -3.84 37.34
CA TYR F 77 18.77 -4.51 36.52
C TYR F 77 19.45 -5.47 35.55
N THR F 78 18.64 -6.30 34.89
CA THR F 78 19.13 -7.20 33.86
C THR F 78 18.77 -6.61 32.49
N LEU F 79 19.76 -6.63 31.58
CA LEU F 79 19.57 -6.11 30.24
C LEU F 79 19.70 -7.27 29.26
N MET F 80 18.87 -7.22 28.22
CA MET F 80 18.81 -8.28 27.22
C MET F 80 19.47 -7.78 25.93
N ASN F 81 20.43 -8.59 25.45
CA ASN F 81 21.24 -8.25 24.28
C ASN F 81 20.81 -9.21 23.17
N VAL F 82 20.55 -8.66 21.99
CA VAL F 82 20.02 -9.44 20.88
C VAL F 82 20.91 -9.23 19.66
N TYR F 83 21.26 -10.35 19.00
CA TYR F 83 21.95 -10.34 17.73
C TYR F 83 20.93 -9.98 16.65
N VAL F 84 21.21 -8.87 15.96
CA VAL F 84 20.23 -8.28 15.05
C VAL F 84 20.92 -7.97 13.72
N ALA F 85 20.08 -7.70 12.71
CA ALA F 85 20.49 -7.29 11.39
C ALA F 85 19.25 -6.81 10.65
N ALA F 86 19.47 -6.08 9.53
CA ALA F 86 18.35 -5.56 8.75
C ALA F 86 17.57 -6.75 8.20
N PRO F 87 16.23 -6.61 8.01
CA PRO F 87 15.37 -7.72 7.61
C PRO F 87 15.83 -8.43 6.33
N ASP F 88 16.42 -7.69 5.38
CA ASP F 88 16.84 -8.25 4.10
C ASP F 88 18.35 -8.55 4.06
N HIS F 89 18.97 -8.64 5.25
CA HIS F 89 20.36 -9.08 5.30
C HIS F 89 20.43 -10.58 5.02
N PRO F 90 21.42 -11.04 4.23
CA PRO F 90 21.53 -12.47 3.90
C PRO F 90 21.62 -13.43 5.10
N ILE F 91 22.03 -12.92 6.27
CA ILE F 91 22.23 -13.78 7.43
C ILE F 91 20.93 -14.47 7.85
N HIS F 92 19.78 -13.85 7.56
CA HIS F 92 18.49 -14.37 7.97
C HIS F 92 18.13 -15.67 7.23
N GLN F 93 18.57 -15.80 5.98
CA GLN F 93 18.29 -16.98 5.17
C GLN F 93 19.27 -18.11 5.48
N GLU F 94 20.34 -17.80 6.25
CA GLU F 94 21.40 -18.75 6.55
C GLU F 94 20.93 -19.77 7.60
N PRO F 95 21.25 -21.05 7.41
CA PRO F 95 20.81 -22.10 8.31
C PRO F 95 21.41 -22.03 9.73
N GLU F 96 22.71 -21.82 9.86
CA GLU F 96 23.45 -22.11 11.09
C GLU F 96 24.14 -20.81 11.59
N PRO F 97 23.35 -19.87 12.16
CA PRO F 97 23.80 -18.49 12.30
C PRO F 97 25.07 -18.34 13.11
N LEU F 98 25.26 -19.20 14.14
CA LEU F 98 26.40 -19.00 15.04
C LEU F 98 27.70 -19.60 14.49
N SER F 99 27.57 -20.42 13.43
CA SER F 99 28.70 -21.23 12.99
C SER F 99 29.82 -20.31 12.52
N GLU F 100 31.06 -20.58 13.03
CA GLU F 100 32.18 -19.68 12.81
C GLU F 100 32.46 -19.56 11.32
N VAL F 101 32.21 -20.65 10.58
CA VAL F 101 32.42 -20.66 9.14
C VAL F 101 31.47 -19.64 8.47
N THR F 102 30.24 -19.53 9.00
CA THR F 102 29.28 -18.60 8.43
C THR F 102 29.55 -17.15 8.84
N ARG F 103 29.84 -16.92 10.13
CA ARG F 103 29.94 -15.56 10.67
C ARG F 103 31.04 -14.75 9.97
N VAL F 104 32.15 -15.42 9.60
CA VAL F 104 33.25 -14.76 8.92
C VAL F 104 32.82 -14.17 7.59
N LYS F 105 31.80 -14.77 6.95
CA LYS F 105 31.32 -14.28 5.66
C LYS F 105 30.81 -12.84 5.75
N TYR F 106 30.16 -12.51 6.88
CA TYR F 106 29.43 -11.25 7.00
C TYR F 106 30.14 -10.28 7.95
N ARG F 107 29.86 -8.99 7.79
CA ARG F 107 30.64 -7.95 8.44
C ARG F 107 30.09 -7.70 9.83
N GLY F 108 30.97 -7.77 10.84
CA GLY F 108 30.64 -7.35 12.19
C GLY F 108 30.62 -5.83 12.33
N ILE F 109 29.88 -5.33 13.31
CA ILE F 109 29.89 -3.94 13.71
C ILE F 109 30.22 -3.87 15.19
N ALA F 110 31.25 -3.09 15.51
CA ALA F 110 31.79 -3.02 16.86
C ALA F 110 31.87 -1.57 17.30
N VAL F 111 31.84 -1.38 18.61
CA VAL F 111 32.05 -0.07 19.21
C VAL F 111 33.42 -0.07 19.88
N ALA F 112 34.25 0.91 19.52
CA ALA F 112 35.61 1.02 20.00
C ALA F 112 35.62 1.11 21.52
N ASP F 113 36.42 0.23 22.16
CA ASP F 113 36.62 0.27 23.60
C ASP F 113 37.36 1.57 23.94
N THR F 114 36.83 2.33 24.89
CA THR F 114 37.33 3.67 25.16
C THR F 114 38.52 3.61 26.13
N ALA F 115 39.09 2.41 26.38
CA ALA F 115 40.19 2.33 27.33
C ALA F 115 41.47 2.75 26.62
N ARG F 116 42.26 3.70 27.16
CA ARG F 116 43.61 3.95 26.65
C ARG F 116 44.51 2.70 26.71
N GLU F 117 44.35 1.93 27.80
CA GLU F 117 45.06 0.67 27.99
C GLU F 117 43.97 -0.39 27.84
N ARG F 118 43.63 -0.71 26.59
CA ARG F 118 42.52 -1.62 26.26
C ARG F 118 43.14 -2.98 25.88
N PRO F 119 43.08 -4.03 26.74
CA PRO F 119 43.24 -5.39 26.24
C PRO F 119 41.94 -6.01 25.75
N VAL F 120 40.77 -5.31 25.78
CA VAL F 120 39.51 -6.04 25.83
C VAL F 120 38.78 -5.98 24.48
N LEU F 121 38.28 -7.14 24.05
CA LEU F 121 37.70 -7.36 22.73
C LEU F 121 36.43 -8.21 22.82
N THR F 122 35.65 -8.03 23.88
CA THR F 122 34.60 -9.00 24.22
C THR F 122 33.55 -9.11 23.12
N VAL F 123 33.34 -8.07 22.33
CA VAL F 123 32.44 -8.12 21.18
C VAL F 123 32.61 -9.41 20.37
N GLN F 124 31.50 -10.18 20.23
CA GLN F 124 31.54 -11.48 19.61
C GLN F 124 31.85 -11.39 18.11
N LEU F 125 33.15 -11.22 17.85
CA LEU F 125 33.71 -11.18 16.51
C LEU F 125 35.18 -11.55 16.58
N LEU F 126 35.63 -12.44 15.68
CA LEU F 126 37.04 -12.83 15.58
C LEU F 126 37.89 -11.75 14.90
N ASP F 127 39.12 -12.09 14.54
CA ASP F 127 40.07 -11.18 13.91
C ASP F 127 39.88 -11.10 12.38
N LYS F 128 39.77 -12.27 11.74
CA LYS F 128 39.80 -12.43 10.30
C LYS F 128 38.39 -12.33 9.71
N GLN F 129 37.54 -11.45 10.23
CA GLN F 129 36.20 -11.23 9.70
C GLN F 129 35.99 -9.75 9.43
N PRO F 130 35.33 -9.39 8.31
CA PRO F 130 35.06 -7.99 7.99
C PRO F 130 34.43 -7.24 9.17
N ARG F 131 34.89 -6.01 9.41
CA ARG F 131 34.47 -5.24 10.58
C ARG F 131 34.29 -3.78 10.22
N LEU F 132 33.28 -3.15 10.82
CA LEU F 132 33.16 -1.69 10.86
C LEU F 132 33.17 -1.28 12.32
N THR F 133 33.97 -0.27 12.65
CA THR F 133 34.13 0.18 14.03
C THR F 133 33.62 1.60 14.14
N VAL F 134 32.81 1.87 15.18
CA VAL F 134 32.27 3.20 15.46
C VAL F 134 32.46 3.50 16.93
N SER F 135 32.32 4.76 17.32
CA SER F 135 32.58 5.18 18.69
C SER F 135 31.32 5.15 19.56
N THR F 136 30.13 5.25 18.94
CA THR F 136 28.90 5.41 19.71
C THR F 136 27.89 4.32 19.32
N ILE F 137 26.99 4.02 20.25
CA ILE F 137 26.01 2.97 20.05
C ILE F 137 24.97 3.42 19.01
N GLU F 138 24.74 4.75 18.92
CA GLU F 138 23.83 5.28 17.92
C GLU F 138 24.36 4.99 16.51
N ASP F 139 25.66 5.26 16.29
CA ASP F 139 26.27 5.00 14.99
C ASP F 139 26.19 3.52 14.67
N LYS F 140 26.35 2.67 15.69
CA LYS F 140 26.24 1.23 15.50
C LYS F 140 24.81 0.88 15.09
N ARG F 141 23.81 1.54 15.70
CA ARG F 141 22.41 1.29 15.37
C ARG F 141 22.13 1.63 13.91
N GLN F 142 22.56 2.82 13.50
CA GLN F 142 22.33 3.28 12.14
C GLN F 142 23.01 2.38 11.12
N ALA F 143 24.27 1.97 11.39
CA ALA F 143 24.98 1.03 10.54
C ALA F 143 24.18 -0.26 10.39
N LEU F 144 23.57 -0.74 11.48
CA LEU F 144 22.75 -1.94 11.43
C LEU F 144 21.47 -1.67 10.62
N LEU F 145 20.86 -0.50 10.83
CA LEU F 145 19.63 -0.13 10.14
C LEU F 145 19.89 -0.07 8.64
N ALA F 146 21.08 0.43 8.24
CA ALA F 146 21.45 0.55 6.83
C ALA F 146 21.90 -0.80 6.25
N GLY F 147 21.75 -1.89 7.01
CA GLY F 147 22.03 -3.23 6.52
C GLY F 147 23.51 -3.44 6.20
N LEU F 148 24.42 -2.81 6.99
CA LEU F 148 25.83 -2.85 6.69
C LEU F 148 26.56 -4.01 7.35
N GLY F 149 25.88 -4.75 8.23
CA GLY F 149 26.51 -5.79 9.00
C GLY F 149 25.59 -6.36 10.08
N VAL F 150 26.21 -7.11 11.01
CA VAL F 150 25.48 -7.90 12.01
C VAL F 150 26.17 -7.69 13.34
N ALA F 151 25.39 -7.48 14.41
CA ALA F 151 25.95 -7.12 15.69
C ALA F 151 24.91 -7.27 16.79
N THR F 152 25.40 -7.36 18.04
CA THR F 152 24.54 -7.37 19.22
C THR F 152 24.05 -5.95 19.50
N MET F 153 22.88 -5.86 20.15
CA MET F 153 22.32 -4.59 20.57
C MET F 153 21.51 -4.81 21.85
N PRO F 154 21.49 -3.83 22.77
CA PRO F 154 20.56 -3.88 23.90
C PRO F 154 19.14 -3.80 23.37
N TYR F 155 18.29 -4.73 23.83
CA TYR F 155 16.92 -4.86 23.35
C TYR F 155 16.15 -3.54 23.47
N PRO F 156 16.21 -2.79 24.61
CA PRO F 156 15.39 -1.58 24.72
C PRO F 156 15.58 -0.58 23.58
N MET F 157 16.81 -0.46 23.08
CA MET F 157 17.10 0.54 22.06
C MET F 157 16.56 0.11 20.70
N VAL F 158 16.33 -1.19 20.50
CA VAL F 158 15.91 -1.71 19.20
C VAL F 158 14.52 -2.35 19.25
N GLU F 159 13.86 -2.31 20.41
CA GLU F 159 12.53 -2.90 20.56
C GLU F 159 11.57 -2.33 19.53
N LYS F 160 11.58 -1.00 19.38
CA LYS F 160 10.72 -0.31 18.42
C LYS F 160 11.11 -0.73 17.00
N ASP F 161 12.40 -0.88 16.74
CA ASP F 161 12.89 -1.20 15.41
C ASP F 161 12.43 -2.60 15.01
N ILE F 162 12.40 -3.55 15.96
CA ILE F 162 11.96 -4.90 15.64
C ILE F 162 10.45 -4.88 15.41
N ALA F 163 9.72 -4.09 16.21
CA ALA F 163 8.28 -4.00 16.12
C ALA F 163 7.86 -3.54 14.72
N GLU F 164 8.52 -2.50 14.20
CA GLU F 164 8.16 -1.94 12.91
C GLU F 164 9.05 -2.48 11.79
N GLY F 165 9.68 -3.64 12.02
CA GLY F 165 10.41 -4.36 10.99
C GLY F 165 11.53 -3.55 10.34
N ARG F 166 12.24 -2.74 11.13
CA ARG F 166 13.46 -2.11 10.65
C ARG F 166 14.66 -3.01 10.96
N LEU F 167 14.58 -3.82 12.03
CA LEU F 167 15.60 -4.82 12.33
C LEU F 167 14.90 -6.13 12.69
N ARG F 168 15.66 -7.23 12.59
CA ARG F 168 15.15 -8.57 12.80
C ARG F 168 16.20 -9.35 13.59
N VAL F 169 15.73 -10.06 14.62
CA VAL F 169 16.60 -10.86 15.47
C VAL F 169 17.06 -12.06 14.65
N VAL F 170 18.38 -12.26 14.58
CA VAL F 170 18.93 -13.28 13.70
C VAL F 170 18.59 -14.69 14.21
N SER F 171 18.77 -14.90 15.52
CA SER F 171 18.52 -16.18 16.16
C SER F 171 18.40 -15.95 17.66
N PRO F 172 17.30 -16.36 18.31
CA PRO F 172 17.12 -16.15 19.74
C PRO F 172 18.12 -16.89 20.62
N GLU F 173 18.71 -17.99 20.11
CA GLU F 173 19.71 -18.71 20.90
C GLU F 173 20.87 -17.81 21.32
N SER F 174 21.28 -16.90 20.47
CA SER F 174 22.38 -15.96 20.73
C SER F 174 22.03 -14.92 21.80
N THR F 175 20.74 -14.65 22.02
CA THR F 175 20.34 -13.68 23.04
C THR F 175 20.95 -14.04 24.39
N SER F 176 21.53 -13.02 25.06
CA SER F 176 22.18 -13.18 26.35
C SER F 176 21.68 -12.08 27.29
N GLU F 177 21.75 -12.36 28.61
CA GLU F 177 21.40 -11.40 29.62
C GLU F 177 22.70 -10.86 30.24
N ILE F 178 22.67 -9.55 30.52
CA ILE F 178 23.79 -8.87 31.14
C ILE F 178 23.27 -8.14 32.37
N ASP F 179 24.00 -8.26 33.47
CA ASP F 179 23.66 -7.55 34.69
C ASP F 179 24.30 -6.18 34.61
N ILE F 180 23.48 -5.13 34.77
CA ILE F 180 23.97 -3.77 34.85
C ILE F 180 24.14 -3.44 36.32
N ILE F 181 25.38 -3.07 36.69
CA ILE F 181 25.76 -2.93 38.09
C ILE F 181 26.22 -1.50 38.33
N MET F 182 26.04 -1.05 39.57
CA MET F 182 26.58 0.22 40.02
C MET F 182 27.77 -0.06 40.93
N ALA F 183 28.92 0.55 40.60
CA ALA F 183 30.14 0.35 41.36
C ALA F 183 30.72 1.70 41.76
N TRP F 184 31.51 1.68 42.84
CA TRP F 184 32.11 2.87 43.42
C TRP F 184 33.23 2.46 44.38
N ARG F 185 34.01 3.47 44.83
CA ARG F 185 35.15 3.25 45.70
C ARG F 185 34.83 3.79 47.09
N ARG F 186 35.30 3.10 48.15
CA ARG F 186 35.00 3.57 49.50
C ARG F 186 35.98 4.62 49.99
N ASP F 187 37.16 4.71 49.38
CA ASP F 187 38.25 5.59 49.79
C ASP F 187 37.89 7.07 49.72
N SER F 188 36.80 7.43 49.03
CA SER F 188 36.34 8.79 48.96
C SER F 188 34.82 8.80 49.14
N MET F 189 34.37 9.75 49.96
CA MET F 189 32.98 9.85 50.25
C MET F 189 32.58 11.33 50.33
N GLY F 190 31.31 11.60 50.05
CA GLY F 190 30.73 12.88 50.37
C GLY F 190 29.22 12.81 50.33
N GLU F 191 28.63 13.96 50.72
CA GLU F 191 27.19 14.16 50.72
C GLU F 191 26.59 13.79 49.36
N ALA F 192 27.07 14.42 48.28
CA ALA F 192 26.51 14.23 46.96
C ALA F 192 26.69 12.80 46.48
N LYS F 193 27.90 12.27 46.65
CA LYS F 193 28.20 10.92 46.20
C LYS F 193 27.26 9.92 46.91
N SER F 194 27.16 10.03 48.26
CA SER F 194 26.33 9.12 49.03
C SER F 194 24.88 9.24 48.61
N TRP F 195 24.40 10.48 48.43
CA TRP F 195 23.01 10.73 48.05
C TRP F 195 22.68 10.02 46.75
N CYS F 196 23.55 10.13 45.74
CA CYS F 196 23.34 9.47 44.47
C CYS F 196 23.32 7.95 44.65
N LEU F 197 24.23 7.42 45.48
CA LEU F 197 24.34 5.99 45.63
C LEU F 197 23.02 5.40 46.13
N ARG F 198 22.19 6.19 46.82
CA ARG F 198 20.93 5.68 47.35
C ARG F 198 19.79 6.01 46.38
N GLU F 199 19.97 7.03 45.55
CA GLU F 199 18.90 7.51 44.67
C GLU F 199 18.87 6.74 43.34
N ILE F 200 20.05 6.37 42.83
CA ILE F 200 20.13 5.73 41.54
C ILE F 200 19.38 4.40 41.49
N PRO F 201 19.49 3.49 42.49
CA PRO F 201 18.70 2.25 42.48
C PRO F 201 17.18 2.49 42.41
N LYS F 202 16.69 3.60 42.97
CA LYS F 202 15.26 3.91 42.91
C LYS F 202 14.82 4.11 41.46
N LEU F 203 15.74 4.56 40.58
CA LEU F 203 15.42 4.78 39.17
C LEU F 203 15.07 3.48 38.47
N PHE F 204 15.57 2.34 38.97
CA PHE F 204 15.38 1.07 38.30
C PHE F 204 14.72 0.04 39.22
N ASN F 205 13.69 0.47 39.96
CA ASN F 205 12.88 -0.43 40.76
C ASN F 205 11.43 -0.59 40.25
N GLY F 206 10.84 0.45 39.68
CA GLY F 206 9.40 0.51 39.47
C GLY F 206 9.12 0.95 38.05
N LYS F 207 10.10 0.76 37.17
CA LYS F 207 9.97 1.19 35.77
C LYS F 207 9.16 0.15 34.98
N THR G 6 15.49 43.12 10.05
CA THR G 6 14.17 42.47 10.51
C THR G 6 13.29 42.09 9.31
N HIS G 7 13.52 42.77 8.19
CA HIS G 7 12.78 42.54 6.96
C HIS G 7 13.78 42.36 5.82
N LEU G 8 13.72 41.19 5.16
CA LEU G 8 14.44 40.97 3.90
C LEU G 8 13.42 40.84 2.77
N THR G 9 13.74 41.46 1.63
CA THR G 9 12.96 41.30 0.42
C THR G 9 13.84 40.64 -0.65
N ILE G 10 13.38 39.50 -1.18
CA ILE G 10 14.01 38.89 -2.35
C ILE G 10 13.04 39.01 -3.50
N VAL G 11 13.56 39.44 -4.66
CA VAL G 11 12.75 39.60 -5.85
C VAL G 11 13.11 38.47 -6.80
N THR G 12 12.09 37.66 -7.13
CA THR G 12 12.23 36.64 -8.15
C THR G 12 11.40 37.08 -9.36
N GLU G 13 12.08 37.42 -10.45
CA GLU G 13 11.41 37.79 -11.68
C GLU G 13 10.47 36.66 -12.12
N ALA G 14 9.48 37.02 -12.94
CA ALA G 14 8.39 36.13 -13.29
C ALA G 14 8.90 34.80 -13.84
N LEU G 15 9.97 34.84 -14.64
CA LEU G 15 10.55 33.64 -15.25
C LEU G 15 11.10 32.69 -14.18
N VAL G 16 11.34 33.18 -12.96
CA VAL G 16 12.01 32.39 -11.93
C VAL G 16 10.96 31.82 -10.98
N PRO G 17 10.94 30.49 -10.76
CA PRO G 17 9.98 29.90 -9.83
C PRO G 17 10.25 30.34 -8.40
N THR G 18 9.29 31.03 -7.80
CA THR G 18 9.39 31.49 -6.43
C THR G 18 9.56 30.31 -5.47
N PRO G 19 8.79 29.19 -5.57
CA PRO G 19 8.91 28.12 -4.58
C PRO G 19 10.28 27.46 -4.49
N ALA G 20 11.17 27.72 -5.46
CA ALA G 20 12.55 27.22 -5.40
C ALA G 20 13.28 27.77 -4.18
N PHE G 21 12.83 28.91 -3.65
CA PHE G 21 13.51 29.61 -2.56
C PHE G 21 12.88 29.28 -1.20
N PHE G 22 12.04 28.24 -1.15
CA PHE G 22 11.28 27.96 0.07
C PHE G 22 12.18 27.39 1.13
N PRO G 23 13.16 26.51 0.80
CA PRO G 23 14.07 25.97 1.80
C PRO G 23 14.67 27.00 2.76
N LEU G 24 14.83 28.25 2.30
CA LEU G 24 15.45 29.30 3.10
C LEU G 24 14.62 29.64 4.34
N ILE G 25 13.28 29.53 4.25
CA ILE G 25 12.39 30.21 5.18
C ILE G 25 12.64 29.81 6.64
N ASP G 26 12.61 28.50 6.93
CA ASP G 26 12.83 28.04 8.29
C ASP G 26 14.25 28.33 8.74
N LYS G 27 15.23 28.13 7.82
CA LYS G 27 16.62 28.43 8.15
C LYS G 27 16.78 29.92 8.47
N LEU G 28 16.12 30.78 7.68
CA LEU G 28 16.27 32.22 7.86
C LEU G 28 15.63 32.67 9.17
N ALA G 29 14.58 31.98 9.62
CA ALA G 29 13.89 32.38 10.83
C ALA G 29 14.74 32.02 12.06
N ALA G 30 15.49 30.91 12.00
CA ALA G 30 16.38 30.52 13.09
C ALA G 30 17.69 31.31 13.03
N LYS G 31 18.10 31.73 11.83
CA LYS G 31 19.33 32.48 11.65
C LYS G 31 19.19 33.92 12.16
N ALA G 32 18.05 34.56 11.86
CA ALA G 32 17.76 35.92 12.26
C ALA G 32 16.25 36.06 12.43
N ASN G 33 15.80 37.13 13.11
CA ASN G 33 14.39 37.40 13.28
C ASN G 33 13.79 38.06 12.04
N THR G 34 14.37 37.74 10.88
CA THR G 34 14.04 38.40 9.63
C THR G 34 12.73 37.84 9.08
N GLN G 35 11.77 38.74 8.81
CA GLN G 35 10.51 38.39 8.17
C GLN G 35 10.70 38.56 6.66
N LEU G 36 10.49 37.45 5.94
CA LEU G 36 10.87 37.36 4.55
C LEU G 36 9.70 37.82 3.67
N ALA G 37 10.06 38.38 2.51
CA ALA G 37 9.17 38.62 1.39
C ALA G 37 9.89 38.13 0.13
N ILE G 38 9.27 37.16 -0.55
CA ILE G 38 9.70 36.77 -1.89
C ILE G 38 8.71 37.32 -2.90
N ILE G 39 9.12 38.39 -3.58
CA ILE G 39 8.25 39.23 -4.38
C ILE G 39 8.51 38.93 -5.85
N THR G 40 7.42 38.91 -6.63
CA THR G 40 7.55 38.68 -8.06
C THR G 40 7.46 40.02 -8.79
N GLU G 41 8.34 40.22 -9.75
CA GLU G 41 8.31 41.41 -10.63
C GLU G 41 8.53 40.86 -12.05
N VAL G 42 8.31 41.72 -13.04
CA VAL G 42 8.43 41.34 -14.43
C VAL G 42 9.46 42.23 -15.11
N LEU G 43 10.43 41.58 -15.78
CA LEU G 43 11.45 42.23 -16.60
C LEU G 43 12.12 43.38 -15.84
N ALA G 44 11.97 44.62 -16.34
CA ALA G 44 12.64 45.78 -15.78
C ALA G 44 12.17 46.08 -14.36
N GLY G 45 10.97 45.64 -13.98
CA GLY G 45 10.44 45.93 -12.65
C GLY G 45 11.37 45.42 -11.56
N ALA G 46 12.00 44.25 -11.81
CA ALA G 46 12.89 43.63 -10.84
C ALA G 46 14.10 44.54 -10.60
N TRP G 47 14.67 45.10 -11.67
CA TRP G 47 15.86 45.94 -11.56
C TRP G 47 15.52 47.32 -11.00
N GLU G 48 14.35 47.83 -11.34
CA GLU G 48 13.87 49.08 -10.78
C GLU G 48 13.83 48.97 -9.26
N ARG G 49 13.39 47.81 -8.76
CA ARG G 49 13.30 47.61 -7.31
C ARG G 49 14.67 47.65 -6.68
N LEU G 50 15.69 47.10 -7.36
CA LEU G 50 17.05 47.08 -6.83
C LEU G 50 17.61 48.50 -6.81
N GLU G 51 17.40 49.28 -7.88
CA GLU G 51 17.89 50.65 -7.98
C GLU G 51 17.30 51.49 -6.84
N GLN G 52 15.99 51.37 -6.62
CA GLN G 52 15.27 52.20 -5.67
C GLN G 52 15.43 51.69 -4.24
N GLY G 53 16.33 50.73 -4.02
CA GLY G 53 16.62 50.25 -2.68
C GLY G 53 15.42 49.62 -1.98
N ARG G 54 14.50 49.04 -2.76
CA ARG G 54 13.32 48.40 -2.20
C ARG G 54 13.41 46.86 -2.29
N ALA G 55 14.59 46.35 -2.64
CA ALA G 55 14.79 44.92 -2.79
C ALA G 55 16.26 44.61 -2.48
N ASP G 56 16.48 43.68 -1.56
CA ASP G 56 17.82 43.36 -1.09
C ASP G 56 18.56 42.48 -2.08
N ILE G 57 17.86 41.50 -2.67
CA ILE G 57 18.47 40.60 -3.64
C ILE G 57 17.50 40.41 -4.81
N VAL G 58 18.05 40.36 -6.04
CA VAL G 58 17.26 40.17 -7.23
C VAL G 58 17.68 38.89 -7.96
N ILE G 59 16.70 38.04 -8.30
CA ILE G 59 16.92 36.86 -9.13
C ILE G 59 16.14 37.06 -10.41
N ALA G 60 16.88 37.32 -11.52
CA ALA G 60 16.25 37.80 -12.74
C ALA G 60 17.13 37.43 -13.91
N PRO G 61 16.60 37.45 -15.15
CA PRO G 61 17.44 37.25 -16.32
C PRO G 61 18.46 38.36 -16.51
N ASP G 62 19.59 38.04 -17.18
CA ASP G 62 20.63 39.04 -17.40
C ASP G 62 20.12 40.08 -18.40
N MET G 63 19.96 41.34 -17.94
CA MET G 63 19.22 42.35 -18.70
C MET G 63 19.94 43.69 -18.64
N HIS G 64 19.39 44.70 -19.32
CA HIS G 64 20.02 46.00 -19.56
C HIS G 64 19.53 47.01 -18.55
N PHE G 65 20.36 47.49 -17.61
CA PHE G 65 19.93 48.31 -16.48
C PHE G 65 20.64 49.67 -16.51
N ARG G 66 20.08 50.65 -15.77
CA ARG G 66 20.46 52.04 -15.79
C ARG G 66 21.43 52.41 -14.65
N SER G 67 22.25 53.45 -14.85
CA SER G 67 23.04 54.14 -13.85
C SER G 67 24.30 53.34 -13.56
N SER G 68 25.17 53.97 -12.73
CA SER G 68 26.43 53.36 -12.33
C SER G 68 26.36 52.71 -10.96
N SER G 69 25.19 52.11 -10.62
CA SER G 69 24.99 51.58 -9.27
C SER G 69 25.93 50.41 -8.98
N GLU G 70 26.45 50.35 -7.75
CA GLU G 70 27.43 49.36 -7.34
C GLU G 70 26.78 47.99 -7.16
N ILE G 71 26.56 47.33 -8.29
CA ILE G 71 25.83 46.07 -8.39
C ILE G 71 26.82 44.93 -8.63
N ASN G 72 26.79 43.93 -7.74
CA ASN G 72 27.48 42.67 -7.99
C ASN G 72 26.49 41.61 -8.44
N SER G 73 26.92 40.74 -9.36
CA SER G 73 26.07 39.69 -9.91
C SER G 73 26.82 38.37 -9.95
N ARG G 74 26.07 37.26 -9.85
CA ARG G 74 26.61 35.91 -9.89
C ARG G 74 25.62 35.03 -10.66
N LYS G 75 26.15 34.17 -11.55
CA LYS G 75 25.26 33.42 -12.43
C LYS G 75 24.79 32.17 -11.70
N LEU G 76 23.47 31.87 -11.80
CA LEU G 76 22.88 30.74 -11.09
C LEU G 76 22.66 29.54 -12.00
N TYR G 77 21.99 29.74 -13.15
CA TYR G 77 21.72 28.64 -14.07
C TYR G 77 21.28 29.19 -15.42
N THR G 78 21.18 28.30 -16.41
CA THR G 78 20.68 28.66 -17.72
C THR G 78 19.25 28.16 -17.86
N LEU G 79 18.38 29.03 -18.38
CA LEU G 79 16.98 28.72 -18.59
C LEU G 79 16.71 28.69 -20.10
N MET G 80 15.87 27.72 -20.49
CA MET G 80 15.54 27.53 -21.89
C MET G 80 14.11 28.02 -22.14
N ASN G 81 13.97 28.93 -23.12
CA ASN G 81 12.68 29.50 -23.49
C ASN G 81 12.24 28.91 -24.82
N VAL G 82 10.98 28.45 -24.88
CA VAL G 82 10.48 27.72 -26.03
C VAL G 82 9.20 28.39 -26.52
N TYR G 83 9.11 28.56 -27.85
CA TYR G 83 7.92 29.06 -28.49
C TYR G 83 6.90 27.93 -28.56
N VAL G 84 5.74 28.13 -27.93
CA VAL G 84 4.76 27.06 -27.75
C VAL G 84 3.38 27.56 -28.16
N ALA G 85 2.45 26.60 -28.30
CA ALA G 85 1.05 26.85 -28.62
C ALA G 85 0.27 25.54 -28.43
N ALA G 86 -1.05 25.63 -28.33
CA ALA G 86 -1.87 24.46 -28.13
C ALA G 86 -1.72 23.55 -29.35
N PRO G 87 -1.84 22.22 -29.19
CA PRO G 87 -1.60 21.26 -30.27
C PRO G 87 -2.43 21.52 -31.53
N ASP G 88 -3.66 22.02 -31.38
CA ASP G 88 -4.58 22.25 -32.48
C ASP G 88 -4.62 23.72 -32.89
N HIS G 89 -3.60 24.50 -32.50
CA HIS G 89 -3.48 25.86 -33.00
C HIS G 89 -3.04 25.83 -34.46
N PRO G 90 -3.61 26.68 -35.32
CA PRO G 90 -3.24 26.67 -36.75
C PRO G 90 -1.76 26.87 -37.07
N ILE G 91 -1.00 27.46 -36.15
CA ILE G 91 0.42 27.74 -36.40
C ILE G 91 1.21 26.46 -36.70
N HIS G 92 0.77 25.33 -36.14
CA HIS G 92 1.47 24.06 -36.29
C HIS G 92 1.39 23.52 -37.72
N GLN G 93 0.30 23.80 -38.44
CA GLN G 93 0.14 23.36 -39.82
C GLN G 93 0.85 24.30 -40.79
N GLU G 94 1.36 25.45 -40.30
CA GLU G 94 2.02 26.43 -41.13
C GLU G 94 3.43 25.98 -41.48
N PRO G 95 3.87 26.14 -42.76
CA PRO G 95 5.22 25.73 -43.16
C PRO G 95 6.34 26.56 -42.54
N GLU G 96 6.22 27.89 -42.52
CA GLU G 96 7.26 28.78 -41.97
C GLU G 96 6.64 29.61 -40.84
N PRO G 97 6.43 29.02 -39.65
CA PRO G 97 5.74 29.72 -38.57
C PRO G 97 6.37 31.05 -38.17
N LEU G 98 7.71 31.14 -38.26
CA LEU G 98 8.43 32.32 -37.77
C LEU G 98 8.46 33.44 -38.80
N SER G 99 8.02 33.18 -40.04
CA SER G 99 7.97 34.21 -41.06
C SER G 99 7.07 35.36 -40.60
N GLU G 100 7.56 36.59 -40.73
CA GLU G 100 6.89 37.78 -40.22
C GLU G 100 5.48 37.89 -40.81
N VAL G 101 5.33 37.45 -42.08
CA VAL G 101 4.02 37.48 -42.73
C VAL G 101 3.05 36.55 -41.99
N THR G 102 3.55 35.42 -41.50
CA THR G 102 2.71 34.46 -40.79
C THR G 102 2.41 34.89 -39.36
N ARG G 103 3.42 35.37 -38.63
CA ARG G 103 3.29 35.65 -37.20
C ARG G 103 2.23 36.73 -36.94
N VAL G 104 2.11 37.71 -37.83
CA VAL G 104 1.12 38.77 -37.69
C VAL G 104 -0.30 38.19 -37.69
N LYS G 105 -0.51 37.07 -38.39
CA LYS G 105 -1.83 36.47 -38.46
C LYS G 105 -2.34 36.03 -37.09
N TYR G 106 -1.44 35.57 -36.22
CA TYR G 106 -1.79 34.89 -34.99
C TYR G 106 -1.46 35.75 -33.78
N ARG G 107 -2.18 35.50 -32.68
CA ARG G 107 -2.20 36.46 -31.57
C ARG G 107 -1.02 36.15 -30.63
N GLY G 108 -0.20 37.17 -30.35
CA GLY G 108 0.85 37.07 -29.37
C GLY G 108 0.32 37.16 -27.94
N ILE G 109 1.03 36.58 -26.97
CA ILE G 109 0.68 36.70 -25.56
C ILE G 109 1.91 37.22 -24.84
N ALA G 110 1.73 38.34 -24.10
CA ALA G 110 2.82 39.03 -23.45
C ALA G 110 2.50 39.24 -21.97
N VAL G 111 3.56 39.42 -21.17
CA VAL G 111 3.39 39.70 -19.75
C VAL G 111 3.83 41.14 -19.50
N ALA G 112 2.93 41.92 -18.89
CA ALA G 112 3.15 43.34 -18.65
C ALA G 112 4.40 43.54 -17.78
N ASP G 113 5.31 44.40 -18.26
CA ASP G 113 6.50 44.81 -17.50
C ASP G 113 6.05 45.55 -16.25
N THR G 114 6.54 45.12 -15.07
CA THR G 114 6.13 45.61 -13.78
C THR G 114 6.69 46.99 -13.48
N ALA G 115 7.46 47.60 -14.41
CA ALA G 115 7.87 48.98 -14.27
C ALA G 115 6.70 49.94 -14.55
N ARG G 116 5.48 49.47 -14.31
CA ARG G 116 4.21 50.08 -14.67
C ARG G 116 4.10 50.43 -16.14
N GLU G 117 5.09 50.17 -16.99
CA GLU G 117 5.11 50.54 -18.39
C GLU G 117 5.04 49.19 -19.08
N ARG G 118 3.92 48.86 -19.70
CA ARG G 118 3.77 47.61 -20.47
C ARG G 118 5.05 47.29 -21.22
N PRO G 119 5.32 46.00 -21.57
CA PRO G 119 6.51 45.66 -22.35
C PRO G 119 6.46 46.22 -23.79
N VAL G 120 5.24 46.53 -24.25
CA VAL G 120 5.04 47.18 -25.54
C VAL G 120 6.01 46.55 -26.53
N LEU G 121 5.91 45.20 -26.66
CA LEU G 121 6.62 44.45 -27.67
C LEU G 121 7.95 43.95 -27.13
N THR G 122 8.35 44.19 -25.86
CA THR G 122 9.62 43.56 -25.47
C THR G 122 9.57 42.03 -25.49
N VAL G 123 8.37 41.44 -25.59
CA VAL G 123 8.24 40.02 -25.82
C VAL G 123 8.22 39.71 -27.33
N GLN G 124 8.16 38.42 -27.72
CA GLN G 124 8.81 37.89 -28.90
C GLN G 124 7.98 37.99 -30.16
N LEU G 125 6.85 38.72 -30.13
CA LEU G 125 6.00 38.86 -31.32
C LEU G 125 5.74 40.31 -31.72
N LEU G 126 5.11 40.54 -32.89
CA LEU G 126 5.18 41.78 -33.66
C LEU G 126 4.20 42.82 -33.09
N ASP G 127 4.16 43.99 -33.73
CA ASP G 127 3.50 45.18 -33.19
C ASP G 127 2.16 45.40 -33.90
N LYS G 128 2.15 45.17 -35.22
CA LYS G 128 0.98 45.21 -36.07
C LYS G 128 0.11 43.98 -35.87
N GLN G 129 0.21 43.18 -34.78
CA GLN G 129 -0.34 41.87 -34.68
C GLN G 129 -1.22 41.78 -33.42
N PRO G 130 -2.29 40.98 -33.47
CA PRO G 130 -3.13 40.74 -32.30
C PRO G 130 -2.31 40.34 -31.07
N ARG G 131 -2.68 40.89 -29.92
CA ARG G 131 -1.95 40.70 -28.68
C ARG G 131 -2.92 40.55 -27.51
N LEU G 132 -2.56 39.69 -26.57
CA LEU G 132 -3.18 39.62 -25.26
C LEU G 132 -2.11 39.88 -24.22
N THR G 133 -2.41 40.75 -23.24
CA THR G 133 -1.45 41.08 -22.20
C THR G 133 -2.00 40.59 -20.86
N VAL G 134 -1.14 39.92 -20.09
CA VAL G 134 -1.49 39.44 -18.76
C VAL G 134 -0.38 39.84 -17.79
N SER G 135 -0.68 39.78 -16.48
CA SER G 135 0.26 40.26 -15.48
C SER G 135 1.17 39.14 -14.97
N THR G 136 0.72 37.89 -15.05
CA THR G 136 1.41 36.78 -14.42
C THR G 136 1.68 35.68 -15.45
N ILE G 137 2.72 34.87 -15.18
CA ILE G 137 3.12 33.82 -16.10
C ILE G 137 2.09 32.69 -16.07
N GLU G 138 1.39 32.53 -14.95
CA GLU G 138 0.33 31.53 -14.86
C GLU G 138 -0.80 31.87 -15.82
N ASP G 139 -1.24 33.14 -15.83
CA ASP G 139 -2.29 33.57 -16.74
C ASP G 139 -1.85 33.36 -18.19
N LYS G 140 -0.56 33.61 -18.46
CA LYS G 140 -0.02 33.39 -19.79
C LYS G 140 -0.08 31.90 -20.14
N ARG G 141 0.21 31.03 -19.17
CA ARG G 141 0.17 29.59 -19.38
C ARG G 141 -1.24 29.15 -19.76
N GLN G 142 -2.23 29.60 -18.95
CA GLN G 142 -3.61 29.19 -19.17
C GLN G 142 -4.10 29.70 -20.52
N ALA G 143 -3.77 30.96 -20.88
CA ALA G 143 -4.11 31.50 -22.19
C ALA G 143 -3.55 30.62 -23.30
N LEU G 144 -2.31 30.14 -23.14
CA LEU G 144 -1.71 29.27 -24.13
C LEU G 144 -2.42 27.91 -24.15
N LEU G 145 -2.75 27.38 -22.95
CA LEU G 145 -3.42 26.09 -22.85
C LEU G 145 -4.78 26.16 -23.54
N ALA G 146 -5.48 27.29 -23.41
CA ALA G 146 -6.80 27.50 -24.01
C ALA G 146 -6.68 27.82 -25.50
N GLY G 147 -5.49 27.73 -26.08
CA GLY G 147 -5.29 27.91 -27.50
C GLY G 147 -5.60 29.33 -27.97
N LEU G 148 -5.31 30.33 -27.13
CA LEU G 148 -5.69 31.71 -27.43
C LEU G 148 -4.60 32.48 -28.15
N GLY G 149 -3.42 31.88 -28.35
CA GLY G 149 -2.32 32.55 -29.02
C GLY G 149 -1.03 31.76 -28.95
N VAL G 150 0.08 32.45 -29.25
CA VAL G 150 1.40 31.84 -29.39
C VAL G 150 2.40 32.72 -28.65
N ALA G 151 3.29 32.09 -27.88
CA ALA G 151 4.19 32.85 -27.02
C ALA G 151 5.35 31.99 -26.54
N THR G 152 6.42 32.65 -26.07
CA THR G 152 7.53 31.98 -25.44
C THR G 152 7.15 31.58 -24.02
N MET G 153 7.80 30.52 -23.51
CA MET G 153 7.62 30.07 -22.15
C MET G 153 8.92 29.45 -21.66
N PRO G 154 9.26 29.62 -20.36
CA PRO G 154 10.38 28.89 -19.77
C PRO G 154 10.06 27.38 -19.78
N TYR G 155 10.98 26.59 -20.31
CA TYR G 155 10.73 25.19 -20.62
C TYR G 155 10.28 24.41 -19.39
N PRO G 156 10.95 24.53 -18.23
CA PRO G 156 10.55 23.77 -17.03
C PRO G 156 9.08 23.87 -16.67
N MET G 157 8.48 25.04 -16.85
CA MET G 157 7.09 25.25 -16.46
C MET G 157 6.12 24.57 -17.42
N VAL G 158 6.55 24.29 -18.66
CA VAL G 158 5.66 23.69 -19.66
C VAL G 158 6.14 22.30 -20.10
N GLU G 159 7.23 21.80 -19.50
CA GLU G 159 7.79 20.48 -19.85
C GLU G 159 6.72 19.41 -19.69
N LYS G 160 6.00 19.43 -18.57
CA LYS G 160 4.92 18.48 -18.31
C LYS G 160 3.82 18.63 -19.35
N ASP G 161 3.51 19.87 -19.72
CA ASP G 161 2.44 20.14 -20.67
C ASP G 161 2.78 19.60 -22.04
N ILE G 162 4.05 19.68 -22.44
CA ILE G 162 4.45 19.15 -23.74
C ILE G 162 4.42 17.61 -23.69
N ALA G 163 4.84 17.05 -22.56
CA ALA G 163 4.88 15.60 -22.37
C ALA G 163 3.49 15.00 -22.57
N GLU G 164 2.47 15.61 -21.95
CA GLU G 164 1.11 15.09 -22.00
C GLU G 164 0.29 15.77 -23.07
N GLY G 165 0.96 16.39 -24.06
CA GLY G 165 0.32 16.94 -25.25
C GLY G 165 -0.77 17.97 -24.94
N ARG G 166 -0.54 18.82 -23.95
CA ARG G 166 -1.39 19.99 -23.74
C ARG G 166 -0.82 21.19 -24.50
N LEU G 167 0.50 21.22 -24.73
CA LEU G 167 1.15 22.22 -25.57
C LEU G 167 2.14 21.53 -26.49
N ARG G 168 2.54 22.23 -27.57
CA ARG G 168 3.41 21.70 -28.60
C ARG G 168 4.36 22.81 -29.03
N VAL G 169 5.64 22.46 -29.17
CA VAL G 169 6.66 23.44 -29.53
C VAL G 169 6.47 23.81 -30.98
N VAL G 170 6.32 25.10 -31.27
CA VAL G 170 5.93 25.56 -32.60
C VAL G 170 7.13 25.40 -33.52
N SER G 171 8.32 25.82 -33.06
CA SER G 171 9.52 25.70 -33.87
C SER G 171 10.75 25.70 -32.98
N PRO G 172 11.59 24.63 -33.02
CA PRO G 172 12.77 24.57 -32.16
C PRO G 172 13.81 25.63 -32.50
N GLU G 173 13.84 26.11 -33.74
CA GLU G 173 14.90 27.01 -34.18
C GLU G 173 14.91 28.27 -33.30
N SER G 174 13.69 28.77 -32.95
CA SER G 174 13.62 30.03 -32.21
C SER G 174 13.89 29.82 -30.72
N THR G 175 13.96 28.57 -30.21
CA THR G 175 14.35 28.34 -28.82
C THR G 175 15.66 29.07 -28.48
N SER G 176 15.68 29.76 -27.33
CA SER G 176 16.83 30.55 -26.90
C SER G 176 17.13 30.31 -25.43
N GLU G 177 18.40 30.48 -25.04
CA GLU G 177 18.86 30.24 -23.68
C GLU G 177 19.09 31.57 -22.99
N ILE G 178 18.75 31.66 -21.71
CA ILE G 178 18.82 32.89 -20.94
C ILE G 178 19.51 32.56 -19.62
N ASP G 179 20.45 33.42 -19.20
CA ASP G 179 21.14 33.26 -17.94
C ASP G 179 20.31 33.89 -16.82
N ILE G 180 20.03 33.09 -15.78
CA ILE G 180 19.39 33.61 -14.58
C ILE G 180 20.49 33.96 -13.60
N ILE G 181 20.50 35.24 -13.18
CA ILE G 181 21.59 35.79 -12.38
C ILE G 181 21.05 36.29 -11.06
N MET G 182 21.90 36.28 -10.04
CA MET G 182 21.60 36.88 -8.75
C MET G 182 22.41 38.17 -8.64
N ALA G 183 21.71 39.28 -8.36
CA ALA G 183 22.36 40.59 -8.25
C ALA G 183 21.97 41.24 -6.93
N TRP G 184 22.81 42.16 -6.47
CA TRP G 184 22.66 42.85 -5.20
C TRP G 184 23.57 44.08 -5.17
N ARG G 185 23.40 44.92 -4.14
CA ARG G 185 24.13 46.17 -4.00
C ARG G 185 25.11 46.06 -2.84
N ARG G 186 26.25 46.74 -2.95
CA ARG G 186 27.33 46.60 -1.98
C ARG G 186 27.12 47.52 -0.76
N ASP G 187 26.34 48.61 -0.92
CA ASP G 187 26.21 49.65 0.08
C ASP G 187 25.61 49.15 1.41
N SER G 188 24.99 47.96 1.42
CA SER G 188 24.45 47.38 2.62
C SER G 188 24.81 45.89 2.61
N MET G 189 25.26 45.42 3.77
CA MET G 189 25.54 44.01 3.91
C MET G 189 25.12 43.57 5.31
N GLY G 190 23.84 43.21 5.48
CA GLY G 190 23.39 42.75 6.79
C GLY G 190 23.58 41.24 6.90
N GLU G 191 23.34 40.76 8.13
CA GLU G 191 23.47 39.34 8.47
C GLU G 191 22.61 38.50 7.51
N ALA G 192 21.31 38.79 7.45
CA ALA G 192 20.35 38.01 6.69
C ALA G 192 20.68 38.09 5.20
N LYS G 193 20.92 39.31 4.72
CA LYS G 193 21.21 39.50 3.31
C LYS G 193 22.45 38.70 2.90
N SER G 194 23.55 38.83 3.67
CA SER G 194 24.80 38.13 3.36
C SER G 194 24.58 36.62 3.39
N TRP G 195 23.86 36.14 4.40
CA TRP G 195 23.61 34.72 4.55
C TRP G 195 22.91 34.17 3.30
N CYS G 196 21.86 34.87 2.84
CA CYS G 196 21.14 34.45 1.65
C CYS G 196 22.05 34.46 0.42
N LEU G 197 22.91 35.46 0.31
CA LEU G 197 23.75 35.58 -0.86
C LEU G 197 24.64 34.36 -1.02
N ARG G 198 24.94 33.66 0.07
CA ARG G 198 25.79 32.48 -0.02
C ARG G 198 24.94 31.21 -0.14
N GLU G 199 23.69 31.29 0.31
CA GLU G 199 22.81 30.13 0.38
C GLU G 199 22.07 29.89 -0.94
N ILE G 200 21.67 30.97 -1.60
CA ILE G 200 20.87 30.88 -2.81
C ILE G 200 21.59 30.10 -3.91
N PRO G 201 22.90 30.32 -4.21
CA PRO G 201 23.59 29.52 -5.20
C PRO G 201 23.57 28.02 -4.92
N LYS G 202 23.56 27.63 -3.63
CA LYS G 202 23.50 26.22 -3.27
C LYS G 202 22.20 25.59 -3.76
N LEU G 203 21.13 26.38 -3.88
CA LEU G 203 19.84 25.86 -4.34
C LEU G 203 19.92 25.39 -5.79
N PHE G 204 20.86 25.94 -6.58
CA PHE G 204 20.92 25.64 -8.00
C PHE G 204 22.31 25.12 -8.38
N ASN G 205 22.90 24.27 -7.53
CA ASN G 205 24.13 23.57 -7.92
C ASN G 205 23.82 22.51 -8.97
N GLY G 206 24.34 22.64 -10.19
CA GLY G 206 24.07 21.73 -11.29
C GLY G 206 22.87 22.09 -12.18
N LYS G 207 22.21 23.23 -11.90
CA LYS G 207 21.07 23.66 -12.70
C LYS G 207 21.55 24.58 -13.85
N MET H 4 -9.37 49.50 -38.31
CA MET H 4 -8.84 50.35 -37.22
C MET H 4 -8.89 49.62 -35.88
N GLU H 5 -7.71 49.38 -35.26
CA GLU H 5 -7.66 48.55 -34.07
C GLU H 5 -7.76 49.37 -32.77
N THR H 6 -8.05 48.65 -31.67
CA THR H 6 -8.46 49.28 -30.41
C THR H 6 -7.91 48.53 -29.21
N HIS H 7 -7.57 49.25 -28.13
CA HIS H 7 -6.88 48.63 -26.99
C HIS H 7 -7.63 48.89 -25.70
N LEU H 8 -8.12 47.81 -25.10
CA LEU H 8 -8.90 47.89 -23.85
C LEU H 8 -8.15 47.14 -22.76
N THR H 9 -8.14 47.72 -21.56
CA THR H 9 -7.42 47.12 -20.43
C THR H 9 -8.41 46.75 -19.32
N ILE H 10 -8.42 45.48 -18.94
CA ILE H 10 -9.27 44.97 -17.87
C ILE H 10 -8.36 44.56 -16.72
N VAL H 11 -8.76 44.96 -15.50
CA VAL H 11 -8.05 44.58 -14.30
C VAL H 11 -8.87 43.52 -13.58
N THR H 12 -8.24 42.35 -13.38
CA THR H 12 -8.83 41.32 -12.54
C THR H 12 -7.98 41.22 -11.28
N GLU H 13 -8.55 41.61 -10.13
CA GLU H 13 -7.88 41.46 -8.86
C GLU H 13 -7.46 40.01 -8.64
N ALA H 14 -6.47 39.81 -7.78
CA ALA H 14 -5.81 38.53 -7.58
C ALA H 14 -6.83 37.43 -7.27
N LEU H 15 -7.87 37.75 -6.48
CA LEU H 15 -8.89 36.79 -6.10
C LEU H 15 -9.70 36.32 -7.31
N VAL H 16 -9.65 37.05 -8.42
CA VAL H 16 -10.51 36.77 -9.56
C VAL H 16 -9.71 35.99 -10.61
N PRO H 17 -10.20 34.83 -11.06
CA PRO H 17 -9.49 34.04 -12.06
C PRO H 17 -9.48 34.77 -13.40
N THR H 18 -8.27 35.09 -13.88
CA THR H 18 -8.11 35.76 -15.17
C THR H 18 -8.70 34.95 -16.30
N PRO H 19 -8.46 33.61 -16.41
CA PRO H 19 -8.93 32.87 -17.59
C PRO H 19 -10.44 32.84 -17.77
N ALA H 20 -11.21 33.26 -16.74
CA ALA H 20 -12.66 33.37 -16.87
C ALA H 20 -13.06 34.38 -17.95
N PHE H 21 -12.16 35.32 -18.28
CA PHE H 21 -12.44 36.40 -19.22
C PHE H 21 -11.93 36.09 -20.62
N PHE H 22 -11.57 34.83 -20.87
CA PHE H 22 -10.92 34.47 -22.14
C PHE H 22 -11.93 34.50 -23.26
N PRO H 23 -13.18 34.02 -23.05
CA PRO H 23 -14.19 34.06 -24.11
C PRO H 23 -14.31 35.38 -24.85
N LEU H 24 -13.98 36.50 -24.20
CA LEU H 24 -14.11 37.82 -24.80
C LEU H 24 -13.18 37.99 -26.02
N ILE H 25 -11.99 37.34 -25.99
CA ILE H 25 -10.88 37.77 -26.82
C ILE H 25 -11.22 37.68 -28.32
N ASP H 26 -11.67 36.49 -28.77
CA ASP H 26 -12.01 36.32 -30.18
C ASP H 26 -13.23 37.16 -30.53
N LYS H 27 -14.22 37.24 -29.65
CA LYS H 27 -15.39 38.08 -29.89
C LYS H 27 -14.97 39.53 -30.04
N LEU H 28 -14.06 40.01 -29.18
CA LEU H 28 -13.64 41.41 -29.20
C LEU H 28 -12.88 41.72 -30.48
N ALA H 29 -12.14 40.72 -31.01
CA ALA H 29 -11.33 40.96 -32.19
C ALA H 29 -12.20 41.07 -33.43
N ALA H 30 -13.32 40.32 -33.48
CA ALA H 30 -14.25 40.41 -34.60
C ALA H 30 -15.17 41.63 -34.45
N LYS H 31 -15.45 42.01 -33.20
CA LYS H 31 -16.44 43.05 -32.93
C LYS H 31 -15.86 44.43 -33.21
N ALA H 32 -14.59 44.65 -32.82
CA ALA H 32 -14.01 45.98 -32.92
C ALA H 32 -12.51 45.93 -33.16
N ASN H 33 -11.92 44.76 -33.44
CA ASN H 33 -10.49 44.61 -33.50
C ASN H 33 -9.86 45.13 -32.21
N THR H 34 -10.60 44.99 -31.09
CA THR H 34 -10.07 45.39 -29.80
C THR H 34 -9.07 44.35 -29.30
N GLN H 35 -7.85 44.82 -28.98
CA GLN H 35 -6.80 43.98 -28.46
C GLN H 35 -6.84 44.10 -26.94
N LEU H 36 -7.05 42.97 -26.28
CA LEU H 36 -7.37 42.99 -24.86
C LEU H 36 -6.11 42.88 -24.04
N ALA H 37 -6.13 43.49 -22.85
CA ALA H 37 -5.05 43.34 -21.87
C ALA H 37 -5.66 43.08 -20.49
N ILE H 38 -5.43 41.87 -19.95
CA ILE H 38 -6.06 41.47 -18.71
C ILE H 38 -4.98 41.45 -17.62
N ILE H 39 -5.00 42.47 -16.77
CA ILE H 39 -3.93 42.76 -15.83
C ILE H 39 -4.39 42.36 -14.45
N THR H 40 -3.45 41.79 -13.68
CA THR H 40 -3.73 41.38 -12.31
C THR H 40 -3.18 42.44 -11.37
N GLU H 41 -4.00 42.84 -10.38
CA GLU H 41 -3.61 43.67 -9.29
C GLU H 41 -4.07 43.06 -7.99
N VAL H 42 -3.59 43.61 -6.87
CA VAL H 42 -3.89 43.06 -5.56
C VAL H 42 -4.54 44.15 -4.73
N LEU H 43 -5.72 43.83 -4.16
CA LEU H 43 -6.42 44.68 -3.20
C LEU H 43 -6.56 46.12 -3.72
N ALA H 44 -5.96 47.09 -3.03
CA ALA H 44 -6.09 48.50 -3.38
C ALA H 44 -5.50 48.82 -4.75
N GLY H 45 -4.55 48.01 -5.22
CA GLY H 45 -3.90 48.26 -6.49
C GLY H 45 -4.92 48.34 -7.63
N ALA H 46 -5.93 47.47 -7.56
CA ALA H 46 -6.97 47.42 -8.60
C ALA H 46 -7.72 48.74 -8.66
N TRP H 47 -8.08 49.30 -7.50
CA TRP H 47 -8.84 50.55 -7.45
C TRP H 47 -7.99 51.76 -7.80
N GLU H 48 -6.70 51.72 -7.43
CA GLU H 48 -5.77 52.77 -7.82
C GLU H 48 -5.75 52.87 -9.34
N ARG H 49 -5.76 51.72 -10.03
CA ARG H 49 -5.70 51.70 -11.47
C ARG H 49 -6.95 52.38 -12.06
N LEU H 50 -8.11 52.16 -11.43
CA LEU H 50 -9.35 52.73 -11.92
C LEU H 50 -9.37 54.24 -11.72
N GLU H 51 -8.91 54.71 -10.55
CA GLU H 51 -8.85 56.13 -10.24
C GLU H 51 -7.96 56.86 -11.25
N GLN H 52 -6.77 56.28 -11.53
CA GLN H 52 -5.79 56.93 -12.38
C GLN H 52 -6.15 56.81 -13.87
N GLY H 53 -7.32 56.23 -14.19
CA GLY H 53 -7.77 56.14 -15.56
C GLY H 53 -6.84 55.35 -16.46
N ARG H 54 -6.07 54.41 -15.90
CA ARG H 54 -5.18 53.56 -16.68
C ARG H 54 -5.70 52.12 -16.69
N ALA H 55 -6.96 51.92 -16.33
CA ALA H 55 -7.66 50.66 -16.46
C ALA H 55 -9.14 50.96 -16.72
N ASP H 56 -9.66 50.40 -17.82
CA ASP H 56 -10.97 50.73 -18.32
C ASP H 56 -12.07 50.05 -17.51
N ILE H 57 -11.85 48.77 -17.13
CA ILE H 57 -12.80 48.03 -16.33
C ILE H 57 -12.06 47.29 -15.21
N VAL H 58 -12.65 47.28 -14.02
CA VAL H 58 -12.07 46.61 -12.87
C VAL H 58 -13.00 45.51 -12.36
N ILE H 59 -12.44 44.32 -12.17
CA ILE H 59 -13.13 43.21 -11.52
C ILE H 59 -12.42 42.91 -10.22
N ALA H 60 -13.05 43.27 -9.10
CA ALA H 60 -12.37 43.29 -7.81
C ALA H 60 -13.39 43.14 -6.70
N PRO H 61 -12.96 42.76 -5.49
CA PRO H 61 -13.86 42.70 -4.35
C PRO H 61 -14.41 44.06 -3.96
N ASP H 62 -15.53 44.03 -3.22
CA ASP H 62 -16.12 45.19 -2.56
C ASP H 62 -15.14 45.70 -1.50
N MET H 63 -14.71 46.97 -1.65
CA MET H 63 -13.69 47.56 -0.82
C MET H 63 -14.14 48.84 -0.08
N HIS H 64 -13.21 49.43 0.68
CA HIS H 64 -13.43 50.72 1.31
C HIS H 64 -13.24 51.88 0.31
N PHE H 65 -13.83 51.74 -0.89
CA PHE H 65 -14.41 52.84 -1.65
C PHE H 65 -15.94 52.79 -1.51
N ARG H 66 -16.55 53.79 -0.83
CA ARG H 66 -17.99 54.01 -0.83
C ARG H 66 -18.35 55.34 -1.52
N SER H 67 -17.31 56.07 -1.96
CA SER H 67 -17.44 57.34 -2.65
C SER H 67 -17.66 57.02 -4.14
N SER H 68 -18.19 57.95 -4.93
CA SER H 68 -19.04 57.32 -5.94
C SER H 68 -18.69 57.77 -7.35
N SER H 69 -18.65 59.08 -7.59
CA SER H 69 -17.98 59.66 -8.75
C SER H 69 -18.51 59.12 -10.09
N GLU H 70 -17.71 59.34 -11.16
CA GLU H 70 -17.85 58.66 -12.44
C GLU H 70 -17.72 57.14 -12.33
N ILE H 71 -17.46 56.64 -11.13
CA ILE H 71 -17.42 55.22 -10.81
C ILE H 71 -18.81 54.59 -10.57
N ASN H 72 -19.15 53.66 -11.41
CA ASN H 72 -20.37 52.90 -11.37
C ASN H 72 -19.93 51.45 -11.16
N SER H 73 -20.74 50.68 -10.43
CA SER H 73 -20.40 49.29 -10.10
C SER H 73 -21.63 48.40 -10.26
N ARG H 74 -21.40 47.12 -10.57
CA ARG H 74 -22.45 46.12 -10.70
C ARG H 74 -21.93 44.79 -10.16
N LYS H 75 -22.76 44.08 -9.40
CA LYS H 75 -22.28 42.89 -8.68
C LYS H 75 -22.32 41.69 -9.63
N LEU H 76 -21.23 40.90 -9.64
CA LEU H 76 -21.10 39.76 -10.54
C LEU H 76 -21.40 38.42 -9.83
N TYR H 77 -20.76 38.17 -8.68
CA TYR H 77 -20.99 36.92 -7.97
C TYR H 77 -20.44 37.03 -6.54
N THR H 78 -20.76 36.03 -5.71
CA THR H 78 -20.22 35.95 -4.37
C THR H 78 -19.11 34.90 -4.35
N LEU H 79 -17.98 35.24 -3.72
CA LEU H 79 -16.84 34.34 -3.59
C LEU H 79 -16.66 33.98 -2.12
N MET H 80 -16.29 32.72 -1.88
CA MET H 80 -16.13 32.20 -0.55
C MET H 80 -14.62 32.06 -0.27
N ASN H 81 -14.19 32.65 0.85
CA ASN H 81 -12.80 32.59 1.29
C ASN H 81 -12.72 31.68 2.51
N VAL H 82 -11.75 30.77 2.50
CA VAL H 82 -11.61 29.76 3.53
C VAL H 82 -10.21 29.82 4.13
N TYR H 83 -10.14 29.78 5.47
CA TYR H 83 -8.89 29.72 6.19
C TYR H 83 -8.37 28.28 6.12
N VAL H 84 -7.19 28.12 5.52
CA VAL H 84 -6.67 26.80 5.19
C VAL H 84 -5.23 26.67 5.66
N ALA H 85 -4.74 25.43 5.65
CA ALA H 85 -3.37 25.08 5.97
C ALA H 85 -3.15 23.61 5.59
N ALA H 86 -1.87 23.21 5.51
CA ALA H 86 -1.54 21.84 5.16
C ALA H 86 -2.10 20.92 6.25
N PRO H 87 -2.49 19.68 5.88
CA PRO H 87 -3.14 18.76 6.81
C PRO H 87 -2.37 18.51 8.11
N ASP H 88 -1.04 18.53 8.06
CA ASP H 88 -0.20 18.23 9.23
C ASP H 88 0.35 19.53 9.86
N HIS H 89 -0.26 20.68 9.56
CA HIS H 89 0.13 21.91 10.23
C HIS H 89 -0.41 21.89 11.66
N PRO H 90 0.39 22.34 12.65
CA PRO H 90 -0.07 22.33 14.06
C PRO H 90 -1.36 23.08 14.34
N ILE H 91 -1.78 24.01 13.47
CA ILE H 91 -2.98 24.80 13.71
C ILE H 91 -4.22 23.92 13.82
N HIS H 92 -4.22 22.76 13.16
CA HIS H 92 -5.35 21.85 13.15
C HIS H 92 -5.61 21.22 14.53
N GLN H 93 -4.56 21.00 15.31
CA GLN H 93 -4.70 20.43 16.65
C GLN H 93 -5.07 21.51 17.68
N GLU H 94 -5.04 22.79 17.28
CA GLU H 94 -5.31 23.89 18.19
C GLU H 94 -6.82 24.03 18.42
N PRO H 95 -7.27 24.22 19.69
CA PRO H 95 -8.70 24.33 19.98
C PRO H 95 -9.37 25.58 19.42
N GLU H 96 -8.77 26.75 19.56
CA GLU H 96 -9.33 28.02 19.11
C GLU H 96 -8.35 28.66 18.12
N PRO H 97 -8.31 28.18 16.85
CA PRO H 97 -7.35 28.67 15.88
C PRO H 97 -7.39 30.18 15.67
N LEU H 98 -8.61 30.75 15.72
CA LEU H 98 -8.85 32.14 15.38
C LEU H 98 -8.53 33.08 16.54
N SER H 99 -8.30 32.54 17.74
CA SER H 99 -7.96 33.39 18.88
C SER H 99 -6.65 34.13 18.59
N GLU H 100 -6.63 35.44 18.85
CA GLU H 100 -5.50 36.32 18.57
C GLU H 100 -4.23 35.78 19.22
N VAL H 101 -4.38 35.18 20.41
CA VAL H 101 -3.25 34.60 21.12
C VAL H 101 -2.64 33.46 20.30
N THR H 102 -3.50 32.68 19.63
CA THR H 102 -3.05 31.56 18.83
C THR H 102 -2.45 32.00 17.50
N ARG H 103 -3.12 32.92 16.80
CA ARG H 103 -2.73 33.28 15.44
C ARG H 103 -1.29 33.83 15.38
N VAL H 104 -0.88 34.57 16.41
CA VAL H 104 0.46 35.12 16.50
C VAL H 104 1.51 34.02 16.48
N LYS H 105 1.17 32.86 17.02
CA LYS H 105 2.11 31.75 17.10
C LYS H 105 2.57 31.29 15.72
N TYR H 106 1.66 31.33 14.73
CA TYR H 106 1.88 30.69 13.44
C TYR H 106 2.06 31.74 12.35
N ARG H 107 2.73 31.34 11.27
CA ARG H 107 3.16 32.27 10.23
C ARG H 107 2.01 32.52 9.25
N GLY H 108 1.68 33.80 9.05
CA GLY H 108 0.73 34.20 8.03
C GLY H 108 1.38 34.19 6.66
N ILE H 109 0.53 34.06 5.63
CA ILE H 109 0.97 34.18 4.25
C ILE H 109 0.09 35.25 3.60
N ALA H 110 0.76 36.25 3.02
CA ALA H 110 0.08 37.44 2.53
C ALA H 110 0.54 37.70 1.09
N VAL H 111 -0.34 38.37 0.35
CA VAL H 111 -0.02 38.81 -1.00
C VAL H 111 0.15 40.33 -0.99
N ALA H 112 1.30 40.80 -1.48
CA ALA H 112 1.66 42.20 -1.46
C ALA H 112 0.61 43.05 -2.15
N ASP H 113 0.09 44.07 -1.45
CA ASP H 113 -0.85 45.01 -2.04
C ASP H 113 -0.08 45.84 -3.08
N THR H 114 -0.60 45.88 -4.33
CA THR H 114 0.19 46.53 -5.38
C THR H 114 -0.11 48.03 -5.43
N ALA H 115 -0.63 48.61 -4.37
CA ALA H 115 -1.07 50.00 -4.30
C ALA H 115 0.03 51.03 -4.55
N ARG H 116 -0.18 51.91 -5.55
CA ARG H 116 0.77 52.97 -5.86
C ARG H 116 1.01 53.92 -4.67
N GLU H 117 -0.04 54.17 -3.86
CA GLU H 117 0.12 55.06 -2.70
C GLU H 117 0.29 54.26 -1.42
N ARG H 118 -0.78 53.68 -0.89
CA ARG H 118 -0.72 52.98 0.40
C ARG H 118 -1.83 51.93 0.54
N PRO H 119 -1.64 50.84 1.33
CA PRO H 119 -2.67 49.80 1.44
C PRO H 119 -3.71 50.12 2.52
N VAL H 120 -4.50 49.10 2.89
CA VAL H 120 -5.34 49.08 4.06
C VAL H 120 -4.98 47.87 4.94
N LEU H 121 -5.65 47.73 6.09
CA LEU H 121 -5.55 46.51 6.88
C LEU H 121 -6.60 45.45 6.52
N THR H 122 -6.40 44.83 5.33
CA THR H 122 -7.34 43.78 4.91
C THR H 122 -6.94 42.42 5.50
N VAL H 123 -5.65 42.08 5.38
CA VAL H 123 -5.12 40.81 5.85
C VAL H 123 -4.74 40.95 7.33
N GLN H 124 -4.23 42.13 7.69
CA GLN H 124 -3.92 42.52 9.06
C GLN H 124 -3.15 41.46 9.85
N LEU H 125 -3.52 41.28 11.13
CA LEU H 125 -2.81 40.45 12.09
C LEU H 125 -1.30 40.72 12.10
N LEU H 126 -0.92 41.95 11.76
CA LEU H 126 0.48 42.37 11.66
C LEU H 126 0.95 42.86 13.02
N ASP H 127 0.58 42.15 14.08
CA ASP H 127 0.94 42.48 15.46
C ASP H 127 2.11 41.61 15.93
N LYS H 128 3.28 41.73 15.27
CA LYS H 128 4.48 40.95 15.55
C LYS H 128 4.17 39.44 15.42
N GLN H 129 3.58 39.12 14.24
CA GLN H 129 3.36 37.72 13.88
C GLN H 129 4.15 37.36 12.63
N PRO H 130 4.77 36.15 12.62
CA PRO H 130 5.57 35.72 11.47
C PRO H 130 4.78 35.83 10.17
N ARG H 131 5.42 36.30 9.10
CA ARG H 131 4.74 36.53 7.84
C ARG H 131 5.66 36.16 6.68
N LEU H 132 5.08 35.55 5.65
CA LEU H 132 5.73 35.41 4.36
C LEU H 132 4.87 36.15 3.33
N THR H 133 5.52 37.00 2.53
CA THR H 133 4.82 37.82 1.55
C THR H 133 5.23 37.38 0.15
N VAL H 134 4.23 37.23 -0.72
CA VAL H 134 4.44 36.86 -2.12
C VAL H 134 3.60 37.78 -2.99
N SER H 135 3.87 37.81 -4.30
CA SER H 135 3.22 38.75 -5.19
C SER H 135 1.97 38.16 -5.84
N THR H 136 1.92 36.81 -5.95
CA THR H 136 0.85 36.18 -6.72
C THR H 136 0.18 35.10 -5.89
N ILE H 137 -1.08 34.82 -6.20
CA ILE H 137 -1.90 33.90 -5.44
C ILE H 137 -1.40 32.47 -5.64
N GLU H 138 -0.77 32.18 -6.79
CA GLU H 138 -0.18 30.87 -7.01
C GLU H 138 0.95 30.59 -6.02
N ASP H 139 1.85 31.58 -5.85
CA ASP H 139 2.93 31.45 -4.88
C ASP H 139 2.38 31.26 -3.48
N LYS H 140 1.29 31.95 -3.17
CA LYS H 140 0.64 31.79 -1.88
C LYS H 140 0.11 30.38 -1.73
N ARG H 141 -0.47 29.82 -2.80
CA ARG H 141 -1.01 28.46 -2.78
C ARG H 141 0.12 27.46 -2.49
N GLN H 142 1.23 27.57 -3.24
CA GLN H 142 2.34 26.66 -3.08
C GLN H 142 2.94 26.76 -1.66
N ALA H 143 3.11 27.98 -1.15
CA ALA H 143 3.57 28.18 0.21
C ALA H 143 2.66 27.45 1.20
N LEU H 144 1.34 27.51 0.98
CA LEU H 144 0.40 26.82 1.85
C LEU H 144 0.53 25.32 1.68
N LEU H 145 0.69 24.85 0.42
CA LEU H 145 0.83 23.43 0.13
C LEU H 145 2.08 22.87 0.82
N ALA H 146 3.15 23.67 0.84
CA ALA H 146 4.41 23.26 1.46
C ALA H 146 4.35 23.40 3.00
N GLY H 147 3.18 23.70 3.56
CA GLY H 147 2.99 23.76 4.99
C GLY H 147 3.77 24.89 5.66
N LEU H 148 3.93 26.02 4.96
CA LEU H 148 4.79 27.11 5.45
C LEU H 148 4.03 28.13 6.28
N GLY H 149 2.70 28.04 6.32
CA GLY H 149 1.92 28.94 7.17
C GLY H 149 0.42 28.71 6.99
N VAL H 150 -0.36 29.72 7.42
CA VAL H 150 -1.81 29.65 7.43
C VAL H 150 -2.37 30.95 6.83
N ALA H 151 -3.38 30.82 5.98
CA ALA H 151 -3.90 31.96 5.26
C ALA H 151 -5.27 31.67 4.67
N THR H 152 -6.00 32.74 4.33
CA THR H 152 -7.26 32.63 3.61
C THR H 152 -6.99 32.34 2.14
N MET H 153 -7.94 31.68 1.48
CA MET H 153 -7.84 31.37 0.06
C MET H 153 -9.24 31.35 -0.54
N PRO H 154 -9.41 31.81 -1.79
CA PRO H 154 -10.70 31.69 -2.47
C PRO H 154 -10.99 30.20 -2.70
N TYR H 155 -12.18 29.76 -2.28
CA TYR H 155 -12.50 28.34 -2.20
C TYR H 155 -12.32 27.64 -3.54
N PRO H 156 -12.83 28.18 -4.67
CA PRO H 156 -12.70 27.50 -5.96
C PRO H 156 -11.28 27.05 -6.32
N MET H 157 -10.29 27.85 -5.97
CA MET H 157 -8.90 27.55 -6.34
C MET H 157 -8.33 26.42 -5.49
N VAL H 158 -8.90 26.17 -4.30
CA VAL H 158 -8.37 25.15 -3.40
C VAL H 158 -9.35 24.00 -3.17
N GLU H 159 -10.53 24.04 -3.82
CA GLU H 159 -11.56 23.03 -3.65
C GLU H 159 -10.99 21.64 -3.93
N LYS H 160 -10.24 21.51 -5.04
CA LYS H 160 -9.64 20.24 -5.41
C LYS H 160 -8.60 19.82 -4.37
N ASP H 161 -7.86 20.79 -3.84
CA ASP H 161 -6.82 20.51 -2.87
C ASP H 161 -7.41 19.97 -1.58
N ILE H 162 -8.57 20.50 -1.18
CA ILE H 162 -9.20 20.01 0.05
C ILE H 162 -9.77 18.62 -0.20
N ALA H 163 -10.32 18.39 -1.41
CA ALA H 163 -10.92 17.12 -1.77
C ALA H 163 -9.87 16.01 -1.65
N GLU H 164 -8.66 16.23 -2.18
CA GLU H 164 -7.63 15.22 -2.20
C GLU H 164 -6.65 15.39 -1.04
N GLY H 165 -7.07 16.10 0.02
CA GLY H 165 -6.31 16.22 1.26
C GLY H 165 -4.89 16.77 1.08
N ARG H 166 -4.73 17.76 0.18
CA ARG H 166 -3.50 18.53 0.14
C ARG H 166 -3.58 19.74 1.08
N LEU H 167 -4.80 20.27 1.27
CA LEU H 167 -5.06 21.32 2.24
C LEU H 167 -6.30 20.97 3.06
N ARG H 168 -6.43 21.62 4.22
CA ARG H 168 -7.50 21.33 5.15
C ARG H 168 -8.00 22.64 5.74
N VAL H 169 -9.32 22.82 5.73
CA VAL H 169 -9.94 24.02 6.27
C VAL H 169 -9.78 23.99 7.77
N VAL H 170 -9.19 25.06 8.33
CA VAL H 170 -8.82 25.06 9.73
C VAL H 170 -10.06 25.16 10.59
N SER H 171 -10.98 26.06 10.23
CA SER H 171 -12.18 26.33 11.00
C SER H 171 -13.22 26.98 10.10
N PRO H 172 -14.45 26.43 10.02
CA PRO H 172 -15.49 27.00 9.19
C PRO H 172 -15.96 28.38 9.65
N GLU H 173 -15.83 28.69 10.95
CA GLU H 173 -16.27 29.96 11.49
C GLU H 173 -15.61 31.13 10.76
N SER H 174 -14.31 30.96 10.43
CA SER H 174 -13.52 31.99 9.76
C SER H 174 -13.96 32.24 8.32
N THR H 175 -14.65 31.28 7.69
CA THR H 175 -15.13 31.45 6.32
C THR H 175 -15.90 32.77 6.17
N SER H 176 -15.58 33.54 5.13
CA SER H 176 -16.21 34.81 4.84
C SER H 176 -16.61 34.88 3.36
N GLU H 177 -17.63 35.67 3.08
CA GLU H 177 -18.12 35.86 1.72
C GLU H 177 -17.68 37.24 1.23
N ILE H 178 -17.27 37.29 -0.04
CA ILE H 178 -16.83 38.52 -0.66
C ILE H 178 -17.61 38.69 -1.95
N ASP H 179 -18.13 39.90 -2.16
CA ASP H 179 -18.85 40.23 -3.38
C ASP H 179 -17.82 40.69 -4.41
N ILE H 180 -17.81 40.03 -5.57
CA ILE H 180 -16.94 40.42 -6.68
C ILE H 180 -17.76 41.31 -7.58
N ILE H 181 -17.26 42.53 -7.81
CA ILE H 181 -18.02 43.59 -8.49
C ILE H 181 -17.25 44.04 -9.71
N MET H 182 -18.01 44.52 -10.71
CA MET H 182 -17.44 45.13 -11.89
C MET H 182 -17.65 46.65 -11.79
N ALA H 183 -16.56 47.41 -11.89
CA ALA H 183 -16.60 48.86 -11.74
C ALA H 183 -15.94 49.50 -12.95
N TRP H 184 -16.32 50.75 -13.21
CA TRP H 184 -15.84 51.52 -14.34
C TRP H 184 -16.14 53.01 -14.13
N ARG H 185 -15.58 53.85 -14.99
CA ARG H 185 -15.71 55.31 -14.86
C ARG H 185 -16.54 55.82 -16.02
N ARG H 186 -17.41 56.82 -15.77
CA ARG H 186 -18.34 57.27 -16.78
C ARG H 186 -17.72 58.31 -17.70
N ASP H 187 -16.67 59.01 -17.22
CA ASP H 187 -16.09 60.16 -17.91
C ASP H 187 -15.48 59.80 -19.26
N SER H 188 -15.27 58.49 -19.56
CA SER H 188 -14.79 58.07 -20.86
C SER H 188 -15.54 56.80 -21.23
N MET H 189 -16.04 56.77 -22.47
CA MET H 189 -16.98 55.74 -22.84
C MET H 189 -16.76 55.39 -24.32
N GLY H 190 -16.95 54.10 -24.66
CA GLY H 190 -16.63 53.72 -26.03
C GLY H 190 -17.26 52.40 -26.41
N GLU H 191 -17.14 52.09 -27.71
CA GLU H 191 -17.74 50.89 -28.28
C GLU H 191 -17.32 49.64 -27.52
N ALA H 192 -16.00 49.44 -27.45
CA ALA H 192 -15.41 48.24 -26.86
C ALA H 192 -15.71 48.20 -25.37
N LYS H 193 -15.51 49.34 -24.69
CA LYS H 193 -15.74 49.40 -23.26
C LYS H 193 -17.19 49.03 -22.93
N SER H 194 -18.16 49.65 -23.64
CA SER H 194 -19.57 49.42 -23.39
C SER H 194 -19.91 47.96 -23.66
N TRP H 195 -19.38 47.42 -24.77
CA TRP H 195 -19.68 46.05 -25.15
C TRP H 195 -19.26 45.09 -24.04
N CYS H 196 -18.04 45.27 -23.52
CA CYS H 196 -17.55 44.42 -22.44
C CYS H 196 -18.43 44.56 -21.20
N LEU H 197 -18.84 45.79 -20.88
CA LEU H 197 -19.61 46.01 -19.65
C LEU H 197 -20.90 45.19 -19.66
N ARG H 198 -21.42 44.86 -20.86
CA ARG H 198 -22.66 44.09 -20.92
C ARG H 198 -22.37 42.61 -21.08
N GLU H 199 -21.17 42.27 -21.55
CA GLU H 199 -20.80 40.89 -21.83
C GLU H 199 -20.24 40.18 -20.60
N ILE H 200 -19.52 40.92 -19.76
CA ILE H 200 -18.88 40.31 -18.60
C ILE H 200 -19.89 39.66 -17.64
N PRO H 201 -21.03 40.31 -17.28
CA PRO H 201 -22.03 39.65 -16.45
C PRO H 201 -22.55 38.33 -17.00
N LYS H 202 -22.62 38.20 -18.33
CA LYS H 202 -23.08 36.95 -18.94
C LYS H 202 -22.13 35.80 -18.60
N LEU H 203 -20.85 36.10 -18.34
CA LEU H 203 -19.87 35.07 -18.01
C LEU H 203 -20.19 34.42 -16.67
N PHE H 204 -20.90 35.12 -15.79
CA PHE H 204 -21.17 34.61 -14.45
C PHE H 204 -22.68 34.55 -14.22
N ASN H 205 -23.30 33.43 -14.63
CA ASN H 205 -24.70 33.18 -14.32
C ASN H 205 -25.62 34.16 -15.04
N GLY H 206 -25.15 34.60 -16.22
CA GLY H 206 -25.85 35.60 -17.02
C GLY H 206 -26.24 35.15 -18.44
N THR I 6 -47.58 -20.00 52.69
CA THR I 6 -48.20 -19.23 53.81
C THR I 6 -48.77 -17.87 53.34
N HIS I 7 -48.18 -17.36 52.27
CA HIS I 7 -48.58 -16.07 51.70
C HIS I 7 -48.82 -16.23 50.20
N LEU I 8 -50.04 -15.89 49.75
CA LEU I 8 -50.34 -15.76 48.33
C LEU I 8 -50.66 -14.30 48.01
N THR I 9 -50.17 -13.81 46.87
CA THR I 9 -50.53 -12.48 46.39
C THR I 9 -51.24 -12.63 45.05
N ILE I 10 -52.47 -12.08 44.96
CA ILE I 10 -53.17 -11.97 43.70
C ILE I 10 -53.25 -10.49 43.34
N VAL I 11 -52.95 -10.19 42.07
CA VAL I 11 -53.05 -8.84 41.56
C VAL I 11 -54.29 -8.74 40.69
N THR I 12 -55.19 -7.84 41.08
CA THR I 12 -56.33 -7.50 40.26
C THR I 12 -56.14 -6.09 39.72
N GLU I 13 -55.92 -5.97 38.41
CA GLU I 13 -55.76 -4.66 37.77
C GLU I 13 -56.99 -3.80 38.06
N ALA I 14 -56.82 -2.48 37.95
CA ALA I 14 -57.81 -1.52 38.38
C ALA I 14 -59.17 -1.79 37.74
N LEU I 15 -59.17 -2.20 36.45
CA LEU I 15 -60.41 -2.47 35.72
C LEU I 15 -61.16 -3.67 36.32
N VAL I 16 -60.49 -4.50 37.13
CA VAL I 16 -61.07 -5.73 37.61
C VAL I 16 -61.58 -5.52 39.04
N PRO I 17 -62.86 -5.82 39.33
CA PRO I 17 -63.40 -5.64 40.66
C PRO I 17 -62.76 -6.62 41.64
N THR I 18 -62.07 -6.06 42.64
CA THR I 18 -61.40 -6.86 43.65
C THR I 18 -62.40 -7.71 44.42
N PRO I 19 -63.57 -7.18 44.87
CA PRO I 19 -64.48 -7.98 45.70
C PRO I 19 -65.03 -9.25 45.02
N ALA I 20 -64.85 -9.38 43.70
CA ALA I 20 -65.24 -10.60 42.99
C ALA I 20 -64.48 -11.81 43.50
N PHE I 21 -63.29 -11.59 44.10
CA PHE I 21 -62.42 -12.67 44.54
C PHE I 21 -62.58 -12.97 46.03
N PHE I 22 -63.64 -12.45 46.65
CA PHE I 22 -63.80 -12.55 48.09
C PHE I 22 -64.16 -13.98 48.48
N PRO I 23 -65.03 -14.68 47.71
CA PRO I 23 -65.38 -16.06 48.08
C PRO I 23 -64.20 -16.96 48.38
N LEU I 24 -63.04 -16.69 47.78
CA LEU I 24 -61.85 -17.52 47.95
C LEU I 24 -61.33 -17.49 49.39
N ILE I 25 -61.50 -16.38 50.10
CA ILE I 25 -60.73 -16.11 51.31
C ILE I 25 -60.94 -17.20 52.38
N ASP I 26 -62.21 -17.47 52.75
CA ASP I 26 -62.49 -18.49 53.73
C ASP I 26 -62.10 -19.87 53.24
N LYS I 27 -62.35 -20.16 51.95
CA LYS I 27 -61.96 -21.43 51.36
C LYS I 27 -60.45 -21.59 51.42
N LEU I 28 -59.71 -20.52 51.12
CA LEU I 28 -58.25 -20.58 51.10
C LEU I 28 -57.69 -20.79 52.50
N ALA I 29 -58.37 -20.28 53.52
CA ALA I 29 -57.89 -20.40 54.88
C ALA I 29 -58.08 -21.84 55.39
N ALA I 30 -59.14 -22.51 54.96
CA ALA I 30 -59.38 -23.91 55.32
C ALA I 30 -58.54 -24.85 54.45
N LYS I 31 -58.22 -24.43 53.24
CA LYS I 31 -57.45 -25.24 52.30
C LYS I 31 -55.98 -25.30 52.70
N ALA I 32 -55.42 -24.15 53.12
CA ALA I 32 -54.04 -24.01 53.54
C ALA I 32 -53.98 -22.86 54.55
N ASN I 33 -52.84 -22.71 55.25
CA ASN I 33 -52.68 -21.62 56.20
C ASN I 33 -52.32 -20.31 55.48
N THR I 34 -52.77 -20.19 54.22
CA THR I 34 -52.32 -19.11 53.37
C THR I 34 -53.03 -17.81 53.71
N GLN I 35 -52.24 -16.76 54.01
CA GLN I 35 -52.76 -15.42 54.22
C GLN I 35 -52.74 -14.69 52.87
N LEU I 36 -53.92 -14.25 52.45
CA LEU I 36 -54.10 -13.72 51.11
C LEU I 36 -53.81 -12.22 51.10
N ALA I 37 -53.32 -11.75 49.94
CA ALA I 37 -53.27 -10.34 49.57
C ALA I 37 -53.87 -10.20 48.17
N ILE I 38 -54.93 -9.40 48.06
CA ILE I 38 -55.47 -9.02 46.77
C ILE I 38 -55.09 -7.56 46.51
N ILE I 39 -54.10 -7.37 45.63
CA ILE I 39 -53.46 -6.09 45.41
C ILE I 39 -53.97 -5.51 44.10
N THR I 40 -54.19 -4.18 44.10
CA THR I 40 -54.61 -3.49 42.89
C THR I 40 -53.41 -2.80 42.27
N GLU I 41 -53.27 -2.95 40.95
CA GLU I 41 -52.27 -2.24 40.17
C GLU I 41 -52.96 -1.66 38.94
N VAL I 42 -52.26 -0.80 38.21
CA VAL I 42 -52.82 -0.16 37.04
C VAL I 42 -51.97 -0.50 35.82
N LEU I 43 -52.63 -1.01 34.77
CA LEU I 43 -52.01 -1.27 33.48
C LEU I 43 -50.70 -2.04 33.62
N ALA I 44 -49.56 -1.41 33.24
CA ALA I 44 -48.27 -2.08 33.22
C ALA I 44 -47.85 -2.53 34.63
N GLY I 45 -48.34 -1.86 35.66
CA GLY I 45 -47.94 -2.17 37.03
C GLY I 45 -48.23 -3.63 37.38
N ALA I 46 -49.36 -4.14 36.88
CA ALA I 46 -49.77 -5.50 37.17
C ALA I 46 -48.75 -6.49 36.61
N TRP I 47 -48.29 -6.25 35.39
CA TRP I 47 -47.34 -7.14 34.73
C TRP I 47 -45.94 -7.00 35.29
N GLU I 48 -45.57 -5.78 35.69
CA GLU I 48 -44.31 -5.54 36.35
C GLU I 48 -44.23 -6.40 37.61
N ARG I 49 -45.35 -6.50 38.34
CA ARG I 49 -45.36 -7.29 39.56
C ARG I 49 -45.11 -8.76 39.25
N LEU I 50 -45.66 -9.26 38.14
CA LEU I 50 -45.50 -10.66 37.77
C LEU I 50 -44.05 -10.93 37.36
N GLU I 51 -43.45 -10.03 36.58
CA GLU I 51 -42.07 -10.16 36.13
C GLU I 51 -41.13 -10.22 37.34
N GLN I 52 -41.33 -9.31 38.30
CA GLN I 52 -40.44 -9.15 39.44
C GLN I 52 -40.73 -10.20 40.52
N GLY I 53 -41.57 -11.19 40.22
CA GLY I 53 -41.84 -12.27 41.16
C GLY I 53 -42.47 -11.81 42.48
N ARG I 54 -43.23 -10.70 42.42
CA ARG I 54 -43.87 -10.15 43.62
C ARG I 54 -45.39 -10.39 43.58
N ALA I 55 -45.86 -11.22 42.64
CA ALA I 55 -47.27 -11.49 42.46
C ALA I 55 -47.39 -12.89 41.86
N ASP I 56 -48.15 -13.77 42.54
CA ASP I 56 -48.30 -15.15 42.14
C ASP I 56 -49.26 -15.29 40.97
N ILE I 57 -50.37 -14.54 40.99
CA ILE I 57 -51.37 -14.60 39.92
C ILE I 57 -51.81 -13.18 39.56
N VAL I 58 -51.98 -12.93 38.26
CA VAL I 58 -52.38 -11.63 37.77
C VAL I 58 -53.72 -11.74 37.03
N ILE I 59 -54.67 -10.86 37.40
CA ILE I 59 -55.93 -10.73 36.69
C ILE I 59 -55.97 -9.32 36.08
N ALA I 60 -55.82 -9.25 34.76
CA ALA I 60 -55.57 -7.99 34.09
C ALA I 60 -56.08 -8.08 32.66
N PRO I 61 -56.25 -6.93 31.97
CA PRO I 61 -56.58 -6.96 30.55
C PRO I 61 -55.48 -7.56 29.69
N ASP I 62 -55.89 -8.10 28.52
CA ASP I 62 -54.96 -8.80 27.67
C ASP I 62 -54.01 -7.76 27.08
N MET I 63 -52.85 -7.72 27.72
CA MET I 63 -51.86 -6.64 27.66
C MET I 63 -50.51 -7.22 27.26
N HIS I 64 -50.32 -8.51 27.50
CA HIS I 64 -49.19 -9.30 27.00
C HIS I 64 -49.76 -10.19 25.89
N PHE I 65 -48.90 -10.48 24.89
CA PHE I 65 -49.23 -11.39 23.79
C PHE I 65 -48.34 -12.65 23.87
N ARG I 66 -47.08 -12.41 24.23
CA ARG I 66 -46.07 -13.43 24.45
C ARG I 66 -44.98 -12.68 25.21
N SER I 67 -43.81 -13.26 25.40
CA SER I 67 -42.71 -12.66 26.13
C SER I 67 -41.49 -13.55 26.05
N SER I 68 -40.45 -13.20 26.81
CA SER I 68 -39.24 -13.99 26.92
C SER I 68 -39.38 -15.01 28.07
N SER I 69 -39.83 -14.52 29.23
CA SER I 69 -40.13 -15.36 30.37
C SER I 69 -41.35 -16.20 30.03
N GLU I 70 -41.47 -17.38 30.68
CA GLU I 70 -42.55 -18.32 30.42
C GLU I 70 -43.74 -17.93 31.29
N ILE I 71 -44.75 -17.28 30.72
CA ILE I 71 -46.02 -16.91 31.33
C ILE I 71 -47.12 -17.72 30.66
N ASN I 72 -48.00 -18.37 31.44
CA ASN I 72 -49.21 -18.98 30.92
C ASN I 72 -50.42 -18.11 31.24
N SER I 73 -51.38 -18.05 30.30
CA SER I 73 -52.55 -17.20 30.44
C SER I 73 -53.81 -17.96 30.04
N ARG I 74 -54.95 -17.58 30.63
CA ARG I 74 -56.24 -18.19 30.35
C ARG I 74 -57.31 -17.11 30.43
N LYS I 75 -58.25 -17.12 29.48
CA LYS I 75 -59.21 -16.02 29.35
C LYS I 75 -60.37 -16.24 30.32
N LEU I 76 -60.75 -15.18 31.05
CA LEU I 76 -61.80 -15.28 32.06
C LEU I 76 -63.14 -14.73 31.55
N TYR I 77 -63.16 -13.51 31.02
CA TYR I 77 -64.39 -12.91 30.54
C TYR I 77 -64.09 -11.70 29.65
N THR I 78 -65.13 -11.18 28.99
CA THR I 78 -65.02 -9.98 28.20
C THR I 78 -65.62 -8.81 28.96
N LEU I 79 -64.89 -7.69 28.98
CA LEU I 79 -65.32 -6.47 29.64
C LEU I 79 -65.58 -5.40 28.57
N MET I 80 -66.63 -4.61 28.78
CA MET I 80 -67.02 -3.56 27.86
C MET I 80 -66.65 -2.21 28.47
N ASN I 81 -65.88 -1.41 27.70
CA ASN I 81 -65.47 -0.07 28.10
C ASN I 81 -66.25 0.96 27.30
N VAL I 82 -66.78 1.97 27.99
CA VAL I 82 -67.68 2.95 27.38
C VAL I 82 -67.15 4.35 27.66
N TYR I 83 -67.12 5.19 26.62
CA TYR I 83 -66.78 6.60 26.76
C TYR I 83 -67.97 7.34 27.33
N VAL I 84 -67.79 7.94 28.51
CA VAL I 84 -68.89 8.49 29.29
C VAL I 84 -68.56 9.91 29.75
N ALA I 85 -69.58 10.60 30.24
CA ALA I 85 -69.48 11.96 30.78
C ALA I 85 -70.81 12.31 31.44
N ALA I 86 -70.81 13.36 32.27
CA ALA I 86 -72.01 13.79 32.97
C ALA I 86 -73.04 14.23 31.92
N PRO I 87 -74.35 14.05 32.20
CA PRO I 87 -75.41 14.33 31.23
C PRO I 87 -75.36 15.75 30.64
N ASP I 88 -74.92 16.75 31.42
CA ASP I 88 -74.91 18.14 31.00
C ASP I 88 -73.49 18.58 30.60
N HIS I 89 -72.60 17.63 30.31
CA HIS I 89 -71.30 17.98 29.76
C HIS I 89 -71.46 18.41 28.31
N PRO I 90 -70.77 19.49 27.86
CA PRO I 90 -70.90 19.96 26.47
C PRO I 90 -70.61 18.93 25.38
N ILE I 91 -69.88 17.86 25.69
CA ILE I 91 -69.52 16.85 24.69
C ILE I 91 -70.77 16.22 24.07
N HIS I 92 -71.86 16.15 24.82
CA HIS I 92 -73.09 15.51 24.37
C HIS I 92 -73.77 16.29 23.25
N GLN I 93 -73.62 17.62 23.22
CA GLN I 93 -74.20 18.45 22.18
C GLN I 93 -73.32 18.48 20.94
N GLU I 94 -72.10 17.93 21.03
CA GLU I 94 -71.15 17.95 19.93
C GLU I 94 -71.54 16.91 18.86
N PRO I 95 -71.48 17.28 17.56
CA PRO I 95 -71.83 16.34 16.49
C PRO I 95 -70.87 15.16 16.34
N GLU I 96 -69.56 15.41 16.34
CA GLU I 96 -68.54 14.38 16.16
C GLU I 96 -67.61 14.38 17.38
N PRO I 97 -68.07 13.81 18.52
CA PRO I 97 -67.27 13.85 19.75
C PRO I 97 -65.87 13.26 19.59
N LEU I 98 -65.72 12.22 18.76
CA LEU I 98 -64.43 11.53 18.67
C LEU I 98 -63.44 12.23 17.72
N SER I 99 -63.92 13.22 16.98
CA SER I 99 -63.03 13.97 16.09
C SER I 99 -61.92 14.65 16.92
N GLU I 100 -60.67 14.50 16.45
CA GLU I 100 -59.48 15.00 17.13
C GLU I 100 -59.62 16.49 17.45
N VAL I 101 -60.26 17.22 16.53
CA VAL I 101 -60.48 18.65 16.71
C VAL I 101 -61.37 18.90 17.93
N THR I 102 -62.36 18.02 18.14
CA THR I 102 -63.28 18.17 19.26
C THR I 102 -62.65 17.71 20.59
N ARG I 103 -61.97 16.57 20.59
CA ARG I 103 -61.48 15.96 21.82
C ARG I 103 -60.52 16.88 22.57
N VAL I 104 -59.69 17.63 21.82
CA VAL I 104 -58.73 18.54 22.42
C VAL I 104 -59.44 19.62 23.24
N LYS I 105 -60.68 19.98 22.85
CA LYS I 105 -61.40 21.03 23.55
C LYS I 105 -61.68 20.66 25.01
N TYR I 106 -61.93 19.36 25.26
CA TYR I 106 -62.48 18.91 26.53
C TYR I 106 -61.45 18.09 27.31
N ARG I 107 -61.64 18.04 28.63
CA ARG I 107 -60.60 17.54 29.52
C ARG I 107 -60.70 16.03 29.62
N GLY I 108 -59.59 15.32 29.34
CA GLY I 108 -59.51 13.89 29.57
C GLY I 108 -59.30 13.59 31.06
N ILE I 109 -59.69 12.37 31.46
CA ILE I 109 -59.41 11.87 32.80
C ILE I 109 -58.69 10.53 32.63
N ALA I 110 -57.51 10.42 33.26
CA ALA I 110 -56.66 9.26 33.11
C ALA I 110 -56.30 8.68 34.49
N VAL I 111 -55.97 7.39 34.51
CA VAL I 111 -55.53 6.75 35.73
C VAL I 111 -54.04 6.44 35.58
N ALA I 112 -53.25 6.91 36.55
CA ALA I 112 -51.80 6.79 36.51
C ALA I 112 -51.42 5.31 36.44
N ASP I 113 -50.55 4.96 35.47
CA ASP I 113 -49.87 3.67 35.45
C ASP I 113 -48.95 3.65 36.68
N THR I 114 -49.04 2.56 37.48
CA THR I 114 -48.45 2.54 38.81
C THR I 114 -47.07 3.23 38.96
N ALA I 115 -46.08 2.64 38.28
CA ALA I 115 -44.70 3.12 38.38
C ALA I 115 -44.38 4.08 37.24
N ARG I 116 -45.41 4.48 36.46
CA ARG I 116 -45.27 5.15 35.16
C ARG I 116 -44.33 4.40 34.20
N GLU I 117 -44.41 3.06 34.22
CA GLU I 117 -43.61 2.28 33.29
C GLU I 117 -43.85 2.84 31.89
N ARG I 118 -45.13 2.90 31.47
CA ARG I 118 -45.51 3.38 30.15
C ARG I 118 -45.51 2.25 29.10
N PRO I 119 -46.47 1.31 29.11
CA PRO I 119 -46.51 0.23 28.11
C PRO I 119 -47.58 0.42 27.07
N VAL I 120 -47.45 1.36 26.12
CA VAL I 120 -48.50 1.70 25.18
C VAL I 120 -49.80 1.78 25.98
N LEU I 121 -49.73 2.50 27.11
CA LEU I 121 -50.86 2.80 27.97
C LEU I 121 -51.82 3.83 27.35
N THR I 122 -51.38 4.53 26.30
CA THR I 122 -52.23 5.48 25.60
C THR I 122 -53.37 4.70 24.94
N VAL I 123 -54.63 4.99 25.31
CA VAL I 123 -55.72 4.12 24.90
C VAL I 123 -56.29 4.71 23.60
N GLN I 124 -56.55 6.02 23.59
CA GLN I 124 -57.33 6.50 22.46
C GLN I 124 -56.94 7.90 22.05
N LEU I 125 -56.52 8.74 23.01
CA LEU I 125 -56.45 10.19 22.86
C LEU I 125 -54.98 10.70 22.90
N LEU I 126 -54.82 11.99 22.51
CA LEU I 126 -53.63 12.61 21.95
C LEU I 126 -53.08 13.66 22.93
N ASP I 127 -52.16 14.51 22.44
CA ASP I 127 -51.47 15.53 23.21
C ASP I 127 -52.27 16.86 23.22
N LYS I 128 -51.70 17.86 23.88
CA LYS I 128 -52.13 19.24 23.91
C LYS I 128 -53.58 19.38 24.39
N GLN I 129 -54.04 18.50 25.28
CA GLN I 129 -55.43 18.49 25.69
C GLN I 129 -55.49 18.51 27.21
N PRO I 130 -56.46 19.24 27.79
CA PRO I 130 -56.59 19.29 29.26
C PRO I 130 -56.71 17.88 29.84
N ARG I 131 -56.06 17.64 30.97
CA ARG I 131 -56.02 16.31 31.56
C ARG I 131 -56.13 16.42 33.09
N LEU I 132 -56.84 15.48 33.69
CA LEU I 132 -56.75 15.21 35.12
C LEU I 132 -56.27 13.77 35.31
N THR I 133 -55.29 13.57 36.19
CA THR I 133 -54.77 12.24 36.46
C THR I 133 -55.10 11.86 37.90
N VAL I 134 -55.62 10.64 38.09
CA VAL I 134 -55.95 10.11 39.40
C VAL I 134 -55.38 8.71 39.51
N SER I 135 -55.30 8.19 40.75
CA SER I 135 -54.65 6.92 40.98
C SER I 135 -55.62 5.74 40.93
N THR I 136 -56.90 6.00 41.21
CA THR I 136 -57.89 4.94 41.38
C THR I 136 -59.08 5.18 40.45
N ILE I 137 -59.78 4.11 40.10
CA ILE I 137 -60.91 4.17 39.20
C ILE I 137 -62.09 4.84 39.90
N GLU I 138 -62.17 4.75 41.22
CA GLU I 138 -63.21 5.42 41.99
C GLU I 138 -63.06 6.94 41.84
N ASP I 139 -61.84 7.46 42.00
CA ASP I 139 -61.58 8.89 41.86
C ASP I 139 -61.93 9.33 40.44
N LYS I 140 -61.65 8.48 39.45
CA LYS I 140 -62.00 8.77 38.08
C LYS I 140 -63.51 8.84 37.93
N ARG I 141 -64.23 7.93 38.59
CA ARG I 141 -65.69 7.91 38.53
C ARG I 141 -66.26 9.21 39.10
N GLN I 142 -65.79 9.60 40.28
CA GLN I 142 -66.26 10.82 40.93
C GLN I 142 -65.97 12.06 40.10
N ALA I 143 -64.77 12.14 39.53
CA ALA I 143 -64.42 13.22 38.61
C ALA I 143 -65.41 13.28 37.45
N LEU I 144 -65.79 12.12 36.91
CA LEU I 144 -66.75 12.06 35.82
C LEU I 144 -68.14 12.49 36.32
N LEU I 145 -68.52 12.02 37.54
CA LEU I 145 -69.81 12.37 38.12
C LEU I 145 -69.92 13.88 38.33
N ALA I 146 -68.81 14.52 38.74
CA ALA I 146 -68.76 15.95 38.97
C ALA I 146 -68.66 16.73 37.66
N GLY I 147 -68.77 16.05 36.50
CA GLY I 147 -68.77 16.71 35.21
C GLY I 147 -67.45 17.40 34.89
N LEU I 148 -66.31 16.82 35.34
CA LEU I 148 -65.02 17.48 35.23
C LEU I 148 -64.28 17.09 33.94
N GLY I 149 -64.79 16.14 33.17
CA GLY I 149 -64.12 15.69 31.97
C GLY I 149 -64.80 14.48 31.33
N VAL I 150 -64.10 13.85 30.38
CA VAL I 150 -64.63 12.75 29.58
C VAL I 150 -63.59 11.64 29.54
N ALA I 151 -64.04 10.40 29.71
CA ALA I 151 -63.10 9.28 29.80
C ALA I 151 -63.85 7.96 29.61
N THR I 152 -63.06 6.90 29.37
CA THR I 152 -63.56 5.54 29.28
C THR I 152 -63.82 5.01 30.69
N MET I 153 -64.75 4.06 30.79
CA MET I 153 -65.04 3.39 32.03
C MET I 153 -65.54 1.98 31.74
N PRO I 154 -65.20 0.99 32.60
CA PRO I 154 -65.80 -0.34 32.46
C PRO I 154 -67.29 -0.26 32.73
N TYR I 155 -68.08 -0.81 31.81
CA TYR I 155 -69.53 -0.64 31.80
C TYR I 155 -70.16 -1.09 33.11
N PRO I 156 -69.82 -2.26 33.67
CA PRO I 156 -70.44 -2.71 34.93
C PRO I 156 -70.43 -1.70 36.06
N MET I 157 -69.34 -0.93 36.18
CA MET I 157 -69.20 0.00 37.29
C MET I 157 -70.09 1.22 37.10
N VAL I 158 -70.49 1.53 35.84
CA VAL I 158 -71.27 2.74 35.57
C VAL I 158 -72.66 2.41 35.01
N GLU I 159 -73.01 1.12 34.90
CA GLU I 159 -74.30 0.71 34.36
C GLU I 159 -75.42 1.36 35.16
N LYS I 160 -75.33 1.32 36.49
CA LYS I 160 -76.32 1.92 37.37
C LYS I 160 -76.35 3.43 37.17
N ASP I 161 -75.19 4.03 36.99
CA ASP I 161 -75.09 5.48 36.82
C ASP I 161 -75.77 5.93 35.53
N ILE I 162 -75.67 5.13 34.47
CA ILE I 162 -76.32 5.49 33.21
C ILE I 162 -77.83 5.31 33.35
N ALA I 163 -78.23 4.25 34.08
CA ALA I 163 -79.64 3.92 34.28
C ALA I 163 -80.34 5.10 34.96
N GLU I 164 -79.73 5.64 36.02
CA GLU I 164 -80.33 6.72 36.80
C GLU I 164 -79.84 8.09 36.37
N GLY I 165 -79.30 8.18 35.13
CA GLY I 165 -78.93 9.44 34.51
C GLY I 165 -77.95 10.28 35.33
N ARG I 166 -76.97 9.62 35.97
CA ARG I 166 -75.84 10.33 36.54
C ARG I 166 -74.71 10.46 35.51
N LEU I 167 -74.63 9.51 34.57
CA LEU I 167 -73.68 9.56 33.47
C LEU I 167 -74.40 9.18 32.17
N ARG I 168 -73.79 9.55 31.04
CA ARG I 168 -74.37 9.34 29.73
C ARG I 168 -73.27 8.96 28.76
N VAL I 169 -73.52 7.93 27.95
CA VAL I 169 -72.52 7.44 27.00
C VAL I 169 -72.41 8.46 25.89
N VAL I 170 -71.19 8.93 25.63
CA VAL I 170 -71.00 10.05 24.71
C VAL I 170 -71.21 9.56 23.29
N SER I 171 -70.61 8.40 22.97
CA SER I 171 -70.78 7.86 21.61
C SER I 171 -70.57 6.35 21.60
N PRO I 172 -71.60 5.57 21.21
CA PRO I 172 -71.49 4.11 21.30
C PRO I 172 -70.46 3.51 20.35
N GLU I 173 -70.16 4.21 19.23
CA GLU I 173 -69.22 3.64 18.26
C GLU I 173 -67.86 3.40 18.90
N SER I 174 -67.46 4.30 19.80
CA SER I 174 -66.17 4.21 20.50
C SER I 174 -66.08 3.04 21.47
N THR I 175 -67.23 2.51 21.94
CA THR I 175 -67.25 1.40 22.89
C THR I 175 -66.40 0.24 22.36
N SER I 176 -65.57 -0.33 23.22
CA SER I 176 -64.65 -1.40 22.85
C SER I 176 -64.67 -2.51 23.89
N GLU I 177 -64.39 -3.75 23.45
CA GLU I 177 -64.37 -4.91 24.31
C GLU I 177 -62.94 -5.32 24.62
N ILE I 178 -62.72 -5.71 25.87
CA ILE I 178 -61.39 -6.08 26.37
C ILE I 178 -61.51 -7.44 27.02
N ASP I 179 -60.54 -8.31 26.73
CA ASP I 179 -60.47 -9.62 27.35
C ASP I 179 -59.73 -9.50 28.68
N ILE I 180 -60.37 -9.97 29.75
CA ILE I 180 -59.75 -10.04 31.06
C ILE I 180 -59.17 -11.45 31.20
N ILE I 181 -57.85 -11.52 31.43
CA ILE I 181 -57.14 -12.79 31.42
C ILE I 181 -56.50 -13.03 32.78
N MET I 182 -56.29 -14.32 33.07
CA MET I 182 -55.54 -14.75 34.24
C MET I 182 -54.19 -15.26 33.76
N ALA I 183 -53.09 -14.70 34.31
CA ALA I 183 -51.75 -15.09 33.93
C ALA I 183 -50.94 -15.45 35.17
N TRP I 184 -49.90 -16.27 34.97
CA TRP I 184 -49.06 -16.78 36.03
C TRP I 184 -47.77 -17.34 35.44
N ARG I 185 -46.82 -17.67 36.33
CA ARG I 185 -45.50 -18.15 35.95
C ARG I 185 -45.36 -19.62 36.34
N ARG I 186 -44.60 -20.39 35.56
CA ARG I 186 -44.55 -21.83 35.76
C ARG I 186 -43.49 -22.25 36.78
N ASP I 187 -42.51 -21.40 37.02
CA ASP I 187 -41.35 -21.66 37.89
C ASP I 187 -41.74 -21.92 39.34
N SER I 188 -42.97 -21.62 39.76
CA SER I 188 -43.45 -21.98 41.09
C SER I 188 -44.88 -22.50 40.94
N MET I 189 -45.18 -23.60 41.63
CA MET I 189 -46.55 -24.09 41.64
C MET I 189 -46.84 -24.64 43.03
N GLY I 190 -47.29 -23.78 43.94
CA GLY I 190 -47.64 -24.18 45.28
C GLY I 190 -49.07 -24.70 45.35
N GLU I 191 -49.40 -25.29 46.51
CA GLU I 191 -50.74 -25.77 46.82
C GLU I 191 -51.77 -24.67 46.58
N ALA I 192 -51.57 -23.52 47.25
CA ALA I 192 -52.51 -22.41 47.24
C ALA I 192 -52.60 -21.83 45.85
N LYS I 193 -51.46 -21.59 45.22
CA LYS I 193 -51.43 -21.01 43.89
C LYS I 193 -52.18 -21.90 42.90
N SER I 194 -51.89 -23.22 42.89
CA SER I 194 -52.54 -24.15 41.98
C SER I 194 -54.05 -24.16 42.22
N TRP I 195 -54.43 -24.21 43.50
CA TRP I 195 -55.84 -24.25 43.86
C TRP I 195 -56.59 -23.04 43.30
N CYS I 196 -56.02 -21.85 43.47
CA CYS I 196 -56.62 -20.63 42.97
C CYS I 196 -56.71 -20.68 41.44
N LEU I 197 -55.69 -21.20 40.77
CA LEU I 197 -55.67 -21.19 39.31
C LEU I 197 -56.87 -21.96 38.76
N ARG I 198 -57.41 -22.92 39.53
CA ARG I 198 -58.55 -23.70 39.06
C ARG I 198 -59.85 -23.09 39.58
N GLU I 199 -59.78 -22.32 40.67
CA GLU I 199 -60.97 -21.79 41.33
C GLU I 199 -61.42 -20.46 40.73
N ILE I 200 -60.46 -19.64 40.31
CA ILE I 200 -60.76 -18.30 39.81
C ILE I 200 -61.66 -18.35 38.57
N PRO I 201 -61.43 -19.21 37.56
CA PRO I 201 -62.36 -19.31 36.43
C PRO I 201 -63.79 -19.62 36.81
N LYS I 202 -63.99 -20.39 37.89
CA LYS I 202 -65.33 -20.73 38.36
C LYS I 202 -66.09 -19.47 38.78
N LEU I 203 -65.37 -18.43 39.22
CA LEU I 203 -65.99 -17.18 39.65
C LEU I 203 -66.67 -16.49 38.49
N PHE I 204 -66.20 -16.72 37.26
CA PHE I 204 -66.70 -16.00 36.09
C PHE I 204 -67.21 -16.96 35.02
N ASN I 205 -67.91 -18.03 35.44
CA ASN I 205 -68.53 -18.91 34.46
C ASN I 205 -69.73 -18.20 33.80
N GLY I 206 -69.65 -18.01 32.46
CA GLY I 206 -70.69 -17.35 31.68
C GLY I 206 -70.48 -15.84 31.47
N LYS I 207 -69.41 -15.26 32.06
CA LYS I 207 -69.19 -13.83 31.96
C LYS I 207 -68.26 -13.56 30.75
N MET J 4 -49.27 27.56 26.53
CA MET J 4 -48.53 27.81 27.80
C MET J 4 -49.14 27.06 29.00
N GLU J 5 -49.07 25.73 28.97
CA GLU J 5 -49.63 24.88 30.03
C GLU J 5 -48.56 24.52 31.08
N THR J 6 -49.00 23.87 32.16
CA THR J 6 -48.24 23.67 33.40
C THR J 6 -48.69 22.39 34.08
N HIS J 7 -47.82 21.69 34.81
CA HIS J 7 -48.14 20.43 35.44
C HIS J 7 -47.82 20.47 36.93
N LEU J 8 -48.83 20.26 37.77
CA LEU J 8 -48.65 20.09 39.20
C LEU J 8 -49.07 18.71 39.64
N THR J 9 -48.32 18.09 40.56
CA THR J 9 -48.63 16.77 41.07
C THR J 9 -48.89 16.82 42.57
N ILE J 10 -50.09 16.42 42.99
CA ILE J 10 -50.53 16.46 44.37
C ILE J 10 -50.71 15.01 44.83
N VAL J 11 -50.21 14.69 46.01
CA VAL J 11 -50.38 13.40 46.62
C VAL J 11 -51.39 13.53 47.75
N THR J 12 -52.50 12.79 47.62
CA THR J 12 -53.46 12.67 48.71
C THR J 12 -53.38 11.25 49.27
N GLU J 13 -52.87 11.12 50.49
CA GLU J 13 -52.79 9.82 51.16
C GLU J 13 -54.17 9.19 51.20
N ALA J 14 -54.19 7.86 51.35
CA ALA J 14 -55.40 7.06 51.23
C ALA J 14 -56.51 7.59 52.14
N LEU J 15 -56.16 8.02 53.36
CA LEU J 15 -57.12 8.54 54.32
C LEU J 15 -57.79 9.82 53.83
N VAL J 16 -57.21 10.49 52.83
CA VAL J 16 -57.69 11.79 52.40
C VAL J 16 -58.53 11.61 51.14
N PRO J 17 -59.79 12.12 51.12
CA PRO J 17 -60.64 12.00 49.94
C PRO J 17 -60.07 12.84 48.80
N THR J 18 -59.72 12.19 47.70
CA THR J 18 -59.23 12.88 46.51
C THR J 18 -60.28 13.87 45.98
N PRO J 19 -61.58 13.53 45.85
CA PRO J 19 -62.56 14.47 45.29
C PRO J 19 -62.71 15.80 46.04
N ALA J 20 -62.18 15.91 47.25
CA ALA J 20 -62.17 17.17 47.99
C ALA J 20 -61.39 18.25 47.25
N PHE J 21 -60.47 17.84 46.36
CA PHE J 21 -59.59 18.77 45.66
C PHE J 21 -60.12 19.12 44.27
N PHE J 22 -61.38 18.77 43.99
CA PHE J 22 -61.91 18.91 42.63
C PHE J 22 -62.14 20.37 42.30
N PRO J 23 -62.65 21.21 43.24
CA PRO J 23 -62.88 22.62 42.93
C PRO J 23 -61.71 23.34 42.27
N LEU J 24 -60.48 22.87 42.53
CA LEU J 24 -59.27 23.50 41.99
C LEU J 24 -59.23 23.43 40.46
N ILE J 25 -59.78 22.36 39.85
CA ILE J 25 -59.48 21.99 38.48
C ILE J 25 -59.81 23.11 37.49
N ASP J 26 -61.05 23.62 37.51
CA ASP J 26 -61.44 24.70 36.61
C ASP J 26 -60.68 25.98 36.92
N LYS J 27 -60.46 26.29 38.21
CA LYS J 27 -59.69 27.46 38.59
C LYS J 27 -58.26 27.34 38.06
N LEU J 28 -57.67 26.14 38.18
CA LEU J 28 -56.28 25.94 37.80
C LEU J 28 -56.13 26.04 36.28
N ALA J 29 -57.19 25.69 35.56
CA ALA J 29 -57.14 25.68 34.11
C ALA J 29 -57.27 27.11 33.58
N ASN J 33 -53.33 27.36 33.09
CA ASN J 33 -53.41 26.18 32.20
C ASN J 33 -52.71 25.01 32.86
N THR J 34 -52.77 24.97 34.20
CA THR J 34 -52.10 23.91 34.95
C THR J 34 -52.93 22.63 34.87
N GLN J 35 -52.29 21.55 34.46
CA GLN J 35 -52.93 20.23 34.37
C GLN J 35 -52.57 19.50 35.67
N LEU J 36 -53.60 19.18 36.45
CA LEU J 36 -53.37 18.68 37.80
C LEU J 36 -53.31 17.16 37.78
N ALA J 37 -52.52 16.59 38.68
CA ALA J 37 -52.43 15.14 38.83
C ALA J 37 -52.51 14.76 40.31
N ILE J 38 -53.62 14.14 40.71
CA ILE J 38 -53.89 13.90 42.11
C ILE J 38 -53.73 12.40 42.37
N ILE J 39 -52.61 12.04 42.99
CA ILE J 39 -52.16 10.68 43.13
C ILE J 39 -52.41 10.22 44.56
N THR J 40 -52.81 8.96 44.70
CA THR J 40 -53.05 8.37 46.00
C THR J 40 -51.85 7.52 46.38
N GLU J 41 -51.40 7.68 47.64
CA GLU J 41 -50.35 6.85 48.21
C GLU J 41 -50.85 6.40 49.59
N VAL J 42 -50.14 5.41 50.15
CA VAL J 42 -50.55 4.86 51.43
C VAL J 42 -49.42 5.05 52.44
N LEU J 43 -49.77 5.65 53.59
CA LEU J 43 -48.88 5.78 54.73
C LEU J 43 -47.53 6.39 54.32
N ALA J 44 -46.45 5.62 54.50
CA ALA J 44 -45.09 6.10 54.24
C ALA J 44 -44.89 6.47 52.76
N GLY J 45 -45.67 5.85 51.86
CA GLY J 45 -45.51 6.09 50.43
C GLY J 45 -45.66 7.57 50.09
N ALA J 46 -46.58 8.26 50.78
CA ALA J 46 -46.83 9.67 50.52
C ALA J 46 -45.58 10.50 50.84
N TRP J 47 -44.91 10.19 51.96
CA TRP J 47 -43.72 10.94 52.36
C TRP J 47 -42.50 10.59 51.51
N GLU J 48 -42.43 9.32 51.11
CA GLU J 48 -41.37 8.89 50.21
C GLU J 48 -41.42 9.70 48.93
N ARG J 49 -42.64 9.96 48.43
CA ARG J 49 -42.80 10.71 47.20
C ARG J 49 -42.28 12.14 47.36
N LEU J 50 -42.50 12.74 48.54
CA LEU J 50 -42.05 14.11 48.78
C LEU J 50 -40.52 14.16 48.85
N GLU J 51 -39.92 13.18 49.55
CA GLU J 51 -38.47 13.10 49.69
C GLU J 51 -37.82 12.98 48.31
N GLN J 52 -38.34 12.07 47.49
CA GLN J 52 -37.74 11.74 46.20
C GLN J 52 -38.10 12.77 45.13
N GLY J 53 -38.71 13.89 45.52
CA GLY J 53 -39.00 14.97 44.57
C GLY J 53 -39.96 14.55 43.45
N ARG J 54 -40.84 13.59 43.75
CA ARG J 54 -41.82 13.12 42.76
C ARG J 54 -43.23 13.62 43.08
N ALA J 55 -43.35 14.56 44.02
CA ALA J 55 -44.63 15.10 44.42
C ALA J 55 -44.43 16.54 44.88
N ASP J 56 -45.18 17.47 44.29
CA ASP J 56 -45.04 18.89 44.60
C ASP J 56 -45.69 19.25 45.93
N ILE J 57 -46.86 18.65 46.20
CA ILE J 57 -47.59 18.87 47.45
C ILE J 57 -48.08 17.52 47.97
N VAL J 58 -47.99 17.33 49.29
CA VAL J 58 -48.47 16.12 49.95
C VAL J 58 -49.56 16.47 50.97
N ILE J 59 -50.68 15.75 50.90
CA ILE J 59 -51.75 15.83 51.88
C ILE J 59 -51.85 14.47 52.57
N ALA J 60 -51.41 14.43 53.82
CA ALA J 60 -51.19 13.16 54.51
C ALA J 60 -51.30 13.36 56.01
N PRO J 61 -51.52 12.29 56.79
CA PRO J 61 -51.51 12.42 58.25
C PRO J 61 -50.13 12.76 58.80
N ASP J 62 -50.07 13.23 60.05
CA ASP J 62 -48.85 13.39 60.82
C ASP J 62 -48.45 12.02 61.35
N MET J 63 -47.21 11.60 61.08
CA MET J 63 -46.50 10.52 61.76
C MET J 63 -45.06 11.05 61.86
N HIS J 64 -44.87 12.17 62.56
CA HIS J 64 -43.68 12.38 63.42
C HIS J 64 -42.38 11.81 62.84
N PHE J 65 -42.10 12.23 61.61
CA PHE J 65 -40.94 11.75 60.84
C PHE J 65 -39.72 12.67 61.00
N ARG J 66 -39.65 13.34 62.16
CA ARG J 66 -38.85 14.55 62.38
C ARG J 66 -39.22 15.57 61.29
N SER J 67 -38.25 16.30 60.73
CA SER J 67 -38.50 17.20 59.62
C SER J 67 -37.18 17.75 59.10
N SER J 68 -37.24 18.52 58.03
CA SER J 68 -36.14 19.34 57.56
C SER J 68 -36.73 20.70 57.18
N SER J 69 -35.98 21.80 57.37
CA SER J 69 -36.34 23.12 56.87
C SER J 69 -36.73 23.12 55.39
N GLU J 70 -36.27 22.08 54.66
CA GLU J 70 -36.66 21.85 53.28
C GLU J 70 -38.13 21.43 53.20
N ILE J 71 -38.65 20.75 54.26
CA ILE J 71 -40.05 20.36 54.24
C ILE J 71 -40.81 21.21 55.24
N ASN J 72 -41.74 22.04 54.75
CA ASN J 72 -42.63 22.83 55.57
C ASN J 72 -44.00 22.17 55.58
N SER J 73 -44.74 22.32 56.68
CA SER J 73 -46.05 21.71 56.84
C SER J 73 -47.03 22.73 57.43
N ARG J 74 -48.32 22.54 57.11
CA ARG J 74 -49.40 23.39 57.61
C ARG J 74 -50.63 22.51 57.84
N LYS J 75 -51.31 22.68 58.98
CA LYS J 75 -52.38 21.77 59.35
C LYS J 75 -53.67 22.19 58.66
N LEU J 76 -54.39 21.20 58.10
CA LEU J 76 -55.60 21.48 57.33
C LEU J 76 -56.87 21.20 58.14
N TYR J 77 -56.98 20.00 58.73
CA TYR J 77 -58.15 19.64 59.50
C TYR J 77 -57.86 18.41 60.35
N THR J 78 -58.78 18.10 61.25
CA THR J 78 -58.69 16.89 62.07
C THR J 78 -59.67 15.87 61.52
N LEU J 79 -59.21 14.62 61.38
CA LEU J 79 -60.02 13.53 60.84
C LEU J 79 -60.23 12.49 61.94
N MET J 80 -61.44 11.90 61.96
CA MET J 80 -61.80 10.92 62.95
C MET J 80 -61.76 9.52 62.34
N ASN J 81 -61.02 8.62 62.99
CA ASN J 81 -60.84 7.24 62.57
C ASN J 81 -61.58 6.34 63.53
N VAL J 82 -62.36 5.37 63.01
CA VAL J 82 -63.23 4.55 63.83
C VAL J 82 -62.94 3.07 63.51
N TYR J 83 -62.81 2.28 64.59
CA TYR J 83 -62.65 0.84 64.45
C TYR J 83 -64.03 0.23 64.19
N VAL J 84 -64.17 -0.42 63.04
CA VAL J 84 -65.48 -0.83 62.56
C VAL J 84 -65.46 -2.30 62.14
N ALA J 85 -66.66 -2.86 61.95
CA ALA J 85 -66.88 -4.20 61.46
C ALA J 85 -68.35 -4.32 61.10
N ALA J 86 -68.69 -5.38 60.34
CA ALA J 86 -70.08 -5.60 59.97
C ALA J 86 -70.89 -5.87 61.22
N PRO J 87 -72.18 -5.48 61.26
CA PRO J 87 -73.01 -5.59 62.45
C PRO J 87 -73.05 -6.99 63.07
N ASP J 88 -72.99 -8.04 62.24
CA ASP J 88 -73.09 -9.42 62.70
C ASP J 88 -71.70 -10.09 62.79
N HIS J 89 -70.63 -9.29 62.82
CA HIS J 89 -69.31 -9.84 63.07
C HIS J 89 -69.20 -10.25 64.54
N PRO J 90 -68.59 -11.40 64.85
CA PRO J 90 -68.45 -11.86 66.24
C PRO J 90 -67.78 -10.89 67.21
N ILE J 91 -67.00 -9.93 66.71
CA ILE J 91 -66.26 -9.01 67.57
C ILE J 91 -67.21 -8.18 68.43
N HIS J 92 -68.43 -7.93 67.94
CA HIS J 92 -69.39 -7.09 68.64
C HIS J 92 -69.92 -7.76 69.92
N GLN J 93 -70.00 -9.10 69.95
CA GLN J 93 -70.45 -9.81 71.12
C GLN J 93 -69.32 -10.01 72.14
N GLU J 94 -68.08 -9.70 71.73
CA GLU J 94 -66.91 -9.96 72.55
C GLU J 94 -66.78 -8.84 73.61
N PRO J 95 -66.44 -9.19 74.85
CA PRO J 95 -66.38 -8.22 75.95
C PRO J 95 -65.28 -7.18 75.83
N GLU J 96 -64.05 -7.58 75.50
CA GLU J 96 -62.90 -6.64 75.47
C GLU J 96 -62.27 -6.62 74.08
N PRO J 97 -62.93 -6.04 73.06
CA PRO J 97 -62.51 -6.20 71.68
C PRO J 97 -61.07 -5.78 71.41
N LEU J 98 -60.59 -4.73 72.12
CA LEU J 98 -59.28 -4.18 71.82
C LEU J 98 -58.14 -4.95 72.50
N SER J 99 -58.49 -5.89 73.41
CA SER J 99 -57.47 -6.68 74.08
C SER J 99 -56.67 -7.46 73.03
N GLU J 100 -55.33 -7.39 73.15
CA GLU J 100 -54.43 -7.99 72.18
C GLU J 100 -54.69 -9.48 72.04
N VAL J 101 -55.09 -10.12 73.16
CA VAL J 101 -55.40 -11.54 73.15
C VAL J 101 -56.59 -11.81 72.23
N THR J 102 -57.57 -10.89 72.20
CA THR J 102 -58.74 -11.09 71.36
C THR J 102 -58.47 -10.75 69.90
N ARG J 103 -57.80 -9.62 69.65
CA ARG J 103 -57.60 -9.13 68.29
C ARG J 103 -56.87 -10.15 67.40
N VAL J 104 -55.94 -10.91 67.95
CA VAL J 104 -55.20 -11.94 67.22
C VAL J 104 -56.16 -13.00 66.66
N LYS J 105 -57.27 -13.25 67.37
CA LYS J 105 -58.22 -14.27 66.92
C LYS J 105 -58.84 -13.91 65.58
N TYR J 106 -59.08 -12.62 65.34
CA TYR J 106 -59.91 -12.15 64.25
C TYR J 106 -59.08 -11.47 63.15
N ARG J 107 -59.63 -11.44 61.95
CA ARG J 107 -58.87 -11.11 60.77
C ARG J 107 -58.79 -9.59 60.60
N GLY J 108 -57.56 -9.06 60.49
CA GLY J 108 -57.37 -7.67 60.18
C GLY J 108 -57.57 -7.43 58.67
N ILE J 109 -57.90 -6.18 58.33
CA ILE J 109 -57.91 -5.76 56.93
C ILE J 109 -57.00 -4.53 56.84
N ALA J 110 -56.01 -4.66 55.95
CA ALA J 110 -54.93 -3.68 55.88
C ALA J 110 -54.83 -3.20 54.43
N VAL J 111 -54.31 -1.98 54.31
CA VAL J 111 -53.96 -1.43 53.01
C VAL J 111 -52.44 -1.41 52.91
N ALA J 112 -51.91 -2.01 51.82
CA ALA J 112 -50.49 -2.14 51.62
C ALA J 112 -49.83 -0.77 51.64
N ASP J 113 -48.77 -0.62 52.49
CA ASP J 113 -48.00 0.62 52.51
C ASP J 113 -47.25 0.67 51.17
N THR J 114 -47.47 1.80 50.44
CA THR J 114 -47.03 1.86 49.05
C THR J 114 -45.60 2.39 49.02
N ALA J 115 -44.86 2.29 50.12
CA ALA J 115 -43.47 2.77 50.18
C ALA J 115 -42.58 1.80 49.42
N ARG J 116 -41.88 2.26 48.37
CA ARG J 116 -41.05 1.39 47.55
C ARG J 116 -39.84 0.89 48.37
N GLU J 117 -39.30 1.74 49.25
CA GLU J 117 -38.15 1.37 50.07
C GLU J 117 -38.59 0.56 51.29
N ARG J 118 -39.90 0.40 51.51
CA ARG J 118 -40.46 -0.23 52.68
C ARG J 118 -39.94 0.33 54.01
N PRO J 119 -40.08 1.65 54.27
CA PRO J 119 -39.84 2.19 55.62
C PRO J 119 -40.96 1.86 56.61
N VAL J 120 -40.61 1.06 57.62
CA VAL J 120 -41.56 0.50 58.57
C VAL J 120 -42.53 1.55 59.10
N LEU J 121 -43.72 1.07 59.49
CA LEU J 121 -44.83 1.94 59.91
C LEU J 121 -45.88 1.09 60.63
N THR J 122 -47.13 1.56 60.69
CA THR J 122 -48.20 0.82 61.32
C THR J 122 -48.43 -0.52 60.60
N VAL J 123 -48.82 -1.54 61.38
CA VAL J 123 -49.21 -2.84 60.87
C VAL J 123 -50.31 -3.36 61.77
N GLN J 124 -50.85 -4.55 61.44
CA GLN J 124 -51.83 -5.24 62.26
C GLN J 124 -51.12 -5.92 63.43
N LEU J 125 -51.88 -6.67 64.26
CA LEU J 125 -51.33 -7.44 65.38
C LEU J 125 -50.26 -8.40 64.87
N LEU J 126 -50.52 -9.04 63.71
CA LEU J 126 -49.62 -10.07 63.13
C LEU J 126 -49.41 -11.25 64.07
N ASP J 127 -48.17 -11.73 64.39
CA ASP J 127 -48.00 -12.87 65.26
C ASP J 127 -48.92 -14.02 64.84
N LYS J 128 -48.96 -14.25 63.50
CA LYS J 128 -49.92 -15.12 62.82
C LYS J 128 -51.35 -14.70 63.15
N GLN J 129 -51.62 -13.38 63.09
CA GLN J 129 -53.02 -12.94 63.09
C GLN J 129 -53.54 -12.89 61.66
N PRO J 130 -54.74 -13.46 61.40
CA PRO J 130 -55.26 -13.48 60.03
C PRO J 130 -55.32 -12.07 59.45
N ARG J 131 -54.96 -11.93 58.17
CA ARG J 131 -54.91 -10.63 57.52
C ARG J 131 -55.42 -10.77 56.09
N LEU J 132 -56.12 -9.74 55.64
CA LEU J 132 -56.37 -9.54 54.22
C LEU J 132 -55.78 -8.20 53.84
N THR J 133 -54.98 -8.17 52.77
CA THR J 133 -54.30 -6.96 52.35
C THR J 133 -54.84 -6.54 50.97
N VAL J 134 -55.15 -5.24 50.84
CA VAL J 134 -55.64 -4.67 49.60
C VAL J 134 -54.86 -3.38 49.35
N SER J 135 -54.97 -2.85 48.13
CA SER J 135 -54.20 -1.68 47.71
C SER J 135 -54.97 -0.40 47.95
N THR J 136 -56.32 -0.46 47.99
CA THR J 136 -57.14 0.75 47.94
C THR J 136 -58.14 0.72 49.09
N ILE J 137 -58.56 1.92 49.50
CA ILE J 137 -59.40 2.04 50.69
C ILE J 137 -60.81 1.57 50.37
N GLU J 138 -61.23 1.67 49.10
CA GLU J 138 -62.52 1.16 48.66
C GLU J 138 -62.57 -0.35 48.84
N ASP J 139 -61.53 -1.07 48.41
CA ASP J 139 -61.49 -2.52 48.56
C ASP J 139 -61.53 -2.89 50.05
N LYS J 140 -60.87 -2.08 50.89
CA LYS J 140 -60.90 -2.30 52.32
C LYS J 140 -62.32 -2.11 52.85
N ARG J 141 -63.03 -1.10 52.33
CA ARG J 141 -64.42 -0.84 52.74
C ARG J 141 -65.31 -2.03 52.40
N GLN J 142 -65.21 -2.51 51.16
CA GLN J 142 -66.04 -3.62 50.69
C GLN J 142 -65.74 -4.89 51.51
N ALA J 143 -64.45 -5.17 51.77
CA ALA J 143 -64.06 -6.29 52.62
C ALA J 143 -64.73 -6.18 53.99
N LEU J 144 -64.78 -4.96 54.56
CA LEU J 144 -65.42 -4.75 55.84
C LEU J 144 -66.94 -4.94 55.71
N LEU J 145 -67.53 -4.41 54.62
CA LEU J 145 -68.96 -4.54 54.39
C LEU J 145 -69.37 -6.01 54.28
N ALA J 146 -68.51 -6.82 53.65
CA ALA J 146 -68.76 -8.25 53.46
C ALA J 146 -68.45 -9.04 54.74
N GLY J 147 -68.17 -8.35 55.85
CA GLY J 147 -67.97 -8.99 57.14
C GLY J 147 -66.73 -9.89 57.17
N LEU J 148 -65.66 -9.50 56.43
CA LEU J 148 -64.51 -10.37 56.28
C LEU J 148 -63.43 -10.15 57.35
N GLY J 149 -63.58 -9.08 58.14
CA GLY J 149 -62.60 -8.78 59.17
C GLY J 149 -62.91 -7.44 59.86
N VAL J 150 -61.89 -6.89 60.56
CA VAL J 150 -62.06 -5.74 61.43
C VAL J 150 -60.91 -4.78 61.17
N ALA J 151 -61.20 -3.47 61.06
CA ALA J 151 -60.21 -2.50 60.67
C ALA J 151 -60.67 -1.08 60.99
N THR J 152 -59.72 -0.14 61.02
CA THR J 152 -60.02 1.29 61.19
C THR J 152 -60.50 1.84 59.87
N MET J 153 -61.30 2.92 59.94
CA MET J 153 -61.77 3.61 58.73
C MET J 153 -61.96 5.09 59.07
N PRO J 154 -61.69 6.01 58.13
CA PRO J 154 -62.02 7.42 58.33
C PRO J 154 -63.55 7.56 58.41
N TYR J 155 -64.04 8.24 59.46
CA TYR J 155 -65.46 8.32 59.76
C TYR J 155 -66.27 8.83 58.56
N PRO J 156 -65.86 9.93 57.87
CA PRO J 156 -66.68 10.47 56.80
C PRO J 156 -67.06 9.45 55.73
N MET J 157 -66.15 8.52 55.41
CA MET J 157 -66.40 7.57 54.33
C MET J 157 -67.38 6.49 54.77
N VAL J 158 -67.55 6.26 56.08
CA VAL J 158 -68.41 5.19 56.57
C VAL J 158 -69.60 5.72 57.38
N GLU J 159 -69.72 7.05 57.50
CA GLU J 159 -70.79 7.67 58.29
C GLU J 159 -72.15 7.17 57.79
N LYS J 160 -72.37 7.14 56.46
CA LYS J 160 -73.63 6.68 55.91
C LYS J 160 -73.83 5.20 56.22
N ASP J 161 -72.73 4.42 56.18
CA ASP J 161 -72.82 2.98 56.41
C ASP J 161 -73.23 2.71 57.86
N ILE J 162 -72.74 3.52 58.81
CA ILE J 162 -73.11 3.31 60.21
C ILE J 162 -74.57 3.72 60.41
N ALA J 163 -74.99 4.81 59.73
CA ALA J 163 -76.35 5.31 59.84
C ALA J 163 -77.35 4.23 59.44
N GLU J 164 -77.10 3.55 58.32
CA GLU J 164 -78.02 2.54 57.79
C GLU J 164 -77.62 1.13 58.24
N GLY J 165 -76.80 1.02 59.29
CA GLY J 165 -76.44 -0.27 59.88
C GLY J 165 -75.83 -1.25 58.89
N ARG J 166 -74.97 -0.77 57.99
CA ARG J 166 -74.13 -1.65 57.20
C ARG J 166 -72.80 -1.91 57.92
N LEU J 167 -72.34 -0.96 58.74
CA LEU J 167 -71.18 -1.17 59.61
C LEU J 167 -71.51 -0.65 61.00
N ARG J 168 -70.75 -1.14 62.00
CA ARG J 168 -71.00 -0.82 63.39
C ARG J 168 -69.65 -0.59 64.06
N VAL J 169 -69.59 0.51 64.83
CA VAL J 169 -68.35 0.87 65.52
C VAL J 169 -68.15 -0.14 66.66
N VAL J 170 -66.98 -0.77 66.69
CA VAL J 170 -66.76 -1.88 67.59
C VAL J 170 -66.62 -1.36 69.01
N SER J 171 -65.84 -0.29 69.17
CA SER J 171 -65.58 0.29 70.48
C SER J 171 -65.17 1.75 70.32
N PRO J 172 -65.87 2.70 70.95
CA PRO J 172 -65.50 4.12 70.87
C PRO J 172 -64.14 4.45 71.46
N GLU J 173 -63.67 3.64 72.43
CA GLU J 173 -62.37 3.90 73.05
C GLU J 173 -61.25 3.96 72.00
N SER J 174 -61.33 3.09 70.99
CA SER J 174 -60.32 2.99 69.93
C SER J 174 -60.34 4.20 69.00
N THR J 175 -61.46 4.94 68.92
CA THR J 175 -61.57 6.08 68.05
C THR J 175 -60.43 7.06 68.34
N SER J 176 -59.78 7.54 67.28
CA SER J 176 -58.65 8.44 67.40
C SER J 176 -58.83 9.57 66.39
N GLU J 177 -58.26 10.73 66.75
CA GLU J 177 -58.25 11.89 65.87
C GLU J 177 -56.86 12.03 65.26
N ILE J 178 -56.85 12.32 63.95
CA ILE J 178 -55.61 12.35 63.20
C ILE J 178 -55.59 13.68 62.44
N ASP J 179 -54.44 14.37 62.54
CA ASP J 179 -54.30 15.69 61.95
C ASP J 179 -53.82 15.50 60.51
N ILE J 180 -54.58 16.06 59.56
CA ILE J 180 -54.24 15.96 58.16
C ILE J 180 -53.52 17.26 57.82
N ILE J 181 -52.28 17.10 57.32
CA ILE J 181 -51.38 18.23 57.11
C ILE J 181 -51.02 18.32 55.64
N MET J 182 -50.69 19.54 55.23
CA MET J 182 -50.15 19.79 53.89
C MET J 182 -48.66 20.07 54.03
N ALA J 183 -47.84 19.32 53.29
CA ALA J 183 -46.39 19.45 53.33
C ALA J 183 -45.85 19.67 51.92
N TRP J 184 -44.70 20.34 51.86
CA TRP J 184 -44.14 20.81 50.60
C TRP J 184 -42.68 21.21 50.80
N ARG J 185 -41.97 21.35 49.67
CA ARG J 185 -40.53 21.54 49.66
C ARG J 185 -40.22 22.95 49.19
N ARG J 186 -39.19 23.57 49.79
CA ARG J 186 -38.91 24.96 49.53
C ARG J 186 -38.02 25.15 48.30
N ASP J 187 -37.25 24.12 47.95
CA ASP J 187 -36.20 24.22 46.93
C ASP J 187 -36.76 24.51 45.53
N SER J 188 -38.08 24.34 45.33
CA SER J 188 -38.71 24.67 44.07
C SER J 188 -40.02 25.37 44.39
N MET J 189 -40.29 26.45 43.68
CA MET J 189 -41.50 27.20 43.84
C MET J 189 -41.90 27.72 42.45
N GLY J 190 -43.21 27.92 42.26
CA GLY J 190 -43.71 28.50 41.03
C GLY J 190 -45.15 28.94 41.21
N GLU J 191 -45.68 29.56 40.14
CA GLU J 191 -47.01 30.15 40.12
C GLU J 191 -48.05 29.15 40.63
N ALA J 192 -48.14 27.99 39.95
CA ALA J 192 -49.20 27.02 40.22
C ALA J 192 -49.00 26.42 41.61
N LYS J 193 -47.76 26.05 41.93
CA LYS J 193 -47.48 25.46 43.23
C LYS J 193 -47.89 26.41 44.36
N SER J 194 -47.44 27.68 44.28
CA SER J 194 -47.72 28.65 45.31
C SER J 194 -49.22 28.87 45.43
N TRP J 195 -49.90 29.00 44.28
CA TRP J 195 -51.32 29.25 44.26
C TRP J 195 -52.07 28.16 45.01
N CYS J 196 -51.74 26.90 44.73
CA CYS J 196 -52.38 25.78 45.39
C CYS J 196 -52.10 25.81 46.89
N LEU J 197 -50.87 26.14 47.28
CA LEU J 197 -50.51 26.10 48.69
C LEU J 197 -51.42 27.03 49.51
N ARG J 198 -51.96 28.07 48.88
CA ARG J 198 -52.81 29.02 49.62
C ARG J 198 -54.28 28.66 49.42
N GLU J 199 -54.57 27.94 48.32
CA GLU J 199 -55.90 27.61 47.81
C GLU J 199 -56.48 26.41 48.54
N ILE J 200 -55.63 25.41 48.81
CA ILE J 200 -56.08 24.16 49.39
C ILE J 200 -56.66 24.40 50.78
N PRO J 201 -56.05 25.17 51.70
CA PRO J 201 -56.63 25.42 53.02
C PRO J 201 -58.04 26.01 52.98
N LYS J 202 -58.38 26.80 51.94
CA LYS J 202 -59.74 27.34 51.85
C LYS J 202 -60.76 26.22 51.69
N LEU J 203 -60.35 25.08 51.11
CA LEU J 203 -61.25 23.95 50.90
C LEU J 203 -61.71 23.36 52.23
N PHE J 204 -60.91 23.53 53.30
CA PHE J 204 -61.21 22.90 54.58
C PHE J 204 -61.27 23.93 55.69
N ASN J 205 -61.85 25.11 55.42
CA ASN J 205 -62.12 26.06 56.48
C ASN J 205 -63.26 25.58 57.38
N GLY J 206 -64.04 24.61 56.89
CA GLY J 206 -65.29 24.22 57.54
C GLY J 206 -65.12 22.83 58.11
N THR K 6 -47.19 5.24 -0.86
CA THR K 6 -46.15 6.30 -1.15
C THR K 6 -45.18 6.47 0.02
N HIS K 7 -45.67 6.15 1.21
CA HIS K 7 -44.90 6.30 2.44
C HIS K 7 -44.95 5.01 3.24
N LEU K 8 -43.76 4.42 3.49
CA LEU K 8 -43.63 3.32 4.44
C LEU K 8 -42.84 3.80 5.66
N THR K 9 -43.31 3.37 6.84
CA THR K 9 -42.59 3.61 8.07
C THR K 9 -42.16 2.28 8.68
N ILE K 10 -40.85 2.12 8.92
CA ILE K 10 -40.34 1.00 9.69
C ILE K 10 -39.82 1.55 11.01
N VAL K 11 -40.18 0.88 12.11
CA VAL K 11 -39.72 1.28 13.42
C VAL K 11 -38.69 0.26 13.88
N THR K 12 -37.48 0.77 14.15
CA THR K 12 -36.42 -0.02 14.74
C THR K 12 -36.20 0.47 16.16
N GLU K 13 -36.58 -0.36 17.14
CA GLU K 13 -36.41 -0.02 18.55
C GLU K 13 -34.93 0.23 18.82
N ALA K 14 -34.66 0.98 19.90
CA ALA K 14 -33.33 1.53 20.14
C ALA K 14 -32.23 0.47 20.11
N LEU K 15 -32.52 -0.72 20.65
CA LEU K 15 -31.60 -1.85 20.72
C LEU K 15 -31.23 -2.34 19.31
N VAL K 16 -32.03 -1.99 18.29
CA VAL K 16 -31.83 -2.54 16.96
C VAL K 16 -31.09 -1.51 16.10
N PRO K 17 -29.96 -1.88 15.47
CA PRO K 17 -29.20 -0.95 14.65
C PRO K 17 -29.99 -0.58 13.40
N THR K 18 -30.31 0.71 13.27
CA THR K 18 -31.02 1.23 12.12
C THR K 18 -30.27 0.96 10.83
N PRO K 19 -28.94 1.21 10.73
CA PRO K 19 -28.23 1.04 9.46
C PRO K 19 -28.25 -0.38 8.89
N ALA K 20 -28.66 -1.38 9.68
CA ALA K 20 -28.81 -2.75 9.19
C ALA K 20 -29.88 -2.83 8.09
N PHE K 21 -30.80 -1.86 8.04
CA PHE K 21 -31.91 -1.86 7.11
C PHE K 21 -31.62 -1.01 5.88
N PHE K 22 -30.36 -0.61 5.67
CA PHE K 22 -30.02 0.33 4.62
C PHE K 22 -30.12 -0.35 3.26
N PRO K 23 -29.68 -1.63 3.12
CA PRO K 23 -29.79 -2.33 1.85
C PRO K 23 -31.14 -2.21 1.15
N LEU K 24 -32.22 -2.05 1.93
CA LEU K 24 -33.57 -1.97 1.37
C LEU K 24 -33.76 -0.75 0.46
N ILE K 25 -33.08 0.37 0.77
CA ILE K 25 -33.52 1.68 0.33
C ILE K 25 -33.60 1.79 -1.19
N ASP K 26 -32.50 1.47 -1.88
CA ASP K 26 -32.48 1.56 -3.35
C ASP K 26 -33.43 0.52 -3.96
N LYS K 27 -33.47 -0.68 -3.39
CA LYS K 27 -34.37 -1.73 -3.85
C LYS K 27 -35.82 -1.27 -3.69
N LEU K 28 -36.14 -0.64 -2.55
CA LEU K 28 -37.50 -0.20 -2.28
C LEU K 28 -37.91 0.92 -3.22
N ALA K 29 -36.96 1.75 -3.66
CA ALA K 29 -37.27 2.88 -4.52
C ALA K 29 -37.58 2.39 -5.94
N ALA K 30 -36.91 1.32 -6.38
CA ALA K 30 -37.17 0.73 -7.68
C ALA K 30 -38.41 -0.16 -7.65
N LYS K 31 -38.71 -0.74 -6.48
CA LYS K 31 -39.85 -1.62 -6.31
C LYS K 31 -41.17 -0.83 -6.30
N ALA K 32 -41.17 0.30 -5.61
CA ALA K 32 -42.33 1.17 -5.47
C ALA K 32 -41.83 2.60 -5.31
N ASN K 33 -42.73 3.56 -5.52
CA ASN K 33 -42.42 4.98 -5.36
C ASN K 33 -42.47 5.38 -3.88
N THR K 34 -42.18 4.43 -3.00
CA THR K 34 -42.31 4.57 -1.57
C THR K 34 -41.14 5.39 -1.04
N GLN K 35 -41.47 6.46 -0.30
CA GLN K 35 -40.49 7.21 0.49
C GLN K 35 -40.42 6.61 1.88
N LEU K 36 -39.22 6.15 2.26
CA LEU K 36 -39.04 5.35 3.45
C LEU K 36 -38.78 6.28 4.64
N ALA K 37 -39.20 5.82 5.82
CA ALA K 37 -38.80 6.33 7.12
C ALA K 37 -38.42 5.14 7.99
N ILE K 38 -37.16 5.12 8.46
CA ILE K 38 -36.73 4.18 9.48
C ILE K 38 -36.58 4.94 10.80
N ILE K 39 -37.56 4.75 11.68
CA ILE K 39 -37.77 5.57 12.86
C ILE K 39 -37.32 4.77 14.08
N THR K 40 -36.68 5.47 15.01
CA THR K 40 -36.23 4.83 16.25
C THR K 40 -37.21 5.18 17.35
N GLU K 41 -37.60 4.15 18.13
CA GLU K 41 -38.42 4.33 19.31
C GLU K 41 -37.76 3.53 20.43
N VAL K 42 -38.21 3.77 21.66
CA VAL K 42 -37.67 3.07 22.81
C VAL K 42 -38.78 2.29 23.50
N LEU K 43 -38.52 1.00 23.74
CA LEU K 43 -39.37 0.11 24.51
C LEU K 43 -40.82 0.17 24.04
N ALA K 44 -41.74 0.64 24.90
CA ALA K 44 -43.17 0.65 24.62
C ALA K 44 -43.49 1.57 23.44
N GLY K 45 -42.65 2.58 23.17
CA GLY K 45 -42.94 3.55 22.14
C GLY K 45 -43.11 2.86 20.78
N ALA K 46 -42.30 1.81 20.54
CA ALA K 46 -42.33 1.08 19.29
C ALA K 46 -43.70 0.45 19.07
N TRP K 47 -44.23 -0.19 20.14
CA TRP K 47 -45.49 -0.89 20.06
C TRP K 47 -46.68 0.05 20.01
N GLU K 48 -46.56 1.18 20.72
CA GLU K 48 -47.59 2.22 20.67
C GLU K 48 -47.77 2.66 19.23
N ARG K 49 -46.65 2.81 18.49
CA ARG K 49 -46.73 3.25 17.11
C ARG K 49 -47.49 2.23 16.27
N LEU K 50 -47.28 0.94 16.52
CA LEU K 50 -47.94 -0.11 15.73
C LEU K 50 -49.45 -0.10 16.03
N GLU K 51 -49.81 0.01 17.32
CA GLU K 51 -51.21 0.03 17.71
C GLU K 51 -51.95 1.20 17.04
N GLN K 52 -51.33 2.39 17.10
CA GLN K 52 -51.97 3.61 16.62
C GLN K 52 -51.85 3.76 15.12
N GLY K 53 -51.43 2.70 14.42
CA GLY K 53 -51.43 2.69 12.95
C GLY K 53 -50.49 3.73 12.36
N ARG K 54 -49.42 4.08 13.07
CA ARG K 54 -48.44 5.06 12.59
C ARG K 54 -47.13 4.39 12.20
N ALA K 55 -47.12 3.07 12.12
CA ALA K 55 -45.91 2.30 11.82
C ALA K 55 -46.34 1.02 11.13
N ASP K 56 -45.81 0.76 9.93
CA ASP K 56 -46.18 -0.38 9.14
C ASP K 56 -45.52 -1.66 9.65
N ILE K 57 -44.24 -1.57 10.03
CA ILE K 57 -43.51 -2.73 10.55
C ILE K 57 -42.69 -2.30 11.76
N VAL K 58 -42.65 -3.18 12.77
CA VAL K 58 -41.87 -2.93 13.97
C VAL K 58 -40.78 -4.00 14.15
N ILE K 59 -39.55 -3.53 14.40
CA ILE K 59 -38.44 -4.41 14.75
C ILE K 59 -38.01 -4.05 16.17
N ALA K 60 -38.33 -4.96 17.11
CA ALA K 60 -38.24 -4.62 18.52
C ALA K 60 -38.02 -5.90 19.30
N PRO K 61 -37.56 -5.81 20.57
CA PRO K 61 -37.50 -7.00 21.43
C PRO K 61 -38.89 -7.54 21.73
N ASP K 62 -38.95 -8.86 22.00
CA ASP K 62 -40.25 -9.42 22.40
C ASP K 62 -40.54 -8.96 23.83
N MET K 63 -41.57 -8.14 24.05
CA MET K 63 -41.72 -7.38 25.28
C MET K 63 -43.13 -7.58 25.88
N HIS K 64 -43.24 -7.42 27.22
CA HIS K 64 -44.36 -7.94 27.99
C HIS K 64 -45.63 -7.10 27.90
N PHE K 65 -45.79 -6.21 26.89
CA PHE K 65 -46.99 -5.44 26.74
C PHE K 65 -47.67 -5.79 25.42
N ARG K 66 -49.00 -5.61 25.34
CA ARG K 66 -49.81 -5.43 24.14
C ARG K 66 -50.79 -6.60 23.93
N SER K 67 -52.03 -6.26 23.56
CA SER K 67 -53.14 -7.17 23.30
C SER K 67 -52.82 -8.39 22.46
N SER K 68 -53.42 -9.50 22.84
CA SER K 68 -53.22 -10.80 22.18
C SER K 68 -54.16 -11.03 20.99
N SER K 69 -54.01 -10.20 19.96
CA SER K 69 -54.74 -10.28 18.70
C SER K 69 -54.13 -9.30 17.68
N GLU K 70 -54.42 -9.50 16.39
CA GLU K 70 -54.20 -8.58 15.31
C GLU K 70 -52.74 -8.35 14.97
N ILE K 71 -51.80 -8.99 15.66
CA ILE K 71 -50.37 -8.81 15.42
C ILE K 71 -49.86 -10.17 14.93
N ASN K 72 -49.17 -10.21 13.77
CA ASN K 72 -48.29 -11.32 13.46
C ASN K 72 -46.85 -10.94 13.74
N SER K 73 -46.06 -11.90 14.23
CA SER K 73 -44.66 -11.68 14.58
C SER K 73 -43.81 -12.84 14.05
N ARG K 74 -42.54 -12.54 13.76
CA ARG K 74 -41.60 -13.51 13.25
C ARG K 74 -40.21 -13.20 13.81
N LYS K 75 -39.51 -14.23 14.29
CA LYS K 75 -38.27 -14.00 15.04
C LYS K 75 -37.11 -13.81 14.09
N LEU K 76 -36.27 -12.79 14.34
CA LEU K 76 -35.18 -12.44 13.43
C LEU K 76 -33.83 -12.92 13.94
N TYR K 77 -33.49 -12.62 15.19
CA TYR K 77 -32.21 -13.05 15.76
C TYR K 77 -32.24 -12.91 17.27
N THR K 78 -31.21 -13.46 17.92
CA THR K 78 -31.06 -13.34 19.36
C THR K 78 -30.00 -12.29 19.66
N LEU K 79 -30.32 -11.39 20.60
CA LEU K 79 -29.41 -10.33 21.02
C LEU K 79 -28.99 -10.61 22.46
N MET K 80 -27.71 -10.37 22.74
CA MET K 80 -27.15 -10.60 24.07
C MET K 80 -26.93 -9.25 24.75
N ASN K 81 -27.51 -9.13 25.96
CA ASN K 81 -27.41 -7.91 26.75
C ASN K 81 -26.47 -8.17 27.93
N VAL K 82 -25.51 -7.26 28.14
CA VAL K 82 -24.44 -7.48 29.08
C VAL K 82 -24.39 -6.28 30.04
N TYR K 83 -24.27 -6.61 31.33
CA TYR K 83 -24.11 -5.59 32.35
C TYR K 83 -22.66 -5.13 32.35
N VAL K 84 -22.45 -3.82 32.06
CA VAL K 84 -21.12 -3.30 31.82
C VAL K 84 -20.90 -2.05 32.64
N ALA K 85 -19.63 -1.62 32.73
CA ALA K 85 -19.21 -0.42 33.41
C ALA K 85 -17.75 -0.16 33.06
N ALA K 86 -17.28 1.07 33.32
CA ALA K 86 -15.89 1.42 33.03
C ALA K 86 -14.98 0.55 33.89
N PRO K 87 -13.77 0.22 33.40
CA PRO K 87 -12.90 -0.74 34.08
C PRO K 87 -12.59 -0.40 35.54
N ASP K 88 -12.52 0.90 35.87
CA ASP K 88 -12.16 1.35 37.22
C ASP K 88 -13.40 1.77 38.02
N HIS K 89 -14.60 1.33 37.59
CA HIS K 89 -15.79 1.61 38.37
C HIS K 89 -15.81 0.72 39.60
N PRO K 90 -16.19 1.25 40.79
CA PRO K 90 -16.21 0.44 42.02
C PRO K 90 -17.04 -0.84 41.97
N ILE K 91 -17.99 -0.95 41.05
CA ILE K 91 -18.88 -2.11 40.98
C ILE K 91 -18.07 -3.40 40.73
N HIS K 92 -16.91 -3.30 40.04
CA HIS K 92 -16.19 -4.55 39.78
C HIS K 92 -15.48 -5.11 40.98
N GLN K 93 -15.15 -4.31 41.98
CA GLN K 93 -14.56 -4.82 43.22
C GLN K 93 -15.64 -5.36 44.17
N GLU K 94 -16.92 -5.14 43.84
CA GLU K 94 -18.02 -5.56 44.69
C GLU K 94 -18.25 -7.07 44.55
N PRO K 95 -18.46 -7.80 45.67
CA PRO K 95 -18.66 -9.24 45.62
C PRO K 95 -19.96 -9.67 44.92
N GLU K 96 -21.10 -9.03 45.25
CA GLU K 96 -22.39 -9.39 44.69
C GLU K 96 -22.99 -8.18 44.00
N PRO K 97 -22.51 -7.83 42.78
CA PRO K 97 -22.96 -6.61 42.11
C PRO K 97 -24.48 -6.53 41.91
N LEU K 98 -25.14 -7.67 41.67
CA LEU K 98 -26.57 -7.67 41.37
C LEU K 98 -27.45 -7.62 42.62
N SER K 99 -26.86 -7.77 43.80
CA SER K 99 -27.61 -7.67 45.05
C SER K 99 -28.22 -6.27 45.15
N GLU K 100 -29.52 -6.22 45.49
CA GLU K 100 -30.30 -5.00 45.58
C GLU K 100 -29.61 -4.00 46.51
N VAL K 101 -28.98 -4.50 47.57
CA VAL K 101 -28.27 -3.67 48.52
C VAL K 101 -27.12 -2.91 47.80
N THR K 102 -26.45 -3.61 46.86
CA THR K 102 -25.33 -3.03 46.16
C THR K 102 -25.78 -2.08 45.05
N ARG K 103 -26.79 -2.48 44.26
CA ARG K 103 -27.19 -1.72 43.08
C ARG K 103 -27.63 -0.29 43.43
N VAL K 104 -28.30 -0.13 44.58
CA VAL K 104 -28.79 1.18 45.00
C VAL K 104 -27.62 2.14 45.23
N LYS K 105 -26.43 1.60 45.59
CA LYS K 105 -25.29 2.44 45.88
C LYS K 105 -24.85 3.23 44.62
N TYR K 106 -24.97 2.59 43.44
CA TYR K 106 -24.37 3.10 42.23
C TYR K 106 -25.44 3.60 41.25
N ARG K 107 -25.02 4.48 40.35
CA ARG K 107 -25.94 5.23 39.52
C ARG K 107 -26.35 4.40 38.31
N GLY K 108 -27.65 4.22 38.10
CA GLY K 108 -28.16 3.57 36.90
C GLY K 108 -28.12 4.55 35.72
N ILE K 109 -28.08 3.97 34.50
CA ILE K 109 -28.30 4.75 33.30
C ILE K 109 -29.46 4.14 32.53
N ALA K 110 -30.45 4.99 32.24
CA ALA K 110 -31.71 4.54 31.68
C ALA K 110 -32.04 5.34 30.42
N VAL K 111 -32.82 4.72 29.53
CA VAL K 111 -33.18 5.35 28.28
C VAL K 111 -34.67 5.69 28.32
N ALA K 112 -35.00 6.96 28.09
CA ALA K 112 -36.37 7.45 28.11
C ALA K 112 -37.25 6.69 27.12
N ASP K 113 -38.39 6.19 27.60
CA ASP K 113 -39.39 5.54 26.78
C ASP K 113 -39.93 6.51 25.74
N THR K 114 -40.07 6.03 24.53
CA THR K 114 -40.47 6.76 23.34
C THR K 114 -39.36 7.68 22.84
N ALA K 115 -38.16 7.57 23.42
CA ALA K 115 -36.99 8.32 22.99
C ALA K 115 -37.10 9.78 23.40
N ARG K 116 -38.25 10.18 24.06
CA ARG K 116 -38.37 11.56 24.45
C ARG K 116 -38.97 11.73 25.86
N GLU K 117 -39.99 10.93 26.19
CA GLU K 117 -40.94 11.32 27.25
C GLU K 117 -40.37 11.22 28.67
N ARG K 118 -39.21 10.57 28.84
CA ARG K 118 -38.64 10.31 30.14
C ARG K 118 -39.48 9.49 31.13
N PRO K 119 -40.25 8.42 30.74
CA PRO K 119 -40.53 7.32 31.67
C PRO K 119 -39.43 6.26 31.56
N VAL K 120 -39.13 5.51 32.65
CA VAL K 120 -38.21 4.39 32.52
C VAL K 120 -38.40 3.35 33.60
N LEU K 121 -37.98 2.10 33.31
CA LEU K 121 -37.71 1.07 34.31
C LEU K 121 -36.68 0.08 33.80
N THR K 122 -35.95 0.39 32.71
CA THR K 122 -34.96 -0.49 32.12
C THR K 122 -33.93 -0.98 33.13
N VAL K 123 -33.16 -2.03 32.78
CA VAL K 123 -32.06 -2.53 33.55
C VAL K 123 -32.50 -3.04 34.92
N GLN K 124 -33.82 -3.11 35.15
CA GLN K 124 -34.41 -3.57 36.38
C GLN K 124 -34.10 -2.66 37.57
N LEU K 125 -33.49 -1.48 37.33
CA LEU K 125 -32.85 -0.66 38.35
C LEU K 125 -33.85 -0.31 39.45
N LEU K 126 -33.43 -0.45 40.72
CA LEU K 126 -34.22 -0.20 41.90
C LEU K 126 -34.64 1.27 42.03
N ASP K 127 -35.49 1.55 43.02
CA ASP K 127 -35.94 2.91 43.32
C ASP K 127 -35.11 3.51 44.44
N LYS K 128 -35.22 4.84 44.60
CA LYS K 128 -34.37 5.70 45.43
C LYS K 128 -32.88 5.48 45.14
N GLN K 129 -32.55 5.26 43.86
CA GLN K 129 -31.21 4.97 43.42
C GLN K 129 -30.77 6.02 42.39
N PRO K 130 -29.52 6.51 42.46
CA PRO K 130 -29.07 7.55 41.52
C PRO K 130 -29.31 7.12 40.08
N ARG K 131 -29.75 8.06 39.23
CA ARG K 131 -30.11 7.73 37.86
C ARG K 131 -29.66 8.87 36.94
N LEU K 132 -29.19 8.50 35.74
CA LEU K 132 -29.08 9.42 34.63
C LEU K 132 -29.98 8.89 33.50
N THR K 133 -30.78 9.78 32.91
CA THR K 133 -31.68 9.40 31.83
C THR K 133 -31.25 10.08 30.54
N VAL K 134 -31.17 9.29 29.46
CA VAL K 134 -30.80 9.79 28.15
C VAL K 134 -31.80 9.25 27.14
N SER K 135 -31.83 9.84 25.93
CA SER K 135 -32.83 9.46 24.94
C SER K 135 -32.31 8.36 23.99
N THR K 136 -30.99 8.25 23.85
CA THR K 136 -30.41 7.41 22.81
C THR K 136 -29.40 6.45 23.43
N ILE K 137 -29.18 5.32 22.74
CA ILE K 137 -28.27 4.30 23.24
C ILE K 137 -26.82 4.77 23.13
N GLU K 138 -26.55 5.66 22.18
CA GLU K 138 -25.21 6.24 22.04
C GLU K 138 -24.86 7.06 23.28
N ASP K 139 -25.80 7.92 23.73
CA ASP K 139 -25.57 8.74 24.91
C ASP K 139 -25.36 7.84 26.13
N LYS K 140 -26.10 6.72 26.18
CA LYS K 140 -25.96 5.77 27.26
C LYS K 140 -24.56 5.15 27.21
N ARG K 141 -24.06 4.85 26.00
CA ARG K 141 -22.73 4.27 25.83
C ARG K 141 -21.66 5.24 26.35
N GLN K 142 -21.75 6.51 25.91
CA GLN K 142 -20.77 7.50 26.33
C GLN K 142 -20.79 7.71 27.83
N ALA K 143 -21.99 7.79 28.43
CA ALA K 143 -22.12 7.88 29.88
C ALA K 143 -21.41 6.72 30.56
N LEU K 144 -21.52 5.50 30.00
CA LEU K 144 -20.86 4.35 30.56
C LEU K 144 -19.35 4.46 30.36
N LEU K 145 -18.92 4.92 29.17
CA LEU K 145 -17.50 5.08 28.87
C LEU K 145 -16.86 6.09 29.83
N ALA K 146 -17.60 7.15 30.17
CA ALA K 146 -17.12 8.17 31.09
C ALA K 146 -17.19 7.72 32.54
N GLY K 147 -17.54 6.46 32.79
CA GLY K 147 -17.60 5.91 34.14
C GLY K 147 -18.65 6.60 35.02
N LEU K 148 -19.76 7.05 34.44
CA LEU K 148 -20.73 7.86 35.14
C LEU K 148 -21.85 7.03 35.77
N GLY K 149 -21.90 5.72 35.48
CA GLY K 149 -22.92 4.86 36.03
C GLY K 149 -22.78 3.44 35.47
N VAL K 150 -23.82 2.62 35.64
CA VAL K 150 -23.77 1.15 35.62
C VAL K 150 -25.03 0.71 34.85
N ALA K 151 -24.90 -0.15 33.81
CA ALA K 151 -26.08 -0.37 32.98
C ALA K 151 -25.90 -1.57 32.06
N THR K 152 -27.00 -2.10 31.53
CA THR K 152 -27.00 -3.13 30.50
C THR K 152 -26.70 -2.47 29.16
N MET K 153 -26.15 -3.25 28.22
CA MET K 153 -25.93 -2.83 26.86
C MET K 153 -26.04 -4.02 25.92
N PRO K 154 -26.51 -3.83 24.67
CA PRO K 154 -26.42 -4.88 23.66
C PRO K 154 -24.95 -5.16 23.35
N TYR K 155 -24.58 -6.45 23.42
CA TYR K 155 -23.18 -6.86 23.34
C TYR K 155 -22.50 -6.36 22.07
N PRO K 156 -23.12 -6.47 20.86
CA PRO K 156 -22.44 -6.05 19.64
C PRO K 156 -21.90 -4.63 19.67
N MET K 157 -22.63 -3.71 20.32
CA MET K 157 -22.24 -2.32 20.32
C MET K 157 -21.03 -2.07 21.23
N VAL K 158 -20.81 -2.96 22.21
CA VAL K 158 -19.74 -2.75 23.20
C VAL K 158 -18.68 -3.85 23.13
N GLU K 159 -18.81 -4.79 22.18
CA GLU K 159 -17.85 -5.88 22.02
C GLU K 159 -16.44 -5.29 21.82
N LYS K 160 -16.33 -4.31 20.93
CA LYS K 160 -15.06 -3.64 20.66
C LYS K 160 -14.53 -2.94 21.92
N ASP K 161 -15.44 -2.33 22.67
CA ASP K 161 -15.08 -1.58 23.86
C ASP K 161 -14.51 -2.51 24.93
N ILE K 162 -15.07 -3.73 25.05
CA ILE K 162 -14.56 -4.68 26.02
C ILE K 162 -13.20 -5.20 25.57
N ALA K 163 -13.06 -5.42 24.26
CA ALA K 163 -11.83 -5.93 23.67
C ALA K 163 -10.67 -4.98 24.00
N GLU K 164 -10.86 -3.67 23.82
CA GLU K 164 -9.82 -2.69 24.03
C GLU K 164 -9.89 -2.06 25.44
N GLY K 165 -10.57 -2.74 26.36
CA GLY K 165 -10.60 -2.38 27.77
C GLY K 165 -11.10 -0.96 28.04
N ARG K 166 -12.11 -0.52 27.27
CA ARG K 166 -12.81 0.72 27.58
C ARG K 166 -14.00 0.43 28.51
N LEU K 167 -14.58 -0.79 28.40
CA LEU K 167 -15.63 -1.24 29.30
C LEU K 167 -15.32 -2.67 29.73
N ARG K 168 -15.95 -3.08 30.84
CA ARG K 168 -15.69 -4.37 31.46
C ARG K 168 -17.01 -4.93 31.96
N VAL K 169 -17.25 -6.20 31.66
CA VAL K 169 -18.49 -6.88 32.06
C VAL K 169 -18.43 -7.07 33.57
N VAL K 170 -19.46 -6.59 34.29
CA VAL K 170 -19.35 -6.65 35.75
C VAL K 170 -19.55 -8.08 36.23
N SER K 171 -20.59 -8.71 35.67
CA SER K 171 -20.90 -10.09 36.07
C SER K 171 -21.58 -10.85 34.95
N PRO K 172 -20.99 -11.96 34.46
CA PRO K 172 -21.57 -12.70 33.35
C PRO K 172 -22.91 -13.36 33.71
N GLU K 173 -23.15 -13.65 35.00
CA GLU K 173 -24.38 -14.32 35.41
C GLU K 173 -25.60 -13.51 34.98
N SER K 174 -25.49 -12.17 35.08
CA SER K 174 -26.57 -11.25 34.75
C SER K 174 -26.89 -11.21 33.25
N THR K 175 -25.93 -11.60 32.39
CA THR K 175 -26.13 -11.58 30.95
C THR K 175 -27.42 -12.32 30.58
N SER K 176 -28.23 -11.70 29.70
CA SER K 176 -29.51 -12.27 29.29
C SER K 176 -29.67 -12.15 27.78
N GLU K 177 -30.42 -13.10 27.20
CA GLU K 177 -30.66 -13.14 25.76
C GLU K 177 -32.06 -12.65 25.48
N ILE K 178 -32.20 -11.85 24.42
CA ILE K 178 -33.48 -11.27 24.02
C ILE K 178 -33.70 -11.62 22.55
N ASP K 179 -34.93 -11.99 22.23
CA ASP K 179 -35.34 -12.24 20.86
C ASP K 179 -35.74 -10.91 20.22
N ILE K 180 -35.11 -10.59 19.09
CA ILE K 180 -35.52 -9.45 18.28
C ILE K 180 -36.49 -9.97 17.23
N ILE K 181 -37.72 -9.40 17.25
CA ILE K 181 -38.81 -9.91 16.45
C ILE K 181 -39.28 -8.83 15.48
N MET K 182 -39.86 -9.28 14.37
CA MET K 182 -40.53 -8.40 13.43
C MET K 182 -42.03 -8.62 13.58
N ALA K 183 -42.77 -7.52 13.83
CA ALA K 183 -44.22 -7.60 14.02
C ALA K 183 -44.92 -6.60 13.12
N TRP K 184 -46.19 -6.90 12.81
CA TRP K 184 -47.01 -6.11 11.89
C TRP K 184 -48.48 -6.48 12.08
N ARG K 185 -49.36 -5.71 11.43
CA ARG K 185 -50.80 -5.88 11.56
C ARG K 185 -51.37 -6.40 10.24
N ARG K 186 -52.43 -7.23 10.33
CA ARG K 186 -52.89 -7.99 9.19
C ARG K 186 -53.87 -7.17 8.34
N ASP K 187 -54.59 -6.17 8.98
CA ASP K 187 -55.64 -5.46 8.29
C ASP K 187 -55.23 -4.65 7.08
N SER K 188 -53.93 -4.46 6.90
CA SER K 188 -53.39 -3.79 5.71
C SER K 188 -52.19 -4.56 5.22
N MET K 189 -52.11 -4.79 3.93
CA MET K 189 -50.96 -5.48 3.36
C MET K 189 -50.69 -4.87 1.99
N GLY K 190 -49.88 -3.80 1.96
CA GLY K 190 -49.58 -3.14 0.70
C GLY K 190 -48.34 -3.75 0.04
N GLU K 191 -48.08 -3.29 -1.19
CA GLU K 191 -46.96 -3.73 -2.00
C GLU K 191 -45.65 -3.61 -1.21
N ALA K 192 -45.36 -2.38 -0.75
CA ALA K 192 -44.09 -2.05 -0.11
C ALA K 192 -43.99 -2.81 1.21
N LYS K 193 -45.07 -2.77 1.99
CA LYS K 193 -45.07 -3.41 3.30
C LYS K 193 -44.82 -4.91 3.15
N SER K 194 -45.53 -5.58 2.24
CA SER K 194 -45.38 -7.03 2.03
C SER K 194 -43.95 -7.34 1.58
N TRP K 195 -43.44 -6.54 0.65
CA TRP K 195 -42.11 -6.76 0.11
C TRP K 195 -41.07 -6.73 1.25
N CYS K 196 -41.15 -5.72 2.12
CA CYS K 196 -40.24 -5.61 3.24
C CYS K 196 -40.38 -6.80 4.17
N LEU K 197 -41.61 -7.25 4.41
CA LEU K 197 -41.84 -8.34 5.36
C LEU K 197 -41.08 -9.59 4.93
N ARG K 198 -40.81 -9.74 3.63
CA ARG K 198 -40.09 -10.92 3.15
C ARG K 198 -38.60 -10.64 3.04
N GLU K 199 -38.23 -9.36 2.92
CA GLU K 199 -36.85 -8.97 2.68
C GLU K 199 -36.06 -8.82 3.98
N ILE K 200 -36.72 -8.32 5.02
CA ILE K 200 -36.05 -8.04 6.29
C ILE K 200 -35.44 -9.29 6.90
N PRO K 201 -36.12 -10.47 6.96
CA PRO K 201 -35.50 -11.67 7.47
C PRO K 201 -34.21 -12.07 6.75
N LYS K 202 -34.11 -11.77 5.44
CA LYS K 202 -32.92 -12.09 4.68
C LYS K 202 -31.72 -11.32 5.22
N LEU K 203 -31.95 -10.14 5.82
CA LEU K 203 -30.87 -9.32 6.36
C LEU K 203 -30.19 -10.02 7.53
N PHE K 204 -30.91 -10.91 8.23
CA PHE K 204 -30.38 -11.52 9.45
C PHE K 204 -30.43 -13.03 9.36
N ASN K 205 -30.10 -13.60 8.20
CA ASN K 205 -30.03 -15.06 8.12
C ASN K 205 -28.78 -15.58 8.86
N GLY K 206 -28.99 -16.38 9.92
CA GLY K 206 -27.92 -16.93 10.73
C GLY K 206 -27.53 -16.08 11.95
N LYS K 207 -28.22 -14.95 12.17
CA LYS K 207 -27.87 -14.03 13.24
C LYS K 207 -28.68 -14.40 14.50
N MET L 4 -33.74 12.14 50.12
CA MET L 4 -34.11 13.60 49.97
C MET L 4 -33.54 14.16 48.66
N GLU L 5 -33.92 13.56 47.54
CA GLU L 5 -33.40 13.84 46.20
C GLU L 5 -34.40 14.71 45.40
N THR L 6 -34.02 15.08 44.17
CA THR L 6 -34.65 16.11 43.34
C THR L 6 -34.41 15.78 41.87
N HIS L 7 -35.33 16.16 40.98
CA HIS L 7 -35.28 15.73 39.58
C HIS L 7 -35.40 16.91 38.65
N LEU L 8 -34.37 17.13 37.83
CA LEU L 8 -34.37 18.18 36.82
C LEU L 8 -34.26 17.55 35.43
N THR L 9 -35.00 18.13 34.46
CA THR L 9 -34.96 17.64 33.10
C THR L 9 -34.40 18.70 32.16
N ILE L 10 -33.33 18.34 31.43
CA ILE L 10 -32.74 19.21 30.43
C ILE L 10 -32.98 18.59 29.05
N VAL L 11 -33.38 19.44 28.11
CA VAL L 11 -33.58 19.01 26.73
C VAL L 11 -32.43 19.55 25.89
N THR L 12 -31.70 18.64 25.28
CA THR L 12 -30.68 18.99 24.31
C THR L 12 -31.16 18.56 22.94
N GLU L 13 -31.47 19.53 22.07
CA GLU L 13 -31.88 19.25 20.71
C GLU L 13 -30.82 18.38 20.02
N ALA L 14 -31.23 17.68 18.96
CA ALA L 14 -30.42 16.68 18.31
C ALA L 14 -29.06 17.24 17.91
N LEU L 15 -29.04 18.49 17.42
CA LEU L 15 -27.82 19.15 16.97
C LEU L 15 -26.83 19.36 18.12
N VAL L 16 -27.30 19.27 19.37
CA VAL L 16 -26.47 19.59 20.52
C VAL L 16 -25.95 18.31 21.13
N PRO L 17 -24.62 18.15 21.33
CA PRO L 17 -24.07 16.92 21.90
C PRO L 17 -24.47 16.81 23.36
N THR L 18 -25.21 15.74 23.67
CA THR L 18 -25.65 15.48 25.03
C THR L 18 -24.46 15.33 25.98
N PRO L 19 -23.39 14.58 25.66
CA PRO L 19 -22.29 14.38 26.62
C PRO L 19 -21.58 15.64 27.07
N ALA L 20 -21.79 16.77 26.38
CA ALA L 20 -21.23 18.05 26.81
C ALA L 20 -21.75 18.46 28.17
N PHE L 21 -22.90 17.92 28.59
CA PHE L 21 -23.55 18.30 29.85
C PHE L 21 -23.22 17.32 30.98
N PHE L 22 -22.23 16.46 30.76
CA PHE L 22 -21.95 15.39 31.72
C PHE L 22 -21.32 15.95 32.98
N PRO L 23 -20.40 16.94 32.88
CA PRO L 23 -19.78 17.52 34.07
C PRO L 23 -20.74 17.87 35.20
N LEU L 24 -22.01 18.21 34.84
CA LEU L 24 -23.00 18.60 35.85
C LEU L 24 -23.32 17.48 36.84
N ILE L 25 -23.29 16.22 36.36
CA ILE L 25 -23.94 15.12 37.07
C ILE L 25 -23.43 14.93 38.49
N ASP L 26 -22.11 14.80 38.66
CA ASP L 26 -21.53 14.59 39.98
C ASP L 26 -21.72 15.85 40.84
N LYS L 27 -21.58 17.06 40.24
CA LYS L 27 -21.80 18.29 40.99
C LYS L 27 -23.26 18.35 41.46
N LEU L 28 -24.19 17.96 40.58
CA LEU L 28 -25.61 18.08 40.88
C LEU L 28 -26.01 17.10 41.96
N ALA L 29 -25.30 15.95 42.05
CA ALA L 29 -25.81 14.86 42.88
C ALA L 29 -25.38 15.17 44.33
N ALA L 30 -24.67 16.30 44.49
CA ALA L 30 -24.24 16.75 45.82
C ALA L 30 -24.69 18.20 46.06
N ASN L 33 -28.56 16.52 45.60
CA ASN L 33 -29.15 15.20 45.32
C ASN L 33 -30.07 15.31 44.13
N THR L 34 -29.80 16.26 43.20
CA THR L 34 -30.60 16.36 42.00
C THR L 34 -30.19 15.27 41.00
N GLN L 35 -31.18 14.49 40.56
CA GLN L 35 -30.97 13.43 39.58
C GLN L 35 -31.30 14.04 38.23
N LEU L 36 -30.32 14.04 37.32
CA LEU L 36 -30.48 14.76 36.06
C LEU L 36 -31.07 13.83 35.00
N ALA L 37 -31.84 14.42 34.07
CA ALA L 37 -32.34 13.71 32.91
C ALA L 37 -32.11 14.57 31.67
N ILE L 38 -31.24 14.08 30.77
CA ILE L 38 -30.85 14.86 29.61
C ILE L 38 -31.47 14.21 28.38
N ILE L 39 -32.55 14.83 27.90
CA ILE L 39 -33.43 14.25 26.90
C ILE L 39 -33.16 14.92 25.56
N THR L 40 -33.22 14.12 24.51
CA THR L 40 -33.02 14.60 23.15
C THR L 40 -34.37 14.81 22.49
N GLU L 41 -34.51 15.95 21.80
CA GLU L 41 -35.67 16.24 20.96
C GLU L 41 -35.13 16.78 19.63
N VAL L 42 -36.00 16.90 18.64
CA VAL L 42 -35.60 17.34 17.31
C VAL L 42 -36.42 18.59 16.96
N LEU L 43 -35.71 19.64 16.54
CA LEU L 43 -36.27 20.89 16.05
C LEU L 43 -37.37 21.41 16.96
N ALA L 44 -38.61 21.48 16.45
CA ALA L 44 -39.73 22.06 17.19
C ALA L 44 -40.06 21.25 18.44
N GLY L 45 -39.71 19.97 18.48
CA GLY L 45 -40.01 19.12 19.62
C GLY L 45 -39.44 19.69 20.91
N ALA L 46 -38.24 20.29 20.82
CA ALA L 46 -37.57 20.86 22.00
C ALA L 46 -38.40 22.02 22.55
N TRP L 47 -38.93 22.87 21.68
CA TRP L 47 -39.71 24.03 22.12
C TRP L 47 -41.10 23.63 22.62
N GLU L 48 -41.69 22.59 21.98
CA GLU L 48 -42.94 22.06 22.43
C GLU L 48 -42.82 21.59 23.88
N ARG L 49 -41.68 20.97 24.22
CA ARG L 49 -41.47 20.48 25.57
C ARG L 49 -41.44 21.64 26.57
N LEU L 50 -40.85 22.77 26.16
CA LEU L 50 -40.76 23.93 27.05
C LEU L 50 -42.15 24.54 27.26
N GLU L 51 -42.94 24.65 26.18
CA GLU L 51 -44.29 25.21 26.26
C GLU L 51 -45.15 24.36 27.19
N GLN L 52 -45.09 23.03 27.05
CA GLN L 52 -45.94 22.11 27.79
C GLN L 52 -45.41 21.88 29.21
N GLY L 53 -44.42 22.66 29.64
CA GLY L 53 -43.92 22.58 31.01
C GLY L 53 -43.30 21.24 31.35
N ARG L 54 -42.79 20.51 30.34
CA ARG L 54 -42.25 19.18 30.56
C ARG L 54 -40.71 19.17 30.45
N ALA L 55 -40.10 20.36 30.41
CA ALA L 55 -38.66 20.50 30.31
C ALA L 55 -38.26 21.78 31.06
N ASP L 56 -37.34 21.64 32.02
CA ASP L 56 -36.94 22.77 32.86
C ASP L 56 -36.00 23.71 32.11
N ILE L 57 -35.07 23.14 31.32
CA ILE L 57 -34.19 23.94 30.48
C ILE L 57 -34.11 23.31 29.10
N VAL L 58 -34.06 24.15 28.06
CA VAL L 58 -33.93 23.71 26.68
C VAL L 58 -32.65 24.27 26.07
N ILE L 59 -31.85 23.40 25.44
CA ILE L 59 -30.69 23.78 24.65
C ILE L 59 -30.96 23.40 23.20
N ALA L 60 -31.20 24.42 22.37
CA ALA L 60 -31.72 24.20 21.02
C ALA L 60 -31.34 25.35 20.12
N PRO L 61 -31.39 25.18 18.79
CA PRO L 61 -31.14 26.30 17.87
C PRO L 61 -32.18 27.40 17.98
N ASP L 62 -31.80 28.60 17.51
CA ASP L 62 -32.68 29.74 17.44
C ASP L 62 -33.78 29.47 16.41
N MET L 63 -35.05 29.50 16.87
CA MET L 63 -36.17 29.24 15.97
C MET L 63 -37.22 30.34 15.97
N HIS L 64 -36.83 31.56 16.41
CA HIS L 64 -37.74 32.71 16.50
C HIS L 64 -39.15 32.29 16.96
N PHE L 65 -39.19 31.77 18.20
CA PHE L 65 -40.39 31.13 18.75
C PHE L 65 -41.39 32.11 19.37
N ARG L 66 -41.23 33.40 19.02
CA ARG L 66 -41.97 34.52 19.58
C ARG L 66 -41.87 34.48 21.10
N SER L 67 -40.65 34.70 21.57
CA SER L 67 -40.30 34.75 22.99
C SER L 67 -41.49 35.35 23.78
N SER L 68 -41.90 34.58 24.79
CA SER L 68 -42.79 35.10 25.81
C SER L 68 -41.87 35.64 26.88
N SER L 69 -42.20 36.76 27.57
CA SER L 69 -41.44 37.18 28.76
C SER L 69 -41.26 36.05 29.78
N GLU L 70 -42.17 35.06 29.71
CA GLU L 70 -42.03 33.78 30.43
C GLU L 70 -40.98 32.92 29.77
N ILE L 71 -40.71 33.12 28.45
CA ILE L 71 -39.70 32.29 27.79
C ILE L 71 -38.48 33.17 27.54
N ASN L 72 -37.48 32.96 28.38
CA ASN L 72 -36.25 33.78 28.37
C ASN L 72 -35.16 32.94 27.75
N SER L 73 -34.26 33.58 26.98
CA SER L 73 -33.24 32.86 26.23
C SER L 73 -31.89 33.57 26.37
N ARG L 74 -30.80 32.80 26.29
CA ARG L 74 -29.45 33.30 26.41
C ARG L 74 -28.56 32.48 25.46
N LYS L 75 -27.67 33.16 24.73
CA LYS L 75 -26.92 32.50 23.67
C LYS L 75 -25.70 31.79 24.26
N LEU L 76 -25.47 30.54 23.83
CA LEU L 76 -24.38 29.73 24.36
C LEU L 76 -23.18 29.69 23.40
N TYR L 77 -23.41 29.38 22.12
CA TYR L 77 -22.33 29.34 21.15
C TYR L 77 -22.90 29.35 19.73
N THR L 78 -22.00 29.51 18.75
CA THR L 78 -22.39 29.44 17.35
C THR L 78 -21.96 28.09 16.78
N LEU L 79 -22.87 27.44 16.05
CA LEU L 79 -22.63 26.14 15.46
C LEU L 79 -22.64 26.27 13.95
N MET L 80 -21.75 25.52 13.28
CA MET L 80 -21.63 25.55 11.84
C MET L 80 -22.27 24.28 11.26
N ASN L 81 -23.19 24.49 10.30
CA ASN L 81 -23.86 23.40 9.62
C ASN L 81 -23.33 23.34 8.19
N VAL L 82 -22.99 22.11 7.75
CA VAL L 82 -22.33 21.92 6.46
C VAL L 82 -23.12 20.90 5.66
N TYR L 83 -23.35 21.22 4.38
CA TYR L 83 -23.98 20.30 3.45
C TYR L 83 -22.91 19.30 3.00
N VAL L 84 -23.17 18.01 3.28
CA VAL L 84 -22.14 16.99 3.11
C VAL L 84 -22.70 15.80 2.34
N ALA L 85 -21.79 14.94 1.90
CA ALA L 85 -22.09 13.69 1.25
C ALA L 85 -20.81 12.85 1.18
N ALA L 86 -20.96 11.55 0.88
CA ALA L 86 -19.80 10.68 0.76
C ALA L 86 -18.95 11.17 -0.40
N PRO L 87 -17.60 10.99 -0.33
CA PRO L 87 -16.69 11.56 -1.32
C PRO L 87 -17.00 11.16 -2.77
N ASP L 88 -17.53 9.94 -2.98
CA ASP L 88 -17.81 9.43 -4.32
C ASP L 88 -19.29 9.55 -4.67
N HIS L 89 -20.04 10.39 -3.95
CA HIS L 89 -21.42 10.68 -4.32
C HIS L 89 -21.44 11.54 -5.58
N PRO L 90 -22.35 11.27 -6.53
CA PRO L 90 -22.43 12.06 -7.77
C PRO L 90 -22.61 13.56 -7.61
N ILE L 91 -23.12 14.02 -6.45
CA ILE L 91 -23.36 15.44 -6.23
C ILE L 91 -22.08 16.27 -6.35
N HIS L 92 -20.94 15.66 -6.04
CA HIS L 92 -19.60 16.21 -6.02
C HIS L 92 -19.18 16.67 -7.42
N GLN L 93 -19.57 15.91 -8.47
CA GLN L 93 -19.22 16.24 -9.84
C GLN L 93 -20.18 17.25 -10.44
N GLU L 94 -21.28 17.56 -9.74
CA GLU L 94 -22.32 18.45 -10.26
C GLU L 94 -21.84 19.91 -10.17
N PRO L 95 -22.06 20.73 -11.23
CA PRO L 95 -21.68 22.14 -11.20
C PRO L 95 -22.45 22.99 -10.21
N GLU L 96 -23.78 22.87 -10.15
CA GLU L 96 -24.63 23.66 -9.27
C GLU L 96 -25.41 22.74 -8.35
N PRO L 97 -24.76 22.18 -7.31
CA PRO L 97 -25.43 21.24 -6.40
C PRO L 97 -26.70 21.79 -5.76
N LEU L 98 -26.71 23.10 -5.46
CA LEU L 98 -27.79 23.71 -4.71
C LEU L 98 -29.00 24.04 -5.60
N SER L 99 -28.82 23.96 -6.94
CA SER L 99 -29.93 24.25 -7.84
C SER L 99 -31.04 23.22 -7.59
N GLU L 100 -32.28 23.70 -7.49
CA GLU L 100 -33.47 22.91 -7.23
C GLU L 100 -33.59 21.79 -8.26
N VAL L 101 -33.18 22.07 -9.51
CA VAL L 101 -33.23 21.06 -10.56
C VAL L 101 -32.29 19.89 -10.21
N THR L 102 -31.13 20.21 -9.59
CA THR L 102 -30.19 19.16 -9.23
C THR L 102 -30.62 18.40 -7.98
N ARG L 103 -31.05 19.13 -6.93
CA ARG L 103 -31.32 18.53 -5.64
C ARG L 103 -32.40 17.44 -5.73
N VAL L 104 -33.40 17.63 -6.60
CA VAL L 104 -34.48 16.66 -6.74
C VAL L 104 -33.93 15.32 -7.22
N LYS L 105 -32.83 15.34 -7.97
CA LYS L 105 -32.27 14.10 -8.50
C LYS L 105 -31.82 13.15 -7.39
N TYR L 106 -31.30 13.73 -6.28
CA TYR L 106 -30.63 12.95 -5.26
C TYR L 106 -31.46 12.91 -3.97
N ARG L 107 -31.18 11.91 -3.15
CA ARG L 107 -32.03 11.61 -2.00
C ARG L 107 -31.61 12.48 -0.82
N GLY L 108 -32.58 13.18 -0.24
CA GLY L 108 -32.36 13.91 1.00
C GLY L 108 -32.38 12.96 2.20
N ILE L 109 -31.72 13.38 3.29
CA ILE L 109 -31.76 12.65 4.55
C ILE L 109 -32.20 13.62 5.63
N ALA L 110 -33.26 13.26 6.35
CA ALA L 110 -33.88 14.16 7.30
C ALA L 110 -34.03 13.44 8.63
N VAL L 111 -34.09 14.23 9.71
CA VAL L 111 -34.43 13.72 11.02
C VAL L 111 -35.85 14.17 11.36
N ALA L 112 -36.70 13.20 11.74
CA ALA L 112 -38.10 13.45 12.03
C ALA L 112 -38.22 14.47 13.15
N ASP L 113 -39.01 15.54 12.90
CA ASP L 113 -39.29 16.54 13.92
C ASP L 113 -40.16 15.88 14.98
N THR L 114 -39.75 15.96 16.25
CA THR L 114 -40.42 15.24 17.32
C THR L 114 -41.66 15.99 17.80
N ALA L 115 -42.07 17.05 17.11
CA ALA L 115 -43.14 17.91 17.59
C ALA L 115 -44.45 17.26 17.19
N ARG L 116 -45.39 17.17 18.16
CA ARG L 116 -46.79 16.85 17.92
C ARG L 116 -47.45 17.77 16.89
N GLU L 117 -47.06 19.05 16.83
CA GLU L 117 -47.51 19.96 15.78
C GLU L 117 -46.85 19.65 14.43
N ARG L 118 -46.99 20.55 13.42
CA ARG L 118 -46.38 20.35 12.12
C ARG L 118 -45.73 21.65 11.66
N PRO L 119 -44.52 22.01 12.14
CA PRO L 119 -43.90 23.28 11.75
C PRO L 119 -43.19 23.21 10.39
N VAL L 120 -42.58 24.33 10.01
CA VAL L 120 -41.87 24.47 8.74
C VAL L 120 -40.49 25.08 8.98
N LEU L 121 -39.90 25.68 7.94
CA LEU L 121 -38.56 26.23 7.88
C LEU L 121 -37.49 25.15 7.76
N THR L 122 -37.84 23.86 7.64
CA THR L 122 -36.88 22.80 7.93
C THR L 122 -36.91 21.69 6.88
N VAL L 123 -37.35 21.99 5.66
CA VAL L 123 -37.64 20.92 4.70
C VAL L 123 -36.43 20.96 3.77
N GLN L 124 -36.28 22.13 3.15
CA GLN L 124 -35.33 22.42 2.07
C GLN L 124 -35.32 21.34 0.98
N LEU L 125 -36.52 20.80 0.73
CA LEU L 125 -36.78 19.68 -0.16
C LEU L 125 -38.27 19.79 -0.46
N LEU L 126 -38.62 20.49 -1.54
CA LEU L 126 -40.02 20.66 -1.93
C LEU L 126 -40.41 19.55 -2.91
N ASP L 127 -41.73 19.34 -3.06
CA ASP L 127 -42.32 18.46 -4.06
C ASP L 127 -41.88 17.00 -3.89
N LYS L 128 -41.72 16.26 -4.99
CA LYS L 128 -41.31 14.87 -5.01
C LYS L 128 -39.79 14.75 -5.16
N GLN L 129 -39.05 14.75 -4.03
CA GLN L 129 -37.64 14.38 -4.04
C GLN L 129 -37.42 13.19 -3.12
N PRO L 130 -36.61 12.19 -3.54
CA PRO L 130 -36.35 11.02 -2.71
C PRO L 130 -35.87 11.42 -1.30
N ARG L 131 -36.38 10.73 -0.28
CA ARG L 131 -36.09 11.09 1.10
C ARG L 131 -35.91 9.83 1.93
N LEU L 132 -34.96 9.89 2.87
CA LEU L 132 -34.87 8.91 3.94
C LEU L 132 -35.03 9.68 5.26
N THR L 133 -35.93 9.18 6.11
CA THR L 133 -36.19 9.83 7.39
C THR L 133 -35.73 8.92 8.51
N VAL L 134 -34.99 9.49 9.48
CA VAL L 134 -34.49 8.77 10.63
C VAL L 134 -34.80 9.59 11.86
N SER L 135 -34.71 8.94 13.04
CA SER L 135 -35.09 9.58 14.29
C SER L 135 -33.91 10.27 14.97
N THR L 136 -32.68 9.81 14.69
CA THR L 136 -31.52 10.26 15.45
C THR L 136 -30.44 10.77 14.50
N ILE L 137 -29.57 11.64 15.02
CA ILE L 137 -28.54 12.25 14.21
C ILE L 137 -27.46 11.22 13.86
N GLU L 138 -27.28 10.21 14.73
CA GLU L 138 -26.34 9.14 14.46
C GLU L 138 -26.76 8.36 13.20
N ASP L 139 -28.06 7.99 13.13
CA ASP L 139 -28.57 7.27 11.97
C ASP L 139 -28.41 8.11 10.71
N LYS L 140 -28.60 9.43 10.85
CA LYS L 140 -28.41 10.33 9.72
C LYS L 140 -26.95 10.32 9.28
N ARG L 141 -26.02 10.29 10.26
CA ARG L 141 -24.60 10.28 9.95
C ARG L 141 -24.22 9.02 9.19
N GLN L 142 -24.67 7.86 9.70
CA GLN L 142 -24.34 6.59 9.07
C GLN L 142 -24.92 6.53 7.66
N ALA L 143 -26.18 6.99 7.47
CA ALA L 143 -26.77 7.05 6.14
C ALA L 143 -25.90 7.88 5.20
N LEU L 144 -25.37 9.01 5.69
CA LEU L 144 -24.50 9.84 4.87
C LEU L 144 -23.18 9.13 4.60
N LEU L 145 -22.63 8.46 5.62
CA LEU L 145 -21.36 7.74 5.48
C LEU L 145 -21.51 6.63 4.44
N ALA L 146 -22.67 5.97 4.40
CA ALA L 146 -22.93 4.90 3.45
C ALA L 146 -23.29 5.43 2.07
N GLY L 147 -23.17 6.74 1.86
CA GLY L 147 -23.40 7.36 0.56
C GLY L 147 -24.84 7.23 0.09
N LEU L 148 -25.80 7.28 1.02
CA LEU L 148 -27.20 7.03 0.69
C LEU L 148 -27.95 8.32 0.34
N GLY L 149 -27.35 9.48 0.55
CA GLY L 149 -27.97 10.73 0.15
C GLY L 149 -27.14 11.95 0.55
N VAL L 150 -27.81 13.11 0.60
CA VAL L 150 -27.15 14.39 0.83
C VAL L 150 -27.94 15.16 1.87
N ALA L 151 -27.25 15.79 2.83
CA ALA L 151 -27.93 16.43 3.93
C ALA L 151 -26.97 17.33 4.69
N THR L 152 -27.54 18.27 5.47
CA THR L 152 -26.78 19.14 6.34
C THR L 152 -26.38 18.37 7.59
N MET L 153 -25.27 18.78 8.21
CA MET L 153 -24.78 18.16 9.44
C MET L 153 -24.05 19.22 10.26
N PRO L 154 -24.11 19.14 11.61
CA PRO L 154 -23.28 20.02 12.44
C PRO L 154 -21.81 19.65 12.22
N TYR L 155 -20.98 20.65 11.95
CA TYR L 155 -19.57 20.45 11.63
C TYR L 155 -18.85 19.62 12.69
N PRO L 156 -19.00 19.89 14.02
CA PRO L 156 -18.22 19.14 15.00
C PRO L 156 -18.37 17.62 14.90
N MET L 157 -19.56 17.14 14.54
CA MET L 157 -19.82 15.72 14.50
C MET L 157 -19.16 15.07 13.28
N VAL L 158 -18.86 15.85 12.22
CA VAL L 158 -18.33 15.31 10.99
C VAL L 158 -16.92 15.83 10.70
N GLU L 159 -16.36 16.66 11.59
CA GLU L 159 -15.03 17.24 11.39
C GLU L 159 -14.00 16.14 11.11
N LYS L 160 -14.03 15.09 11.96
CA LYS L 160 -13.08 13.99 11.82
C LYS L 160 -13.34 13.26 10.50
N ASP L 161 -14.61 13.13 10.13
CA ASP L 161 -14.97 12.40 8.92
C ASP L 161 -14.46 13.12 7.68
N ILE L 162 -14.49 14.47 7.70
CA ILE L 162 -14.00 15.22 6.54
C ILE L 162 -12.48 15.12 6.49
N ALA L 163 -11.84 15.16 7.68
CA ALA L 163 -10.39 15.10 7.78
C ALA L 163 -9.86 13.81 7.14
N GLU L 164 -10.50 12.68 7.45
CA GLU L 164 -10.04 11.38 6.96
C GLU L 164 -10.83 10.94 5.74
N GLY L 165 -11.46 11.88 5.03
CA GLY L 165 -12.11 11.64 3.75
C GLY L 165 -13.18 10.53 3.80
N ARG L 166 -13.97 10.49 4.88
CA ARG L 166 -15.17 9.68 4.91
C ARG L 166 -16.38 10.49 4.40
N LEU L 167 -16.35 11.81 4.58
CA LEU L 167 -17.35 12.71 4.01
C LEU L 167 -16.66 13.92 3.39
N ARG L 168 -17.39 14.63 2.51
CA ARG L 168 -16.85 15.77 1.81
C ARG L 168 -17.92 16.84 1.74
N VAL L 169 -17.53 18.07 2.07
CA VAL L 169 -18.45 19.20 2.04
C VAL L 169 -18.76 19.52 0.58
N VAL L 170 -20.04 19.54 0.23
CA VAL L 170 -20.41 19.62 -1.17
C VAL L 170 -20.15 21.03 -1.69
N SER L 171 -20.51 22.05 -0.89
CA SER L 171 -20.37 23.43 -1.29
C SER L 171 -20.29 24.29 -0.03
N PRO L 172 -19.26 25.16 0.08
CA PRO L 172 -19.20 26.12 1.18
C PRO L 172 -20.31 27.15 1.19
N GLU L 173 -20.89 27.45 0.02
CA GLU L 173 -21.94 28.44 -0.09
C GLU L 173 -23.12 28.08 0.83
N SER L 174 -23.44 26.79 0.90
CA SER L 174 -24.55 26.28 1.70
C SER L 174 -24.30 26.38 3.20
N THR L 175 -23.03 26.46 3.63
CA THR L 175 -22.69 26.53 5.04
C THR L 175 -23.44 27.68 5.69
N SER L 176 -24.06 27.41 6.85
CA SER L 176 -24.79 28.41 7.60
C SER L 176 -24.40 28.28 9.08
N GLU L 177 -24.49 29.42 9.78
CA GLU L 177 -24.17 29.45 11.20
C GLU L 177 -25.49 29.56 11.96
N ILE L 178 -25.57 28.78 13.06
CA ILE L 178 -26.77 28.71 13.88
C ILE L 178 -26.36 29.01 15.31
N ASP L 179 -27.17 29.81 15.98
CA ASP L 179 -26.97 30.13 17.38
C ASP L 179 -27.64 29.04 18.21
N ILE L 180 -26.85 28.42 19.11
CA ILE L 180 -27.39 27.48 20.06
C ILE L 180 -27.69 28.25 21.33
N ILE L 181 -28.96 28.20 21.76
CA ILE L 181 -29.47 29.09 22.80
C ILE L 181 -30.01 28.23 23.93
N MET L 182 -29.95 28.80 25.14
CA MET L 182 -30.55 28.20 26.31
C MET L 182 -31.80 28.97 26.67
N ALA L 183 -32.94 28.26 26.78
CA ALA L 183 -34.24 28.86 27.00
C ALA L 183 -34.94 28.17 28.17
N TRP L 184 -35.84 28.91 28.85
CA TRP L 184 -36.31 28.57 30.20
C TRP L 184 -37.62 29.37 30.47
N ARG L 185 -38.44 28.87 31.43
CA ARG L 185 -39.68 29.52 31.78
C ARG L 185 -39.60 30.14 33.17
N ARG L 186 -40.26 31.28 33.37
CA ARG L 186 -40.11 32.03 34.61
C ARG L 186 -41.05 31.54 35.71
N ASP L 187 -42.15 30.88 35.34
CA ASP L 187 -43.20 30.46 36.26
C ASP L 187 -42.73 29.45 37.30
N SER L 188 -41.54 28.88 37.16
CA SER L 188 -40.97 28.00 38.17
C SER L 188 -39.49 28.33 38.27
N MET L 189 -39.02 28.43 39.51
CA MET L 189 -37.61 28.63 39.76
C MET L 189 -37.21 27.84 40.98
N GLY L 190 -36.12 27.06 40.88
CA GLY L 190 -35.65 26.32 42.04
C GLY L 190 -34.13 26.28 42.07
N GLU L 191 -33.63 25.68 43.16
CA GLU L 191 -32.20 25.60 43.43
C GLU L 191 -31.46 25.00 42.23
N ALA L 192 -31.87 23.78 41.83
CA ALA L 192 -31.19 23.02 40.80
C ALA L 192 -31.32 23.73 39.46
N LYS L 193 -32.52 24.19 39.14
CA LYS L 193 -32.76 24.85 37.88
C LYS L 193 -31.88 26.10 37.75
N SER L 194 -31.88 26.96 38.80
CA SER L 194 -31.09 28.18 38.78
C SER L 194 -29.61 27.86 38.65
N TRP L 195 -29.15 26.85 39.40
CA TRP L 195 -27.75 26.48 39.39
C TRP L 195 -27.31 26.10 37.97
N CYS L 196 -28.10 25.27 37.30
CA CYS L 196 -27.78 24.85 35.95
C CYS L 196 -27.77 26.05 35.01
N LEU L 197 -28.72 27.01 35.17
CA LEU L 197 -28.78 28.13 34.28
C LEU L 197 -27.46 28.91 34.26
N ARG L 198 -26.72 28.88 35.38
CA ARG L 198 -25.46 29.61 35.44
C ARG L 198 -24.28 28.72 35.09
N GLU L 199 -24.47 27.40 35.20
CA GLU L 199 -23.38 26.45 35.00
C GLU L 199 -23.25 26.06 33.52
N ILE L 200 -24.37 26.00 32.79
CA ILE L 200 -24.34 25.60 31.40
C ILE L 200 -23.46 26.50 30.54
N PRO L 201 -23.54 27.85 30.62
CA PRO L 201 -22.63 28.70 29.85
C PRO L 201 -21.15 28.44 30.10
N LYS L 202 -20.79 28.02 31.32
CA LYS L 202 -19.41 27.71 31.64
C LYS L 202 -18.90 26.54 30.78
N LEU L 203 -19.80 25.64 30.37
CA LEU L 203 -19.45 24.48 29.57
C LEU L 203 -18.94 24.91 28.20
N PHE L 204 -19.36 26.09 27.71
CA PHE L 204 -19.04 26.50 26.35
C PHE L 204 -18.28 27.82 26.33
N ASN L 205 -17.46 28.08 27.33
CA ASN L 205 -16.36 29.02 27.34
C ASN L 205 -15.76 28.97 28.76
N GLY L 206 -14.44 28.78 28.84
CA GLY L 206 -13.78 28.61 30.13
C GLY L 206 -13.68 27.14 30.41
N THR M 6 -19.12 -23.27 35.06
CA THR M 6 -17.78 -22.55 35.21
C THR M 6 -16.73 -23.13 34.25
N HIS M 7 -16.93 -24.39 33.89
CA HIS M 7 -16.05 -25.10 32.97
C HIS M 7 -16.90 -25.75 31.88
N LEU M 8 -16.64 -25.35 30.64
CA LEU M 8 -17.20 -26.04 29.49
C LEU M 8 -16.08 -26.70 28.70
N THR M 9 -16.33 -27.93 28.25
CA THR M 9 -15.44 -28.63 27.33
C THR M 9 -16.21 -28.90 26.05
N ILE M 10 -15.67 -28.43 24.90
CA ILE M 10 -16.16 -28.82 23.60
C ILE M 10 -15.09 -29.67 22.95
N VAL M 11 -15.54 -30.79 22.35
CA VAL M 11 -14.65 -31.70 21.64
C VAL M 11 -14.89 -31.50 20.15
N THR M 12 -13.82 -31.12 19.44
CA THR M 12 -13.84 -31.08 18.00
C THR M 12 -12.95 -32.22 17.49
N GLU M 13 -13.57 -33.24 16.88
CA GLU M 13 -12.83 -34.34 16.29
C GLU M 13 -11.82 -33.79 15.28
N ALA M 14 -10.78 -34.60 15.02
CA ALA M 14 -9.64 -34.17 14.23
C ALA M 14 -10.06 -33.60 12.88
N LEU M 15 -11.06 -34.21 12.24
CA LEU M 15 -11.55 -33.77 10.94
C LEU M 15 -12.15 -32.36 11.00
N VAL M 16 -12.50 -31.89 12.21
CA VAL M 16 -13.21 -30.62 12.35
C VAL M 16 -12.22 -29.53 12.73
N PRO M 17 -12.17 -28.41 11.99
CA PRO M 17 -11.25 -27.32 12.30
C PRO M 17 -11.63 -26.66 13.60
N THR M 18 -10.74 -26.73 14.59
CA THR M 18 -10.94 -26.12 15.89
C THR M 18 -11.15 -24.60 15.76
N PRO M 19 -10.33 -23.85 14.99
CA PRO M 19 -10.48 -22.40 14.94
C PRO M 19 -11.82 -21.89 14.44
N ALA M 20 -12.66 -22.76 13.85
CA ALA M 20 -14.00 -22.38 13.45
C ALA M 20 -14.85 -21.97 14.65
N PHE M 21 -14.48 -22.42 15.86
CA PHE M 21 -15.26 -22.19 17.07
C PHE M 21 -14.71 -21.01 17.87
N PHE M 22 -13.83 -20.21 17.27
CA PHE M 22 -13.14 -19.16 18.00
C PHE M 22 -14.09 -18.02 18.30
N PRO M 23 -15.00 -17.63 17.37
CA PRO M 23 -15.96 -16.56 17.65
C PRO M 23 -16.67 -16.65 18.99
N LEU M 24 -16.87 -17.88 19.50
CA LEU M 24 -17.61 -18.10 20.74
C LEU M 24 -16.88 -17.49 21.94
N ILE M 25 -15.54 -17.47 21.92
CA ILE M 25 -14.75 -17.31 23.14
C ILE M 25 -15.07 -16.02 23.89
N ASP M 26 -15.00 -14.87 23.21
CA ASP M 26 -15.27 -13.60 23.88
C ASP M 26 -16.73 -13.52 24.30
N LYS M 27 -17.65 -14.01 23.44
CA LYS M 27 -19.08 -14.02 23.75
C LYS M 27 -19.31 -14.88 24.99
N LEU M 28 -18.65 -16.05 25.05
CA LEU M 28 -18.87 -16.98 26.14
C LEU M 28 -18.33 -16.41 27.46
N ALA M 29 -17.28 -15.60 27.39
CA ALA M 29 -16.68 -15.05 28.60
C ALA M 29 -17.57 -13.96 29.20
N ALA M 30 -18.27 -13.20 28.34
CA ALA M 30 -19.21 -12.18 28.80
C ALA M 30 -20.54 -12.81 29.21
N LYS M 31 -20.90 -13.93 28.59
CA LYS M 31 -22.16 -14.60 28.86
C LYS M 31 -22.13 -15.33 30.21
N ALA M 32 -21.00 -15.98 30.51
CA ALA M 32 -20.79 -16.63 31.80
C ALA M 32 -19.29 -16.62 32.11
N ASN M 33 -18.93 -16.86 33.36
CA ASN M 33 -17.53 -16.92 33.77
C ASN M 33 -16.97 -18.32 33.48
N THR M 34 -17.41 -18.87 32.35
CA THR M 34 -17.02 -20.19 31.91
C THR M 34 -15.60 -20.18 31.36
N GLN M 35 -14.75 -21.05 31.89
CA GLN M 35 -13.43 -21.29 31.33
C GLN M 35 -13.53 -22.42 30.31
N LEU M 36 -13.16 -22.10 29.05
CA LEU M 36 -13.44 -22.97 27.93
C LEU M 36 -12.25 -23.91 27.73
N ALA M 37 -12.55 -25.11 27.22
CA ALA M 37 -11.63 -26.02 26.58
C ALA M 37 -12.24 -26.44 25.23
N ILE M 38 -11.53 -26.21 24.14
CA ILE M 38 -11.80 -26.84 22.87
C ILE M 38 -10.76 -27.92 22.62
N ILE M 39 -11.16 -29.16 22.81
CA ILE M 39 -10.27 -30.31 22.85
C ILE M 39 -10.41 -31.08 21.55
N THR M 40 -9.27 -31.58 21.04
CA THR M 40 -9.27 -32.38 19.84
C THR M 40 -9.16 -33.85 20.24
N GLU M 41 -10.00 -34.69 19.63
CA GLU M 41 -9.93 -36.13 19.78
C GLU M 41 -10.00 -36.73 18.38
N VAL M 42 -9.69 -38.01 18.27
CA VAL M 42 -9.67 -38.70 16.99
C VAL M 42 -10.67 -39.84 17.04
N LEU M 43 -11.60 -39.86 16.06
CA LEU M 43 -12.48 -41.01 15.82
C LEU M 43 -13.25 -41.31 17.12
N ALA M 44 -13.06 -42.53 17.68
CA ALA M 44 -13.83 -42.94 18.86
C ALA M 44 -13.50 -42.09 20.07
N GLY M 45 -12.35 -41.42 20.12
CA GLY M 45 -11.98 -40.57 21.23
C GLY M 45 -13.04 -39.55 21.57
N ALA M 46 -13.66 -38.98 20.51
CA ALA M 46 -14.66 -37.93 20.70
C ALA M 46 -15.86 -38.49 21.50
N TRP M 47 -16.31 -39.69 21.08
CA TRP M 47 -17.50 -40.29 21.65
C TRP M 47 -17.24 -40.87 23.04
N GLU M 48 -16.03 -41.41 23.23
CA GLU M 48 -15.66 -41.92 24.54
C GLU M 48 -15.71 -40.77 25.53
N ARG M 49 -15.29 -39.58 25.13
CA ARG M 49 -15.32 -38.44 26.04
C ARG M 49 -16.75 -38.10 26.43
N LEU M 50 -17.70 -38.21 25.50
CA LEU M 50 -19.09 -37.88 25.79
C LEU M 50 -19.68 -38.92 26.76
N GLU M 51 -19.39 -40.22 26.52
CA GLU M 51 -19.89 -41.28 27.38
C GLU M 51 -19.39 -41.08 28.82
N GLN M 52 -18.09 -40.79 28.96
CA GLN M 52 -17.43 -40.71 30.27
C GLN M 52 -17.72 -39.37 30.94
N GLY M 53 -18.62 -38.55 30.38
CA GLY M 53 -19.03 -37.30 31.01
C GLY M 53 -17.87 -36.30 31.14
N ARG M 54 -16.88 -36.38 30.23
CA ARG M 54 -15.74 -35.49 30.28
C ARG M 54 -15.77 -34.46 29.15
N ALA M 55 -16.91 -34.37 28.46
CA ALA M 55 -17.09 -33.47 27.34
C ALA M 55 -18.57 -33.11 27.26
N ASP M 56 -18.85 -31.80 27.29
CA ASP M 56 -20.21 -31.30 27.29
C ASP M 56 -20.82 -31.37 25.90
N ILE M 57 -20.05 -31.03 24.86
CA ILE M 57 -20.54 -31.04 23.49
C ILE M 57 -19.49 -31.66 22.57
N VAL M 58 -19.95 -32.47 21.61
CA VAL M 58 -19.06 -33.15 20.68
C VAL M 58 -19.39 -32.73 19.25
N ILE M 59 -18.35 -32.32 18.50
CA ILE M 59 -18.48 -32.04 17.08
C ILE M 59 -17.60 -33.04 16.34
N ALA M 60 -18.26 -34.00 15.66
CA ALA M 60 -17.57 -35.18 15.17
C ALA M 60 -18.34 -35.75 14.00
N PRO M 61 -17.74 -36.63 13.19
CA PRO M 61 -18.47 -37.32 12.13
C PRO M 61 -19.60 -38.21 12.67
N ASP M 62 -20.58 -38.47 11.80
CA ASP M 62 -21.89 -38.96 12.10
C ASP M 62 -21.79 -40.37 12.66
N MET M 63 -22.50 -40.55 13.80
CA MET M 63 -22.60 -41.88 14.41
C MET M 63 -24.06 -42.33 14.56
N HIS M 64 -24.29 -43.65 14.36
CA HIS M 64 -25.49 -44.30 14.84
C HIS M 64 -25.18 -44.85 16.22
N PHE M 65 -25.72 -44.23 17.25
CA PHE M 65 -25.62 -44.64 18.63
C PHE M 65 -27.01 -44.96 19.18
N ARG M 66 -27.07 -45.83 20.21
CA ARG M 66 -28.22 -45.86 21.12
C ARG M 66 -27.83 -46.28 22.52
N SER M 67 -26.53 -46.54 22.74
CA SER M 67 -26.00 -47.00 24.01
C SER M 67 -26.17 -45.93 25.11
N SER M 68 -25.83 -44.69 24.75
CA SER M 68 -26.05 -43.56 25.64
C SER M 68 -27.53 -43.18 25.76
N SER M 69 -28.33 -43.44 24.72
CA SER M 69 -29.79 -43.45 24.82
C SER M 69 -30.36 -42.12 25.31
N GLU M 70 -29.51 -41.21 25.81
CA GLU M 70 -29.90 -39.87 26.18
C GLU M 70 -29.06 -38.83 25.42
N ILE M 71 -28.75 -39.19 24.16
CA ILE M 71 -27.88 -38.39 23.30
C ILE M 71 -28.73 -37.74 22.23
N ASN M 72 -28.72 -36.39 22.19
CA ASN M 72 -29.33 -35.66 21.09
C ASN M 72 -28.25 -35.20 20.12
N SER M 73 -28.59 -35.20 18.83
CA SER M 73 -27.65 -34.83 17.78
C SER M 73 -28.35 -33.89 16.78
N ARG M 74 -27.56 -33.03 16.14
CA ARG M 74 -28.03 -32.09 15.14
C ARG M 74 -26.95 -31.99 14.05
N LYS M 75 -27.38 -32.01 12.79
CA LYS M 75 -26.41 -32.08 11.69
C LYS M 75 -25.94 -30.67 11.36
N LEU M 76 -24.62 -30.47 11.20
CA LEU M 76 -24.05 -29.15 10.99
C LEU M 76 -23.71 -28.88 9.52
N TYR M 77 -22.95 -29.78 8.90
CA TYR M 77 -22.58 -29.61 7.51
C TYR M 77 -22.07 -30.94 6.94
N THR M 78 -21.87 -30.95 5.62
CA THR M 78 -21.30 -32.11 4.94
C THR M 78 -19.84 -31.80 4.60
N LEU M 79 -18.96 -32.77 4.88
CA LEU M 79 -17.54 -32.65 4.62
C LEU M 79 -17.15 -33.64 3.52
N MET M 80 -16.26 -33.18 2.64
CA MET M 80 -15.83 -33.97 1.49
C MET M 80 -14.41 -34.46 1.75
N ASN M 81 -14.21 -35.78 1.65
CA ASN M 81 -12.93 -36.42 1.86
C ASN M 81 -12.35 -36.89 0.54
N VAL M 82 -11.06 -36.60 0.30
CA VAL M 82 -10.44 -36.86 -0.99
C VAL M 82 -9.16 -37.65 -0.77
N TYR M 83 -8.94 -38.69 -1.57
CA TYR M 83 -7.70 -39.47 -1.59
C TYR M 83 -6.64 -38.68 -2.34
N VAL M 84 -5.55 -38.34 -1.65
CA VAL M 84 -4.56 -37.41 -2.17
C VAL M 84 -3.15 -37.97 -2.00
N ALA M 85 -2.18 -37.32 -2.66
CA ALA M 85 -0.77 -37.68 -2.62
C ALA M 85 0.03 -36.58 -3.32
N ALA M 86 1.33 -36.54 -3.08
CA ALA M 86 2.17 -35.51 -3.67
C ALA M 86 2.16 -35.67 -5.18
N PRO M 87 2.31 -34.57 -5.96
CA PRO M 87 2.19 -34.63 -7.42
C PRO M 87 3.14 -35.64 -8.08
N ASP M 88 4.35 -35.83 -7.49
CA ASP M 88 5.35 -36.71 -8.06
C ASP M 88 5.39 -38.06 -7.32
N HIS M 89 4.31 -38.40 -6.61
CA HIS M 89 4.21 -39.74 -6.04
C HIS M 89 3.91 -40.73 -7.17
N PRO M 90 4.55 -41.92 -7.16
CA PRO M 90 4.33 -42.89 -8.22
C PRO M 90 2.88 -43.33 -8.47
N ILE M 91 2.00 -43.15 -7.48
CA ILE M 91 0.61 -43.60 -7.61
C ILE M 91 -0.09 -42.91 -8.79
N HIS M 92 0.33 -41.69 -9.12
CA HIS M 92 -0.32 -40.90 -10.15
C HIS M 92 -0.06 -41.47 -11.56
N GLN M 93 1.10 -42.11 -11.76
CA GLN M 93 1.33 -42.72 -13.07
C GLN M 93 0.74 -44.12 -13.19
N GLU M 94 0.18 -44.64 -12.10
CA GLU M 94 -0.38 -45.98 -12.07
C GLU M 94 -1.74 -46.01 -12.79
N PRO M 95 -2.00 -47.03 -13.65
CA PRO M 95 -3.28 -47.13 -14.33
C PRO M 95 -4.48 -47.39 -13.43
N GLU M 96 -4.38 -48.35 -12.49
CA GLU M 96 -5.46 -48.72 -11.60
C GLU M 96 -5.02 -48.52 -10.14
N PRO M 97 -4.98 -47.26 -9.67
CA PRO M 97 -4.46 -46.98 -8.32
C PRO M 97 -5.18 -47.73 -7.21
N LEU M 98 -6.49 -47.96 -7.36
CA LEU M 98 -7.28 -48.57 -6.30
C LEU M 98 -7.17 -50.10 -6.26
N SER M 99 -6.56 -50.70 -7.29
CA SER M 99 -6.38 -52.14 -7.31
C SER M 99 -5.56 -52.58 -6.10
N GLU M 100 -6.05 -53.63 -5.41
CA GLU M 100 -5.49 -54.15 -4.18
C GLU M 100 -3.99 -54.44 -4.36
N VAL M 101 -3.65 -54.96 -5.57
CA VAL M 101 -2.26 -55.30 -5.87
C VAL M 101 -1.40 -54.03 -5.85
N THR M 102 -1.95 -52.92 -6.32
CA THR M 102 -1.21 -51.66 -6.37
C THR M 102 -1.10 -50.99 -5.00
N ARG M 103 -2.23 -50.94 -4.26
CA ARG M 103 -2.27 -50.16 -3.02
C ARG M 103 -1.26 -50.66 -1.99
N VAL M 104 -1.04 -51.99 -1.96
CA VAL M 104 -0.10 -52.58 -1.01
C VAL M 104 1.32 -52.08 -1.27
N LYS M 105 1.63 -51.73 -2.52
CA LYS M 105 2.96 -51.25 -2.86
C LYS M 105 3.34 -49.98 -2.09
N TYR M 106 2.34 -49.11 -1.87
CA TYR M 106 2.59 -47.75 -1.38
C TYR M 106 2.09 -47.59 0.05
N ARG M 107 2.67 -46.62 0.75
CA ARG M 107 2.51 -46.52 2.19
C ARG M 107 1.25 -45.71 2.50
N GLY M 108 0.37 -46.28 3.33
CA GLY M 108 -0.77 -45.57 3.87
C GLY M 108 -0.34 -44.63 5.01
N ILE M 109 -1.14 -43.58 5.25
CA ILE M 109 -0.94 -42.69 6.38
C ILE M 109 -2.24 -42.63 7.17
N ALA M 110 -2.15 -42.90 8.48
CA ALA M 110 -3.32 -42.98 9.33
C ALA M 110 -3.14 -42.08 10.56
N VAL M 111 -4.25 -41.67 11.16
CA VAL M 111 -4.23 -40.92 12.40
C VAL M 111 -4.74 -41.81 13.52
N ALA M 112 -3.94 -41.96 14.58
CA ALA M 112 -4.24 -42.86 15.69
C ALA M 112 -5.58 -42.49 16.33
N ASP M 113 -6.49 -43.49 16.43
CA ASP M 113 -7.76 -43.33 17.06
C ASP M 113 -7.54 -43.03 18.55
N THR M 114 -8.18 -41.97 19.06
CA THR M 114 -7.97 -41.60 20.45
C THR M 114 -8.94 -42.36 21.35
N ALA M 115 -9.99 -43.08 20.83
CA ALA M 115 -10.82 -43.76 21.82
C ALA M 115 -11.61 -44.98 21.36
N ARG M 116 -10.92 -45.74 20.53
CA ARG M 116 -10.73 -47.08 21.04
C ARG M 116 -11.96 -47.99 20.95
N GLU M 117 -13.15 -47.50 20.50
CA GLU M 117 -14.47 -48.03 20.82
C GLU M 117 -15.41 -48.21 19.60
N ARG M 118 -15.39 -47.28 18.63
CA ARG M 118 -16.29 -47.27 17.49
C ARG M 118 -15.65 -47.97 16.28
N PRO M 119 -16.41 -48.37 15.23
CA PRO M 119 -15.80 -49.07 14.10
C PRO M 119 -15.11 -48.16 13.10
N VAL M 120 -13.77 -48.30 12.99
CA VAL M 120 -12.97 -47.33 12.23
C VAL M 120 -12.01 -48.03 11.30
N LEU M 121 -10.69 -47.87 11.52
CA LEU M 121 -9.63 -48.48 10.72
C LEU M 121 -9.51 -47.84 9.33
N THR M 122 -9.91 -46.57 9.23
CA THR M 122 -9.89 -45.85 7.96
C THR M 122 -10.67 -46.59 6.87
N VAL M 123 -10.18 -46.57 5.62
CA VAL M 123 -10.71 -47.40 4.56
C VAL M 123 -9.62 -48.36 4.06
N GLN M 124 -8.35 -48.09 4.42
CA GLN M 124 -7.22 -48.81 3.86
C GLN M 124 -7.03 -50.17 4.54
N LEU M 125 -6.04 -50.90 4.05
CA LEU M 125 -5.72 -52.27 4.45
C LEU M 125 -5.25 -52.26 5.92
N LEU M 126 -5.79 -53.19 6.74
CA LEU M 126 -5.31 -53.35 8.11
C LEU M 126 -4.13 -54.31 8.17
N ASP M 127 -3.62 -54.82 7.03
CA ASP M 127 -2.53 -55.80 7.08
C ASP M 127 -1.73 -55.78 5.77
N LYS M 128 -0.42 -56.07 5.89
CA LYS M 128 0.53 -56.25 4.81
C LYS M 128 0.56 -55.04 3.88
N GLN M 129 0.37 -53.82 4.38
CA GLN M 129 0.70 -52.63 3.58
C GLN M 129 1.48 -51.66 4.43
N PRO M 130 2.56 -51.05 3.91
CA PRO M 130 3.32 -50.06 4.68
C PRO M 130 2.40 -48.98 5.24
N ARG M 131 2.66 -48.58 6.49
CA ARG M 131 1.82 -47.61 7.18
C ARG M 131 2.68 -46.67 8.00
N LEU M 132 2.30 -45.39 8.03
CA LEU M 132 2.81 -44.43 9.00
C LEU M 132 1.62 -43.92 9.81
N THR M 133 1.78 -43.93 11.13
CA THR M 133 0.72 -43.50 12.03
C THR M 133 1.17 -42.23 12.75
N VAL M 134 0.28 -41.23 12.77
CA VAL M 134 0.55 -39.96 13.42
C VAL M 134 -0.66 -39.60 14.28
N SER M 135 -0.46 -38.66 15.21
CA SER M 135 -1.50 -38.33 16.17
C SER M 135 -2.38 -37.17 15.69
N THR M 136 -1.86 -36.32 14.81
CA THR M 136 -2.59 -35.12 14.40
C THR M 136 -2.77 -35.07 12.89
N ILE M 137 -3.80 -34.38 12.43
CA ILE M 137 -4.10 -34.27 11.01
C ILE M 137 -3.05 -33.41 10.32
N GLU M 138 -2.44 -32.46 11.05
CA GLU M 138 -1.37 -31.63 10.51
C GLU M 138 -0.16 -32.51 10.16
N ASP M 139 0.24 -33.41 11.07
CA ASP M 139 1.36 -34.32 10.81
C ASP M 139 1.05 -35.19 9.61
N LYS M 140 -0.22 -35.61 9.48
CA LYS M 140 -0.64 -36.40 8.33
C LYS M 140 -0.49 -35.58 7.06
N ARG M 141 -0.85 -34.28 7.11
CA ARG M 141 -0.75 -33.41 5.96
C ARG M 141 0.70 -33.26 5.53
N GLN M 142 1.59 -32.99 6.49
CA GLN M 142 3.00 -32.77 6.19
C GLN M 142 3.61 -34.05 5.60
N ALA M 143 3.28 -35.22 6.18
CA ALA M 143 3.72 -36.49 5.64
C ALA M 143 3.30 -36.64 4.18
N LEU M 144 2.05 -36.23 3.86
CA LEU M 144 1.57 -36.31 2.49
C LEU M 144 2.31 -35.30 1.62
N LEU M 145 2.54 -34.09 2.14
CA LEU M 145 3.22 -33.04 1.40
C LEU M 145 4.64 -33.49 1.06
N ALA M 146 5.31 -34.20 1.98
CA ALA M 146 6.66 -34.69 1.79
C ALA M 146 6.68 -35.95 0.92
N GLY M 147 5.54 -36.33 0.35
CA GLY M 147 5.48 -37.44 -0.59
C GLY M 147 5.78 -38.79 0.06
N LEU M 148 5.38 -38.95 1.34
CA LEU M 148 5.73 -40.17 2.09
C LEU M 148 4.67 -41.25 1.98
N GLY M 149 3.52 -40.95 1.35
CA GLY M 149 2.46 -41.94 1.29
C GLY M 149 1.18 -41.38 0.68
N VAL M 150 0.09 -42.16 0.83
CA VAL M 150 -1.19 -41.86 0.22
C VAL M 150 -2.29 -42.03 1.27
N ALA M 151 -3.23 -41.09 1.31
CA ALA M 151 -4.25 -41.11 2.37
C ALA M 151 -5.40 -40.17 2.02
N THR M 152 -6.53 -40.36 2.70
CA THR M 152 -7.69 -39.48 2.60
C THR M 152 -7.43 -38.21 3.39
N MET M 153 -8.08 -37.11 2.98
CA MET M 153 -8.00 -35.84 3.68
C MET M 153 -9.30 -35.08 3.49
N PRO M 154 -9.74 -34.31 4.52
CA PRO M 154 -10.86 -33.40 4.33
C PRO M 154 -10.49 -32.31 3.33
N TYR M 155 -11.34 -32.12 2.32
CA TYR M 155 -11.07 -31.27 1.16
C TYR M 155 -10.68 -29.85 1.62
N PRO M 156 -11.42 -29.18 2.54
CA PRO M 156 -11.12 -27.81 2.88
C PRO M 156 -9.67 -27.58 3.32
N MET M 157 -9.08 -28.55 4.02
CA MET M 157 -7.73 -28.38 4.55
C MET M 157 -6.69 -28.50 3.45
N VAL M 158 -7.02 -29.15 2.33
CA VAL M 158 -6.05 -29.38 1.25
C VAL M 158 -6.47 -28.68 -0.05
N GLU M 159 -7.57 -27.93 -0.04
CA GLU M 159 -8.05 -27.20 -1.22
C GLU M 159 -6.93 -26.31 -1.75
N LYS M 160 -6.31 -25.55 -0.85
CA LYS M 160 -5.21 -24.65 -1.20
C LYS M 160 -4.04 -25.44 -1.75
N ASP M 161 -3.76 -26.61 -1.16
CA ASP M 161 -2.64 -27.43 -1.56
C ASP M 161 -2.83 -27.96 -2.96
N ILE M 162 -4.07 -28.30 -3.34
CA ILE M 162 -4.33 -28.80 -4.68
C ILE M 162 -4.20 -27.65 -5.67
N ALA M 163 -4.70 -26.46 -5.26
CA ALA M 163 -4.68 -25.28 -6.11
C ALA M 163 -3.26 -24.94 -6.51
N GLU M 164 -2.32 -24.95 -5.54
CA GLU M 164 -0.94 -24.56 -5.80
C GLU M 164 -0.05 -25.79 -6.02
N GLY M 165 -0.66 -26.91 -6.41
CA GLY M 165 0.05 -28.11 -6.85
C GLY M 165 1.04 -28.64 -5.82
N ARG M 166 0.68 -28.61 -4.53
CA ARG M 166 1.45 -29.29 -3.51
C ARG M 166 0.89 -30.70 -3.31
N LEU M 167 -0.41 -30.92 -3.58
CA LEU M 167 -1.03 -32.23 -3.55
C LEU M 167 -1.91 -32.40 -4.79
N ARG M 168 -2.21 -33.66 -5.11
CA ARG M 168 -3.00 -34.00 -6.28
C ARG M 168 -3.93 -35.14 -5.91
N VAL M 169 -5.21 -35.00 -6.28
CA VAL M 169 -6.22 -36.01 -6.00
C VAL M 169 -5.93 -37.22 -6.86
N VAL M 170 -5.78 -38.38 -6.22
CA VAL M 170 -5.32 -39.58 -6.91
C VAL M 170 -6.47 -40.10 -7.78
N SER M 171 -7.69 -40.15 -7.21
CA SER M 171 -8.84 -40.62 -7.97
C SER M 171 -10.13 -40.04 -7.40
N PRO M 172 -10.92 -39.31 -8.21
CA PRO M 172 -12.18 -38.75 -7.74
C PRO M 172 -13.21 -39.80 -7.35
N GLU M 173 -13.14 -41.01 -7.93
CA GLU M 173 -14.10 -42.05 -7.62
C GLU M 173 -14.15 -42.34 -6.11
N SER M 174 -12.97 -42.32 -5.47
CA SER M 174 -12.84 -42.61 -4.05
C SER M 174 -13.46 -41.52 -3.15
N THR M 175 -13.62 -40.30 -3.67
CA THR M 175 -14.18 -39.20 -2.90
C THR M 175 -15.50 -39.60 -2.25
N SER M 176 -15.64 -39.29 -0.95
CA SER M 176 -16.83 -39.64 -0.18
C SER M 176 -17.25 -38.44 0.69
N GLU M 177 -18.55 -38.37 1.02
CA GLU M 177 -19.10 -37.27 1.80
C GLU M 177 -19.41 -37.80 3.20
N ILE M 178 -19.18 -36.95 4.22
CA ILE M 178 -19.36 -37.32 5.62
C ILE M 178 -20.12 -36.21 6.31
N ASP M 179 -21.10 -36.56 7.14
CA ASP M 179 -21.88 -35.60 7.89
C ASP M 179 -21.16 -35.27 9.19
N ILE M 180 -20.92 -33.99 9.44
CA ILE M 180 -20.39 -33.52 10.70
C ILE M 180 -21.57 -33.11 11.58
N ILE M 181 -21.67 -33.76 12.76
CA ILE M 181 -22.84 -33.62 13.63
C ILE M 181 -22.41 -33.06 14.98
N MET M 182 -23.34 -32.38 15.65
CA MET M 182 -23.16 -31.92 17.01
C MET M 182 -24.02 -32.79 17.92
N ALA M 183 -23.39 -33.40 18.93
CA ALA M 183 -24.09 -34.27 19.86
C ALA M 183 -23.83 -33.84 21.30
N TRP M 184 -24.75 -34.20 22.19
CA TRP M 184 -24.70 -33.83 23.60
C TRP M 184 -25.65 -34.72 24.40
N ARG M 185 -25.55 -34.61 25.74
CA ARG M 185 -26.33 -35.46 26.65
C ARG M 185 -27.35 -34.57 27.36
N ARG M 186 -28.51 -35.18 27.69
CA ARG M 186 -29.63 -34.43 28.23
C ARG M 186 -29.51 -34.24 29.75
N ASP M 187 -28.77 -35.12 30.43
CA ASP M 187 -28.78 -35.25 31.88
C ASP M 187 -28.25 -34.03 32.61
N SER M 188 -27.57 -33.13 31.92
CA SER M 188 -27.17 -31.82 32.46
C SER M 188 -27.29 -30.83 31.32
N MET M 189 -27.90 -29.67 31.55
CA MET M 189 -28.05 -28.70 30.48
C MET M 189 -27.95 -27.30 31.06
N GLY M 190 -26.74 -26.79 31.30
CA GLY M 190 -26.56 -25.54 32.02
C GLY M 190 -26.46 -24.34 31.08
N GLU M 191 -26.26 -23.17 31.66
CA GLU M 191 -26.32 -21.91 30.94
C GLU M 191 -25.39 -21.91 29.74
N ALA M 192 -24.11 -22.15 29.99
CA ALA M 192 -23.07 -22.08 28.98
C ALA M 192 -23.29 -23.17 27.93
N LYS M 193 -23.56 -24.38 28.39
CA LYS M 193 -23.76 -25.50 27.48
C LYS M 193 -24.95 -25.22 26.55
N SER M 194 -26.08 -24.79 27.10
CA SER M 194 -27.29 -24.52 26.31
C SER M 194 -27.01 -23.40 25.31
N TRP M 195 -26.33 -22.35 25.77
CA TRP M 195 -26.03 -21.21 24.92
C TRP M 195 -25.23 -21.66 23.69
N CYS M 196 -24.19 -22.46 23.91
CA CYS M 196 -23.37 -22.98 22.82
C CYS M 196 -24.22 -23.84 21.88
N LEU M 197 -25.11 -24.65 22.42
CA LEU M 197 -25.90 -25.56 21.60
C LEU M 197 -26.72 -24.79 20.57
N ARG M 198 -27.05 -23.53 20.86
CA ARG M 198 -27.84 -22.74 19.92
C ARG M 198 -26.91 -21.90 19.02
N GLU M 199 -25.70 -21.64 19.50
CA GLU M 199 -24.77 -20.75 18.82
C GLU M 199 -23.93 -21.47 17.77
N ILE M 200 -23.56 -22.72 18.05
CA ILE M 200 -22.68 -23.47 17.17
C ILE M 200 -23.28 -23.67 15.79
N PRO M 201 -24.58 -24.05 15.64
CA PRO M 201 -25.17 -24.16 14.29
C PRO M 201 -25.10 -22.89 13.47
N LYS M 202 -25.15 -21.71 14.14
CA LYS M 202 -25.06 -20.45 13.43
C LYS M 202 -23.71 -20.31 12.74
N LEU M 203 -22.66 -20.96 13.28
CA LEU M 203 -21.33 -20.88 12.70
C LEU M 203 -21.29 -21.53 11.33
N PHE M 204 -22.19 -22.49 11.07
CA PHE M 204 -22.16 -23.23 9.81
C PHE M 204 -23.48 -23.14 9.08
N ASN M 205 -24.10 -21.94 9.07
CA ASN M 205 -25.22 -21.70 8.19
C ASN M 205 -24.71 -21.58 6.74
N GLY M 206 -25.14 -22.48 5.85
CA GLY M 206 -24.69 -22.52 4.46
C GLY M 206 -23.48 -23.44 4.21
N LYS M 207 -23.02 -24.15 5.26
CA LYS M 207 -21.87 -25.04 5.23
C LYS M 207 -20.54 -24.32 5.28
N MET N 4 9.97 -60.18 8.15
CA MET N 4 9.33 -59.50 6.96
C MET N 4 8.51 -58.30 7.39
N GLU N 5 8.24 -58.09 8.71
CA GLU N 5 7.50 -56.89 9.11
C GLU N 5 7.79 -56.56 10.58
N THR N 6 8.01 -55.27 10.94
CA THR N 6 8.31 -54.88 12.30
C THR N 6 7.68 -53.51 12.59
N HIS N 7 7.26 -53.29 13.86
CA HIS N 7 6.52 -52.09 14.19
C HIS N 7 7.15 -51.37 15.38
N LEU N 8 7.63 -50.15 15.14
CA LEU N 8 8.27 -49.33 16.16
C LEU N 8 7.45 -48.06 16.35
N THR N 9 7.31 -47.64 17.62
CA THR N 9 6.53 -46.46 17.96
C THR N 9 7.43 -45.40 18.59
N ILE N 10 7.45 -44.21 17.97
CA ILE N 10 8.21 -43.08 18.47
C ILE N 10 7.22 -42.02 18.94
N VAL N 11 7.48 -41.45 20.11
CA VAL N 11 6.68 -40.37 20.66
C VAL N 11 7.47 -39.08 20.52
N THR N 12 6.88 -38.13 19.78
CA THR N 12 7.41 -36.78 19.70
C THR N 12 6.46 -35.85 20.44
N GLU N 13 6.92 -35.31 21.57
CA GLU N 13 6.13 -34.35 22.34
C GLU N 13 5.73 -33.19 21.45
N ALA N 14 4.67 -32.49 21.85
CA ALA N 14 4.04 -31.46 21.03
C ALA N 14 5.06 -30.41 20.59
N LEU N 15 5.99 -30.04 21.48
CA LEU N 15 7.02 -29.05 21.20
C LEU N 15 7.97 -29.52 20.09
N VAL N 16 7.99 -30.82 19.78
CA VAL N 16 8.95 -31.36 18.85
C VAL N 16 8.27 -31.55 17.49
N PRO N 17 8.83 -31.00 16.39
CA PRO N 17 8.23 -31.16 15.08
C PRO N 17 8.33 -32.60 14.62
N THR N 18 7.17 -33.23 14.40
CA THR N 18 7.10 -34.61 13.94
C THR N 18 7.80 -34.78 12.60
N PRO N 19 7.60 -33.90 11.58
CA PRO N 19 8.20 -34.14 10.26
C PRO N 19 9.73 -34.17 10.25
N ALA N 20 10.39 -33.74 11.33
CA ALA N 20 11.84 -33.84 11.44
C ALA N 20 12.30 -35.29 11.40
N PHE N 21 11.42 -36.24 11.73
CA PHE N 21 11.77 -37.65 11.81
C PHE N 21 11.40 -38.42 10.54
N PHE N 22 11.09 -37.69 9.46
CA PHE N 22 10.59 -38.31 8.24
C PHE N 22 11.70 -39.07 7.54
N PRO N 23 12.95 -38.51 7.48
CA PRO N 23 14.05 -39.21 6.81
C PRO N 23 14.21 -40.67 7.20
N LEU N 24 13.81 -41.03 8.43
CA LEU N 24 13.99 -42.39 8.93
C LEU N 24 13.17 -43.41 8.13
N ILE N 25 11.98 -42.99 7.65
CA ILE N 25 10.93 -43.93 7.29
C ILE N 25 11.38 -44.86 6.16
N ASP N 26 11.87 -44.30 5.06
CA ASP N 26 12.32 -45.11 3.92
C ASP N 26 13.55 -45.93 4.32
N LYS N 27 14.47 -45.34 5.09
CA LYS N 27 15.64 -46.07 5.57
C LYS N 27 15.20 -47.25 6.43
N LEU N 28 14.22 -47.03 7.32
CA LEU N 28 13.78 -48.07 8.23
C LEU N 28 13.10 -49.21 7.49
N ALA N 29 12.43 -48.89 6.37
CA ALA N 29 11.70 -49.90 5.63
C ALA N 29 12.66 -50.82 4.87
N ALA N 30 13.79 -50.26 4.40
CA ALA N 30 14.80 -51.06 3.72
C ALA N 30 15.68 -51.80 4.73
N LYS N 31 15.86 -51.20 5.92
CA LYS N 31 16.81 -51.70 6.90
C LYS N 31 16.23 -52.91 7.62
N ALA N 32 14.93 -52.86 7.96
CA ALA N 32 14.33 -53.92 8.74
C ALA N 32 12.86 -54.10 8.43
N ASN N 33 12.33 -53.50 7.37
CA ASN N 33 10.90 -53.54 7.07
C ASN N 33 10.11 -53.06 8.29
N THR N 34 10.72 -52.13 9.07
CA THR N 34 10.04 -51.58 10.22
C THR N 34 9.04 -50.52 9.76
N GLN N 35 7.80 -50.67 10.21
CA GLN N 35 6.74 -49.72 9.91
C GLN N 35 6.67 -48.77 11.10
N LEU N 36 6.91 -47.49 10.84
CA LEU N 36 7.10 -46.52 11.92
C LEU N 36 5.77 -45.89 12.29
N ALA N 37 5.63 -45.53 13.56
CA ALA N 37 4.48 -44.77 14.04
C ALA N 37 4.97 -43.61 14.93
N ILE N 38 4.75 -42.38 14.46
CA ILE N 38 5.27 -41.22 15.16
C ILE N 38 4.10 -40.49 15.80
N ILE N 39 3.97 -40.65 17.12
CA ILE N 39 2.80 -40.27 17.88
C ILE N 39 3.13 -39.01 18.67
N THR N 40 2.16 -38.12 18.77
CA THR N 40 2.32 -36.88 19.51
C THR N 40 1.68 -37.03 20.88
N GLU N 41 2.40 -36.56 21.92
CA GLU N 41 1.89 -36.45 23.26
C GLU N 41 2.23 -35.06 23.79
N VAL N 42 1.66 -34.69 24.93
CA VAL N 42 1.86 -33.38 25.50
C VAL N 42 2.43 -33.54 26.91
N LEU N 43 3.55 -32.85 27.18
CA LEU N 43 4.18 -32.76 28.48
C LEU N 43 4.35 -34.14 29.12
N ALA N 44 3.68 -34.37 30.26
CA ALA N 44 3.82 -35.60 31.02
C ALA N 44 3.31 -36.81 30.24
N GLY N 45 2.40 -36.60 29.29
CA GLY N 45 1.85 -37.72 28.53
C GLY N 45 2.94 -38.52 27.82
N ALA N 46 3.98 -37.83 27.35
CA ALA N 46 5.09 -38.50 26.64
C ALA N 46 5.81 -39.45 27.60
N TRP N 47 6.05 -39.03 28.83
CA TRP N 47 6.76 -39.85 29.80
C TRP N 47 5.89 -40.98 30.35
N GLU N 48 4.58 -40.70 30.49
CA GLU N 48 3.64 -41.73 30.88
C GLU N 48 3.70 -42.88 29.88
N ARG N 49 3.82 -42.55 28.60
CA ARG N 49 3.85 -43.57 27.56
C ARG N 49 5.09 -44.44 27.72
N LEU N 50 6.22 -43.83 28.09
CA LEU N 50 7.46 -44.58 28.26
C LEU N 50 7.38 -45.50 29.48
N GLU N 51 6.84 -44.99 30.58
CA GLU N 51 6.68 -45.77 31.81
C GLU N 51 5.80 -46.98 31.55
N GLN N 52 4.68 -46.81 30.84
CA GLN N 52 3.70 -47.86 30.65
C GLN N 52 4.11 -48.78 29.50
N GLY N 53 5.33 -48.65 28.98
CA GLY N 53 5.83 -49.55 27.95
C GLY N 53 5.05 -49.48 26.65
N ARG N 54 4.44 -48.32 26.36
CA ARG N 54 3.65 -48.16 25.14
C ARG N 54 4.36 -47.27 24.10
N ALA N 55 5.65 -46.99 24.35
CA ALA N 55 6.45 -46.16 23.47
C ALA N 55 7.89 -46.64 23.47
N ASP N 56 8.45 -46.94 22.30
CA ASP N 56 9.81 -47.48 22.24
C ASP N 56 10.85 -46.37 22.42
N ILE N 57 10.60 -45.20 21.83
CA ILE N 57 11.48 -44.05 21.98
C ILE N 57 10.64 -42.80 22.26
N VAL N 58 11.13 -41.94 23.15
CA VAL N 58 10.47 -40.67 23.45
C VAL N 58 11.40 -39.51 23.14
N ILE N 59 10.88 -38.53 22.36
CA ILE N 59 11.55 -37.27 22.11
C ILE N 59 10.73 -36.17 22.77
N ALA N 60 11.23 -35.61 23.88
CA ALA N 60 10.45 -34.73 24.71
C ALA N 60 11.38 -33.78 25.46
N PRO N 61 10.87 -32.69 26.03
CA PRO N 61 11.68 -31.84 26.90
C PRO N 61 12.10 -32.51 28.20
N ASP N 62 12.79 -31.79 29.07
CA ASP N 62 13.10 -32.21 30.43
C ASP N 62 11.82 -32.31 31.27
N MET N 63 11.90 -33.00 32.41
CA MET N 63 10.72 -33.23 33.25
C MET N 63 11.16 -33.45 34.70
N HIS N 64 10.25 -33.17 35.66
CA HIS N 64 10.39 -33.57 37.05
C HIS N 64 10.28 -35.10 37.25
N PHE N 65 11.13 -35.81 36.53
CA PHE N 65 11.12 -37.27 36.43
C PHE N 65 12.45 -37.84 36.90
N ARG N 66 13.50 -37.00 36.92
CA ARG N 66 14.88 -37.40 37.12
C ARG N 66 15.24 -38.45 36.06
N SER N 67 15.93 -39.52 36.47
CA SER N 67 16.11 -40.72 35.67
C SER N 67 16.30 -41.91 36.60
N SER N 68 16.53 -43.06 35.98
CA SER N 68 16.63 -44.33 36.67
C SER N 68 17.19 -45.33 35.65
N SER N 69 17.51 -46.54 36.14
CA SER N 69 18.31 -47.49 35.39
C SER N 69 17.58 -47.95 34.15
N GLU N 70 16.25 -48.12 34.24
CA GLU N 70 15.43 -48.59 33.12
C GLU N 70 15.51 -47.64 31.91
N ILE N 71 15.54 -46.35 32.27
CA ILE N 71 15.40 -45.26 31.34
C ILE N 71 16.75 -44.55 31.20
N ASN N 72 17.28 -44.59 29.99
CA ASN N 72 18.46 -43.85 29.60
C ASN N 72 18.00 -42.70 28.71
N SER N 73 18.72 -41.56 28.83
CA SER N 73 18.39 -40.35 28.08
C SER N 73 19.65 -39.76 27.48
N ARG N 74 19.49 -39.05 26.35
CA ARG N 74 20.60 -38.43 25.61
C ARG N 74 20.08 -37.10 25.04
N LYS N 75 20.89 -36.05 25.14
CA LYS N 75 20.40 -34.73 24.75
C LYS N 75 20.58 -34.54 23.24
N LEU N 76 19.53 -34.02 22.57
CA LEU N 76 19.51 -33.87 21.13
C LEU N 76 19.80 -32.43 20.69
N TYR N 77 19.09 -31.46 21.27
CA TYR N 77 19.31 -30.07 20.92
C TYR N 77 18.67 -29.17 21.98
N THR N 78 18.97 -27.87 21.89
CA THR N 78 18.35 -26.88 22.74
C THR N 78 17.27 -26.14 21.95
N LEU N 79 16.10 -25.98 22.57
CA LEU N 79 14.97 -25.32 21.95
C LEU N 79 14.67 -24.04 22.71
N MET N 80 14.33 -22.99 21.95
CA MET N 80 14.06 -21.69 22.51
C MET N 80 12.53 -21.47 22.50
N ASN N 81 12.00 -21.13 23.68
CA ASN N 81 10.58 -20.87 23.86
C ASN N 81 10.40 -19.38 24.08
N VAL N 82 9.44 -18.79 23.35
CA VAL N 82 9.24 -17.34 23.38
C VAL N 82 7.80 -17.05 23.75
N TYR N 83 7.63 -16.12 24.69
CA TYR N 83 6.33 -15.60 25.06
C TYR N 83 5.89 -14.62 23.96
N VAL N 84 4.76 -14.94 23.33
CA VAL N 84 4.33 -14.25 22.13
C VAL N 84 2.86 -13.85 22.26
N ALA N 85 2.45 -12.96 21.35
CA ALA N 85 1.10 -12.49 21.21
C ALA N 85 0.99 -11.75 19.88
N ALA N 86 -0.25 -11.53 19.40
CA ALA N 86 -0.45 -10.81 18.17
C ALA N 86 0.07 -9.39 18.35
N PRO N 87 0.58 -8.74 17.27
CA PRO N 87 1.20 -7.43 17.36
C PRO N 87 0.32 -6.36 18.01
N ASP N 88 -1.01 -6.43 17.80
CA ASP N 88 -1.92 -5.42 18.31
C ASP N 88 -2.65 -5.92 19.56
N HIS N 89 -2.08 -6.94 20.24
CA HIS N 89 -2.61 -7.34 21.54
C HIS N 89 -2.20 -6.29 22.57
N PRO N 90 -3.12 -5.93 23.51
CA PRO N 90 -2.81 -4.90 24.50
C PRO N 90 -1.60 -5.16 25.38
N ILE N 91 -1.13 -6.41 25.48
CA ILE N 91 0.01 -6.74 26.34
C ILE N 91 1.28 -5.99 25.92
N HIS N 92 1.39 -5.70 24.62
CA HIS N 92 2.59 -5.08 24.09
C HIS N 92 2.70 -3.62 24.50
N GLN N 93 1.56 -2.94 24.69
CA GLN N 93 1.53 -1.55 25.16
C GLN N 93 1.68 -1.51 26.69
N GLU N 94 1.57 -2.66 27.34
CA GLU N 94 1.55 -2.74 28.80
C GLU N 94 3.01 -2.86 29.24
N PRO N 95 3.44 -2.07 30.28
CA PRO N 95 4.79 -2.24 30.83
C PRO N 95 4.85 -3.55 31.67
N GLU N 96 6.03 -3.91 32.13
CA GLU N 96 6.28 -5.20 32.78
C GLU N 96 5.13 -6.15 32.49
N PRO N 97 5.10 -6.74 31.27
CA PRO N 97 4.12 -7.78 30.95
C PRO N 97 4.12 -8.96 31.91
N LEU N 98 5.26 -9.30 32.49
CA LEU N 98 5.45 -10.43 33.38
C LEU N 98 4.95 -10.16 34.80
N SER N 99 4.36 -8.97 35.04
CA SER N 99 3.67 -8.70 36.30
C SER N 99 2.54 -9.67 36.46
N GLU N 100 2.47 -10.41 37.59
CA GLU N 100 1.29 -11.25 37.89
C GLU N 100 0.02 -10.40 37.88
N VAL N 101 0.13 -9.14 38.29
CA VAL N 101 -0.98 -8.20 38.21
C VAL N 101 -1.35 -7.96 36.75
N THR N 102 -0.34 -7.85 35.88
CA THR N 102 -0.64 -7.52 34.48
C THR N 102 -1.16 -8.75 33.71
N ARG N 103 -0.67 -9.92 34.06
CA ARG N 103 -0.99 -11.16 33.34
C ARG N 103 -2.42 -11.54 33.60
N VAL N 104 -2.92 -11.49 34.87
CA VAL N 104 -4.27 -11.97 35.16
C VAL N 104 -5.35 -11.28 34.33
N LYS N 105 -5.06 -10.07 33.88
CA LYS N 105 -5.94 -9.31 33.00
C LYS N 105 -6.20 -10.05 31.68
N TYR N 106 -5.18 -10.73 31.14
CA TYR N 106 -5.26 -11.25 29.78
C TYR N 106 -5.31 -12.78 29.78
N ARG N 107 -5.78 -13.35 28.68
CA ARG N 107 -6.12 -14.76 28.63
C ARG N 107 -4.89 -15.57 28.27
N GLY N 108 -4.58 -16.57 29.07
CA GLY N 108 -3.57 -17.57 28.74
C GLY N 108 -4.09 -18.59 27.73
N ILE N 109 -3.18 -19.19 26.98
CA ILE N 109 -3.50 -20.29 26.08
C ILE N 109 -2.59 -21.46 26.43
N ALA N 110 -3.22 -22.61 26.68
CA ALA N 110 -2.53 -23.79 27.16
C ALA N 110 -2.85 -24.97 26.26
N VAL N 111 -1.95 -25.96 26.24
CA VAL N 111 -2.19 -27.23 25.60
C VAL N 111 -2.41 -28.29 26.68
N ALA N 112 -3.53 -29.01 26.58
CA ALA N 112 -3.92 -30.02 27.55
C ALA N 112 -2.85 -31.08 27.68
N ASP N 113 -2.39 -31.33 28.92
CA ASP N 113 -1.42 -32.39 29.19
C ASP N 113 -2.11 -33.72 28.91
N THR N 114 -1.47 -34.57 28.09
CA THR N 114 -2.13 -35.78 27.60
C THR N 114 -1.97 -36.92 28.59
N ALA N 115 -1.60 -36.62 29.87
CA ALA N 115 -1.44 -37.67 30.86
C ALA N 115 -2.82 -38.18 31.30
N ARG N 116 -3.07 -39.50 31.13
CA ARG N 116 -4.35 -40.11 31.42
C ARG N 116 -4.70 -39.95 32.91
N GLU N 117 -3.67 -40.03 33.78
CA GLU N 117 -3.84 -39.76 35.20
C GLU N 117 -3.85 -38.23 35.42
N ARG N 118 -3.92 -37.79 36.67
CA ARG N 118 -3.99 -36.36 36.98
C ARG N 118 -2.68 -35.69 36.56
N PRO N 119 -2.67 -34.72 35.61
CA PRO N 119 -1.41 -34.11 35.16
C PRO N 119 -0.83 -33.08 36.14
N VAL N 120 0.48 -33.15 36.39
CA VAL N 120 1.12 -32.24 37.34
C VAL N 120 1.34 -30.86 36.71
N LEU N 121 0.30 -30.04 36.72
CA LEU N 121 0.24 -28.75 36.02
C LEU N 121 1.01 -27.62 36.73
N THR N 122 2.34 -27.66 36.54
CA THR N 122 3.25 -26.71 37.18
C THR N 122 4.23 -26.09 36.18
N VAL N 123 3.68 -25.64 35.06
CA VAL N 123 4.43 -25.00 34.00
C VAL N 123 4.49 -23.49 34.28
N GLN N 124 3.36 -22.97 34.79
CA GLN N 124 3.21 -21.53 34.96
C GLN N 124 2.55 -21.20 36.29
N LEU N 125 1.60 -22.05 36.72
CA LEU N 125 0.86 -21.92 37.97
C LEU N 125 -0.30 -20.90 37.92
N LEU N 126 -0.76 -20.57 36.70
CA LEU N 126 -1.76 -19.52 36.47
C LEU N 126 -3.03 -19.67 37.31
N ASP N 127 -3.30 -18.72 38.23
CA ASP N 127 -4.48 -18.82 39.08
C ASP N 127 -5.40 -17.67 38.73
N LYS N 128 -6.73 -17.90 38.78
CA LYS N 128 -7.78 -16.91 38.62
C LYS N 128 -7.61 -16.08 37.34
N GLN N 129 -7.11 -16.68 36.26
CA GLN N 129 -6.80 -15.93 35.05
C GLN N 129 -7.50 -16.60 33.86
N PRO N 130 -8.11 -15.81 32.95
CA PRO N 130 -8.77 -16.38 31.78
C PRO N 130 -7.85 -17.33 31.02
N ARG N 131 -8.41 -18.46 30.56
CA ARG N 131 -7.64 -19.50 29.92
C ARG N 131 -8.43 -20.08 28.75
N LEU N 132 -7.74 -20.41 27.66
CA LEU N 132 -8.25 -21.25 26.60
C LEU N 132 -7.35 -22.47 26.51
N THR N 133 -7.94 -23.66 26.46
CA THR N 133 -7.19 -24.89 26.42
C THR N 133 -7.48 -25.59 25.09
N VAL N 134 -6.42 -26.06 24.43
CA VAL N 134 -6.51 -26.78 23.16
C VAL N 134 -5.63 -28.01 23.25
N SER N 135 -5.82 -28.96 22.33
CA SER N 135 -5.14 -30.23 22.36
C SER N 135 -3.84 -30.21 21.55
N THR N 136 -3.72 -29.31 20.56
CA THR N 136 -2.59 -29.35 19.64
C THR N 136 -1.89 -28.00 19.59
N ILE N 137 -0.60 -28.01 19.25
CA ILE N 137 0.20 -26.80 19.20
C ILE N 137 -0.24 -25.92 18.03
N GLU N 138 -0.76 -26.55 16.96
CA GLU N 138 -1.28 -25.79 15.83
C GLU N 138 -2.48 -24.94 16.24
N ASP N 139 -3.41 -25.53 16.99
CA ASP N 139 -4.58 -24.81 17.48
C ASP N 139 -4.14 -23.65 18.37
N LYS N 140 -3.09 -23.90 19.18
CA LYS N 140 -2.55 -22.86 20.04
C LYS N 140 -1.96 -21.74 19.17
N ARG N 141 -1.28 -22.08 18.08
CA ARG N 141 -0.69 -21.09 17.18
C ARG N 141 -1.78 -20.21 16.58
N GLN N 142 -2.83 -20.85 16.04
CA GLN N 142 -3.92 -20.11 15.41
C GLN N 142 -4.61 -19.20 16.41
N ALA N 143 -4.89 -19.69 17.63
CA ALA N 143 -5.46 -18.88 18.70
C ALA N 143 -4.59 -17.65 18.97
N LEU N 144 -3.26 -17.82 18.96
CA LEU N 144 -2.35 -16.70 19.17
C LEU N 144 -2.41 -15.76 17.96
N LEU N 145 -2.43 -16.32 16.75
CA LEU N 145 -2.48 -15.53 15.52
C LEU N 145 -3.76 -14.67 15.50
N ALA N 146 -4.88 -15.23 15.98
CA ALA N 146 -6.16 -14.54 16.03
C ALA N 146 -6.22 -13.57 17.21
N GLY N 147 -5.12 -13.36 17.92
CA GLY N 147 -5.05 -12.37 18.99
C GLY N 147 -5.96 -12.71 20.17
N LEU N 148 -6.12 -14.01 20.48
CA LEU N 148 -7.07 -14.44 21.49
C LEU N 148 -6.46 -14.53 22.90
N GLY N 149 -5.15 -14.35 23.01
CA GLY N 149 -4.46 -14.52 24.28
C GLY N 149 -2.95 -14.50 24.14
N VAL N 150 -2.24 -14.92 25.20
CA VAL N 150 -0.81 -14.81 25.31
C VAL N 150 -0.26 -16.13 25.82
N ALA N 151 0.84 -16.60 25.23
CA ALA N 151 1.36 -17.93 25.54
C ALA N 151 2.75 -18.12 24.99
N THR N 152 3.47 -19.12 25.52
CA THR N 152 4.77 -19.54 25.05
C THR N 152 4.62 -20.31 23.73
N MET N 153 5.66 -20.27 22.91
CA MET N 153 5.72 -21.04 21.67
C MET N 153 7.17 -21.39 21.38
N PRO N 154 7.45 -22.59 20.83
CA PRO N 154 8.80 -22.92 20.38
C PRO N 154 9.17 -22.00 19.20
N TYR N 155 10.33 -21.36 19.29
CA TYR N 155 10.72 -20.30 18.36
C TYR N 155 10.68 -20.79 16.90
N PRO N 156 11.23 -21.98 16.56
CA PRO N 156 11.23 -22.40 15.16
C PRO N 156 9.87 -22.36 14.47
N MET N 157 8.81 -22.70 15.20
CA MET N 157 7.48 -22.77 14.59
C MET N 157 6.91 -21.37 14.33
N VAL N 158 7.40 -20.34 15.04
CA VAL N 158 6.86 -19.00 14.93
C VAL N 158 7.88 -18.00 14.39
N GLU N 159 9.09 -18.47 14.03
CA GLU N 159 10.16 -17.61 13.52
C GLU N 159 9.64 -16.83 12.32
N LYS N 160 8.97 -17.52 11.38
CA LYS N 160 8.43 -16.89 10.19
C LYS N 160 7.37 -15.87 10.58
N ASP N 161 6.55 -16.22 11.57
CA ASP N 161 5.44 -15.37 11.99
C ASP N 161 5.98 -14.07 12.58
N ILE N 162 7.10 -14.13 13.33
CA ILE N 162 7.67 -12.92 13.92
C ILE N 162 8.29 -12.08 12.80
N ALA N 163 8.93 -12.74 11.84
CA ALA N 163 9.60 -12.07 10.72
C ALA N 163 8.60 -11.21 9.96
N GLU N 164 7.42 -11.77 9.65
CA GLU N 164 6.43 -11.08 8.84
C GLU N 164 5.36 -10.43 9.72
N GLY N 165 5.69 -10.19 11.00
CA GLY N 165 4.86 -9.42 11.91
C GLY N 165 3.44 -9.96 12.08
N ARG N 166 3.30 -11.30 12.11
CA ARG N 166 2.04 -11.92 12.51
C ARG N 166 2.02 -12.15 14.03
N LEU N 167 3.19 -12.35 14.64
CA LEU N 167 3.31 -12.42 16.10
C LEU N 167 4.49 -11.57 16.54
N ARG N 168 4.48 -11.19 17.82
CA ARG N 168 5.48 -10.30 18.38
C ARG N 168 5.84 -10.80 19.77
N VAL N 169 7.16 -10.86 20.04
CA VAL N 169 7.67 -11.34 21.31
C VAL N 169 7.34 -10.30 22.36
N VAL N 170 6.67 -10.74 23.43
CA VAL N 170 6.14 -9.82 24.42
C VAL N 170 7.27 -9.21 25.24
N SER N 171 8.20 -10.05 25.67
CA SER N 171 9.31 -9.64 26.52
C SER N 171 10.41 -10.70 26.42
N PRO N 172 11.65 -10.33 26.09
CA PRO N 172 12.75 -11.29 26.00
C PRO N 172 13.10 -11.94 27.33
N GLU N 173 12.83 -11.25 28.46
CA GLU N 173 13.17 -11.81 29.77
C GLU N 173 12.50 -13.17 29.98
N SER N 174 11.27 -13.32 29.50
CA SER N 174 10.49 -14.55 29.65
C SER N 174 11.04 -15.70 28.80
N THR N 175 11.80 -15.41 27.74
CA THR N 175 12.37 -16.43 26.88
C THR N 175 13.17 -17.42 27.73
N SER N 176 12.97 -18.72 27.48
CA SER N 176 13.63 -19.79 28.19
C SER N 176 14.17 -20.82 27.20
N GLU N 177 15.22 -21.51 27.61
CA GLU N 177 15.83 -22.56 26.80
C GLU N 177 15.45 -23.90 27.42
N ILE N 178 15.11 -24.87 26.56
CA ILE N 178 14.68 -26.19 26.99
C ILE N 178 15.53 -27.21 26.24
N ASP N 179 16.00 -28.23 26.96
CA ASP N 179 16.73 -29.32 26.34
C ASP N 179 15.73 -30.34 25.84
N ILE N 180 15.83 -30.67 24.54
CA ILE N 180 15.04 -31.74 23.96
C ILE N 180 15.89 -33.00 24.01
N ILE N 181 15.36 -34.04 24.67
CA ILE N 181 16.11 -35.23 24.99
C ILE N 181 15.43 -36.43 24.38
N MET N 182 16.24 -37.46 24.10
CA MET N 182 15.77 -38.75 23.66
C MET N 182 15.91 -39.72 24.82
N ALA N 183 14.80 -40.39 25.19
CA ALA N 183 14.79 -41.36 26.26
C ALA N 183 14.22 -42.69 25.76
N TRP N 184 14.61 -43.76 26.45
CA TRP N 184 14.23 -45.12 26.10
C TRP N 184 14.50 -46.06 27.28
N ARG N 185 14.00 -47.30 27.15
CA ARG N 185 14.10 -48.29 28.22
C ARG N 185 15.05 -49.40 27.77
N ARG N 186 15.86 -49.91 28.72
CA ARG N 186 16.90 -50.88 28.37
C ARG N 186 16.35 -52.31 28.32
N ASP N 187 15.26 -52.58 29.02
CA ASP N 187 14.71 -53.91 29.24
C ASP N 187 14.24 -54.58 27.94
N SER N 188 14.08 -53.79 26.86
CA SER N 188 13.72 -54.35 25.58
C SER N 188 14.61 -53.68 24.52
N MET N 189 15.15 -54.55 23.65
CA MET N 189 16.01 -54.05 22.61
C MET N 189 15.75 -54.83 21.33
N GLY N 190 15.91 -54.11 20.21
CA GLY N 190 15.88 -54.77 18.91
C GLY N 190 16.75 -54.01 17.92
N GLU N 191 16.91 -54.64 16.74
CA GLU N 191 17.60 -54.06 15.61
C GLU N 191 17.08 -52.66 15.30
N ALA N 192 15.76 -52.55 15.06
CA ALA N 192 15.15 -51.31 14.63
C ALA N 192 15.28 -50.24 15.72
N LYS N 193 14.95 -50.63 16.96
CA LYS N 193 15.00 -49.69 18.07
C LYS N 193 16.43 -49.13 18.23
N SER N 194 17.44 -50.03 18.24
CA SER N 194 18.82 -49.62 18.41
C SER N 194 19.25 -48.71 17.26
N TRP N 195 18.88 -49.09 16.03
CA TRP N 195 19.25 -48.34 14.84
C TRP N 195 18.75 -46.91 14.96
N CYS N 196 17.48 -46.73 15.35
CA CYS N 196 16.92 -45.39 15.51
C CYS N 196 17.66 -44.62 16.59
N LEU N 197 18.01 -45.30 17.69
CA LEU N 197 18.64 -44.59 18.80
C LEU N 197 19.95 -43.93 18.36
N ARG N 198 20.60 -44.47 17.31
CA ARG N 198 21.86 -43.91 16.85
C ARG N 198 21.62 -42.94 15.68
N GLU N 199 20.49 -43.10 15.00
CA GLU N 199 20.19 -42.30 13.82
C GLU N 199 19.52 -40.98 14.14
N ILE N 200 18.68 -40.96 15.18
CA ILE N 200 17.94 -39.77 15.55
C ILE N 200 18.87 -38.59 15.88
N PRO N 201 19.95 -38.74 16.67
CA PRO N 201 20.89 -37.65 16.89
C PRO N 201 21.49 -37.06 15.61
N LYS N 202 21.68 -37.88 14.58
CA LYS N 202 22.21 -37.40 13.30
C LYS N 202 21.26 -36.38 12.68
N LEU N 203 19.95 -36.49 12.96
CA LEU N 203 18.96 -35.58 12.41
C LEU N 203 19.18 -34.16 12.92
N PHE N 204 19.79 -34.00 14.11
CA PHE N 204 19.93 -32.70 14.74
C PHE N 204 21.40 -32.37 15.00
N ASN N 205 22.30 -32.74 14.09
CA ASN N 205 23.67 -32.25 14.16
C ASN N 205 23.72 -30.80 13.68
N GLY N 206 22.76 -30.42 12.82
CA GLY N 206 22.68 -29.06 12.29
C GLY N 206 23.65 -28.80 11.14
N THR O 6 -19.78 -39.21 -16.72
CA THR O 6 -18.53 -38.48 -17.21
C THR O 6 -18.86 -37.02 -17.56
N HIS O 7 -20.13 -36.78 -17.93
CA HIS O 7 -20.59 -35.48 -18.39
C HIS O 7 -21.84 -35.08 -17.61
N LEU O 8 -21.77 -33.92 -16.94
CA LEU O 8 -22.95 -33.27 -16.38
C LEU O 8 -23.22 -31.97 -17.14
N THR O 9 -24.50 -31.71 -17.41
CA THR O 9 -24.93 -30.45 -17.97
C THR O 9 -25.83 -29.74 -16.97
N ILE O 10 -25.47 -28.50 -16.61
CA ILE O 10 -26.37 -27.63 -15.85
C ILE O 10 -26.79 -26.50 -16.77
N VAL O 11 -28.10 -26.20 -16.77
CA VAL O 11 -28.64 -25.14 -17.61
C VAL O 11 -29.01 -23.99 -16.69
N THR O 12 -28.39 -22.84 -16.93
CA THR O 12 -28.73 -21.61 -16.24
C THR O 12 -29.39 -20.69 -17.25
N GLU O 13 -30.71 -20.45 -17.08
CA GLU O 13 -31.44 -19.54 -17.94
C GLU O 13 -30.77 -18.18 -17.93
N ALA O 14 -31.05 -17.39 -18.98
CA ALA O 14 -30.35 -16.13 -19.21
C ALA O 14 -30.40 -15.21 -18.01
N LEU O 15 -31.54 -15.18 -17.31
CA LEU O 15 -31.74 -14.35 -16.12
C LEU O 15 -30.81 -14.74 -14.98
N VAL O 16 -30.25 -15.95 -15.03
CA VAL O 16 -29.47 -16.48 -13.92
C VAL O 16 -27.98 -16.31 -14.22
N PRO O 17 -27.20 -15.67 -13.33
CA PRO O 17 -25.76 -15.50 -13.56
C PRO O 17 -25.05 -16.84 -13.50
N THR O 18 -24.44 -17.21 -14.63
CA THR O 18 -23.70 -18.46 -14.74
C THR O 18 -22.55 -18.50 -13.74
N PRO O 19 -21.72 -17.44 -13.57
CA PRO O 19 -20.56 -17.53 -12.69
C PRO O 19 -20.88 -17.82 -11.21
N ALA O 20 -22.16 -17.70 -10.81
CA ALA O 20 -22.57 -18.07 -9.46
C ALA O 20 -22.31 -19.55 -9.17
N PHE O 21 -22.22 -20.37 -10.22
CA PHE O 21 -22.08 -21.82 -10.07
C PHE O 21 -20.62 -22.27 -10.19
N PHE O 22 -19.68 -21.32 -10.14
CA PHE O 22 -18.30 -21.64 -10.41
C PHE O 22 -17.69 -22.42 -9.26
N PRO O 23 -18.00 -22.09 -7.99
CA PRO O 23 -17.46 -22.84 -6.86
C PRO O 23 -17.53 -24.35 -6.98
N LEU O 24 -18.54 -24.86 -7.71
CA LEU O 24 -18.75 -26.31 -7.84
C LEU O 24 -17.58 -26.98 -8.58
N ILE O 25 -16.96 -26.28 -9.53
CA ILE O 25 -16.14 -26.91 -10.55
C ILE O 25 -14.99 -27.73 -9.97
N ASP O 26 -14.17 -27.13 -9.10
CA ASP O 26 -13.06 -27.87 -8.51
C ASP O 26 -13.56 -29.00 -7.62
N LYS O 27 -14.62 -28.74 -6.85
CA LYS O 27 -15.20 -29.76 -5.97
C LYS O 27 -15.72 -30.91 -6.83
N LEU O 28 -16.39 -30.59 -7.96
CA LEU O 28 -16.99 -31.61 -8.80
C LEU O 28 -15.90 -32.46 -9.47
N ALA O 29 -14.74 -31.88 -9.75
CA ALA O 29 -13.68 -32.60 -10.44
C ALA O 29 -13.01 -33.59 -9.49
N ALA O 30 -12.91 -33.24 -8.21
CA ALA O 30 -12.36 -34.16 -7.21
C ALA O 30 -13.39 -35.19 -6.77
N LYS O 31 -14.68 -34.83 -6.83
CA LYS O 31 -15.76 -35.71 -6.42
C LYS O 31 -15.97 -36.84 -7.45
N ALA O 32 -15.94 -36.48 -8.74
CA ALA O 32 -16.09 -37.42 -9.83
C ALA O 32 -15.30 -36.90 -11.03
N ASN O 33 -15.06 -37.78 -12.01
CA ASN O 33 -14.36 -37.40 -13.23
C ASN O 33 -15.32 -36.72 -14.21
N THR O 34 -16.32 -36.04 -13.67
CA THR O 34 -17.38 -35.43 -14.47
C THR O 34 -16.86 -34.14 -15.10
N GLN O 35 -16.99 -34.04 -16.43
CA GLN O 35 -16.68 -32.83 -17.17
C GLN O 35 -17.95 -31.99 -17.28
N LEU O 36 -17.89 -30.77 -16.74
CA LEU O 36 -19.07 -29.96 -16.53
C LEU O 36 -19.32 -29.10 -17.76
N ALA O 37 -20.61 -28.83 -17.99
CA ALA O 37 -21.09 -27.82 -18.92
C ALA O 37 -22.16 -26.99 -18.21
N ILE O 38 -21.90 -25.69 -18.06
CA ILE O 38 -22.91 -24.77 -17.57
C ILE O 38 -23.42 -23.93 -18.75
N ILE O 39 -24.61 -24.29 -19.23
CA ILE O 39 -25.11 -23.87 -20.53
C ILE O 39 -26.20 -22.84 -20.29
N THR O 40 -26.23 -21.80 -21.14
CA THR O 40 -27.24 -20.76 -21.04
C THR O 40 -28.33 -21.02 -22.08
N GLU O 41 -29.58 -20.90 -21.65
CA GLU O 41 -30.74 -20.97 -22.53
C GLU O 41 -31.67 -19.80 -22.16
N VAL O 42 -32.70 -19.57 -22.97
CA VAL O 42 -33.63 -18.48 -22.75
C VAL O 42 -35.03 -19.05 -22.62
N LEU O 43 -35.74 -18.68 -21.54
CA LEU O 43 -37.13 -19.01 -21.30
C LEU O 43 -37.41 -20.50 -21.52
N ALA O 44 -38.25 -20.83 -22.50
CA ALA O 44 -38.69 -22.20 -22.76
C ALA O 44 -37.53 -23.09 -23.17
N GLY O 45 -36.44 -22.50 -23.73
CA GLY O 45 -35.32 -23.31 -24.18
C GLY O 45 -34.75 -24.17 -23.05
N ALA O 46 -34.72 -23.60 -21.84
CA ALA O 46 -34.17 -24.28 -20.68
C ALA O 46 -34.98 -25.54 -20.37
N TRP O 47 -36.31 -25.43 -20.41
CA TRP O 47 -37.19 -26.54 -20.07
C TRP O 47 -37.21 -27.59 -21.19
N GLU O 48 -37.10 -27.13 -22.45
CA GLU O 48 -37.01 -28.05 -23.57
C GLU O 48 -35.81 -28.99 -23.35
N ARG O 49 -34.69 -28.42 -22.88
CA ARG O 49 -33.50 -29.24 -22.71
C ARG O 49 -33.72 -30.29 -21.63
N LEU O 50 -34.45 -29.94 -20.57
CA LEU O 50 -34.71 -30.88 -19.48
C LEU O 50 -35.61 -32.02 -19.97
N GLU O 51 -36.67 -31.67 -20.75
CA GLU O 51 -37.60 -32.68 -21.25
C GLU O 51 -36.86 -33.68 -22.15
N GLN O 52 -36.02 -33.15 -23.07
CA GLN O 52 -35.37 -34.03 -24.02
C GLN O 52 -34.14 -34.71 -23.47
N GLY O 53 -33.97 -34.66 -22.16
CA GLY O 53 -32.92 -35.42 -21.48
C GLY O 53 -31.52 -34.98 -21.89
N ARG O 54 -31.37 -33.70 -22.27
CA ARG O 54 -30.06 -33.18 -22.66
C ARG O 54 -29.49 -32.25 -21.59
N ALA O 55 -30.13 -32.20 -20.42
CA ALA O 55 -29.76 -31.33 -19.33
C ALA O 55 -30.16 -31.99 -18.02
N ASP O 56 -29.19 -32.16 -17.12
CA ASP O 56 -29.38 -32.86 -15.86
C ASP O 56 -30.12 -31.98 -14.86
N ILE O 57 -29.75 -30.68 -14.78
CA ILE O 57 -30.38 -29.77 -13.82
C ILE O 57 -30.64 -28.43 -14.52
N VAL O 58 -31.81 -27.84 -14.19
CA VAL O 58 -32.19 -26.56 -14.77
C VAL O 58 -32.37 -25.51 -13.67
N ILE O 59 -31.73 -24.35 -13.88
CA ILE O 59 -31.92 -23.19 -13.01
C ILE O 59 -32.55 -22.09 -13.83
N ALA O 60 -33.83 -21.82 -13.56
CA ALA O 60 -34.65 -21.01 -14.47
C ALA O 60 -35.79 -20.41 -13.69
N PRO O 61 -36.44 -19.36 -14.22
CA PRO O 61 -37.64 -18.84 -13.57
C PRO O 61 -38.79 -19.83 -13.58
N ASP O 62 -39.71 -19.69 -12.61
CA ASP O 62 -40.80 -20.67 -12.54
C ASP O 62 -41.78 -20.43 -13.68
N MET O 63 -41.88 -21.35 -14.65
CA MET O 63 -42.52 -21.07 -15.94
C MET O 63 -43.48 -22.20 -16.29
N HIS O 64 -44.56 -21.87 -17.02
CA HIS O 64 -45.58 -22.86 -17.37
C HIS O 64 -45.00 -23.78 -18.42
N PHE O 65 -44.66 -25.01 -18.03
CA PHE O 65 -43.97 -25.97 -18.87
C PHE O 65 -44.87 -27.18 -19.16
N ARG O 66 -44.47 -27.98 -20.16
CA ARG O 66 -45.30 -29.07 -20.69
C ARG O 66 -45.55 -30.16 -19.64
N SER O 67 -46.81 -30.61 -19.52
CA SER O 67 -47.21 -31.86 -18.92
C SER O 67 -47.11 -31.81 -17.40
N SER O 68 -47.76 -32.79 -16.76
CA SER O 68 -47.58 -33.12 -15.35
C SER O 68 -46.43 -34.12 -15.21
N SER O 69 -45.25 -33.74 -15.75
CA SER O 69 -44.05 -34.53 -15.66
C SER O 69 -43.64 -34.71 -14.20
N GLU O 70 -42.98 -35.85 -13.91
CA GLU O 70 -42.42 -36.22 -12.62
C GLU O 70 -41.08 -35.45 -12.54
N ILE O 71 -41.26 -34.14 -12.48
CA ILE O 71 -40.23 -33.12 -12.33
C ILE O 71 -40.31 -32.61 -10.89
N ASN O 72 -39.15 -32.69 -10.21
CA ASN O 72 -39.05 -32.10 -8.88
C ASN O 72 -38.39 -30.72 -8.96
N SER O 73 -38.87 -29.79 -8.14
CA SER O 73 -38.37 -28.42 -8.15
C SER O 73 -38.15 -27.96 -6.70
N ARG O 74 -37.19 -27.04 -6.53
CA ARG O 74 -36.89 -26.42 -5.24
C ARG O 74 -36.59 -24.94 -5.49
N LYS O 75 -37.13 -24.07 -4.64
CA LYS O 75 -36.99 -22.63 -4.88
C LYS O 75 -35.64 -22.17 -4.32
N LEU O 76 -34.91 -21.35 -5.10
CA LEU O 76 -33.57 -20.91 -4.73
C LEU O 76 -33.59 -19.47 -4.17
N TYR O 77 -34.17 -18.53 -4.92
CA TYR O 77 -34.22 -17.15 -4.49
C TYR O 77 -35.25 -16.37 -5.31
N THR O 78 -35.53 -15.13 -4.87
CA THR O 78 -36.41 -14.24 -5.59
C THR O 78 -35.59 -13.22 -6.34
N LEU O 79 -35.94 -12.99 -7.62
CA LEU O 79 -35.25 -12.05 -8.47
C LEU O 79 -36.20 -10.90 -8.80
N MET O 80 -35.65 -9.68 -8.80
CA MET O 80 -36.43 -8.49 -9.04
C MET O 80 -36.11 -7.98 -10.45
N ASN O 81 -37.17 -7.77 -11.24
CA ASN O 81 -37.06 -7.24 -12.60
C ASN O 81 -37.55 -5.80 -12.64
N VAL O 82 -36.75 -4.92 -13.26
CA VAL O 82 -37.02 -3.49 -13.24
C VAL O 82 -37.04 -2.97 -14.67
N TYR O 83 -38.05 -2.15 -14.99
CA TYR O 83 -38.13 -1.48 -16.28
C TYR O 83 -37.17 -0.31 -16.30
N VAL O 84 -36.20 -0.34 -17.21
CA VAL O 84 -35.09 0.61 -17.20
C VAL O 84 -34.88 1.22 -18.59
N ALA O 85 -34.10 2.30 -18.62
CA ALA O 85 -33.74 3.02 -19.83
C ALA O 85 -32.62 4.00 -19.49
N ALA O 86 -31.92 4.48 -20.53
CA ALA O 86 -30.85 5.43 -20.34
C ALA O 86 -31.40 6.70 -19.71
N PRO O 87 -30.60 7.39 -18.87
CA PRO O 87 -31.09 8.54 -18.10
C PRO O 87 -31.70 9.65 -18.96
N ASP O 88 -31.21 9.84 -20.17
CA ASP O 88 -31.66 10.92 -21.07
C ASP O 88 -32.64 10.38 -22.12
N HIS O 89 -33.21 9.20 -21.90
CA HIS O 89 -34.27 8.73 -22.78
C HIS O 89 -35.55 9.52 -22.54
N PRO O 90 -36.28 9.91 -23.59
CA PRO O 90 -37.53 10.67 -23.44
C PRO O 90 -38.59 10.05 -22.52
N ILE O 91 -38.54 8.72 -22.30
CA ILE O 91 -39.55 8.04 -21.50
C ILE O 91 -39.59 8.59 -20.07
N HIS O 92 -38.45 9.09 -19.57
CA HIS O 92 -38.35 9.59 -18.20
C HIS O 92 -39.16 10.86 -17.98
N GLN O 93 -39.30 11.69 -19.01
CA GLN O 93 -40.08 12.92 -18.93
C GLN O 93 -41.57 12.66 -19.13
N GLU O 94 -41.93 11.44 -19.50
CA GLU O 94 -43.32 11.09 -19.79
C GLU O 94 -44.09 10.88 -18.48
N PRO O 95 -45.33 11.42 -18.36
CA PRO O 95 -46.11 11.25 -17.13
C PRO O 95 -46.56 9.83 -16.84
N GLU O 96 -47.08 9.11 -17.85
CA GLU O 96 -47.57 7.74 -17.68
C GLU O 96 -46.80 6.83 -18.63
N PRO O 97 -45.55 6.46 -18.29
CA PRO O 97 -44.73 5.62 -19.16
C PRO O 97 -45.40 4.29 -19.54
N LEU O 98 -46.17 3.70 -18.62
CA LEU O 98 -46.74 2.37 -18.85
C LEU O 98 -48.05 2.44 -19.63
N SER O 99 -48.59 3.64 -19.84
CA SER O 99 -49.78 3.80 -20.68
C SER O 99 -49.44 3.31 -22.10
N GLU O 100 -50.35 2.48 -22.64
CA GLU O 100 -50.05 1.77 -23.88
C GLU O 100 -49.98 2.74 -25.02
N VAL O 101 -50.61 3.92 -24.91
CA VAL O 101 -50.45 4.99 -25.90
C VAL O 101 -48.98 5.44 -25.92
N THR O 102 -48.34 5.48 -24.73
CA THR O 102 -46.96 5.94 -24.65
C THR O 102 -45.99 4.84 -25.10
N ARG O 103 -46.19 3.59 -24.64
CA ARG O 103 -45.24 2.51 -24.86
C ARG O 103 -44.99 2.25 -26.35
N VAL O 104 -46.05 2.40 -27.18
CA VAL O 104 -45.94 2.15 -28.61
C VAL O 104 -44.95 3.14 -29.25
N LYS O 105 -44.82 4.34 -28.66
CA LYS O 105 -43.95 5.35 -29.24
C LYS O 105 -42.48 4.89 -29.24
N TYR O 106 -42.08 4.16 -28.18
CA TYR O 106 -40.67 3.88 -27.92
C TYR O 106 -40.35 2.41 -28.14
N ARG O 107 -39.06 2.11 -28.38
CA ARG O 107 -38.67 0.82 -28.90
C ARG O 107 -38.51 -0.19 -27.76
N GLY O 108 -39.22 -1.33 -27.85
CA GLY O 108 -39.01 -2.41 -26.90
C GLY O 108 -37.76 -3.22 -27.23
N ILE O 109 -37.14 -3.86 -26.23
CA ILE O 109 -36.01 -4.73 -26.43
C ILE O 109 -36.32 -6.08 -25.81
N ALA O 110 -36.17 -7.15 -26.61
CA ALA O 110 -36.53 -8.49 -26.18
C ALA O 110 -35.36 -9.45 -26.40
N VAL O 111 -35.35 -10.54 -25.63
CA VAL O 111 -34.35 -11.58 -25.82
C VAL O 111 -35.05 -12.81 -26.40
N ALA O 112 -34.54 -13.28 -27.55
CA ALA O 112 -35.15 -14.37 -28.30
C ALA O 112 -35.21 -15.63 -27.41
N ASP O 113 -36.43 -16.21 -27.32
CA ASP O 113 -36.60 -17.48 -26.63
C ASP O 113 -35.85 -18.56 -27.39
N THR O 114 -34.98 -19.33 -26.74
CA THR O 114 -34.13 -20.28 -27.43
C THR O 114 -34.90 -21.56 -27.73
N ALA O 115 -34.49 -22.25 -28.78
CA ALA O 115 -35.09 -23.51 -29.18
C ALA O 115 -36.50 -23.38 -29.75
N ARG O 116 -37.13 -22.17 -29.64
CA ARG O 116 -38.45 -22.00 -30.27
C ARG O 116 -38.30 -21.31 -31.62
N GLU O 117 -37.56 -20.20 -31.66
CA GLU O 117 -37.33 -19.35 -32.80
C GLU O 117 -37.75 -17.91 -32.52
N ARG O 118 -39.00 -17.54 -32.89
CA ARG O 118 -39.46 -16.14 -32.82
C ARG O 118 -40.62 -15.90 -31.84
N PRO O 119 -40.53 -16.34 -30.55
CA PRO O 119 -41.59 -16.04 -29.58
C PRO O 119 -41.36 -14.72 -28.83
N VAL O 120 -41.14 -14.84 -27.52
CA VAL O 120 -40.86 -13.79 -26.58
C VAL O 120 -42.05 -12.86 -26.41
N LEU O 121 -43.19 -13.46 -26.02
CA LEU O 121 -44.36 -12.72 -25.55
C LEU O 121 -44.20 -12.32 -24.08
N THR O 122 -43.21 -12.87 -23.35
CA THR O 122 -43.07 -12.53 -21.95
C THR O 122 -42.34 -11.20 -21.78
N VAL O 123 -42.45 -10.30 -22.78
CA VAL O 123 -41.91 -8.97 -22.68
C VAL O 123 -42.94 -8.03 -22.07
N GLN O 124 -44.16 -8.51 -21.78
CA GLN O 124 -45.26 -7.69 -21.31
C GLN O 124 -45.41 -6.41 -22.17
N LEU O 125 -45.24 -6.60 -23.47
CA LEU O 125 -45.24 -5.50 -24.44
C LEU O 125 -46.23 -5.77 -25.55
N LEU O 126 -47.13 -4.81 -25.85
CA LEU O 126 -48.09 -4.92 -26.94
C LEU O 126 -47.40 -4.80 -28.32
N ASP O 127 -48.21 -4.77 -29.39
CA ASP O 127 -47.71 -4.78 -30.76
C ASP O 127 -47.70 -3.36 -31.37
N LYS O 128 -47.31 -3.26 -32.63
CA LYS O 128 -47.25 -2.05 -33.44
C LYS O 128 -46.34 -1.01 -32.77
N GLN O 129 -45.23 -1.46 -32.18
CA GLN O 129 -44.22 -0.63 -31.59
C GLN O 129 -42.87 -1.09 -32.11
N PRO O 130 -41.89 -0.17 -32.32
CA PRO O 130 -40.53 -0.57 -32.63
C PRO O 130 -40.00 -1.62 -31.65
N ARG O 131 -39.27 -2.60 -32.17
CA ARG O 131 -38.74 -3.70 -31.40
C ARG O 131 -37.34 -4.06 -31.85
N LEU O 132 -36.46 -4.36 -30.91
CA LEU O 132 -35.14 -4.92 -31.21
C LEU O 132 -35.03 -6.26 -30.48
N THR O 133 -34.55 -7.29 -31.18
CA THR O 133 -34.40 -8.61 -30.59
C THR O 133 -32.92 -8.98 -30.55
N VAL O 134 -32.47 -9.49 -29.39
CA VAL O 134 -31.10 -9.94 -29.21
C VAL O 134 -31.12 -11.32 -28.56
N SER O 135 -29.99 -12.02 -28.63
CA SER O 135 -29.91 -13.40 -28.15
C SER O 135 -29.47 -13.47 -26.69
N THR O 136 -28.75 -12.46 -26.21
CA THR O 136 -28.09 -12.54 -24.91
C THR O 136 -28.47 -11.32 -24.07
N ILE O 137 -28.41 -11.49 -22.74
CA ILE O 137 -28.80 -10.42 -21.83
C ILE O 137 -27.76 -9.32 -21.85
N GLU O 138 -26.49 -9.67 -22.15
CA GLU O 138 -25.44 -8.66 -22.30
C GLU O 138 -25.76 -7.71 -23.46
N ASP O 139 -26.14 -8.26 -24.62
CA ASP O 139 -26.49 -7.45 -25.78
C ASP O 139 -27.68 -6.54 -25.43
N LYS O 140 -28.63 -7.08 -24.66
CA LYS O 140 -29.76 -6.29 -24.21
C LYS O 140 -29.29 -5.15 -23.31
N ARG O 141 -28.31 -5.42 -22.43
CA ARG O 141 -27.77 -4.41 -21.53
C ARG O 141 -27.12 -3.29 -22.33
N GLN O 142 -26.27 -3.65 -23.28
CA GLN O 142 -25.55 -2.67 -24.08
C GLN O 142 -26.54 -1.82 -24.89
N ALA O 143 -27.56 -2.45 -25.50
CA ALA O 143 -28.61 -1.73 -26.20
C ALA O 143 -29.27 -0.70 -25.28
N LEU O 144 -29.52 -1.09 -24.03
CA LEU O 144 -30.14 -0.18 -23.06
C LEU O 144 -29.16 0.93 -22.70
N LEU O 145 -27.86 0.58 -22.52
CA LEU O 145 -26.84 1.57 -22.18
C LEU O 145 -26.72 2.61 -23.29
N ALA O 146 -26.84 2.17 -24.55
CA ALA O 146 -26.74 3.05 -25.71
C ALA O 146 -28.04 3.83 -25.93
N GLY O 147 -29.01 3.72 -25.01
CA GLY O 147 -30.25 4.48 -25.10
C GLY O 147 -31.10 4.10 -26.32
N LEU O 148 -31.08 2.82 -26.70
CA LEU O 148 -31.70 2.39 -27.96
C LEU O 148 -33.14 1.92 -27.75
N GLY O 149 -33.61 1.82 -26.51
CA GLY O 149 -34.96 1.34 -26.23
C GLY O 149 -35.20 1.20 -24.72
N VAL O 150 -36.29 0.52 -24.38
CA VAL O 150 -36.78 0.38 -23.00
C VAL O 150 -37.15 -1.07 -22.78
N ALA O 151 -36.73 -1.63 -21.64
CA ALA O 151 -37.02 -3.04 -21.38
C ALA O 151 -36.81 -3.37 -19.90
N THR O 152 -37.31 -4.54 -19.48
CA THR O 152 -37.04 -5.10 -18.18
C THR O 152 -35.61 -5.62 -18.09
N MET O 153 -35.07 -5.61 -16.86
CA MET O 153 -33.78 -6.19 -16.57
C MET O 153 -33.78 -6.74 -15.16
N PRO O 154 -33.07 -7.86 -14.91
CA PRO O 154 -32.87 -8.32 -13.54
C PRO O 154 -32.05 -7.28 -12.78
N TYR O 155 -32.55 -6.88 -11.60
CA TYR O 155 -32.00 -5.76 -10.84
C TYR O 155 -30.51 -5.98 -10.55
N PRO O 156 -30.06 -7.16 -10.06
CA PRO O 156 -28.64 -7.34 -9.73
C PRO O 156 -27.68 -6.96 -10.85
N MET O 157 -28.04 -7.23 -12.10
CA MET O 157 -27.13 -6.98 -13.23
C MET O 157 -27.05 -5.48 -13.55
N VAL O 158 -28.05 -4.69 -13.14
CA VAL O 158 -28.06 -3.26 -13.46
C VAL O 158 -27.99 -2.38 -12.20
N GLU O 159 -27.86 -2.99 -11.02
CA GLU O 159 -27.79 -2.25 -9.76
C GLU O 159 -26.66 -1.23 -9.82
N LYS O 160 -25.49 -1.67 -10.28
CA LYS O 160 -24.32 -0.80 -10.41
C LYS O 160 -24.61 0.30 -11.42
N ASP O 161 -25.29 -0.05 -12.52
CA ASP O 161 -25.58 0.91 -13.57
C ASP O 161 -26.51 2.00 -13.08
N ILE O 162 -27.48 1.67 -12.22
CA ILE O 162 -28.38 2.68 -11.69
C ILE O 162 -27.62 3.56 -10.69
N ALA O 163 -26.72 2.94 -9.90
CA ALA O 163 -25.95 3.66 -8.89
C ALA O 163 -25.12 4.76 -9.57
N GLU O 164 -24.44 4.42 -10.67
CA GLU O 164 -23.55 5.38 -11.34
C GLU O 164 -24.25 6.05 -12.52
N GLY O 165 -25.59 6.06 -12.52
CA GLY O 165 -26.39 6.82 -13.48
C GLY O 165 -26.08 6.47 -14.93
N ARG O 166 -25.88 5.19 -15.23
CA ARG O 166 -25.88 4.72 -16.62
C ARG O 166 -27.28 4.29 -17.04
N LEU O 167 -28.11 3.85 -16.08
CA LEU O 167 -29.51 3.55 -16.31
C LEU O 167 -30.37 4.17 -15.22
N ARG O 168 -31.67 4.29 -15.51
CA ARG O 168 -32.63 4.87 -14.59
C ARG O 168 -33.93 4.06 -14.70
N VAL O 169 -34.51 3.70 -13.55
CA VAL O 169 -35.76 2.96 -13.50
C VAL O 169 -36.88 3.87 -13.98
N VAL O 170 -37.61 3.42 -15.01
CA VAL O 170 -38.59 4.27 -15.67
C VAL O 170 -39.79 4.41 -14.75
N SER O 171 -40.26 3.26 -14.21
CA SER O 171 -41.47 3.29 -13.39
C SER O 171 -41.49 2.15 -12.37
N PRO O 172 -41.47 2.47 -11.06
CA PRO O 172 -41.37 1.41 -10.05
C PRO O 172 -42.60 0.50 -9.99
N GLU O 173 -43.79 1.01 -10.39
CA GLU O 173 -45.00 0.21 -10.17
C GLU O 173 -44.91 -1.10 -10.96
N SER O 174 -44.31 -1.02 -12.15
CA SER O 174 -44.13 -2.12 -13.08
C SER O 174 -43.16 -3.17 -12.56
N THR O 175 -42.26 -2.83 -11.63
CA THR O 175 -41.32 -3.78 -11.06
C THR O 175 -42.04 -5.05 -10.58
N SER O 176 -41.50 -6.22 -10.93
CA SER O 176 -42.10 -7.50 -10.59
C SER O 176 -41.06 -8.48 -10.05
N GLU O 177 -41.49 -9.40 -9.19
CA GLU O 177 -40.61 -10.38 -8.55
C GLU O 177 -40.85 -11.73 -9.19
N ILE O 178 -39.77 -12.51 -9.38
CA ILE O 178 -39.82 -13.80 -10.03
C ILE O 178 -39.03 -14.80 -9.18
N ASP O 179 -39.56 -16.01 -9.01
CA ASP O 179 -38.87 -17.08 -8.33
C ASP O 179 -37.91 -17.78 -9.27
N ILE O 180 -36.64 -17.87 -8.86
CA ILE O 180 -35.67 -18.71 -9.55
C ILE O 180 -35.66 -20.06 -8.87
N ILE O 181 -35.96 -21.11 -9.67
CA ILE O 181 -36.16 -22.45 -9.15
C ILE O 181 -35.15 -23.41 -9.76
N MET O 182 -34.83 -24.46 -9.01
CA MET O 182 -33.99 -25.55 -9.51
C MET O 182 -34.89 -26.77 -9.75
N ALA O 183 -34.86 -27.29 -10.99
CA ALA O 183 -35.70 -28.41 -11.36
C ALA O 183 -34.87 -29.51 -11.99
N TRP O 184 -35.39 -30.74 -11.92
CA TRP O 184 -34.71 -31.93 -12.41
C TRP O 184 -35.74 -33.06 -12.54
N ARG O 185 -35.30 -34.16 -13.18
CA ARG O 185 -36.15 -35.32 -13.42
C ARG O 185 -35.68 -36.49 -12.56
N ARG O 186 -36.63 -37.32 -12.15
CA ARG O 186 -36.33 -38.40 -11.22
C ARG O 186 -35.84 -39.66 -11.93
N ASP O 187 -36.09 -39.80 -13.23
CA ASP O 187 -35.74 -40.98 -14.01
C ASP O 187 -34.25 -41.32 -14.02
N SER O 188 -33.38 -40.38 -13.64
CA SER O 188 -31.95 -40.61 -13.52
C SER O 188 -31.48 -39.90 -12.27
N MET O 189 -30.66 -40.57 -11.46
CA MET O 189 -30.13 -39.91 -10.27
C MET O 189 -28.70 -40.38 -10.03
N GLY O 190 -27.72 -39.79 -10.72
CA GLY O 190 -26.35 -40.25 -10.62
C GLY O 190 -25.59 -39.53 -9.51
N GLU O 191 -24.37 -39.97 -9.26
CA GLU O 191 -23.50 -39.44 -8.24
C GLU O 191 -23.36 -37.91 -8.39
N ALA O 192 -22.91 -37.47 -9.57
CA ALA O 192 -22.61 -36.06 -9.81
C ALA O 192 -23.90 -35.25 -9.73
N LYS O 193 -24.94 -35.75 -10.40
CA LYS O 193 -26.21 -35.03 -10.44
C LYS O 193 -26.75 -34.86 -9.02
N SER O 194 -26.78 -35.92 -8.22
CA SER O 194 -27.31 -35.89 -6.85
C SER O 194 -26.50 -34.91 -6.01
N TRP O 195 -25.16 -34.98 -6.15
CA TRP O 195 -24.28 -34.13 -5.38
C TRP O 195 -24.61 -32.64 -5.63
N CYS O 196 -24.74 -32.28 -6.92
CA CYS O 196 -25.07 -30.92 -7.28
C CYS O 196 -26.44 -30.51 -6.72
N LEU O 197 -27.41 -31.42 -6.75
CA LEU O 197 -28.75 -31.09 -6.31
C LEU O 197 -28.76 -30.64 -4.85
N ARG O 198 -27.78 -31.10 -4.06
CA ARG O 198 -27.73 -30.72 -2.66
C ARG O 198 -26.81 -29.51 -2.48
N GLU O 199 -25.89 -29.29 -3.41
CA GLU O 199 -24.88 -28.25 -3.27
C GLU O 199 -25.36 -26.91 -3.79
N ILE O 200 -26.15 -26.92 -4.87
CA ILE O 200 -26.60 -25.69 -5.50
C ILE O 200 -27.40 -24.81 -4.55
N PRO O 201 -28.38 -25.32 -3.76
CA PRO O 201 -29.08 -24.47 -2.81
C PRO O 201 -28.17 -23.77 -1.80
N LYS O 202 -27.04 -24.41 -1.43
CA LYS O 202 -26.11 -23.79 -0.49
C LYS O 202 -25.53 -22.52 -1.08
N LEU O 203 -25.44 -22.42 -2.42
CA LEU O 203 -24.88 -21.24 -3.08
C LEU O 203 -25.77 -20.01 -2.83
N PHE O 204 -27.07 -20.22 -2.58
CA PHE O 204 -28.00 -19.11 -2.45
C PHE O 204 -28.73 -19.15 -1.11
N ASN O 205 -28.04 -19.53 -0.04
CA ASN O 205 -28.71 -19.58 1.27
C ASN O 205 -28.80 -18.16 1.80
N GLY O 206 -30.03 -17.66 2.02
CA GLY O 206 -30.24 -16.29 2.50
C GLY O 206 -30.63 -15.32 1.38
N LYS O 207 -30.46 -15.70 0.10
CA LYS O 207 -31.12 -14.96 -0.98
C LYS O 207 -32.45 -15.65 -1.30
N MET P 4 -46.95 -1.30 -42.53
CA MET P 4 -45.94 -1.75 -43.59
C MET P 4 -44.50 -1.71 -43.05
N GLU P 5 -44.18 -2.61 -42.10
CA GLU P 5 -42.84 -2.71 -41.52
C GLU P 5 -42.03 -3.86 -42.10
N THR P 6 -40.77 -4.04 -41.64
CA THR P 6 -39.83 -5.00 -42.23
C THR P 6 -38.97 -5.66 -41.16
N HIS P 7 -38.64 -6.95 -41.34
CA HIS P 7 -37.90 -7.67 -40.31
C HIS P 7 -36.66 -8.33 -40.90
N LEU P 8 -35.49 -7.88 -40.45
CA LEU P 8 -34.22 -8.39 -40.94
C LEU P 8 -33.46 -9.02 -39.78
N THR P 9 -32.84 -10.19 -40.04
CA THR P 9 -32.14 -10.93 -39.00
C THR P 9 -30.65 -11.03 -39.34
N ILE P 10 -29.81 -10.53 -38.43
CA ILE P 10 -28.37 -10.56 -38.60
C ILE P 10 -27.79 -11.46 -37.53
N VAL P 11 -26.88 -12.35 -37.94
CA VAL P 11 -26.23 -13.26 -37.03
C VAL P 11 -24.80 -12.79 -36.84
N THR P 12 -24.46 -12.48 -35.59
CA THR P 12 -23.10 -12.14 -35.21
C THR P 12 -22.56 -13.27 -34.35
N GLU P 13 -21.59 -14.01 -34.89
CA GLU P 13 -20.95 -15.10 -34.16
C GLU P 13 -20.39 -14.56 -32.84
N ALA P 14 -20.19 -15.47 -31.89
CA ALA P 14 -19.83 -15.11 -30.53
C ALA P 14 -18.60 -14.20 -30.49
N LEU P 15 -17.61 -14.47 -31.36
CA LEU P 15 -16.38 -13.70 -31.43
C LEU P 15 -16.63 -12.26 -31.85
N VAL P 16 -17.81 -11.97 -32.44
CA VAL P 16 -18.07 -10.66 -33.00
C VAL P 16 -18.91 -9.85 -32.03
N PRO P 17 -18.49 -8.63 -31.64
CA PRO P 17 -19.26 -7.81 -30.72
C PRO P 17 -20.56 -7.36 -31.38
N THR P 18 -21.68 -7.77 -30.79
CA THR P 18 -23.00 -7.39 -31.28
C THR P 18 -23.18 -5.87 -31.27
N PRO P 19 -22.80 -5.12 -30.21
CA PRO P 19 -23.07 -3.68 -30.18
C PRO P 19 -22.41 -2.87 -31.29
N ALA P 20 -21.46 -3.46 -32.03
CA ALA P 20 -20.86 -2.80 -33.18
C ALA P 20 -21.91 -2.49 -34.26
N PHE P 21 -23.02 -3.22 -34.26
CA PHE P 21 -24.05 -3.10 -35.30
C PHE P 21 -25.20 -2.19 -34.86
N PHE P 22 -25.01 -1.46 -33.76
CA PHE P 22 -26.10 -0.69 -33.18
C PHE P 22 -26.45 0.50 -34.04
N PRO P 23 -25.45 1.22 -34.61
CA PRO P 23 -25.74 2.39 -35.44
C PRO P 23 -26.82 2.17 -36.49
N LEU P 24 -26.96 0.91 -36.98
CA LEU P 24 -27.93 0.63 -38.03
C LEU P 24 -29.37 0.86 -37.59
N ILE P 25 -29.65 0.60 -36.31
CA ILE P 25 -31.03 0.39 -35.84
C ILE P 25 -31.94 1.58 -36.12
N ASP P 26 -31.53 2.78 -35.66
CA ASP P 26 -32.33 3.98 -35.88
C ASP P 26 -32.40 4.32 -37.36
N LYS P 27 -31.30 4.16 -38.10
CA LYS P 27 -31.25 4.41 -39.53
C LYS P 27 -32.23 3.47 -40.23
N LEU P 28 -32.23 2.19 -39.83
CA LEU P 28 -33.06 1.20 -40.49
C LEU P 28 -34.53 1.45 -40.21
N ALA P 29 -34.85 2.01 -39.04
CA ALA P 29 -36.25 2.23 -38.66
C ALA P 29 -36.83 3.40 -39.46
N ALA P 30 -36.00 4.41 -39.77
CA ALA P 30 -36.45 5.53 -40.59
C ALA P 30 -36.46 5.13 -42.08
N LYS P 31 -35.52 4.29 -42.46
CA LYS P 31 -35.34 3.93 -43.86
C LYS P 31 -35.88 2.52 -43.90
N ALA P 32 -37.14 2.29 -44.28
CA ALA P 32 -37.73 0.95 -44.45
C ALA P 32 -38.47 0.40 -43.26
N ASN P 33 -38.43 1.09 -42.12
CA ASN P 33 -39.16 0.64 -40.93
C ASN P 33 -38.75 -0.78 -40.57
N THR P 34 -37.47 -1.13 -40.90
CA THR P 34 -36.97 -2.45 -40.59
C THR P 34 -36.68 -2.62 -39.10
N GLN P 35 -37.27 -3.67 -38.53
CA GLN P 35 -37.07 -4.01 -37.12
C GLN P 35 -35.97 -5.07 -37.11
N LEU P 36 -34.86 -4.75 -36.43
CA LEU P 36 -33.65 -5.57 -36.56
C LEU P 36 -33.66 -6.65 -35.48
N ALA P 37 -33.05 -7.79 -35.81
CA ALA P 37 -32.78 -8.85 -34.84
C ALA P 37 -31.33 -9.30 -34.98
N ILE P 38 -30.52 -9.01 -33.95
CA ILE P 38 -29.11 -9.31 -34.00
C ILE P 38 -28.83 -10.49 -33.07
N ILE P 39 -28.65 -11.66 -33.67
CA ILE P 39 -28.67 -12.93 -32.98
C ILE P 39 -27.25 -13.45 -32.89
N THR P 40 -26.92 -14.04 -31.73
CA THR P 40 -25.60 -14.60 -31.51
C THR P 40 -25.66 -16.11 -31.73
N GLU P 41 -24.67 -16.63 -32.45
CA GLU P 41 -24.46 -18.06 -32.61
C GLU P 41 -22.99 -18.35 -32.38
N VAL P 42 -22.65 -19.63 -32.26
CA VAL P 42 -21.29 -20.04 -31.97
C VAL P 42 -20.79 -20.94 -33.08
N LEU P 43 -19.61 -20.60 -33.63
CA LEU P 43 -18.88 -21.38 -34.61
C LEU P 43 -19.80 -21.82 -35.76
N ALA P 44 -20.00 -23.15 -35.91
CA ALA P 44 -20.77 -23.69 -37.03
C ALA P 44 -22.24 -23.26 -36.96
N GLY P 45 -22.75 -22.92 -35.79
CA GLY P 45 -24.15 -22.55 -35.64
C GLY P 45 -24.49 -21.36 -36.54
N ALA P 46 -23.56 -20.41 -36.68
CA ALA P 46 -23.78 -19.23 -37.51
C ALA P 46 -24.01 -19.64 -38.97
N TRP P 47 -23.20 -20.57 -39.48
CA TRP P 47 -23.29 -21.01 -40.86
C TRP P 47 -24.50 -21.90 -41.09
N GLU P 48 -24.86 -22.71 -40.09
CA GLU P 48 -26.06 -23.52 -40.13
C GLU P 48 -27.26 -22.61 -40.39
N ARG P 49 -27.29 -21.45 -39.69
CA ARG P 49 -28.41 -20.55 -39.82
C ARG P 49 -28.50 -20.01 -41.25
N LEU P 50 -27.34 -19.74 -41.87
CA LEU P 50 -27.30 -19.17 -43.20
C LEU P 50 -27.79 -20.21 -44.22
N GLU P 51 -27.33 -21.46 -44.07
CA GLU P 51 -27.72 -22.50 -45.01
C GLU P 51 -29.22 -22.74 -44.95
N GLN P 52 -29.77 -22.80 -43.74
CA GLN P 52 -31.18 -23.11 -43.54
C GLN P 52 -32.08 -21.91 -43.81
N GLY P 53 -31.53 -20.80 -44.33
CA GLY P 53 -32.34 -19.64 -44.69
C GLY P 53 -33.02 -19.00 -43.49
N ARG P 54 -32.42 -19.11 -42.30
CA ARG P 54 -32.99 -18.51 -41.10
C ARG P 54 -32.20 -17.30 -40.63
N ALA P 55 -31.30 -16.81 -41.48
CA ALA P 55 -30.46 -15.65 -41.19
C ALA P 55 -30.21 -14.93 -42.51
N ASP P 56 -30.51 -13.62 -42.57
CA ASP P 56 -30.33 -12.86 -43.80
C ASP P 56 -28.85 -12.50 -44.03
N ILE P 57 -28.14 -12.16 -42.95
CA ILE P 57 -26.73 -11.84 -43.03
C ILE P 57 -25.98 -12.51 -41.89
N VAL P 58 -24.79 -13.03 -42.17
CA VAL P 58 -23.95 -13.67 -41.17
C VAL P 58 -22.61 -12.94 -41.05
N ILE P 59 -22.25 -12.61 -39.80
CA ILE P 59 -20.93 -12.05 -39.49
C ILE P 59 -20.20 -13.05 -38.61
N ALA P 60 -19.20 -13.72 -39.18
CA ALA P 60 -18.59 -14.87 -38.53
C ALA P 60 -17.15 -15.01 -39.01
N PRO P 61 -16.32 -15.76 -38.26
CA PRO P 61 -14.97 -16.04 -38.69
C PRO P 61 -14.89 -16.90 -39.94
N ASP P 62 -13.67 -16.86 -40.51
CA ASP P 62 -13.30 -17.53 -41.75
C ASP P 62 -13.42 -19.03 -41.54
N MET P 63 -14.37 -19.63 -42.27
CA MET P 63 -14.64 -21.06 -42.15
C MET P 63 -14.56 -21.76 -43.50
N HIS P 64 -14.81 -20.99 -44.57
CA HIS P 64 -14.66 -21.49 -45.94
C HIS P 64 -15.32 -22.88 -46.08
N PHE P 65 -16.63 -22.87 -45.89
CA PHE P 65 -17.44 -24.07 -46.11
C PHE P 65 -17.88 -24.25 -47.56
N ARG P 66 -17.76 -23.16 -48.33
CA ARG P 66 -18.20 -23.07 -49.72
C ARG P 66 -17.83 -21.67 -50.23
N SER P 67 -17.39 -21.56 -51.49
CA SER P 67 -17.20 -20.28 -52.17
C SER P 67 -18.55 -19.73 -52.63
N SER P 68 -19.22 -20.54 -53.47
CA SER P 68 -20.49 -20.23 -54.09
C SER P 68 -21.58 -21.19 -53.63
N SER P 69 -22.55 -21.47 -54.52
CA SER P 69 -23.77 -22.19 -54.16
C SER P 69 -24.54 -21.29 -53.13
N GLU P 70 -24.86 -20.14 -53.68
CA GLU P 70 -25.84 -19.19 -53.13
C GLU P 70 -25.14 -18.34 -52.07
N ILE P 71 -23.87 -18.54 -51.70
CA ILE P 71 -23.28 -17.72 -50.65
C ILE P 71 -22.22 -16.81 -51.26
N ASN P 72 -22.40 -15.49 -51.11
CA ASN P 72 -21.32 -14.53 -51.33
C ASN P 72 -20.76 -14.08 -49.99
N SER P 73 -19.44 -13.83 -49.93
CA SER P 73 -18.76 -13.40 -48.72
C SER P 73 -17.82 -12.24 -49.03
N ARG P 74 -17.60 -11.38 -48.01
CA ARG P 74 -16.74 -10.21 -48.14
C ARG P 74 -16.04 -9.99 -46.80
N LYS P 75 -14.73 -9.74 -46.83
CA LYS P 75 -13.96 -9.70 -45.59
C LYS P 75 -14.08 -8.30 -44.98
N LEU P 76 -14.33 -8.24 -43.65
CA LEU P 76 -14.59 -6.99 -42.95
C LEU P 76 -13.36 -6.50 -42.18
N TYR P 77 -12.76 -7.36 -41.36
CA TYR P 77 -11.59 -6.97 -40.59
C TYR P 77 -10.86 -8.20 -40.09
N THR P 78 -9.66 -7.97 -39.52
CA THR P 78 -8.89 -9.04 -38.92
C THR P 78 -9.01 -8.96 -37.40
N LEU P 79 -9.26 -10.11 -36.78
CA LEU P 79 -9.38 -10.20 -35.33
C LEU P 79 -8.22 -11.04 -34.80
N MET P 80 -7.71 -10.62 -33.63
CA MET P 80 -6.60 -11.29 -32.99
C MET P 80 -7.13 -12.11 -31.81
N ASN P 81 -6.77 -13.40 -31.80
CA ASN P 81 -7.12 -14.32 -30.72
C ASN P 81 -5.89 -14.60 -29.88
N VAL P 82 -6.03 -14.52 -28.56
CA VAL P 82 -4.90 -14.65 -27.65
C VAL P 82 -5.22 -15.72 -26.62
N TYR P 83 -4.25 -16.63 -26.41
CA TYR P 83 -4.35 -17.65 -25.38
C TYR P 83 -4.03 -16.97 -24.04
N VAL P 84 -5.00 -17.02 -23.13
CA VAL P 84 -4.92 -16.23 -21.91
C VAL P 84 -5.27 -17.11 -20.71
N ALA P 85 -4.97 -16.58 -19.52
CA ALA P 85 -5.26 -17.20 -18.24
C ALA P 85 -5.02 -16.15 -17.15
N ALA P 86 -5.55 -16.43 -15.95
CA ALA P 86 -5.39 -15.49 -14.86
C ALA P 86 -3.90 -15.41 -14.51
N PRO P 87 -3.42 -14.24 -14.04
CA PRO P 87 -1.98 -14.03 -13.79
C PRO P 87 -1.34 -15.08 -12.88
N ASP P 88 -2.09 -15.61 -11.90
CA ASP P 88 -1.59 -16.56 -10.93
C ASP P 88 -2.02 -17.98 -11.27
N HIS P 89 -2.41 -18.24 -12.51
CA HIS P 89 -2.66 -19.61 -12.96
C HIS P 89 -1.33 -20.32 -13.11
N PRO P 90 -1.24 -21.61 -12.67
CA PRO P 90 0.01 -22.36 -12.75
C PRO P 90 0.64 -22.47 -14.15
N ILE P 91 -0.14 -22.27 -15.22
CA ILE P 91 0.37 -22.42 -16.58
C ILE P 91 1.52 -21.44 -16.85
N HIS P 92 1.50 -20.28 -16.19
CA HIS P 92 2.49 -19.23 -16.41
C HIS P 92 3.86 -19.62 -15.89
N GLN P 93 3.93 -20.43 -14.84
CA GLN P 93 5.19 -20.90 -14.28
C GLN P 93 5.74 -22.09 -15.05
N GLU P 94 4.94 -22.65 -15.98
CA GLU P 94 5.32 -23.84 -16.74
C GLU P 94 6.32 -23.46 -17.84
N PRO P 95 7.41 -24.26 -18.03
CA PRO P 95 8.38 -23.99 -19.08
C PRO P 95 7.86 -24.10 -20.51
N GLU P 96 7.09 -25.17 -20.83
CA GLU P 96 6.58 -25.37 -22.19
C GLU P 96 5.05 -25.43 -22.17
N PRO P 97 4.36 -24.29 -21.99
CA PRO P 97 2.91 -24.32 -21.79
C PRO P 97 2.14 -24.99 -22.92
N LEU P 98 2.63 -24.85 -24.17
CA LEU P 98 1.88 -25.31 -25.34
C LEU P 98 2.11 -26.80 -25.59
N SER P 99 3.09 -27.42 -24.89
CA SER P 99 3.35 -28.84 -25.08
C SER P 99 2.10 -29.63 -24.69
N GLU P 100 1.71 -30.58 -25.53
CA GLU P 100 0.51 -31.39 -25.36
C GLU P 100 0.53 -32.09 -24.00
N VAL P 101 1.73 -32.49 -23.55
CA VAL P 101 1.91 -33.12 -22.26
C VAL P 101 1.47 -32.17 -21.14
N THR P 102 1.77 -30.87 -21.30
CA THR P 102 1.41 -29.89 -20.29
C THR P 102 -0.07 -29.50 -20.35
N ARG P 103 -0.60 -29.26 -21.57
CA ARG P 103 -1.95 -28.74 -21.73
C ARG P 103 -3.00 -29.66 -21.11
N VAL P 104 -2.79 -30.99 -21.19
CA VAL P 104 -3.72 -31.96 -20.63
C VAL P 104 -3.85 -31.79 -19.12
N LYS P 105 -2.79 -31.30 -18.46
CA LYS P 105 -2.81 -31.14 -17.01
C LYS P 105 -3.87 -30.13 -16.58
N TYR P 106 -4.09 -29.09 -17.40
CA TYR P 106 -4.88 -27.94 -16.99
C TYR P 106 -6.20 -27.89 -17.76
N ARG P 107 -7.18 -27.20 -17.19
CA ARG P 107 -8.55 -27.27 -17.65
C ARG P 107 -8.76 -26.28 -18.78
N GLY P 108 -9.28 -26.75 -19.91
CA GLY P 108 -9.72 -25.90 -20.99
C GLY P 108 -11.07 -25.25 -20.67
N ILE P 109 -11.34 -24.14 -21.34
CA ILE P 109 -12.66 -23.51 -21.31
C ILE P 109 -13.12 -23.36 -22.75
N ALA P 110 -14.32 -23.90 -23.01
CA ALA P 110 -14.87 -23.96 -24.36
C ALA P 110 -16.25 -23.32 -24.35
N VAL P 111 -16.64 -22.82 -25.53
CA VAL P 111 -17.99 -22.34 -25.74
C VAL P 111 -18.69 -23.34 -26.67
N ALA P 112 -19.85 -23.84 -26.21
CA ALA P 112 -20.60 -24.86 -26.91
C ALA P 112 -20.95 -24.37 -28.31
N ASP P 113 -20.59 -25.19 -29.33
CA ASP P 113 -20.96 -24.90 -30.71
C ASP P 113 -22.49 -25.02 -30.81
N THR P 114 -23.13 -23.99 -31.36
CA THR P 114 -24.59 -23.90 -31.30
C THR P 114 -25.20 -24.67 -32.45
N ALA P 115 -24.43 -25.50 -33.17
CA ALA P 115 -24.98 -26.25 -34.30
C ALA P 115 -25.61 -27.50 -33.72
N ARG P 116 -26.91 -27.76 -33.98
CA ARG P 116 -27.57 -29.01 -33.66
C ARG P 116 -27.36 -29.98 -34.85
N GLU P 117 -26.80 -31.16 -34.54
CA GLU P 117 -26.72 -32.28 -35.51
C GLU P 117 -25.80 -31.93 -36.70
N ARG P 118 -24.69 -31.27 -36.38
CA ARG P 118 -23.69 -30.81 -37.34
C ARG P 118 -22.32 -30.68 -36.65
N PRO P 119 -21.19 -31.07 -37.29
CA PRO P 119 -19.96 -31.35 -36.54
C PRO P 119 -19.12 -30.12 -36.21
N VAL P 120 -18.04 -30.36 -35.50
CA VAL P 120 -16.99 -29.37 -35.26
C VAL P 120 -15.64 -30.00 -35.60
N LEU P 121 -14.62 -29.15 -35.80
CA LEU P 121 -13.28 -29.60 -36.16
C LEU P 121 -12.55 -30.25 -34.98
N THR P 122 -12.98 -29.95 -33.75
CA THR P 122 -12.35 -30.45 -32.55
C THR P 122 -10.83 -30.21 -32.52
N VAL P 123 -10.39 -29.13 -33.18
CA VAL P 123 -8.96 -28.89 -33.36
C VAL P 123 -8.46 -28.01 -32.21
N GLN P 124 -9.32 -27.09 -31.77
CA GLN P 124 -9.02 -26.09 -30.76
C GLN P 124 -8.89 -26.69 -29.36
N LEU P 125 -8.96 -28.01 -29.22
CA LEU P 125 -8.98 -28.69 -27.94
C LEU P 125 -8.41 -30.07 -28.12
N LEU P 126 -7.57 -30.53 -27.17
CA LEU P 126 -7.01 -31.86 -27.10
C LEU P 126 -8.08 -32.91 -26.73
N ASP P 127 -7.65 -34.16 -26.49
CA ASP P 127 -8.51 -35.19 -25.90
C ASP P 127 -8.16 -35.40 -24.44
N LYS P 128 -9.10 -35.98 -23.68
CA LYS P 128 -8.92 -36.50 -22.32
C LYS P 128 -8.35 -35.43 -21.37
N GLN P 129 -8.80 -34.18 -21.55
CA GLN P 129 -8.29 -33.06 -20.77
C GLN P 129 -9.47 -32.36 -20.08
N PRO P 130 -9.29 -31.93 -18.81
CA PRO P 130 -10.37 -31.27 -18.08
C PRO P 130 -10.95 -30.10 -18.87
N ARG P 131 -12.27 -29.96 -18.84
CA ARG P 131 -12.96 -28.96 -19.66
C ARG P 131 -14.11 -28.36 -18.84
N LEU P 132 -14.32 -27.06 -19.02
CA LEU P 132 -15.56 -26.41 -18.62
C LEU P 132 -16.19 -25.84 -19.88
N THR P 133 -17.48 -26.11 -20.08
CA THR P 133 -18.19 -25.66 -21.26
C THR P 133 -19.25 -24.65 -20.85
N VAL P 134 -19.32 -23.53 -21.57
CA VAL P 134 -20.30 -22.49 -21.34
C VAL P 134 -20.91 -22.09 -22.68
N SER P 135 -22.05 -21.39 -22.63
CA SER P 135 -22.79 -21.06 -23.83
C SER P 135 -22.39 -19.71 -24.41
N THR P 136 -21.85 -18.80 -23.57
CA THR P 136 -21.61 -17.43 -24.01
C THR P 136 -20.15 -17.06 -23.76
N ILE P 137 -19.64 -16.09 -24.52
CA ILE P 137 -18.27 -15.65 -24.42
C ILE P 137 -18.06 -14.89 -23.11
N GLU P 138 -19.10 -14.24 -22.59
CA GLU P 138 -19.04 -13.55 -21.32
C GLU P 138 -18.75 -14.55 -20.19
N ASP P 139 -19.50 -15.68 -20.17
CA ASP P 139 -19.29 -16.70 -19.17
C ASP P 139 -17.86 -17.26 -19.27
N LYS P 140 -17.36 -17.39 -20.51
CA LYS P 140 -16.01 -17.85 -20.73
C LYS P 140 -15.02 -16.85 -20.16
N ARG P 141 -15.30 -15.55 -20.32
CA ARG P 141 -14.42 -14.50 -19.82
C ARG P 141 -14.33 -14.58 -18.29
N GLN P 142 -15.50 -14.66 -17.65
CA GLN P 142 -15.57 -14.72 -16.20
C GLN P 142 -14.86 -15.96 -15.66
N ALA P 143 -15.08 -17.12 -16.28
CA ALA P 143 -14.39 -18.35 -15.93
C ALA P 143 -12.88 -18.15 -15.99
N LEU P 144 -12.39 -17.44 -17.02
CA LEU P 144 -10.97 -17.18 -17.15
C LEU P 144 -10.52 -16.21 -16.07
N LEU P 145 -11.33 -15.17 -15.80
CA LEU P 145 -11.00 -14.17 -14.79
C LEU P 145 -10.88 -14.84 -13.42
N ALA P 146 -11.76 -15.82 -13.14
CA ALA P 146 -11.78 -16.53 -11.87
C ALA P 146 -10.68 -17.60 -11.82
N GLY P 147 -9.80 -17.64 -12.81
CA GLY P 147 -8.65 -18.54 -12.82
C GLY P 147 -9.06 -20.01 -12.88
N LEU P 148 -10.15 -20.32 -13.60
CA LEU P 148 -10.71 -21.67 -13.63
C LEU P 148 -10.13 -22.52 -14.77
N GLY P 149 -9.38 -21.89 -15.68
CA GLY P 149 -8.79 -22.64 -16.78
C GLY P 149 -8.06 -21.73 -17.77
N VAL P 150 -7.79 -22.28 -18.96
CA VAL P 150 -6.97 -21.62 -19.97
C VAL P 150 -7.66 -21.75 -21.32
N ALA P 151 -7.73 -20.67 -22.10
CA ALA P 151 -8.48 -20.67 -23.33
C ALA P 151 -8.12 -19.46 -24.19
N THR P 152 -8.46 -19.54 -25.48
CA THR P 152 -8.31 -18.43 -26.41
C THR P 152 -9.42 -17.41 -26.18
N MET P 153 -9.14 -16.15 -26.53
CA MET P 153 -10.12 -15.08 -26.44
C MET P 153 -9.83 -14.06 -27.53
N PRO P 154 -10.87 -13.43 -28.11
CA PRO P 154 -10.65 -12.30 -29.02
C PRO P 154 -10.06 -11.14 -28.22
N TYR P 155 -8.96 -10.58 -28.74
CA TYR P 155 -8.17 -9.58 -28.02
C TYR P 155 -9.04 -8.38 -27.61
N PRO P 156 -9.90 -7.80 -28.47
CA PRO P 156 -10.68 -6.63 -28.07
C PRO P 156 -11.46 -6.78 -26.77
N MET P 157 -12.00 -7.97 -26.51
CA MET P 157 -12.83 -8.19 -25.33
C MET P 157 -11.98 -8.25 -24.06
N VAL P 158 -10.68 -8.58 -24.18
CA VAL P 158 -9.82 -8.78 -23.03
C VAL P 158 -8.67 -7.76 -22.98
N GLU P 159 -8.64 -6.81 -23.93
CA GLU P 159 -7.58 -5.81 -24.00
C GLU P 159 -7.44 -5.08 -22.68
N LYS P 160 -8.57 -4.63 -22.11
CA LYS P 160 -8.56 -3.91 -20.84
C LYS P 160 -8.07 -4.83 -19.73
N ASP P 161 -8.46 -6.10 -19.78
CA ASP P 161 -8.12 -7.04 -18.73
C ASP P 161 -6.61 -7.29 -18.74
N ILE P 162 -5.98 -7.33 -19.92
CA ILE P 162 -4.54 -7.55 -19.98
C ILE P 162 -3.83 -6.29 -19.49
N ALA P 163 -4.36 -5.12 -19.85
CA ALA P 163 -3.78 -3.84 -19.48
C ALA P 163 -3.68 -3.72 -17.96
N GLU P 164 -4.76 -4.07 -17.25
CA GLU P 164 -4.81 -3.93 -15.80
C GLU P 164 -4.49 -5.24 -15.09
N GLY P 165 -3.81 -6.17 -15.80
CA GLY P 165 -3.31 -7.41 -15.21
C GLY P 165 -4.38 -8.25 -14.52
N ARG P 166 -5.57 -8.33 -15.14
CA ARG P 166 -6.57 -9.32 -14.71
C ARG P 166 -6.39 -10.62 -15.51
N LEU P 167 -5.88 -10.52 -16.75
CA LEU P 167 -5.51 -11.70 -17.52
C LEU P 167 -4.14 -11.50 -18.14
N ARG P 168 -3.50 -12.61 -18.51
CA ARG P 168 -2.09 -12.58 -18.90
C ARG P 168 -1.89 -13.59 -20.02
N VAL P 169 -1.25 -13.13 -21.11
CA VAL P 169 -1.09 -13.94 -22.30
C VAL P 169 -0.11 -15.06 -21.99
N VAL P 170 -0.53 -16.30 -22.23
CA VAL P 170 0.24 -17.45 -21.77
C VAL P 170 1.48 -17.60 -22.65
N SER P 171 1.31 -17.46 -23.97
CA SER P 171 2.38 -17.61 -24.94
C SER P 171 1.98 -16.94 -26.24
N PRO P 172 2.78 -15.98 -26.74
CA PRO P 172 2.46 -15.29 -27.99
C PRO P 172 2.46 -16.19 -29.22
N GLU P 173 3.21 -17.30 -29.18
CA GLU P 173 3.27 -18.21 -30.32
C GLU P 173 1.87 -18.70 -30.72
N SER P 174 1.02 -18.95 -29.72
CA SER P 174 -0.34 -19.44 -29.92
C SER P 174 -1.26 -18.40 -30.55
N THR P 175 -0.94 -17.12 -30.41
CA THR P 175 -1.75 -16.04 -30.97
C THR P 175 -1.98 -16.28 -32.46
N SER P 176 -3.23 -16.13 -32.91
CA SER P 176 -3.60 -16.33 -34.30
C SER P 176 -4.47 -15.16 -34.77
N GLU P 177 -4.43 -14.90 -36.09
CA GLU P 177 -5.31 -13.89 -36.68
C GLU P 177 -6.43 -14.60 -37.43
N ILE P 178 -7.64 -14.05 -37.31
CA ILE P 178 -8.82 -14.59 -37.95
C ILE P 178 -9.49 -13.48 -38.74
N ASP P 179 -9.90 -13.83 -39.98
CA ASP P 179 -10.69 -12.90 -40.77
C ASP P 179 -12.16 -12.99 -40.39
N ILE P 180 -12.75 -11.84 -40.05
CA ILE P 180 -14.17 -11.77 -39.81
C ILE P 180 -14.84 -11.35 -41.12
N ILE P 181 -15.76 -12.20 -41.60
CA ILE P 181 -16.31 -12.06 -42.93
C ILE P 181 -17.81 -11.91 -42.83
N MET P 182 -18.36 -11.21 -43.82
CA MET P 182 -19.80 -11.05 -43.97
C MET P 182 -20.25 -11.94 -45.12
N ALA P 183 -21.23 -12.81 -44.87
CA ALA P 183 -21.77 -13.70 -45.88
C ALA P 183 -23.27 -13.56 -45.96
N TRP P 184 -23.83 -13.90 -47.13
CA TRP P 184 -25.24 -13.77 -47.43
C TRP P 184 -25.60 -14.59 -48.66
N ARG P 185 -26.91 -14.70 -48.94
CA ARG P 185 -27.40 -15.47 -50.07
C ARG P 185 -27.92 -14.56 -51.17
N ARG P 186 -27.73 -14.94 -52.42
CA ARG P 186 -28.26 -14.13 -53.50
C ARG P 186 -29.69 -14.49 -53.86
N ASP P 187 -30.16 -15.68 -53.45
CA ASP P 187 -31.48 -16.19 -53.80
C ASP P 187 -32.63 -15.33 -53.27
N SER P 188 -32.35 -14.43 -52.31
CA SER P 188 -33.35 -13.52 -51.80
C SER P 188 -32.69 -12.14 -51.65
N MET P 189 -33.41 -11.11 -52.09
CA MET P 189 -32.93 -9.76 -51.92
C MET P 189 -34.11 -8.86 -51.60
N GLY P 190 -33.82 -7.79 -50.85
CA GLY P 190 -34.79 -6.74 -50.61
C GLY P 190 -34.07 -5.45 -50.26
N GLU P 191 -34.90 -4.40 -50.10
CA GLU P 191 -34.45 -3.05 -49.78
C GLU P 191 -33.53 -3.07 -48.56
N ALA P 192 -34.06 -3.59 -47.43
CA ALA P 192 -33.39 -3.55 -46.16
C ALA P 192 -32.12 -4.40 -46.21
N LYS P 193 -32.24 -5.62 -46.77
CA LYS P 193 -31.10 -6.52 -46.85
C LYS P 193 -29.97 -5.86 -47.66
N SER P 194 -30.29 -5.32 -48.84
CA SER P 194 -29.28 -4.68 -49.70
C SER P 194 -28.65 -3.49 -48.99
N TRP P 195 -29.48 -2.68 -48.34
CA TRP P 195 -28.99 -1.48 -47.64
C TRP P 195 -27.95 -1.89 -46.59
N CYS P 196 -28.24 -2.91 -45.78
CA CYS P 196 -27.32 -3.38 -44.77
C CYS P 196 -26.03 -3.90 -45.40
N LEU P 197 -26.15 -4.62 -46.53
CA LEU P 197 -24.98 -5.21 -47.14
C LEU P 197 -23.95 -4.12 -47.51
N ARG P 198 -24.41 -2.89 -47.75
CA ARG P 198 -23.49 -1.83 -48.13
C ARG P 198 -23.07 -1.03 -46.91
N GLU P 199 -23.89 -1.06 -45.85
CA GLU P 199 -23.65 -0.23 -44.67
C GLU P 199 -22.72 -0.90 -43.67
N ILE P 200 -22.82 -2.23 -43.55
CA ILE P 200 -22.05 -2.94 -42.54
C ILE P 200 -20.54 -2.78 -42.74
N PRO P 201 -19.99 -2.92 -43.98
CA PRO P 201 -18.55 -2.73 -44.16
C PRO P 201 -18.07 -1.32 -43.76
N LYS P 202 -18.94 -0.29 -43.87
CA LYS P 202 -18.56 1.05 -43.47
C LYS P 202 -18.25 1.09 -41.97
N LEU P 203 -18.88 0.21 -41.17
CA LEU P 203 -18.65 0.19 -39.73
C LEU P 203 -17.20 -0.20 -39.41
N PHE P 204 -16.56 -0.96 -40.30
CA PHE P 204 -15.25 -1.51 -40.01
C PHE P 204 -14.24 -1.10 -41.07
N ASN P 205 -13.59 0.06 -40.87
CA ASN P 205 -12.39 0.34 -41.68
C ASN P 205 -12.77 0.67 -43.13
N GLY P 206 -14.06 1.05 -43.31
CA GLY P 206 -14.62 1.45 -44.59
C GLY P 206 -14.16 2.83 -45.09
#